data_1N02
#
_entry.id   1N02
#
_entity_poly.entity_id   1
_entity_poly.type   'polypeptide(L)'
_entity_poly.pdbx_seq_one_letter_code
;GLGKFIETCRNTQLAGSSELAAECKTRAQQFVSTKINLDDHIANIDGTLKWQPSNFSQTCYNSAIQGSVLTSTCERTNGG
YNTSSIDLNSVIENVDGSLKYE
;
_entity_poly.pdbx_strand_id   A
#
# COMPACT_ATOMS: atom_id res chain seq x y z
N GLY A 1 13.08 -12.88 6.12
CA GLY A 1 12.88 -11.71 5.23
C GLY A 1 12.05 -12.04 4.00
N LEU A 2 11.07 -11.18 3.70
CA LEU A 2 10.21 -11.39 2.55
C LEU A 2 9.83 -10.07 1.89
N GLY A 3 10.73 -9.09 1.99
CA GLY A 3 10.48 -7.79 1.42
C GLY A 3 11.07 -6.69 2.28
N LYS A 4 10.22 -6.07 3.10
CA LYS A 4 10.65 -5.00 4.00
C LYS A 4 11.10 -3.77 3.23
N PHE A 5 10.14 -2.97 2.80
CA PHE A 5 10.43 -1.73 2.06
C PHE A 5 10.52 -0.54 3.01
N ILE A 6 9.68 -0.56 4.05
CA ILE A 6 9.66 0.53 5.03
C ILE A 6 10.98 0.62 5.77
N GLU A 7 11.77 -0.46 5.75
CA GLU A 7 13.06 -0.46 6.43
C GLU A 7 14.09 0.34 5.64
N THR A 8 13.91 0.41 4.33
CA THR A 8 14.84 1.15 3.47
C THR A 8 14.13 2.29 2.75
N CYS A 9 12.92 2.63 3.18
CA CYS A 9 12.16 3.70 2.55
C CYS A 9 11.66 4.70 3.58
N ARG A 10 11.50 5.95 3.13
CA ARG A 10 11.02 7.02 4.01
C ARG A 10 9.91 7.80 3.32
N ASN A 11 9.28 8.72 4.07
CA ASN A 11 8.21 9.55 3.55
C ASN A 11 7.15 8.73 2.83
N THR A 12 6.59 7.74 3.51
CA THR A 12 5.55 6.90 2.94
C THR A 12 4.21 7.64 2.98
N GLN A 13 3.50 7.61 1.86
CA GLN A 13 2.21 8.28 1.77
C GLN A 13 1.34 7.69 0.69
N LEU A 14 0.06 7.99 0.74
CA LEU A 14 -0.90 7.48 -0.23
C LEU A 14 -1.16 8.50 -1.32
N ALA A 15 -1.19 8.02 -2.55
CA ALA A 15 -1.44 8.86 -3.70
C ALA A 15 -2.68 8.36 -4.42
N GLY A 16 -3.44 9.27 -5.01
CA GLY A 16 -4.66 8.88 -5.69
C GLY A 16 -5.59 8.13 -4.76
N SER A 17 -6.43 7.25 -5.33
CA SER A 17 -7.38 6.48 -4.52
C SER A 17 -6.74 5.21 -3.98
N SER A 18 -5.88 4.59 -4.78
CA SER A 18 -5.20 3.38 -4.37
C SER A 18 -3.79 3.40 -4.97
N GLU A 19 -2.94 4.25 -4.40
CA GLU A 19 -1.54 4.34 -4.80
C GLU A 19 -0.65 4.69 -3.62
N LEU A 20 0.53 4.09 -3.54
CA LEU A 20 1.46 4.39 -2.46
C LEU A 20 2.77 4.89 -3.07
N ALA A 21 3.17 6.11 -2.73
CA ALA A 21 4.41 6.66 -3.24
C ALA A 21 5.38 6.91 -2.09
N ALA A 22 6.66 6.69 -2.35
CA ALA A 22 7.68 6.88 -1.33
C ALA A 22 9.05 7.02 -1.97
N GLU A 23 10.06 7.34 -1.16
CA GLU A 23 11.42 7.44 -1.66
C GLU A 23 12.23 6.31 -1.03
N CYS A 24 13.01 5.59 -1.82
CA CYS A 24 13.80 4.50 -1.29
C CYS A 24 15.26 4.56 -1.73
N LYS A 25 16.15 4.31 -0.79
CA LYS A 25 17.58 4.35 -1.07
C LYS A 25 18.00 3.21 -2.00
N THR A 26 18.82 3.55 -2.98
CA THR A 26 19.32 2.59 -3.95
C THR A 26 20.60 1.91 -3.43
N ARG A 27 21.21 1.08 -4.26
CA ARG A 27 22.42 0.37 -3.85
C ARG A 27 23.57 1.31 -3.48
N ALA A 28 23.64 2.46 -4.13
CA ALA A 28 24.71 3.41 -3.86
C ALA A 28 24.38 4.33 -2.67
N GLN A 29 23.35 4.00 -1.91
CA GLN A 29 22.93 4.82 -0.78
C GLN A 29 22.41 6.16 -1.26
N GLN A 30 21.63 6.11 -2.34
CA GLN A 30 21.00 7.28 -2.93
C GLN A 30 19.48 7.12 -2.82
N PHE A 31 18.79 8.14 -2.36
CA PHE A 31 17.34 8.06 -2.22
C PHE A 31 16.65 8.53 -3.50
N VAL A 32 15.80 7.66 -4.06
CA VAL A 32 15.09 7.97 -5.29
C VAL A 32 13.57 7.88 -5.10
N SER A 33 12.84 8.51 -6.00
CA SER A 33 11.38 8.49 -5.96
C SER A 33 10.81 7.21 -6.57
N THR A 34 9.98 6.52 -5.80
CA THR A 34 9.36 5.27 -6.27
C THR A 34 7.91 5.19 -5.83
N LYS A 35 7.12 4.38 -6.54
CA LYS A 35 5.71 4.24 -6.21
C LYS A 35 5.20 2.83 -6.48
N ILE A 36 4.32 2.37 -5.60
CA ILE A 36 3.71 1.05 -5.71
C ILE A 36 2.20 1.22 -5.85
N ASN A 37 1.61 0.63 -6.89
CA ASN A 37 0.18 0.76 -7.13
C ASN A 37 -0.59 -0.31 -6.36
N LEU A 38 -1.46 0.10 -5.44
CA LEU A 38 -2.25 -0.85 -4.66
C LEU A 38 -3.55 -1.25 -5.35
N ASP A 39 -3.97 -0.48 -6.35
CA ASP A 39 -5.23 -0.76 -7.03
C ASP A 39 -5.29 -2.19 -7.59
N ASP A 40 -4.22 -2.64 -8.25
CA ASP A 40 -4.18 -3.98 -8.82
C ASP A 40 -3.60 -5.00 -7.84
N HIS A 41 -3.04 -4.51 -6.74
CA HIS A 41 -2.46 -5.39 -5.74
C HIS A 41 -3.46 -5.61 -4.61
N ILE A 42 -3.79 -4.54 -3.90
CA ILE A 42 -4.74 -4.61 -2.81
C ILE A 42 -6.18 -4.59 -3.33
N ALA A 43 -7.08 -5.21 -2.56
CA ALA A 43 -8.49 -5.28 -2.91
C ALA A 43 -9.39 -5.13 -1.68
N ASN A 44 -10.69 -5.03 -1.92
CA ASN A 44 -11.65 -4.88 -0.83
C ASN A 44 -12.52 -6.12 -0.71
N ILE A 45 -12.33 -6.86 0.37
CA ILE A 45 -13.07 -8.09 0.61
C ILE A 45 -14.06 -7.94 1.77
N ASP A 46 -15.31 -7.57 1.45
CA ASP A 46 -16.35 -7.41 2.47
C ASP A 46 -15.99 -6.31 3.46
N GLY A 47 -15.38 -5.25 2.96
CA GLY A 47 -15.01 -4.14 3.82
C GLY A 47 -13.66 -4.35 4.49
N THR A 48 -13.01 -5.48 4.22
CA THR A 48 -11.72 -5.77 4.81
C THR A 48 -10.62 -5.77 3.75
N LEU A 49 -9.50 -5.14 4.06
CA LEU A 49 -8.39 -5.04 3.11
C LEU A 49 -7.63 -6.35 3.03
N LYS A 50 -7.62 -6.93 1.83
CA LYS A 50 -6.96 -8.19 1.56
C LYS A 50 -6.22 -8.11 0.23
N TRP A 51 -5.27 -9.02 0.01
CA TRP A 51 -4.50 -9.02 -1.23
C TRP A 51 -5.23 -9.79 -2.34
N GLN A 52 -5.53 -9.08 -3.42
CA GLN A 52 -6.23 -9.67 -4.56
C GLN A 52 -6.33 -8.66 -5.70
N PRO A 53 -6.18 -9.10 -6.96
CA PRO A 53 -6.23 -8.20 -8.12
C PRO A 53 -7.61 -7.59 -8.33
N SER A 54 -7.97 -6.69 -7.43
CA SER A 54 -9.23 -5.98 -7.47
C SER A 54 -9.06 -4.67 -6.71
N ASN A 55 -9.59 -3.59 -7.26
CA ASN A 55 -9.43 -2.27 -6.65
C ASN A 55 -10.40 -2.01 -5.51
N PHE A 56 -9.88 -2.10 -4.29
CA PHE A 56 -10.66 -1.83 -3.09
C PHE A 56 -11.36 -0.48 -3.21
N SER A 57 -10.66 0.47 -3.83
CA SER A 57 -11.16 1.83 -4.02
C SER A 57 -12.61 1.88 -4.52
N GLN A 58 -13.06 0.82 -5.18
CA GLN A 58 -14.42 0.78 -5.70
C GLN A 58 -15.45 0.76 -4.58
N THR A 59 -15.01 0.37 -3.38
CA THR A 59 -15.89 0.31 -2.22
C THR A 59 -15.28 1.05 -1.03
N CYS A 60 -14.16 1.72 -1.27
CA CYS A 60 -13.48 2.44 -0.20
C CYS A 60 -13.23 3.90 -0.56
N TYR A 61 -13.23 4.74 0.46
CA TYR A 61 -13.01 6.17 0.29
C TYR A 61 -12.17 6.70 1.45
N ASN A 62 -11.51 7.84 1.22
CA ASN A 62 -10.66 8.45 2.23
C ASN A 62 -9.50 7.53 2.57
N SER A 63 -8.85 7.01 1.54
CA SER A 63 -7.71 6.12 1.71
C SER A 63 -6.52 6.89 2.26
N ALA A 64 -5.85 6.32 3.25
CA ALA A 64 -4.70 6.98 3.86
C ALA A 64 -3.61 5.96 4.21
N ILE A 65 -2.37 6.42 4.18
CA ILE A 65 -1.24 5.55 4.50
C ILE A 65 -0.30 6.20 5.51
N GLN A 66 0.22 5.37 6.41
CA GLN A 66 1.15 5.81 7.42
C GLN A 66 2.25 4.77 7.58
N GLY A 67 3.46 5.11 7.19
CA GLY A 67 4.55 4.16 7.27
C GLY A 67 4.36 3.00 6.32
N SER A 68 4.35 1.78 6.87
CA SER A 68 4.20 0.59 6.04
C SER A 68 2.77 0.04 6.07
N VAL A 69 1.91 0.62 6.91
CA VAL A 69 0.52 0.16 7.00
C VAL A 69 -0.43 1.10 6.26
N LEU A 70 -1.41 0.50 5.57
CA LEU A 70 -2.39 1.27 4.82
C LEU A 70 -3.72 1.35 5.56
N THR A 71 -4.22 2.56 5.75
CA THR A 71 -5.48 2.78 6.44
C THR A 71 -6.51 3.38 5.49
N SER A 72 -7.66 2.72 5.35
CA SER A 72 -8.71 3.19 4.44
C SER A 72 -10.08 2.76 4.92
N THR A 73 -11.12 3.54 4.55
CA THR A 73 -12.48 3.20 4.93
C THR A 73 -13.16 2.42 3.81
N CYS A 74 -13.71 1.25 4.12
CA CYS A 74 -14.37 0.43 3.11
C CYS A 74 -15.78 0.04 3.52
N GLU A 75 -16.66 -0.04 2.52
CA GLU A 75 -18.05 -0.43 2.73
C GLU A 75 -18.16 -1.93 3.00
N ARG A 76 -19.01 -2.30 3.94
CA ARG A 76 -19.23 -3.71 4.27
C ARG A 76 -20.38 -4.26 3.43
N THR A 77 -20.28 -5.53 3.04
CA THR A 77 -21.31 -6.16 2.21
C THR A 77 -22.71 -5.99 2.79
N ASN A 78 -22.82 -5.94 4.11
CA ASN A 78 -24.13 -5.79 4.74
C ASN A 78 -24.56 -4.32 4.81
N GLY A 79 -23.77 -3.43 4.23
CA GLY A 79 -24.10 -2.01 4.23
C GLY A 79 -23.47 -1.26 5.38
N GLY A 80 -22.96 -0.09 5.07
CA GLY A 80 -22.30 0.74 6.07
C GLY A 80 -20.85 0.99 5.68
N TYR A 81 -20.09 1.64 6.55
CA TYR A 81 -18.70 1.94 6.26
C TYR A 81 -17.79 1.53 7.43
N ASN A 82 -16.63 0.98 7.10
CA ASN A 82 -15.68 0.54 8.11
C ASN A 82 -14.25 0.56 7.55
N THR A 83 -13.34 1.16 8.30
CA THR A 83 -11.94 1.27 7.88
C THR A 83 -11.12 0.11 8.45
N SER A 84 -10.28 -0.47 7.59
CA SER A 84 -9.43 -1.59 8.00
C SER A 84 -7.96 -1.24 7.79
N SER A 85 -7.09 -1.93 8.50
CA SER A 85 -5.65 -1.69 8.40
C SER A 85 -4.92 -2.95 7.99
N ILE A 86 -3.87 -2.79 7.19
CA ILE A 86 -3.07 -3.91 6.72
C ILE A 86 -1.59 -3.54 6.57
N ASP A 87 -0.70 -4.48 6.90
CA ASP A 87 0.74 -4.25 6.80
C ASP A 87 1.30 -4.85 5.51
N LEU A 88 1.89 -4.00 4.68
CA LEU A 88 2.45 -4.45 3.39
C LEU A 88 3.97 -4.65 3.41
N ASN A 89 4.63 -4.34 4.53
CA ASN A 89 6.08 -4.46 4.62
C ASN A 89 6.57 -5.79 4.02
N SER A 90 5.73 -6.82 4.08
CA SER A 90 6.10 -8.13 3.53
C SER A 90 5.85 -8.22 2.03
N VAL A 91 4.74 -7.66 1.55
CA VAL A 91 4.41 -7.74 0.14
C VAL A 91 5.29 -6.84 -0.74
N ILE A 92 5.44 -5.58 -0.35
CA ILE A 92 6.26 -4.64 -1.12
C ILE A 92 7.74 -4.76 -0.71
N GLU A 93 8.63 -4.52 -1.67
CA GLU A 93 10.06 -4.62 -1.41
C GLU A 93 10.78 -3.46 -2.08
N ASN A 94 12.02 -3.19 -1.68
CA ASN A 94 12.78 -2.09 -2.28
C ASN A 94 13.87 -2.65 -3.18
N VAL A 95 13.59 -2.62 -4.48
CA VAL A 95 14.53 -3.12 -5.49
C VAL A 95 15.29 -1.97 -6.16
N ASP A 96 16.51 -1.71 -5.70
CA ASP A 96 17.34 -0.64 -6.27
C ASP A 96 16.61 0.70 -6.32
N GLY A 97 15.77 0.94 -5.32
CA GLY A 97 15.04 2.19 -5.26
C GLY A 97 13.67 2.12 -5.91
N SER A 98 13.09 0.93 -5.94
CA SER A 98 11.77 0.73 -6.54
C SER A 98 10.94 -0.26 -5.74
N LEU A 99 9.68 0.09 -5.49
CA LEU A 99 8.80 -0.79 -4.73
C LEU A 99 8.35 -1.97 -5.58
N LYS A 100 8.62 -3.18 -5.10
CA LYS A 100 8.26 -4.39 -5.84
C LYS A 100 7.36 -5.30 -5.00
N TYR A 101 6.40 -5.94 -5.67
CA TYR A 101 5.47 -6.84 -5.00
C TYR A 101 6.01 -8.26 -4.98
N GLU A 102 6.94 -8.52 -4.06
CA GLU A 102 7.55 -9.83 -3.93
C GLU A 102 8.57 -9.85 -2.80
N GLY A 1 9.39 -12.78 6.46
CA GLY A 1 9.50 -11.43 5.84
C GLY A 1 9.02 -11.41 4.40
N LEU A 2 9.86 -11.90 3.49
CA LEU A 2 9.53 -11.93 2.08
C LEU A 2 9.30 -10.51 1.54
N GLY A 3 10.03 -9.55 2.10
CA GLY A 3 9.89 -8.18 1.65
C GLY A 3 10.06 -7.19 2.79
N LYS A 4 10.85 -6.13 2.54
CA LYS A 4 11.09 -5.10 3.55
C LYS A 4 11.44 -3.76 2.90
N PHE A 5 10.41 -3.00 2.54
CA PHE A 5 10.61 -1.70 1.90
C PHE A 5 10.62 -0.56 2.92
N ILE A 6 9.73 -0.62 3.91
CA ILE A 6 9.65 0.42 4.93
C ILE A 6 10.95 0.51 5.72
N GLU A 7 11.73 -0.56 5.72
CA GLU A 7 13.01 -0.56 6.42
C GLU A 7 14.07 0.20 5.63
N THR A 8 13.90 0.26 4.31
CA THR A 8 14.85 0.96 3.44
C THR A 8 14.17 2.12 2.69
N CYS A 9 13.01 2.56 3.17
CA CYS A 9 12.28 3.64 2.52
C CYS A 9 11.75 4.66 3.54
N ARG A 10 11.58 5.89 3.09
CA ARG A 10 11.08 6.95 3.95
C ARG A 10 9.94 7.73 3.28
N ASN A 11 9.31 8.62 4.04
CA ASN A 11 8.20 9.43 3.54
C ASN A 11 7.14 8.60 2.82
N THR A 12 6.57 7.62 3.53
CA THR A 12 5.53 6.78 2.95
C THR A 12 4.20 7.54 3.00
N GLN A 13 3.46 7.50 1.89
CA GLN A 13 2.19 8.19 1.80
C GLN A 13 1.31 7.61 0.71
N LEU A 14 0.02 7.93 0.76
CA LEU A 14 -0.93 7.43 -0.22
C LEU A 14 -1.17 8.45 -1.31
N ALA A 15 -1.18 7.97 -2.55
CA ALA A 15 -1.42 8.82 -3.70
C ALA A 15 -2.65 8.32 -4.44
N GLY A 16 -3.43 9.24 -5.01
CA GLY A 16 -4.63 8.84 -5.71
C GLY A 16 -5.58 8.08 -4.79
N SER A 17 -6.40 7.20 -5.35
CA SER A 17 -7.37 6.47 -4.55
C SER A 17 -6.78 5.19 -3.95
N SER A 18 -5.91 4.50 -4.69
CA SER A 18 -5.34 3.26 -4.19
C SER A 18 -3.86 3.09 -4.55
N GLU A 19 -3.12 4.20 -4.56
CA GLU A 19 -1.68 4.16 -4.86
C GLU A 19 -0.85 4.59 -3.67
N LEU A 20 0.35 4.01 -3.57
CA LEU A 20 1.28 4.33 -2.49
C LEU A 20 2.58 4.83 -3.10
N ALA A 21 3.02 6.02 -2.70
CA ALA A 21 4.26 6.58 -3.21
C ALA A 21 5.23 6.85 -2.07
N ALA A 22 6.51 6.64 -2.35
CA ALA A 22 7.55 6.82 -1.34
C ALA A 22 8.91 6.97 -2.00
N GLU A 23 9.93 7.29 -1.21
CA GLU A 23 11.28 7.39 -1.73
C GLU A 23 12.11 6.26 -1.12
N CYS A 24 12.90 5.58 -1.93
CA CYS A 24 13.70 4.46 -1.41
C CYS A 24 15.15 4.55 -1.84
N LYS A 25 16.04 4.31 -0.89
CA LYS A 25 17.47 4.36 -1.14
C LYS A 25 17.91 3.25 -2.08
N THR A 26 18.74 3.60 -3.05
CA THR A 26 19.25 2.64 -4.02
C THR A 26 20.48 1.93 -3.47
N ARG A 27 21.08 1.05 -4.27
CA ARG A 27 22.26 0.31 -3.83
C ARG A 27 23.41 1.25 -3.49
N ALA A 28 23.47 2.40 -4.16
CA ALA A 28 24.53 3.36 -3.95
C ALA A 28 24.27 4.27 -2.75
N GLN A 29 23.26 3.95 -1.95
CA GLN A 29 22.91 4.77 -0.78
C GLN A 29 22.39 6.14 -1.22
N GLN A 30 21.66 6.15 -2.33
CA GLN A 30 21.07 7.39 -2.84
C GLN A 30 19.55 7.23 -2.80
N PHE A 31 18.85 8.27 -2.36
CA PHE A 31 17.39 8.19 -2.25
C PHE A 31 16.69 8.74 -3.49
N VAL A 32 15.83 7.91 -4.07
CA VAL A 32 15.08 8.30 -5.26
C VAL A 32 13.60 7.96 -5.09
N SER A 33 12.74 8.77 -5.71
CA SER A 33 11.30 8.58 -5.59
C SER A 33 10.83 7.33 -6.34
N THR A 34 9.95 6.59 -5.68
CA THR A 34 9.39 5.35 -6.24
C THR A 34 7.91 5.22 -5.84
N LYS A 35 7.18 4.39 -6.57
CA LYS A 35 5.77 4.20 -6.26
C LYS A 35 5.32 2.76 -6.46
N ILE A 36 4.23 2.42 -5.77
CA ILE A 36 3.65 1.09 -5.84
C ILE A 36 2.13 1.22 -5.92
N ASN A 37 1.51 0.61 -6.91
CA ASN A 37 0.06 0.72 -7.09
C ASN A 37 -0.67 -0.38 -6.31
N LEU A 38 -1.49 0.02 -5.36
CA LEU A 38 -2.24 -0.93 -4.55
C LEU A 38 -3.56 -1.32 -5.20
N ASP A 39 -4.00 -0.55 -6.19
CA ASP A 39 -5.28 -0.83 -6.84
C ASP A 39 -5.33 -2.24 -7.42
N ASP A 40 -4.26 -2.66 -8.09
CA ASP A 40 -4.22 -4.01 -8.67
C ASP A 40 -3.58 -5.01 -7.71
N HIS A 41 -2.98 -4.51 -6.64
CA HIS A 41 -2.33 -5.36 -5.65
C HIS A 41 -3.27 -5.62 -4.49
N ILE A 42 -3.57 -4.56 -3.75
CA ILE A 42 -4.48 -4.65 -2.61
C ILE A 42 -5.93 -4.61 -3.10
N ALA A 43 -6.81 -5.26 -2.36
CA ALA A 43 -8.23 -5.32 -2.72
C ALA A 43 -9.13 -5.21 -1.50
N ASN A 44 -10.43 -5.10 -1.75
CA ASN A 44 -11.42 -4.97 -0.69
C ASN A 44 -12.30 -6.22 -0.65
N ILE A 45 -12.17 -7.01 0.41
CA ILE A 45 -12.94 -8.24 0.57
C ILE A 45 -13.96 -8.11 1.70
N ASP A 46 -15.16 -7.64 1.38
CA ASP A 46 -16.23 -7.47 2.37
C ASP A 46 -15.88 -6.36 3.35
N GLY A 47 -15.27 -5.30 2.85
CA GLY A 47 -14.90 -4.18 3.69
C GLY A 47 -13.58 -4.41 4.41
N THR A 48 -12.89 -5.51 4.09
CA THR A 48 -11.61 -5.82 4.71
C THR A 48 -10.50 -5.81 3.66
N LEU A 49 -9.37 -5.18 4.00
CA LEU A 49 -8.26 -5.07 3.07
C LEU A 49 -7.48 -6.38 2.97
N LYS A 50 -7.47 -6.93 1.77
CA LYS A 50 -6.77 -8.17 1.47
C LYS A 50 -6.05 -8.05 0.13
N TRP A 51 -5.09 -8.94 -0.13
CA TRP A 51 -4.35 -8.89 -1.38
C TRP A 51 -5.07 -9.66 -2.49
N GLN A 52 -5.39 -8.96 -3.57
CA GLN A 52 -6.10 -9.57 -4.71
C GLN A 52 -6.22 -8.57 -5.87
N PRO A 53 -6.10 -9.04 -7.12
CA PRO A 53 -6.20 -8.15 -8.29
C PRO A 53 -7.56 -7.48 -8.43
N SER A 54 -7.84 -6.58 -7.49
CA SER A 54 -9.08 -5.81 -7.45
C SER A 54 -8.84 -4.56 -6.61
N ASN A 55 -9.23 -3.39 -7.11
CA ASN A 55 -8.98 -2.14 -6.39
C ASN A 55 -10.00 -1.90 -5.28
N PHE A 56 -9.56 -2.02 -4.04
CA PHE A 56 -10.40 -1.79 -2.88
C PHE A 56 -11.19 -0.48 -3.02
N SER A 57 -10.60 0.48 -3.73
CA SER A 57 -11.21 1.79 -3.94
C SER A 57 -12.65 1.69 -4.44
N GLN A 58 -13.04 0.55 -4.99
CA GLN A 58 -14.39 0.36 -5.50
C GLN A 58 -15.43 0.53 -4.39
N THR A 59 -15.04 0.20 -3.15
CA THR A 59 -15.95 0.34 -2.02
C THR A 59 -15.30 1.14 -0.88
N CYS A 60 -14.07 1.60 -1.08
CA CYS A 60 -13.38 2.36 -0.04
C CYS A 60 -13.14 3.81 -0.44
N TYR A 61 -13.16 4.67 0.57
CA TYR A 61 -12.96 6.11 0.37
C TYR A 61 -12.12 6.68 1.53
N ASN A 62 -11.47 7.81 1.29
CA ASN A 62 -10.63 8.43 2.30
C ASN A 62 -9.45 7.53 2.64
N SER A 63 -8.83 6.98 1.60
CA SER A 63 -7.68 6.10 1.79
C SER A 63 -6.48 6.88 2.29
N ALA A 64 -5.77 6.30 3.24
CA ALA A 64 -4.59 6.94 3.81
C ALA A 64 -3.52 5.92 4.17
N ILE A 65 -2.26 6.36 4.18
CA ILE A 65 -1.15 5.47 4.50
C ILE A 65 -0.24 6.07 5.57
N GLN A 66 0.19 5.23 6.49
CA GLN A 66 1.09 5.64 7.57
C GLN A 66 2.22 4.63 7.69
N GLY A 67 3.41 5.04 7.28
CA GLY A 67 4.55 4.15 7.33
C GLY A 67 4.37 3.02 6.32
N SER A 68 4.34 1.79 6.81
CA SER A 68 4.19 0.64 5.92
C SER A 68 2.77 0.08 5.96
N VAL A 69 1.92 0.65 6.80
CA VAL A 69 0.53 0.18 6.92
C VAL A 69 -0.44 1.10 6.18
N LEU A 70 -1.41 0.50 5.49
CA LEU A 70 -2.42 1.25 4.75
C LEU A 70 -3.73 1.32 5.53
N THR A 71 -4.23 2.54 5.71
CA THR A 71 -5.47 2.77 6.45
C THR A 71 -6.53 3.38 5.53
N SER A 72 -7.68 2.74 5.43
CA SER A 72 -8.75 3.25 4.56
C SER A 72 -10.13 2.82 5.05
N THR A 73 -11.15 3.61 4.72
CA THR A 73 -12.51 3.26 5.10
C THR A 73 -13.16 2.48 3.96
N CYS A 74 -13.69 1.30 4.27
CA CYS A 74 -14.29 0.47 3.22
C CYS A 74 -15.73 0.07 3.55
N GLU A 75 -16.54 0.01 2.50
CA GLU A 75 -17.94 -0.38 2.62
C GLU A 75 -18.06 -1.89 2.86
N ARG A 76 -18.92 -2.29 3.79
CA ARG A 76 -19.12 -3.71 4.08
C ARG A 76 -20.26 -4.28 3.24
N THR A 77 -20.10 -5.52 2.79
CA THR A 77 -21.12 -6.18 1.97
C THR A 77 -22.51 -6.10 2.62
N ASN A 78 -22.54 -6.01 3.94
CA ASN A 78 -23.81 -5.93 4.66
C ASN A 78 -24.34 -4.50 4.69
N GLY A 79 -23.63 -3.59 4.03
CA GLY A 79 -24.05 -2.21 4.00
C GLY A 79 -23.46 -1.39 5.13
N GLY A 80 -22.99 -0.21 4.79
CA GLY A 80 -22.36 0.67 5.77
C GLY A 80 -20.91 0.88 5.44
N TYR A 81 -20.15 1.49 6.36
CA TYR A 81 -18.73 1.75 6.11
C TYR A 81 -17.87 1.32 7.30
N ASN A 82 -16.68 0.79 7.01
CA ASN A 82 -15.76 0.33 8.04
C ASN A 82 -14.33 0.39 7.53
N THR A 83 -13.45 0.99 8.33
CA THR A 83 -12.04 1.14 7.97
C THR A 83 -11.20 -0.02 8.52
N SER A 84 -10.32 -0.54 7.67
CA SER A 84 -9.46 -1.65 8.03
C SER A 84 -7.99 -1.27 7.81
N SER A 85 -7.08 -1.95 8.49
CA SER A 85 -5.66 -1.68 8.35
C SER A 85 -4.90 -2.93 7.92
N ILE A 86 -3.88 -2.73 7.09
CA ILE A 86 -3.06 -3.85 6.61
C ILE A 86 -1.59 -3.43 6.46
N ASP A 87 -0.69 -4.36 6.78
CA ASP A 87 0.75 -4.12 6.69
C ASP A 87 1.32 -4.67 5.38
N LEU A 88 1.85 -3.80 4.53
CA LEU A 88 2.39 -4.21 3.23
C LEU A 88 3.92 -4.40 3.25
N ASN A 89 4.57 -4.06 4.36
CA ASN A 89 6.03 -4.18 4.45
C ASN A 89 6.54 -5.51 3.89
N SER A 90 5.69 -6.53 3.96
CA SER A 90 6.06 -7.86 3.47
C SER A 90 5.91 -8.00 1.95
N VAL A 91 4.85 -7.42 1.40
CA VAL A 91 4.58 -7.52 -0.04
C VAL A 91 5.53 -6.66 -0.88
N ILE A 92 5.61 -5.37 -0.57
CA ILE A 92 6.47 -4.46 -1.32
C ILE A 92 7.92 -4.57 -0.86
N GLU A 93 8.84 -4.37 -1.80
CA GLU A 93 10.27 -4.46 -1.53
C GLU A 93 11.01 -3.32 -2.22
N ASN A 94 12.27 -3.08 -1.84
CA ASN A 94 13.03 -2.00 -2.45
C ASN A 94 14.10 -2.57 -3.38
N VAL A 95 13.78 -2.57 -4.67
CA VAL A 95 14.70 -3.06 -5.70
C VAL A 95 15.45 -1.91 -6.36
N ASP A 96 16.67 -1.66 -5.90
CA ASP A 96 17.49 -0.58 -6.46
C ASP A 96 16.75 0.75 -6.44
N GLY A 97 15.89 0.95 -5.45
CA GLY A 97 15.15 2.18 -5.33
C GLY A 97 13.78 2.15 -5.98
N SER A 98 13.19 0.95 -6.04
CA SER A 98 11.86 0.79 -6.64
C SER A 98 11.01 -0.19 -5.84
N LEU A 99 9.74 0.18 -5.63
CA LEU A 99 8.83 -0.66 -4.87
C LEU A 99 8.39 -1.86 -5.70
N LYS A 100 8.70 -3.06 -5.21
CA LYS A 100 8.36 -4.29 -5.91
C LYS A 100 7.55 -5.25 -5.04
N TYR A 101 6.52 -5.86 -5.62
CA TYR A 101 5.67 -6.81 -4.90
C TYR A 101 6.37 -8.16 -4.80
N GLU A 102 6.10 -8.89 -3.73
CA GLU A 102 6.70 -10.19 -3.52
C GLU A 102 6.15 -10.87 -2.27
N GLY A 1 14.54 -14.37 2.42
CA GLY A 1 13.89 -13.03 2.58
C GLY A 1 12.38 -13.11 2.43
N LEU A 2 11.72 -11.95 2.49
CA LEU A 2 10.27 -11.89 2.38
C LEU A 2 9.82 -10.55 1.83
N GLY A 3 10.36 -9.47 2.39
CA GLY A 3 10.01 -8.13 1.94
C GLY A 3 10.07 -7.10 3.05
N LYS A 4 10.86 -6.06 2.83
CA LYS A 4 11.02 -4.99 3.81
C LYS A 4 11.35 -3.67 3.13
N PHE A 5 10.31 -2.97 2.66
CA PHE A 5 10.50 -1.68 1.98
C PHE A 5 10.51 -0.52 2.97
N ILE A 6 9.61 -0.55 3.95
CA ILE A 6 9.53 0.52 4.94
C ILE A 6 10.81 0.62 5.75
N GLU A 7 11.60 -0.45 5.78
CA GLU A 7 12.86 -0.46 6.51
C GLU A 7 13.94 0.29 5.74
N THR A 8 13.81 0.33 4.43
CA THR A 8 14.77 1.02 3.58
C THR A 8 14.11 2.16 2.78
N CYS A 9 12.94 2.59 3.21
CA CYS A 9 12.23 3.66 2.51
C CYS A 9 11.75 4.73 3.47
N ARG A 10 11.57 5.94 2.94
CA ARG A 10 11.12 7.07 3.75
C ARG A 10 9.98 7.81 3.04
N ASN A 11 9.38 8.77 3.74
CA ASN A 11 8.27 9.57 3.20
C ASN A 11 7.19 8.69 2.57
N THR A 12 6.63 7.79 3.37
CA THR A 12 5.56 6.93 2.89
C THR A 12 4.24 7.69 2.90
N GLN A 13 3.52 7.63 1.79
CA GLN A 13 2.24 8.33 1.68
C GLN A 13 1.36 7.70 0.62
N LEU A 14 0.08 8.02 0.67
CA LEU A 14 -0.88 7.48 -0.29
C LEU A 14 -1.13 8.48 -1.41
N ALA A 15 -1.16 7.97 -2.63
CA ALA A 15 -1.41 8.78 -3.80
C ALA A 15 -2.66 8.28 -4.51
N GLY A 16 -3.43 9.19 -5.09
CA GLY A 16 -4.64 8.78 -5.77
C GLY A 16 -5.60 8.08 -4.81
N SER A 17 -6.44 7.19 -5.34
CA SER A 17 -7.41 6.50 -4.50
C SER A 17 -6.83 5.25 -3.83
N SER A 18 -5.98 4.51 -4.54
CA SER A 18 -5.42 3.30 -3.97
C SER A 18 -3.94 3.09 -4.35
N GLU A 19 -3.19 4.19 -4.45
CA GLU A 19 -1.76 4.11 -4.79
C GLU A 19 -0.89 4.55 -3.62
N LEU A 20 0.29 3.96 -3.52
CA LEU A 20 1.24 4.29 -2.47
C LEU A 20 2.54 4.78 -3.10
N ALA A 21 2.96 5.98 -2.74
CA ALA A 21 4.20 6.53 -3.28
C ALA A 21 5.18 6.83 -2.15
N ALA A 22 6.46 6.61 -2.41
CA ALA A 22 7.50 6.83 -1.40
C ALA A 22 8.87 6.96 -2.05
N GLU A 23 9.87 7.32 -1.25
CA GLU A 23 11.24 7.39 -1.73
C GLU A 23 12.03 6.26 -1.11
N CYS A 24 12.83 5.55 -1.92
CA CYS A 24 13.60 4.44 -1.39
C CYS A 24 15.06 4.51 -1.79
N LYS A 25 15.94 4.31 -0.83
CA LYS A 25 17.37 4.35 -1.07
C LYS A 25 17.82 3.20 -1.96
N THR A 26 18.67 3.50 -2.92
CA THR A 26 19.19 2.50 -3.85
C THR A 26 20.39 1.79 -3.25
N ARG A 27 21.00 0.90 -4.03
CA ARG A 27 22.17 0.16 -3.55
C ARG A 27 23.33 1.11 -3.26
N ALA A 28 23.40 2.23 -3.97
CA ALA A 28 24.48 3.18 -3.79
C ALA A 28 24.23 4.13 -2.62
N GLN A 29 23.22 3.85 -1.81
CA GLN A 29 22.88 4.72 -0.68
C GLN A 29 22.36 6.07 -1.14
N GLN A 30 21.57 6.05 -2.21
CA GLN A 30 20.97 7.26 -2.76
C GLN A 30 19.45 7.12 -2.69
N PHE A 31 18.75 8.17 -2.27
CA PHE A 31 17.29 8.12 -2.16
C PHE A 31 16.62 8.62 -3.43
N VAL A 32 15.75 7.80 -4.00
CA VAL A 32 15.03 8.17 -5.21
C VAL A 32 13.54 7.90 -5.07
N SER A 33 12.72 8.67 -5.78
CA SER A 33 11.26 8.53 -5.70
C SER A 33 10.79 7.26 -6.38
N THR A 34 9.89 6.54 -5.69
CA THR A 34 9.32 5.30 -6.21
C THR A 34 7.86 5.17 -5.79
N LYS A 35 7.12 4.31 -6.48
CA LYS A 35 5.70 4.13 -6.17
C LYS A 35 5.27 2.68 -6.34
N ILE A 36 4.19 2.33 -5.65
CA ILE A 36 3.63 0.99 -5.69
C ILE A 36 2.12 1.09 -5.79
N ASN A 37 1.52 0.42 -6.78
CA ASN A 37 0.07 0.47 -6.98
C ASN A 37 -0.64 -0.59 -6.15
N LEU A 38 -1.48 -0.15 -5.22
CA LEU A 38 -2.23 -1.07 -4.38
C LEU A 38 -3.56 -1.46 -5.05
N ASP A 39 -3.95 -0.70 -6.07
CA ASP A 39 -5.21 -0.94 -6.77
C ASP A 39 -5.30 -2.37 -7.32
N ASP A 40 -4.25 -2.84 -8.00
CA ASP A 40 -4.26 -4.19 -8.56
C ASP A 40 -3.67 -5.20 -7.58
N HIS A 41 -3.07 -4.70 -6.49
CA HIS A 41 -2.48 -5.57 -5.49
C HIS A 41 -3.49 -5.79 -4.37
N ILE A 42 -3.84 -4.70 -3.69
CA ILE A 42 -4.81 -4.74 -2.61
C ILE A 42 -6.24 -4.75 -3.17
N ALA A 43 -7.13 -5.38 -2.42
CA ALA A 43 -8.54 -5.47 -2.81
C ALA A 43 -9.46 -5.30 -1.61
N ASN A 44 -10.76 -5.21 -1.87
CA ASN A 44 -11.75 -5.03 -0.82
C ASN A 44 -12.63 -6.27 -0.69
N ILE A 45 -12.44 -7.00 0.41
CA ILE A 45 -13.21 -8.22 0.65
C ILE A 45 -14.20 -8.02 1.81
N ASP A 46 -15.40 -7.57 1.47
CA ASP A 46 -16.45 -7.35 2.47
C ASP A 46 -16.07 -6.20 3.42
N GLY A 47 -15.45 -5.17 2.86
CA GLY A 47 -15.06 -4.03 3.68
C GLY A 47 -13.71 -4.21 4.37
N THR A 48 -13.08 -5.35 4.15
CA THR A 48 -11.78 -5.63 4.75
C THR A 48 -10.68 -5.67 3.70
N LEU A 49 -9.54 -5.06 4.03
CA LEU A 49 -8.43 -4.97 3.10
C LEU A 49 -7.68 -6.29 3.02
N LYS A 50 -7.69 -6.86 1.82
CA LYS A 50 -7.04 -8.12 1.53
C LYS A 50 -6.33 -8.05 0.18
N TRP A 51 -5.42 -8.97 -0.08
CA TRP A 51 -4.68 -8.97 -1.34
C TRP A 51 -5.45 -9.70 -2.45
N GLN A 52 -5.68 -9.00 -3.55
CA GLN A 52 -6.42 -9.55 -4.68
C GLN A 52 -6.38 -8.59 -5.86
N PRO A 53 -6.36 -9.10 -7.11
CA PRO A 53 -6.32 -8.26 -8.30
C PRO A 53 -7.63 -7.51 -8.53
N SER A 54 -7.93 -6.64 -7.58
CA SER A 54 -9.12 -5.80 -7.62
C SER A 54 -8.90 -4.60 -6.73
N ASN A 55 -9.27 -3.41 -7.21
CA ASN A 55 -9.04 -2.18 -6.45
C ASN A 55 -10.11 -1.95 -5.40
N PHE A 56 -9.70 -2.09 -4.13
CA PHE A 56 -10.59 -1.86 -3.00
C PHE A 56 -11.32 -0.53 -3.15
N SER A 57 -10.67 0.41 -3.84
CA SER A 57 -11.21 1.76 -4.07
C SER A 57 -12.66 1.72 -4.58
N GLN A 58 -13.11 0.59 -5.09
CA GLN A 58 -14.46 0.47 -5.63
C GLN A 58 -15.50 0.67 -4.53
N THR A 59 -15.15 0.33 -3.29
CA THR A 59 -16.08 0.49 -2.18
C THR A 59 -15.44 1.27 -1.03
N CYS A 60 -14.18 1.66 -1.20
CA CYS A 60 -13.47 2.39 -0.16
C CYS A 60 -13.21 3.84 -0.55
N TYR A 61 -13.21 4.70 0.46
CA TYR A 61 -12.99 6.13 0.26
C TYR A 61 -12.15 6.70 1.41
N ASN A 62 -11.49 7.84 1.16
CA ASN A 62 -10.64 8.47 2.17
C ASN A 62 -9.47 7.56 2.53
N SER A 63 -8.80 7.03 1.51
CA SER A 63 -7.66 6.16 1.72
C SER A 63 -6.47 6.96 2.23
N ALA A 64 -5.79 6.41 3.24
CA ALA A 64 -4.63 7.06 3.83
C ALA A 64 -3.55 6.06 4.19
N ILE A 65 -2.30 6.51 4.15
CA ILE A 65 -1.18 5.65 4.47
C ILE A 65 -0.25 6.27 5.50
N GLN A 66 0.20 5.45 6.44
CA GLN A 66 1.11 5.88 7.49
C GLN A 66 2.21 4.84 7.65
N GLY A 67 3.41 5.17 7.21
CA GLY A 67 4.51 4.24 7.29
C GLY A 67 4.34 3.09 6.33
N SER A 68 4.31 1.86 6.86
CA SER A 68 4.15 0.68 6.01
C SER A 68 2.72 0.14 6.04
N VAL A 69 1.86 0.73 6.87
CA VAL A 69 0.47 0.28 6.95
C VAL A 69 -0.49 1.18 6.17
N LEU A 70 -1.46 0.56 5.51
CA LEU A 70 -2.44 1.29 4.72
C LEU A 70 -3.77 1.39 5.48
N THR A 71 -4.26 2.61 5.65
CA THR A 71 -5.52 2.83 6.35
C THR A 71 -6.56 3.42 5.40
N SER A 72 -7.71 2.76 5.29
CA SER A 72 -8.75 3.23 4.39
C SER A 72 -10.13 2.81 4.88
N THR A 73 -11.15 3.58 4.50
CA THR A 73 -12.52 3.27 4.88
C THR A 73 -13.19 2.47 3.76
N CYS A 74 -13.74 1.30 4.10
CA CYS A 74 -14.37 0.45 3.10
C CYS A 74 -15.80 0.09 3.46
N GLU A 75 -16.64 -0.01 2.43
CA GLU A 75 -18.04 -0.38 2.60
C GLU A 75 -18.17 -1.87 2.90
N ARG A 76 -19.03 -2.21 3.85
CA ARG A 76 -19.25 -3.61 4.22
C ARG A 76 -20.40 -4.20 3.41
N THR A 77 -20.26 -5.46 3.01
CA THR A 77 -21.28 -6.14 2.22
C THR A 77 -22.67 -6.02 2.86
N ASN A 78 -22.69 -5.86 4.18
CA ASN A 78 -23.95 -5.73 4.90
C ASN A 78 -24.48 -4.30 4.88
N GLY A 79 -23.76 -3.42 4.20
CA GLY A 79 -24.17 -2.03 4.11
C GLY A 79 -23.55 -1.17 5.19
N GLY A 80 -23.07 -0.01 4.78
CA GLY A 80 -22.43 0.92 5.69
C GLY A 80 -20.96 1.09 5.35
N TYR A 81 -20.20 1.73 6.23
CA TYR A 81 -18.78 1.95 5.99
C TYR A 81 -17.93 1.54 7.20
N ASN A 82 -16.76 0.98 6.92
CA ASN A 82 -15.85 0.54 7.96
C ASN A 82 -14.41 0.55 7.45
N THR A 83 -13.53 1.19 8.22
CA THR A 83 -12.11 1.31 7.84
C THR A 83 -11.29 0.17 8.43
N SER A 84 -10.42 -0.43 7.61
CA SER A 84 -9.58 -1.52 8.05
C SER A 84 -8.10 -1.15 7.83
N SER A 85 -7.21 -1.82 8.57
CA SER A 85 -5.79 -1.57 8.45
C SER A 85 -5.03 -2.84 8.10
N ILE A 86 -3.98 -2.70 7.31
CA ILE A 86 -3.17 -3.85 6.89
C ILE A 86 -1.69 -3.46 6.72
N ASP A 87 -0.80 -4.39 7.05
CA ASP A 87 0.64 -4.17 6.94
C ASP A 87 1.20 -4.78 5.65
N LEU A 88 1.74 -3.92 4.77
CA LEU A 88 2.30 -4.39 3.50
C LEU A 88 3.83 -4.51 3.52
N ASN A 89 4.47 -4.08 4.60
CA ASN A 89 5.93 -4.14 4.69
C ASN A 89 6.48 -5.49 4.20
N SER A 90 5.69 -6.54 4.31
CA SER A 90 6.13 -7.87 3.87
C SER A 90 6.01 -8.06 2.36
N VAL A 91 4.95 -7.52 1.77
CA VAL A 91 4.73 -7.67 0.33
C VAL A 91 5.64 -6.77 -0.52
N ILE A 92 5.67 -5.48 -0.22
CA ILE A 92 6.50 -4.55 -0.98
C ILE A 92 7.96 -4.59 -0.52
N GLU A 93 8.88 -4.37 -1.46
CA GLU A 93 10.30 -4.41 -1.17
C GLU A 93 11.01 -3.27 -1.91
N ASN A 94 12.27 -3.01 -1.55
CA ASN A 94 13.03 -1.95 -2.20
C ASN A 94 14.07 -2.53 -3.14
N VAL A 95 13.74 -2.56 -4.42
CA VAL A 95 14.64 -3.08 -5.45
C VAL A 95 15.39 -1.96 -6.13
N ASP A 96 16.62 -1.69 -5.68
CA ASP A 96 17.44 -0.63 -6.26
C ASP A 96 16.70 0.70 -6.29
N GLY A 97 15.85 0.92 -5.30
CA GLY A 97 15.10 2.18 -5.22
C GLY A 97 13.73 2.09 -5.87
N SER A 98 13.15 0.90 -5.88
CA SER A 98 11.83 0.70 -6.48
C SER A 98 10.99 -0.26 -5.65
N LEU A 99 9.73 0.09 -5.42
CA LEU A 99 8.83 -0.75 -4.64
C LEU A 99 8.41 -1.98 -5.43
N LYS A 100 8.73 -3.14 -4.91
CA LYS A 100 8.40 -4.41 -5.57
C LYS A 100 7.58 -5.31 -4.66
N TYR A 101 6.52 -5.88 -5.22
CA TYR A 101 5.64 -6.78 -4.47
C TYR A 101 6.28 -8.17 -4.36
N GLU A 102 7.04 -8.54 -5.40
CA GLU A 102 7.71 -9.83 -5.43
C GLU A 102 8.98 -9.81 -4.59
N GLY A 1 14.06 -10.82 5.52
CA GLY A 1 13.47 -12.15 5.23
C GLY A 1 12.58 -12.13 4.00
N LEU A 2 11.54 -11.32 4.04
CA LEU A 2 10.62 -11.20 2.91
C LEU A 2 10.12 -9.78 2.76
N GLY A 3 10.58 -9.11 1.71
CA GLY A 3 10.16 -7.74 1.47
C GLY A 3 10.96 -6.73 2.28
N LYS A 4 10.32 -6.17 3.31
CA LYS A 4 10.97 -5.18 4.17
C LYS A 4 11.36 -3.94 3.38
N PHE A 5 10.36 -3.21 2.90
CA PHE A 5 10.60 -1.98 2.12
C PHE A 5 10.64 -0.74 3.02
N ILE A 6 9.76 -0.68 4.00
CA ILE A 6 9.70 0.46 4.91
C ILE A 6 10.98 0.57 5.72
N GLU A 7 11.74 -0.52 5.80
CA GLU A 7 13.00 -0.50 6.55
C GLU A 7 14.05 0.29 5.79
N THR A 8 13.90 0.39 4.47
CA THR A 8 14.83 1.13 3.63
C THR A 8 14.16 2.29 2.92
N CYS A 9 12.85 2.43 3.09
CA CYS A 9 12.10 3.50 2.45
C CYS A 9 11.66 4.57 3.45
N ARG A 10 11.50 5.79 2.97
CA ARG A 10 11.08 6.90 3.81
C ARG A 10 9.95 7.68 3.16
N ASN A 11 9.37 8.63 3.90
CA ASN A 11 8.27 9.46 3.40
C ASN A 11 7.18 8.64 2.74
N THR A 12 6.60 7.70 3.49
CA THR A 12 5.52 6.87 2.98
C THR A 12 4.20 7.64 3.03
N GLN A 13 3.46 7.59 1.93
CA GLN A 13 2.17 8.28 1.84
C GLN A 13 1.30 7.68 0.75
N LEU A 14 0.01 8.01 0.79
CA LEU A 14 -0.92 7.49 -0.19
C LEU A 14 -1.16 8.50 -1.30
N ALA A 15 -1.17 8.01 -2.53
CA ALA A 15 -1.41 8.85 -3.69
C ALA A 15 -2.65 8.36 -4.42
N GLY A 16 -3.42 9.28 -4.97
CA GLY A 16 -4.64 8.88 -5.66
C GLY A 16 -5.59 8.14 -4.74
N SER A 17 -6.42 7.26 -5.29
CA SER A 17 -7.39 6.53 -4.49
C SER A 17 -6.81 5.25 -3.88
N SER A 18 -5.94 4.55 -4.61
CA SER A 18 -5.38 3.31 -4.10
C SER A 18 -3.90 3.14 -4.47
N GLU A 19 -3.15 4.25 -4.50
CA GLU A 19 -1.72 4.19 -4.82
C GLU A 19 -0.86 4.63 -3.64
N LEU A 20 0.32 4.03 -3.52
CA LEU A 20 1.26 4.36 -2.46
C LEU A 20 2.56 4.86 -3.07
N ALA A 21 3.00 6.04 -2.69
CA ALA A 21 4.23 6.59 -3.21
C ALA A 21 5.23 6.83 -2.08
N ALA A 22 6.50 6.58 -2.35
CA ALA A 22 7.55 6.74 -1.35
C ALA A 22 8.92 6.86 -1.99
N GLU A 23 9.94 7.15 -1.19
CA GLU A 23 11.30 7.23 -1.68
C GLU A 23 12.12 6.13 -1.02
N CYS A 24 12.90 5.40 -1.80
CA CYS A 24 13.71 4.32 -1.26
C CYS A 24 15.16 4.40 -1.71
N LYS A 25 16.07 4.21 -0.78
CA LYS A 25 17.49 4.27 -1.08
C LYS A 25 17.93 3.13 -2.00
N THR A 26 18.76 3.47 -2.98
CA THR A 26 19.27 2.51 -3.93
C THR A 26 20.50 1.80 -3.39
N ARG A 27 21.10 0.93 -4.20
CA ARG A 27 22.28 0.19 -3.77
C ARG A 27 23.43 1.14 -3.45
N ALA A 28 23.47 2.27 -4.15
CA ALA A 28 24.53 3.25 -3.96
C ALA A 28 24.30 4.16 -2.76
N GLN A 29 23.30 3.84 -1.94
CA GLN A 29 22.97 4.65 -0.77
C GLN A 29 22.44 6.03 -1.18
N GLN A 30 21.64 6.02 -2.25
CA GLN A 30 21.02 7.24 -2.75
C GLN A 30 19.51 7.09 -2.70
N PHE A 31 18.81 8.10 -2.22
CA PHE A 31 17.35 8.03 -2.11
C PHE A 31 16.65 8.60 -3.34
N VAL A 32 15.79 7.79 -3.95
CA VAL A 32 15.07 8.21 -5.14
C VAL A 32 13.57 7.92 -4.99
N SER A 33 12.75 8.69 -5.69
CA SER A 33 11.30 8.54 -5.62
C SER A 33 10.82 7.29 -6.35
N THR A 34 9.93 6.56 -5.67
CA THR A 34 9.35 5.33 -6.23
C THR A 34 7.88 5.20 -5.81
N LYS A 35 7.13 4.37 -6.51
CA LYS A 35 5.73 4.20 -6.20
C LYS A 35 5.27 2.76 -6.39
N ILE A 36 4.20 2.40 -5.70
CA ILE A 36 3.63 1.07 -5.77
C ILE A 36 2.10 1.19 -5.90
N ASN A 37 1.53 0.53 -6.90
CA ASN A 37 0.08 0.61 -7.12
C ASN A 37 -0.66 -0.45 -6.32
N LEU A 38 -1.49 0.00 -5.38
CA LEU A 38 -2.25 -0.93 -4.55
C LEU A 38 -3.58 -1.31 -5.22
N ASP A 39 -3.99 -0.54 -6.23
CA ASP A 39 -5.25 -0.81 -6.93
C ASP A 39 -5.30 -2.22 -7.49
N ASP A 40 -4.22 -2.67 -8.15
CA ASP A 40 -4.17 -4.01 -8.71
C ASP A 40 -3.59 -5.02 -7.74
N HIS A 41 -3.03 -4.55 -6.63
CA HIS A 41 -2.45 -5.44 -5.63
C HIS A 41 -3.45 -5.64 -4.50
N ILE A 42 -3.77 -4.56 -3.80
CA ILE A 42 -4.72 -4.60 -2.71
C ILE A 42 -6.15 -4.58 -3.24
N ALA A 43 -7.05 -5.24 -2.52
CA ALA A 43 -8.46 -5.31 -2.91
C ALA A 43 -9.38 -5.22 -1.69
N ASN A 44 -10.68 -5.11 -1.94
CA ASN A 44 -11.68 -5.00 -0.89
C ASN A 44 -12.58 -6.23 -0.84
N ILE A 45 -12.44 -7.02 0.23
CA ILE A 45 -13.25 -8.22 0.40
C ILE A 45 -14.24 -8.07 1.57
N ASP A 46 -15.42 -7.55 1.26
CA ASP A 46 -16.47 -7.34 2.26
C ASP A 46 -16.07 -6.24 3.26
N GLY A 47 -15.42 -5.21 2.76
CA GLY A 47 -15.01 -4.11 3.61
C GLY A 47 -13.67 -4.34 4.30
N THR A 48 -13.04 -5.48 4.02
CA THR A 48 -11.74 -5.78 4.62
C THR A 48 -10.63 -5.75 3.57
N LEU A 49 -9.52 -5.12 3.92
CA LEU A 49 -8.40 -4.97 3.00
C LEU A 49 -7.60 -6.26 2.90
N LYS A 50 -7.56 -6.81 1.68
CA LYS A 50 -6.86 -8.05 1.40
C LYS A 50 -6.12 -7.96 0.07
N TRP A 51 -5.18 -8.87 -0.14
CA TRP A 51 -4.39 -8.87 -1.38
C TRP A 51 -5.12 -9.66 -2.48
N GLN A 52 -5.44 -8.97 -3.57
CA GLN A 52 -6.14 -9.59 -4.70
C GLN A 52 -6.26 -8.59 -5.86
N PRO A 53 -6.13 -9.05 -7.11
CA PRO A 53 -6.21 -8.17 -8.28
C PRO A 53 -7.58 -7.51 -8.45
N SER A 54 -7.83 -6.52 -7.61
CA SER A 54 -9.07 -5.76 -7.61
C SER A 54 -8.87 -4.51 -6.76
N ASN A 55 -9.31 -3.36 -7.26
CA ASN A 55 -9.11 -2.09 -6.53
C ASN A 55 -10.16 -1.88 -5.44
N PHE A 56 -9.72 -1.98 -4.20
CA PHE A 56 -10.60 -1.78 -3.04
C PHE A 56 -11.37 -0.47 -3.19
N SER A 57 -10.77 0.49 -3.89
CA SER A 57 -11.37 1.81 -4.10
C SER A 57 -12.83 1.75 -4.57
N GLN A 58 -13.27 0.59 -5.07
CA GLN A 58 -14.64 0.46 -5.57
C GLN A 58 -15.65 0.65 -4.44
N THR A 59 -15.27 0.30 -3.21
CA THR A 59 -16.16 0.45 -2.07
C THR A 59 -15.49 1.22 -0.94
N CYS A 60 -14.25 1.64 -1.15
CA CYS A 60 -13.51 2.35 -0.11
C CYS A 60 -13.27 3.82 -0.48
N TYR A 61 -13.24 4.67 0.54
CA TYR A 61 -13.03 6.10 0.36
C TYR A 61 -12.20 6.65 1.52
N ASN A 62 -11.54 7.79 1.29
CA ASN A 62 -10.70 8.40 2.32
C ASN A 62 -9.51 7.50 2.67
N SER A 63 -8.85 6.98 1.64
CA SER A 63 -7.71 6.10 1.82
C SER A 63 -6.50 6.88 2.34
N ALA A 64 -5.80 6.28 3.31
CA ALA A 64 -4.62 6.92 3.89
C ALA A 64 -3.53 5.91 4.21
N ILE A 65 -2.28 6.37 4.20
CA ILE A 65 -1.15 5.50 4.49
C ILE A 65 -0.20 6.13 5.51
N GLN A 66 0.27 5.29 6.43
CA GLN A 66 1.20 5.71 7.46
C GLN A 66 2.31 4.67 7.60
N GLY A 67 3.52 5.03 7.21
CA GLY A 67 4.62 4.10 7.27
C GLY A 67 4.42 2.97 6.27
N SER A 68 4.37 1.74 6.76
CA SER A 68 4.19 0.59 5.88
C SER A 68 2.76 0.05 5.91
N VAL A 69 1.90 0.63 6.76
CA VAL A 69 0.52 0.17 6.85
C VAL A 69 -0.43 1.09 6.10
N LEU A 70 -1.39 0.49 5.40
CA LEU A 70 -2.37 1.24 4.63
C LEU A 70 -3.70 1.27 5.38
N THR A 71 -4.22 2.47 5.63
CA THR A 71 -5.48 2.63 6.34
C THR A 71 -6.52 3.27 5.42
N SER A 72 -7.67 2.63 5.30
CA SER A 72 -8.73 3.14 4.42
C SER A 72 -10.11 2.74 4.91
N THR A 73 -11.12 3.53 4.57
CA THR A 73 -12.49 3.22 4.95
C THR A 73 -13.17 2.44 3.82
N CYS A 74 -13.74 1.28 4.16
CA CYS A 74 -14.39 0.45 3.15
C CYS A 74 -15.81 0.07 3.54
N GLU A 75 -16.68 0.00 2.54
CA GLU A 75 -18.06 -0.39 2.73
C GLU A 75 -18.17 -1.89 2.99
N ARG A 76 -19.00 -2.27 3.96
CA ARG A 76 -19.20 -3.69 4.28
C ARG A 76 -20.35 -4.26 3.46
N THR A 77 -20.24 -5.53 3.06
CA THR A 77 -21.27 -6.17 2.25
C THR A 77 -22.65 -6.02 2.87
N ASN A 78 -22.70 -5.86 4.18
CA ASN A 78 -23.98 -5.71 4.88
C ASN A 78 -24.47 -4.25 4.83
N GLY A 79 -23.73 -3.40 4.14
CA GLY A 79 -24.10 -2.01 4.05
C GLY A 79 -23.50 -1.18 5.16
N GLY A 80 -23.03 0.00 4.79
CA GLY A 80 -22.40 0.89 5.75
C GLY A 80 -20.93 1.11 5.42
N TYR A 81 -20.19 1.73 6.34
CA TYR A 81 -18.77 2.01 6.10
C TYR A 81 -17.91 1.54 7.27
N ASN A 82 -16.75 0.96 6.97
CA ASN A 82 -15.83 0.46 7.98
C ASN A 82 -14.40 0.46 7.46
N THR A 83 -13.49 1.06 8.23
CA THR A 83 -12.08 1.15 7.86
C THR A 83 -11.26 0.00 8.42
N SER A 84 -10.40 -0.58 7.58
CA SER A 84 -9.55 -1.70 7.98
C SER A 84 -8.08 -1.34 7.76
N SER A 85 -7.19 -2.04 8.48
CA SER A 85 -5.75 -1.80 8.36
C SER A 85 -5.00 -3.06 7.94
N ILE A 86 -3.96 -2.87 7.14
CA ILE A 86 -3.14 -3.99 6.67
C ILE A 86 -1.67 -3.59 6.52
N ASP A 87 -0.76 -4.52 6.86
CA ASP A 87 0.68 -4.28 6.76
C ASP A 87 1.25 -4.84 5.46
N LEU A 88 1.86 -3.96 4.65
CA LEU A 88 2.42 -4.38 3.35
C LEU A 88 3.93 -4.58 3.39
N ASN A 89 4.58 -4.28 4.53
CA ASN A 89 6.04 -4.40 4.63
C ASN A 89 6.54 -5.71 4.03
N SER A 90 5.70 -6.74 4.04
CA SER A 90 6.08 -8.04 3.49
C SER A 90 5.92 -8.12 1.98
N VAL A 91 4.84 -7.57 1.45
CA VAL A 91 4.57 -7.63 0.01
C VAL A 91 5.49 -6.73 -0.82
N ILE A 92 5.57 -5.46 -0.47
CA ILE A 92 6.41 -4.53 -1.22
C ILE A 92 7.86 -4.62 -0.78
N GLU A 93 8.76 -4.43 -1.75
CA GLU A 93 10.20 -4.51 -1.50
C GLU A 93 10.91 -3.36 -2.18
N ASN A 94 12.18 -3.12 -1.84
CA ASN A 94 12.93 -2.04 -2.45
C ASN A 94 13.99 -2.60 -3.40
N VAL A 95 13.66 -2.58 -4.68
CA VAL A 95 14.56 -3.08 -5.72
C VAL A 95 15.33 -1.93 -6.36
N ASP A 96 16.55 -1.68 -5.88
CA ASP A 96 17.36 -0.60 -6.43
C ASP A 96 16.62 0.73 -6.41
N GLY A 97 15.77 0.92 -5.41
CA GLY A 97 15.03 2.18 -5.29
C GLY A 97 13.66 2.12 -5.95
N SER A 98 13.06 0.94 -6.01
CA SER A 98 11.75 0.79 -6.62
C SER A 98 10.89 -0.19 -5.82
N LEU A 99 9.64 0.18 -5.59
CA LEU A 99 8.72 -0.68 -4.84
C LEU A 99 8.27 -1.86 -5.67
N LYS A 100 8.56 -3.06 -5.18
CA LYS A 100 8.20 -4.28 -5.89
C LYS A 100 7.41 -5.25 -5.01
N TYR A 101 6.38 -5.85 -5.58
CA TYR A 101 5.55 -6.81 -4.86
C TYR A 101 6.15 -8.20 -4.95
N GLU A 102 6.24 -8.89 -3.82
CA GLU A 102 6.83 -10.23 -3.79
C GLU A 102 5.74 -11.30 -3.66
N GLY A 1 15.03 -12.46 3.12
CA GLY A 1 13.96 -13.48 3.18
C GLY A 1 12.61 -12.92 2.79
N LEU A 2 12.02 -12.12 3.68
CA LEU A 2 10.72 -11.51 3.42
C LEU A 2 10.88 -10.07 2.97
N GLY A 3 9.85 -9.53 2.31
CA GLY A 3 9.90 -8.16 1.84
C GLY A 3 10.01 -7.15 2.95
N LYS A 4 10.82 -6.11 2.73
CA LYS A 4 11.01 -5.06 3.73
C LYS A 4 11.35 -3.73 3.05
N PHE A 5 10.33 -3.01 2.62
CA PHE A 5 10.51 -1.72 1.95
C PHE A 5 10.51 -0.56 2.95
N ILE A 6 9.59 -0.60 3.92
CA ILE A 6 9.49 0.47 4.92
C ILE A 6 10.76 0.59 5.74
N GLU A 7 11.54 -0.49 5.80
CA GLU A 7 12.79 -0.48 6.54
C GLU A 7 13.87 0.28 5.80
N THR A 8 13.73 0.38 4.48
CA THR A 8 14.71 1.09 3.66
C THR A 8 14.11 2.28 2.93
N CYS A 9 12.79 2.48 3.07
CA CYS A 9 12.11 3.59 2.42
C CYS A 9 11.63 4.61 3.44
N ARG A 10 11.48 5.85 2.99
CA ARG A 10 11.03 6.94 3.85
C ARG A 10 9.87 7.70 3.20
N ASN A 11 9.27 8.62 3.96
CA ASN A 11 8.15 9.43 3.47
C ASN A 11 7.09 8.58 2.78
N THR A 12 6.51 7.63 3.53
CA THR A 12 5.46 6.78 2.99
C THR A 12 4.14 7.53 2.99
N GLN A 13 3.43 7.49 1.88
CA GLN A 13 2.15 8.19 1.76
C GLN A 13 1.28 7.58 0.68
N LEU A 14 -0.01 7.92 0.72
CA LEU A 14 -0.97 7.43 -0.27
C LEU A 14 -1.18 8.45 -1.36
N ALA A 15 -1.21 7.96 -2.59
CA ALA A 15 -1.43 8.81 -3.75
C ALA A 15 -2.67 8.33 -4.49
N GLY A 16 -3.41 9.25 -5.09
CA GLY A 16 -4.62 8.85 -5.79
C GLY A 16 -5.58 8.12 -4.87
N SER A 17 -6.42 7.25 -5.43
CA SER A 17 -7.40 6.53 -4.63
C SER A 17 -6.82 5.27 -4.00
N SER A 18 -5.95 4.56 -4.72
CA SER A 18 -5.39 3.32 -4.21
C SER A 18 -3.91 3.15 -4.54
N GLU A 19 -3.16 4.25 -4.55
CA GLU A 19 -1.72 4.18 -4.85
C GLU A 19 -0.87 4.59 -3.64
N LEU A 20 0.33 4.01 -3.56
CA LEU A 20 1.26 4.32 -2.49
C LEU A 20 2.57 4.80 -3.09
N ALA A 21 3.01 6.00 -2.72
CA ALA A 21 4.26 6.55 -3.23
C ALA A 21 5.22 6.80 -2.08
N ALA A 22 6.50 6.58 -2.34
CA ALA A 22 7.53 6.74 -1.32
C ALA A 22 8.91 6.88 -1.93
N GLU A 23 9.91 7.18 -1.11
CA GLU A 23 11.29 7.28 -1.58
C GLU A 23 12.08 6.12 -0.99
N CYS A 24 12.87 5.44 -1.82
CA CYS A 24 13.65 4.31 -1.34
C CYS A 24 15.11 4.40 -1.75
N LYS A 25 16.00 4.20 -0.80
CA LYS A 25 17.44 4.26 -1.06
C LYS A 25 17.88 3.13 -1.99
N THR A 26 18.74 3.49 -2.95
CA THR A 26 19.25 2.52 -3.92
C THR A 26 20.50 1.83 -3.37
N ARG A 27 21.09 0.96 -4.17
CA ARG A 27 22.29 0.23 -3.74
C ARG A 27 23.44 1.19 -3.45
N ALA A 28 23.46 2.33 -4.14
CA ALA A 28 24.52 3.32 -3.96
C ALA A 28 24.31 4.20 -2.74
N GLN A 29 23.31 3.87 -1.91
CA GLN A 29 22.98 4.68 -0.74
C GLN A 29 22.45 6.05 -1.15
N GLN A 30 21.67 6.06 -2.22
CA GLN A 30 21.06 7.27 -2.74
C GLN A 30 19.53 7.12 -2.68
N PHE A 31 18.83 8.14 -2.23
CA PHE A 31 17.38 8.08 -2.12
C PHE A 31 16.70 8.61 -3.38
N VAL A 32 15.84 7.78 -3.98
CA VAL A 32 15.11 8.15 -5.18
C VAL A 32 13.62 7.87 -5.01
N SER A 33 12.78 8.68 -5.66
CA SER A 33 11.34 8.53 -5.55
C SER A 33 10.83 7.29 -6.29
N THR A 34 9.91 6.58 -5.64
CA THR A 34 9.33 5.36 -6.20
C THR A 34 7.86 5.21 -5.77
N LYS A 35 7.12 4.38 -6.49
CA LYS A 35 5.71 4.19 -6.17
C LYS A 35 5.27 2.74 -6.39
N ILE A 36 4.20 2.37 -5.70
CA ILE A 36 3.63 1.03 -5.79
C ILE A 36 2.11 1.18 -5.89
N ASN A 37 1.50 0.54 -6.89
CA ASN A 37 0.07 0.65 -7.09
C ASN A 37 -0.67 -0.43 -6.31
N LEU A 38 -1.52 -0.01 -5.37
CA LEU A 38 -2.27 -0.95 -4.55
C LEU A 38 -3.61 -1.32 -5.21
N ASP A 39 -4.05 -0.53 -6.19
CA ASP A 39 -5.33 -0.79 -6.84
C ASP A 39 -5.40 -2.21 -7.43
N ASP A 40 -4.33 -2.65 -8.10
CA ASP A 40 -4.31 -3.99 -8.67
C ASP A 40 -3.68 -5.01 -7.71
N HIS A 41 -3.08 -4.52 -6.62
CA HIS A 41 -2.47 -5.40 -5.63
C HIS A 41 -3.44 -5.64 -4.48
N ILE A 42 -3.74 -4.57 -3.76
CA ILE A 42 -4.68 -4.65 -2.64
C ILE A 42 -6.12 -4.60 -3.15
N ALA A 43 -7.00 -5.28 -2.43
CA ALA A 43 -8.42 -5.33 -2.79
C ALA A 43 -9.33 -5.19 -1.57
N ASN A 44 -10.63 -5.07 -1.83
CA ASN A 44 -11.62 -4.93 -0.77
C ASN A 44 -12.51 -6.17 -0.70
N ILE A 45 -12.33 -6.95 0.37
CA ILE A 45 -13.11 -8.16 0.57
C ILE A 45 -14.10 -7.98 1.71
N ASP A 46 -15.29 -7.49 1.39
CA ASP A 46 -16.35 -7.27 2.39
C ASP A 46 -15.96 -6.14 3.34
N GLY A 47 -15.35 -5.10 2.81
CA GLY A 47 -14.94 -3.97 3.63
C GLY A 47 -13.58 -4.15 4.29
N THR A 48 -12.93 -5.29 4.03
CA THR A 48 -11.63 -5.56 4.62
C THR A 48 -10.54 -5.61 3.55
N LEU A 49 -9.40 -5.02 3.88
CA LEU A 49 -8.28 -4.96 2.94
C LEU A 49 -7.55 -6.29 2.87
N LYS A 50 -7.58 -6.88 1.68
CA LYS A 50 -6.94 -8.16 1.42
C LYS A 50 -6.20 -8.11 0.10
N TRP A 51 -5.28 -9.03 -0.11
CA TRP A 51 -4.50 -9.08 -1.35
C TRP A 51 -5.27 -9.83 -2.45
N GLN A 52 -5.57 -9.12 -3.53
CA GLN A 52 -6.30 -9.70 -4.67
C GLN A 52 -6.35 -8.68 -5.81
N PRO A 53 -6.23 -9.14 -7.08
CA PRO A 53 -6.25 -8.24 -8.23
C PRO A 53 -7.60 -7.54 -8.40
N SER A 54 -7.84 -6.58 -7.52
CA SER A 54 -9.06 -5.78 -7.52
C SER A 54 -8.84 -4.54 -6.67
N ASN A 55 -9.26 -3.38 -7.17
CA ASN A 55 -9.05 -2.12 -6.44
C ASN A 55 -10.11 -1.89 -5.38
N PHE A 56 -9.69 -2.00 -4.12
CA PHE A 56 -10.56 -1.77 -2.98
C PHE A 56 -11.34 -0.46 -3.14
N SER A 57 -10.71 0.51 -3.83
CA SER A 57 -11.31 1.83 -4.04
C SER A 57 -12.74 1.75 -4.58
N GLN A 58 -13.15 0.61 -5.10
CA GLN A 58 -14.50 0.46 -5.64
C GLN A 58 -15.55 0.67 -4.55
N THR A 59 -15.20 0.35 -3.32
CA THR A 59 -16.13 0.53 -2.20
C THR A 59 -15.50 1.33 -1.06
N CYS A 60 -14.24 1.74 -1.22
CA CYS A 60 -13.55 2.46 -0.18
C CYS A 60 -13.30 3.92 -0.53
N TYR A 61 -13.29 4.78 0.50
CA TYR A 61 -13.06 6.20 0.33
C TYR A 61 -12.19 6.75 1.46
N ASN A 62 -11.53 7.87 1.22
CA ASN A 62 -10.65 8.48 2.22
C ASN A 62 -9.49 7.54 2.55
N SER A 63 -8.88 6.99 1.51
CA SER A 63 -7.74 6.10 1.69
C SER A 63 -6.53 6.86 2.21
N ALA A 64 -5.86 6.29 3.19
CA ALA A 64 -4.68 6.94 3.77
C ALA A 64 -3.61 5.91 4.15
N ILE A 65 -2.35 6.35 4.14
CA ILE A 65 -1.24 5.46 4.48
C ILE A 65 -0.32 6.08 5.53
N GLN A 66 0.13 5.23 6.45
CA GLN A 66 1.03 5.64 7.53
C GLN A 66 2.15 4.61 7.67
N GLY A 67 3.35 4.99 7.27
CA GLY A 67 4.48 4.07 7.33
C GLY A 67 4.29 2.93 6.36
N SER A 68 4.27 1.69 6.87
CA SER A 68 4.11 0.53 6.01
C SER A 68 2.67 0.00 6.04
N VAL A 69 1.81 0.61 6.86
CA VAL A 69 0.42 0.17 6.95
C VAL A 69 -0.52 1.09 6.18
N LEU A 70 -1.49 0.49 5.49
CA LEU A 70 -2.46 1.24 4.71
C LEU A 70 -3.79 1.33 5.47
N THR A 71 -4.28 2.55 5.67
CA THR A 71 -5.54 2.76 6.38
C THR A 71 -6.57 3.37 5.43
N SER A 72 -7.72 2.74 5.31
CA SER A 72 -8.77 3.24 4.41
C SER A 72 -10.16 2.83 4.89
N THR A 73 -11.16 3.63 4.52
CA THR A 73 -12.54 3.33 4.90
C THR A 73 -13.21 2.53 3.79
N CYS A 74 -13.78 1.37 4.12
CA CYS A 74 -14.41 0.53 3.12
C CYS A 74 -15.83 0.13 3.49
N GLU A 75 -16.68 0.02 2.48
CA GLU A 75 -18.07 -0.38 2.66
C GLU A 75 -18.16 -1.89 2.91
N ARG A 76 -18.98 -2.29 3.87
CA ARG A 76 -19.15 -3.70 4.20
C ARG A 76 -20.32 -4.30 3.42
N THR A 77 -20.19 -5.58 3.05
CA THR A 77 -21.24 -6.25 2.27
C THR A 77 -22.61 -6.10 2.92
N ASN A 78 -22.63 -5.93 4.24
CA ASN A 78 -23.88 -5.78 4.96
C ASN A 78 -24.39 -4.34 4.92
N GLY A 79 -23.67 -3.47 4.21
CA GLY A 79 -24.06 -2.09 4.11
C GLY A 79 -23.46 -1.24 5.20
N GLY A 80 -23.01 -0.06 4.82
CA GLY A 80 -22.38 0.85 5.77
C GLY A 80 -20.92 1.07 5.43
N TYR A 81 -20.17 1.70 6.32
CA TYR A 81 -18.76 1.96 6.09
C TYR A 81 -17.91 1.56 7.29
N ASN A 82 -16.73 1.00 7.01
CA ASN A 82 -15.81 0.56 8.06
C ASN A 82 -14.37 0.58 7.53
N THR A 83 -13.49 1.24 8.27
CA THR A 83 -12.09 1.33 7.87
C THR A 83 -11.26 0.21 8.47
N SER A 84 -10.43 -0.41 7.65
CA SER A 84 -9.58 -1.51 8.09
C SER A 84 -8.10 -1.15 7.91
N SER A 85 -7.23 -1.83 8.65
CA SER A 85 -5.80 -1.59 8.57
C SER A 85 -5.05 -2.85 8.14
N ILE A 86 -4.02 -2.68 7.32
CA ILE A 86 -3.22 -3.81 6.86
C ILE A 86 -1.76 -3.43 6.64
N ASP A 87 -0.84 -4.37 6.92
CA ASP A 87 0.59 -4.13 6.77
C ASP A 87 1.13 -4.74 5.48
N LEU A 88 1.71 -3.90 4.62
CA LEU A 88 2.25 -4.36 3.33
C LEU A 88 3.77 -4.50 3.34
N ASN A 89 4.43 -4.14 4.44
CA ASN A 89 5.89 -4.20 4.52
C ASN A 89 6.44 -5.52 3.97
N SER A 90 5.62 -6.57 4.02
CA SER A 90 6.04 -7.88 3.52
C SER A 90 5.92 -8.00 2.00
N VAL A 91 4.83 -7.49 1.42
CA VAL A 91 4.62 -7.60 -0.02
C VAL A 91 5.56 -6.70 -0.84
N ILE A 92 5.60 -5.40 -0.51
CA ILE A 92 6.44 -4.48 -1.23
C ILE A 92 7.90 -4.56 -0.76
N GLU A 93 8.83 -4.32 -1.68
CA GLU A 93 10.26 -4.40 -1.39
C GLU A 93 11.01 -3.26 -2.08
N ASN A 94 12.27 -3.03 -1.71
CA ASN A 94 13.06 -1.96 -2.33
C ASN A 94 14.09 -2.53 -3.30
N VAL A 95 13.77 -2.50 -4.58
CA VAL A 95 14.67 -3.00 -5.61
C VAL A 95 15.40 -1.85 -6.29
N ASP A 96 16.60 -1.56 -5.82
CA ASP A 96 17.41 -0.47 -6.37
C ASP A 96 16.65 0.85 -6.37
N GLY A 97 15.80 1.03 -5.36
CA GLY A 97 15.04 2.27 -5.25
C GLY A 97 13.67 2.19 -5.91
N SER A 98 13.11 0.98 -5.99
CA SER A 98 11.80 0.79 -6.61
C SER A 98 10.97 -0.20 -5.82
N LEU A 99 9.70 0.15 -5.58
CA LEU A 99 8.79 -0.71 -4.83
C LEU A 99 8.38 -1.93 -5.64
N LYS A 100 8.72 -3.12 -5.14
CA LYS A 100 8.41 -4.37 -5.84
C LYS A 100 7.62 -5.34 -4.97
N TYR A 101 6.65 -6.01 -5.58
CA TYR A 101 5.82 -6.99 -4.90
C TYR A 101 6.52 -8.35 -4.88
N GLU A 102 6.36 -9.08 -3.78
CA GLU A 102 6.99 -10.39 -3.65
C GLU A 102 6.45 -11.11 -2.42
N GLY A 1 13.23 -13.34 4.19
CA GLY A 1 13.17 -11.95 3.65
C GLY A 1 12.04 -11.77 2.65
N LEU A 2 10.82 -11.65 3.17
CA LEU A 2 9.65 -11.47 2.31
C LEU A 2 9.74 -10.18 1.52
N GLY A 3 9.99 -9.07 2.23
CA GLY A 3 10.10 -7.79 1.58
C GLY A 3 10.83 -6.76 2.43
N LYS A 4 10.11 -6.13 3.35
CA LYS A 4 10.69 -5.13 4.23
C LYS A 4 11.12 -3.90 3.43
N PHE A 5 10.13 -3.15 2.95
CA PHE A 5 10.40 -1.94 2.16
C PHE A 5 10.47 -0.70 3.05
N ILE A 6 9.59 -0.64 4.05
CA ILE A 6 9.56 0.50 4.96
C ILE A 6 10.83 0.59 5.81
N GLU A 7 11.64 -0.47 5.80
CA GLU A 7 12.88 -0.49 6.56
C GLU A 7 13.97 0.30 5.83
N THR A 8 13.85 0.38 4.50
CA THR A 8 14.82 1.10 3.68
C THR A 8 14.15 2.27 2.93
N CYS A 9 12.84 2.43 3.12
CA CYS A 9 12.11 3.50 2.45
C CYS A 9 11.64 4.55 3.45
N ARG A 10 11.46 5.78 2.95
CA ARG A 10 11.02 6.87 3.80
C ARG A 10 9.89 7.65 3.12
N ASN A 11 9.29 8.60 3.85
CA ASN A 11 8.20 9.42 3.34
C ASN A 11 7.11 8.59 2.67
N THR A 12 6.53 7.66 3.42
CA THR A 12 5.46 6.81 2.91
C THR A 12 4.15 7.59 2.93
N GLN A 13 3.43 7.55 1.81
CA GLN A 13 2.16 8.26 1.71
C GLN A 13 1.27 7.64 0.64
N LEU A 14 -0.02 7.96 0.70
CA LEU A 14 -0.97 7.44 -0.27
C LEU A 14 -1.21 8.45 -1.37
N ALA A 15 -1.23 7.96 -2.60
CA ALA A 15 -1.46 8.78 -3.77
C ALA A 15 -2.70 8.29 -4.49
N GLY A 16 -3.48 9.21 -5.06
CA GLY A 16 -4.69 8.81 -5.74
C GLY A 16 -5.62 8.06 -4.82
N SER A 17 -6.44 7.16 -5.37
CA SER A 17 -7.40 6.42 -4.57
C SER A 17 -6.80 5.15 -3.95
N SER A 18 -5.93 4.46 -4.69
CA SER A 18 -5.35 3.23 -4.17
C SER A 18 -3.87 3.08 -4.53
N GLU A 19 -3.15 4.19 -4.55
CA GLU A 19 -1.72 4.15 -4.86
C GLU A 19 -0.87 4.60 -3.67
N LEU A 20 0.31 4.00 -3.56
CA LEU A 20 1.24 4.33 -2.49
C LEU A 20 2.55 4.79 -3.09
N ALA A 21 3.00 5.98 -2.72
CA ALA A 21 4.25 6.51 -3.25
C ALA A 21 5.23 6.74 -2.11
N ALA A 22 6.51 6.50 -2.38
CA ALA A 22 7.55 6.66 -1.37
C ALA A 22 8.92 6.77 -2.02
N GLU A 23 9.93 7.07 -1.22
CA GLU A 23 11.30 7.16 -1.71
C GLU A 23 12.12 6.05 -1.07
N CYS A 24 12.91 5.34 -1.86
CA CYS A 24 13.71 4.25 -1.32
C CYS A 24 15.17 4.35 -1.76
N LYS A 25 16.07 4.17 -0.80
CA LYS A 25 17.49 4.24 -1.07
C LYS A 25 17.94 3.10 -1.99
N THR A 26 18.80 3.43 -2.94
CA THR A 26 19.32 2.45 -3.88
C THR A 26 20.54 1.75 -3.31
N ARG A 27 21.16 0.88 -4.11
CA ARG A 27 22.34 0.15 -3.67
C ARG A 27 23.50 1.10 -3.37
N ALA A 28 23.55 2.22 -4.08
CA ALA A 28 24.62 3.20 -3.90
C ALA A 28 24.37 4.12 -2.71
N GLN A 29 23.35 3.81 -1.89
CA GLN A 29 23.01 4.63 -0.73
C GLN A 29 22.48 6.00 -1.16
N GLN A 30 21.71 6.00 -2.25
CA GLN A 30 21.08 7.21 -2.76
C GLN A 30 19.57 7.06 -2.69
N PHE A 31 18.86 8.10 -2.27
CA PHE A 31 17.41 8.03 -2.15
C PHE A 31 16.70 8.57 -3.40
N VAL A 32 15.84 7.74 -3.97
CA VAL A 32 15.09 8.14 -5.17
C VAL A 32 13.60 7.85 -5.00
N SER A 33 12.77 8.64 -5.67
CA SER A 33 11.31 8.47 -5.58
C SER A 33 10.84 7.22 -6.30
N THR A 34 9.94 6.48 -5.64
CA THR A 34 9.37 5.27 -6.20
C THR A 34 7.90 5.15 -5.81
N LYS A 35 7.15 4.32 -6.53
CA LYS A 35 5.74 4.15 -6.24
C LYS A 35 5.28 2.70 -6.42
N ILE A 36 4.20 2.37 -5.73
CA ILE A 36 3.62 1.04 -5.78
C ILE A 36 2.09 1.17 -5.85
N ASN A 37 1.48 0.56 -6.86
CA ASN A 37 0.03 0.65 -7.03
C ASN A 37 -0.68 -0.43 -6.23
N LEU A 38 -1.53 -0.03 -5.28
CA LEU A 38 -2.27 -0.97 -4.45
C LEU A 38 -3.59 -1.37 -5.11
N ASP A 39 -4.03 -0.61 -6.11
CA ASP A 39 -5.30 -0.89 -6.77
C ASP A 39 -5.35 -2.30 -7.38
N ASP A 40 -4.28 -2.71 -8.05
CA ASP A 40 -4.24 -4.05 -8.64
C ASP A 40 -3.62 -5.05 -7.67
N HIS A 41 -3.05 -4.56 -6.59
CA HIS A 41 -2.43 -5.43 -5.58
C HIS A 41 -3.41 -5.65 -4.43
N ILE A 42 -3.66 -4.59 -3.68
CA ILE A 42 -4.59 -4.65 -2.56
C ILE A 42 -6.03 -4.60 -3.07
N ALA A 43 -6.92 -5.23 -2.32
CA ALA A 43 -8.34 -5.28 -2.68
C ALA A 43 -9.25 -5.14 -1.47
N ASN A 44 -10.54 -5.02 -1.73
CA ASN A 44 -11.55 -4.89 -0.68
C ASN A 44 -12.41 -6.13 -0.61
N ILE A 45 -12.23 -6.91 0.45
CA ILE A 45 -13.00 -8.13 0.64
C ILE A 45 -14.01 -8.00 1.78
N ASP A 46 -15.22 -7.54 1.45
CA ASP A 46 -16.28 -7.37 2.44
C ASP A 46 -15.94 -6.23 3.42
N GLY A 47 -15.36 -5.16 2.89
CA GLY A 47 -15.01 -4.05 3.74
C GLY A 47 -13.67 -4.22 4.44
N THR A 48 -13.01 -5.34 4.18
CA THR A 48 -11.71 -5.63 4.80
C THR A 48 -10.60 -5.63 3.75
N LEU A 49 -9.49 -5.02 4.09
CA LEU A 49 -8.36 -4.91 3.17
C LEU A 49 -7.59 -6.22 3.08
N LYS A 50 -7.60 -6.79 1.88
CA LYS A 50 -6.92 -8.05 1.61
C LYS A 50 -6.20 -7.96 0.27
N TRP A 51 -5.26 -8.87 0.02
CA TRP A 51 -4.51 -8.86 -1.22
C TRP A 51 -5.22 -9.65 -2.32
N GLN A 52 -5.52 -8.98 -3.42
CA GLN A 52 -6.20 -9.59 -4.55
C GLN A 52 -6.29 -8.61 -5.72
N PRO A 53 -6.17 -9.09 -6.97
CA PRO A 53 -6.22 -8.22 -8.15
C PRO A 53 -7.56 -7.52 -8.29
N SER A 54 -7.81 -6.59 -7.38
CA SER A 54 -9.04 -5.80 -7.37
C SER A 54 -8.80 -4.55 -6.54
N ASN A 55 -9.24 -3.41 -7.04
CA ASN A 55 -9.03 -2.14 -6.35
C ASN A 55 -10.08 -1.90 -5.28
N PHE A 56 -9.65 -2.01 -4.03
CA PHE A 56 -10.54 -1.77 -2.89
C PHE A 56 -11.32 -0.48 -3.09
N SER A 57 -10.69 0.48 -3.78
CA SER A 57 -11.30 1.78 -4.05
C SER A 57 -12.73 1.68 -4.58
N GLN A 58 -13.13 0.50 -5.04
CA GLN A 58 -14.48 0.32 -5.57
C GLN A 58 -15.54 0.53 -4.49
N THR A 59 -15.18 0.29 -3.24
CA THR A 59 -16.11 0.47 -2.13
C THR A 59 -15.46 1.23 -0.98
N CYS A 60 -14.23 1.71 -1.18
CA CYS A 60 -13.53 2.44 -0.13
C CYS A 60 -13.28 3.89 -0.52
N TYR A 61 -13.26 4.75 0.50
CA TYR A 61 -13.03 6.18 0.30
C TYR A 61 -12.18 6.73 1.44
N ASN A 62 -11.52 7.86 1.19
CA ASN A 62 -10.68 8.48 2.20
C ASN A 62 -9.51 7.57 2.57
N SER A 63 -8.86 7.02 1.55
CA SER A 63 -7.73 6.13 1.77
C SER A 63 -6.53 6.92 2.28
N ALA A 64 -5.85 6.37 3.27
CA ALA A 64 -4.69 7.01 3.86
C ALA A 64 -3.60 6.00 4.21
N ILE A 65 -2.36 6.44 4.17
CA ILE A 65 -1.24 5.58 4.49
C ILE A 65 -0.31 6.21 5.51
N GLN A 66 0.19 5.37 6.41
CA GLN A 66 1.11 5.81 7.46
C GLN A 66 2.21 4.76 7.62
N GLY A 67 3.42 5.11 7.20
CA GLY A 67 4.52 4.17 7.28
C GLY A 67 4.33 3.02 6.31
N SER A 68 4.30 1.80 6.82
CA SER A 68 4.14 0.63 5.97
C SER A 68 2.71 0.09 6.02
N VAL A 69 1.85 0.71 6.83
CA VAL A 69 0.46 0.27 6.93
C VAL A 69 -0.49 1.18 6.16
N LEU A 70 -1.46 0.56 5.49
CA LEU A 70 -2.45 1.30 4.71
C LEU A 70 -3.78 1.37 5.47
N THR A 71 -4.31 2.58 5.64
CA THR A 71 -5.56 2.77 6.34
C THR A 71 -6.60 3.38 5.40
N SER A 72 -7.75 2.72 5.28
CA SER A 72 -8.81 3.21 4.40
C SER A 72 -10.18 2.80 4.89
N THR A 73 -11.21 3.57 4.54
CA THR A 73 -12.57 3.25 4.94
C THR A 73 -13.24 2.44 3.83
N CYS A 74 -13.78 1.27 4.15
CA CYS A 74 -14.41 0.44 3.13
C CYS A 74 -15.82 0.05 3.49
N GLU A 75 -16.66 -0.05 2.47
CA GLU A 75 -18.05 -0.44 2.63
C GLU A 75 -18.16 -1.94 2.89
N ARG A 76 -19.00 -2.33 3.84
CA ARG A 76 -19.18 -3.74 4.17
C ARG A 76 -20.33 -4.32 3.36
N THR A 77 -20.18 -5.59 2.95
CA THR A 77 -21.20 -6.25 2.15
C THR A 77 -22.59 -6.14 2.78
N ASN A 78 -22.63 -6.01 4.10
CA ASN A 78 -23.91 -5.88 4.81
C ASN A 78 -24.42 -4.44 4.80
N GLY A 79 -23.68 -3.55 4.14
CA GLY A 79 -24.09 -2.17 4.07
C GLY A 79 -23.50 -1.32 5.18
N GLY A 80 -23.04 -0.14 4.80
CA GLY A 80 -22.42 0.76 5.75
C GLY A 80 -20.96 1.00 5.40
N TYR A 81 -20.21 1.63 6.30
CA TYR A 81 -18.80 1.92 6.06
C TYR A 81 -17.93 1.50 7.24
N ASN A 82 -16.75 0.96 6.96
CA ASN A 82 -15.82 0.51 7.99
C ASN A 82 -14.39 0.55 7.48
N THR A 83 -13.51 1.18 8.24
CA THR A 83 -12.10 1.30 7.87
C THR A 83 -11.28 0.17 8.46
N SER A 84 -10.42 -0.42 7.64
CA SER A 84 -9.56 -1.52 8.06
C SER A 84 -8.09 -1.17 7.83
N SER A 85 -7.20 -1.84 8.56
CA SER A 85 -5.78 -1.60 8.43
C SER A 85 -5.04 -2.86 8.01
N ILE A 86 -3.99 -2.69 7.20
CA ILE A 86 -3.19 -3.82 6.73
C ILE A 86 -1.72 -3.45 6.61
N ASP A 87 -0.84 -4.40 6.94
CA ASP A 87 0.60 -4.18 6.87
C ASP A 87 1.18 -4.72 5.55
N LEU A 88 1.72 -3.81 4.73
CA LEU A 88 2.28 -4.20 3.43
C LEU A 88 3.79 -4.40 3.47
N ASN A 89 4.43 -4.08 4.59
CA ASN A 89 5.89 -4.22 4.71
C ASN A 89 6.38 -5.56 4.13
N SER A 90 5.53 -6.57 4.16
CA SER A 90 5.89 -7.89 3.64
C SER A 90 5.74 -7.98 2.12
N VAL A 91 4.70 -7.35 1.57
CA VAL A 91 4.44 -7.42 0.14
C VAL A 91 5.40 -6.55 -0.69
N ILE A 92 5.51 -5.27 -0.36
CA ILE A 92 6.39 -4.36 -1.10
C ILE A 92 7.84 -4.50 -0.65
N GLU A 93 8.76 -4.30 -1.60
CA GLU A 93 10.19 -4.42 -1.35
C GLU A 93 10.94 -3.29 -2.02
N ASN A 94 12.19 -3.05 -1.64
CA ASN A 94 12.97 -1.98 -2.26
C ASN A 94 14.03 -2.55 -3.19
N VAL A 95 13.72 -2.53 -4.48
CA VAL A 95 14.65 -3.03 -5.50
C VAL A 95 15.41 -1.89 -6.17
N ASP A 96 16.62 -1.61 -5.70
CA ASP A 96 17.43 -0.55 -6.28
C ASP A 96 16.69 0.78 -6.31
N GLY A 97 15.83 1.01 -5.32
CA GLY A 97 15.07 2.25 -5.25
C GLY A 97 13.73 2.17 -5.95
N SER A 98 13.15 0.97 -5.99
CA SER A 98 11.86 0.77 -6.62
C SER A 98 11.01 -0.22 -5.84
N LEU A 99 9.73 0.12 -5.64
CA LEU A 99 8.83 -0.74 -4.88
C LEU A 99 8.39 -1.95 -5.71
N LYS A 100 8.72 -3.13 -5.20
CA LYS A 100 8.36 -4.39 -5.87
C LYS A 100 7.54 -5.28 -4.96
N TYR A 101 6.72 -6.13 -5.56
CA TYR A 101 5.88 -7.04 -4.79
C TYR A 101 6.61 -8.35 -4.48
N GLU A 102 7.00 -9.06 -5.54
CA GLU A 102 7.71 -10.33 -5.39
C GLU A 102 9.14 -10.21 -5.91
N GLY A 1 12.51 -14.59 3.05
CA GLY A 1 12.50 -13.12 2.87
C GLY A 1 11.25 -12.63 2.19
N LEU A 2 10.26 -12.26 2.99
CA LEU A 2 8.99 -11.76 2.45
C LEU A 2 9.17 -10.40 1.79
N GLY A 3 9.63 -9.42 2.58
CA GLY A 3 9.83 -8.08 2.05
C GLY A 3 9.98 -7.05 3.15
N LYS A 4 10.76 -6.00 2.87
CA LYS A 4 10.99 -4.93 3.84
C LYS A 4 11.34 -3.63 3.14
N PHE A 5 10.33 -2.88 2.74
CA PHE A 5 10.53 -1.59 2.05
C PHE A 5 10.54 -0.43 3.04
N ILE A 6 9.64 -0.47 4.01
CA ILE A 6 9.55 0.61 5.00
C ILE A 6 10.83 0.72 5.82
N GLU A 7 11.63 -0.35 5.84
CA GLU A 7 12.88 -0.35 6.58
C GLU A 7 13.96 0.38 5.80
N THR A 8 13.82 0.42 4.48
CA THR A 8 14.80 1.10 3.62
C THR A 8 14.16 2.25 2.84
N CYS A 9 12.95 2.66 3.22
CA CYS A 9 12.26 3.74 2.53
C CYS A 9 11.76 4.80 3.51
N ARG A 10 11.57 6.02 3.02
CA ARG A 10 11.10 7.11 3.85
C ARG A 10 9.95 7.85 3.17
N ASN A 11 9.33 8.77 3.92
CA ASN A 11 8.22 9.57 3.41
C ASN A 11 7.15 8.71 2.73
N THR A 12 6.60 7.76 3.47
CA THR A 12 5.54 6.90 2.94
C THR A 12 4.22 7.66 2.96
N GLN A 13 3.50 7.61 1.85
CA GLN A 13 2.22 8.29 1.73
C GLN A 13 1.34 7.67 0.65
N LEU A 14 0.06 8.00 0.69
CA LEU A 14 -0.89 7.48 -0.28
C LEU A 14 -1.12 8.47 -1.40
N ALA A 15 -1.14 7.97 -2.62
CA ALA A 15 -1.37 8.78 -3.80
C ALA A 15 -2.63 8.29 -4.50
N GLY A 16 -3.40 9.20 -5.06
CA GLY A 16 -4.63 8.80 -5.73
C GLY A 16 -5.56 8.04 -4.79
N SER A 17 -6.36 7.14 -5.34
CA SER A 17 -7.32 6.38 -4.52
C SER A 17 -6.72 5.12 -3.92
N SER A 18 -5.85 4.42 -4.65
CA SER A 18 -5.27 3.20 -4.14
C SER A 18 -3.79 3.06 -4.49
N GLU A 19 -3.06 4.17 -4.52
CA GLU A 19 -1.64 4.15 -4.82
C GLU A 19 -0.79 4.61 -3.64
N LEU A 20 0.41 4.04 -3.54
CA LEU A 20 1.35 4.37 -2.48
C LEU A 20 2.65 4.87 -3.09
N ALA A 21 3.08 6.07 -2.72
CA ALA A 21 4.32 6.62 -3.26
C ALA A 21 5.30 6.88 -2.12
N ALA A 22 6.58 6.65 -2.39
CA ALA A 22 7.62 6.83 -1.38
C ALA A 22 8.99 6.97 -2.03
N GLU A 23 9.99 7.29 -1.21
CA GLU A 23 11.36 7.39 -1.70
C GLU A 23 12.17 6.24 -1.10
N CYS A 24 12.95 5.55 -1.91
CA CYS A 24 13.74 4.42 -1.40
C CYS A 24 15.19 4.50 -1.84
N LYS A 25 16.08 4.26 -0.88
CA LYS A 25 17.51 4.30 -1.14
C LYS A 25 17.96 3.17 -2.06
N THR A 26 18.83 3.51 -3.01
CA THR A 26 19.34 2.53 -3.97
C THR A 26 20.56 1.82 -3.39
N ARG A 27 21.13 0.91 -4.18
CA ARG A 27 22.31 0.16 -3.73
C ARG A 27 23.48 1.09 -3.43
N ALA A 28 23.52 2.22 -4.13
CA ALA A 28 24.62 3.18 -3.94
C ALA A 28 24.38 4.11 -2.76
N GLN A 29 23.38 3.82 -1.94
CA GLN A 29 23.05 4.66 -0.78
C GLN A 29 22.54 6.03 -1.22
N GLN A 30 21.79 6.03 -2.31
CA GLN A 30 21.18 7.25 -2.83
C GLN A 30 19.66 7.11 -2.76
N PHE A 31 18.96 8.17 -2.34
CA PHE A 31 17.51 8.10 -2.23
C PHE A 31 16.81 8.61 -3.49
N VAL A 32 15.93 7.78 -4.05
CA VAL A 32 15.20 8.13 -5.26
C VAL A 32 13.71 7.85 -5.07
N SER A 33 12.87 8.62 -5.77
CA SER A 33 11.43 8.46 -5.66
C SER A 33 10.94 7.20 -6.37
N THR A 34 10.03 6.47 -5.69
CA THR A 34 9.46 5.25 -6.22
C THR A 34 7.99 5.13 -5.82
N LYS A 35 7.23 4.29 -6.52
CA LYS A 35 5.82 4.13 -6.22
C LYS A 35 5.36 2.69 -6.37
N ILE A 36 4.26 2.37 -5.68
CA ILE A 36 3.67 1.05 -5.71
C ILE A 36 2.15 1.18 -5.78
N ASN A 37 1.53 0.55 -6.78
CA ASN A 37 0.08 0.64 -6.95
C ASN A 37 -0.64 -0.42 -6.13
N LEU A 38 -1.47 0.00 -5.20
CA LEU A 38 -2.22 -0.92 -4.36
C LEU A 38 -3.55 -1.33 -4.99
N ASP A 39 -3.98 -0.61 -6.03
CA ASP A 39 -5.26 -0.90 -6.66
C ASP A 39 -5.31 -2.33 -7.22
N ASP A 40 -4.23 -2.79 -7.87
CA ASP A 40 -4.19 -4.14 -8.42
C ASP A 40 -3.60 -5.14 -7.43
N HIS A 41 -3.01 -4.64 -6.34
CA HIS A 41 -2.42 -5.50 -5.33
C HIS A 41 -3.40 -5.68 -4.18
N ILE A 42 -3.77 -4.56 -3.57
CA ILE A 42 -4.73 -4.57 -2.48
C ILE A 42 -6.15 -4.61 -3.02
N ALA A 43 -7.02 -5.28 -2.29
CA ALA A 43 -8.42 -5.42 -2.67
C ALA A 43 -9.35 -5.28 -1.48
N ASN A 44 -10.65 -5.18 -1.75
CA ASN A 44 -11.65 -5.03 -0.71
C ASN A 44 -12.54 -6.28 -0.64
N ILE A 45 -12.37 -7.05 0.43
CA ILE A 45 -13.15 -8.26 0.63
C ILE A 45 -14.16 -8.10 1.76
N ASP A 46 -15.36 -7.62 1.43
CA ASP A 46 -16.41 -7.40 2.42
C ASP A 46 -16.05 -6.26 3.36
N GLY A 47 -15.46 -5.20 2.81
CA GLY A 47 -15.09 -4.05 3.61
C GLY A 47 -13.77 -4.24 4.34
N THR A 48 -13.08 -5.35 4.06
CA THR A 48 -11.81 -5.64 4.69
C THR A 48 -10.68 -5.65 3.66
N LEU A 49 -9.56 -5.03 4.02
CA LEU A 49 -8.43 -4.94 3.11
C LEU A 49 -7.65 -6.25 3.05
N LYS A 50 -7.67 -6.85 1.87
CA LYS A 50 -6.98 -8.10 1.61
C LYS A 50 -6.25 -8.00 0.27
N TRP A 51 -5.30 -8.90 0.03
CA TRP A 51 -4.55 -8.86 -1.23
C TRP A 51 -5.27 -9.64 -2.32
N GLN A 52 -5.55 -8.95 -3.44
CA GLN A 52 -6.26 -9.56 -4.58
C GLN A 52 -6.24 -8.59 -5.75
N PRO A 53 -6.30 -9.09 -7.00
CA PRO A 53 -6.28 -8.25 -8.19
C PRO A 53 -7.61 -7.50 -8.39
N SER A 54 -7.91 -6.65 -7.43
CA SER A 54 -9.12 -5.83 -7.45
C SER A 54 -8.89 -4.60 -6.59
N ASN A 55 -9.29 -3.43 -7.09
CA ASN A 55 -9.07 -2.19 -6.35
C ASN A 55 -10.11 -1.95 -5.28
N PHE A 56 -9.70 -2.08 -4.03
CA PHE A 56 -10.57 -1.86 -2.88
C PHE A 56 -11.36 -0.56 -3.05
N SER A 57 -10.75 0.41 -3.75
CA SER A 57 -11.37 1.71 -3.98
C SER A 57 -12.81 1.61 -4.50
N GLN A 58 -13.19 0.43 -5.01
CA GLN A 58 -14.54 0.26 -5.54
C GLN A 58 -15.59 0.48 -4.46
N THR A 59 -15.21 0.22 -3.20
CA THR A 59 -16.13 0.40 -2.09
C THR A 59 -15.49 1.20 -0.96
N CYS A 60 -14.24 1.63 -1.15
CA CYS A 60 -13.55 2.38 -0.11
C CYS A 60 -13.32 3.83 -0.50
N TYR A 61 -13.30 4.69 0.51
CA TYR A 61 -13.10 6.13 0.31
C TYR A 61 -12.22 6.69 1.44
N ASN A 62 -11.56 7.81 1.17
CA ASN A 62 -10.68 8.43 2.16
C ASN A 62 -9.50 7.52 2.50
N SER A 63 -8.86 6.98 1.48
CA SER A 63 -7.70 6.11 1.67
C SER A 63 -6.51 6.91 2.19
N ALA A 64 -5.84 6.37 3.20
CA ALA A 64 -4.68 7.03 3.78
C ALA A 64 -3.59 6.04 4.16
N ILE A 65 -2.34 6.50 4.14
CA ILE A 65 -1.22 5.64 4.47
C ILE A 65 -0.32 6.27 5.54
N GLN A 66 0.11 5.43 6.48
CA GLN A 66 0.99 5.85 7.55
C GLN A 66 2.11 4.82 7.69
N GLY A 67 3.31 5.19 7.26
CA GLY A 67 4.43 4.27 7.33
C GLY A 67 4.27 3.12 6.36
N SER A 68 4.27 1.90 6.89
CA SER A 68 4.14 0.72 6.04
C SER A 68 2.72 0.17 6.04
N VAL A 69 1.83 0.76 6.85
CA VAL A 69 0.45 0.31 6.92
C VAL A 69 -0.50 1.22 6.15
N LEU A 70 -1.47 0.60 5.47
CA LEU A 70 -2.45 1.35 4.68
C LEU A 70 -3.78 1.43 5.44
N THR A 71 -4.29 2.63 5.62
CA THR A 71 -5.55 2.83 6.33
C THR A 71 -6.59 3.42 5.39
N SER A 72 -7.74 2.75 5.29
CA SER A 72 -8.80 3.23 4.41
C SER A 72 -10.18 2.80 4.92
N THR A 73 -11.21 3.56 4.56
CA THR A 73 -12.57 3.23 4.95
C THR A 73 -13.24 2.44 3.83
N CYS A 74 -13.79 1.27 4.15
CA CYS A 74 -14.43 0.44 3.13
C CYS A 74 -15.85 0.05 3.49
N GLU A 75 -16.69 -0.03 2.45
CA GLU A 75 -18.09 -0.43 2.60
C GLU A 75 -18.21 -1.93 2.85
N ARG A 76 -19.07 -2.31 3.79
CA ARG A 76 -19.27 -3.72 4.12
C ARG A 76 -20.43 -4.31 3.32
N THR A 77 -20.29 -5.57 2.93
CA THR A 77 -21.32 -6.26 2.16
C THR A 77 -22.70 -6.14 2.82
N ASN A 78 -22.72 -6.01 4.14
CA ASN A 78 -23.98 -5.90 4.87
C ASN A 78 -24.50 -4.46 4.87
N GLY A 79 -23.77 -3.57 4.20
CA GLY A 79 -24.17 -2.18 4.13
C GLY A 79 -23.56 -1.33 5.22
N GLY A 80 -23.09 -0.17 4.84
CA GLY A 80 -22.45 0.74 5.77
C GLY A 80 -20.98 0.95 5.41
N TYR A 81 -20.22 1.61 6.29
CA TYR A 81 -18.81 1.85 6.03
C TYR A 81 -17.95 1.42 7.22
N ASN A 82 -16.78 0.88 6.93
CA ASN A 82 -15.86 0.43 7.97
C ASN A 82 -14.42 0.47 7.46
N THR A 83 -13.53 1.09 8.23
CA THR A 83 -12.13 1.21 7.87
C THR A 83 -11.29 0.06 8.42
N SER A 84 -10.42 -0.49 7.58
CA SER A 84 -9.56 -1.59 7.97
C SER A 84 -8.09 -1.21 7.75
N SER A 85 -7.19 -1.88 8.46
CA SER A 85 -5.77 -1.60 8.34
C SER A 85 -4.99 -2.85 7.96
N ILE A 86 -3.94 -2.67 7.16
CA ILE A 86 -3.12 -3.79 6.71
C ILE A 86 -1.65 -3.39 6.55
N ASP A 87 -0.75 -4.30 6.91
CA ASP A 87 0.70 -4.06 6.81
C ASP A 87 1.26 -4.63 5.50
N LEU A 88 1.81 -3.77 4.66
CA LEU A 88 2.38 -4.19 3.37
C LEU A 88 3.89 -4.38 3.42
N ASN A 89 4.54 -4.03 4.53
CA ASN A 89 5.99 -4.14 4.65
C ASN A 89 6.51 -5.49 4.13
N SER A 90 5.68 -6.51 4.20
CA SER A 90 6.07 -7.84 3.74
C SER A 90 5.93 -7.98 2.22
N VAL A 91 4.86 -7.44 1.67
CA VAL A 91 4.61 -7.54 0.23
C VAL A 91 5.55 -6.65 -0.61
N ILE A 92 5.65 -5.39 -0.26
CA ILE A 92 6.50 -4.47 -1.02
C ILE A 92 7.96 -4.56 -0.57
N GLU A 93 8.86 -4.35 -1.52
CA GLU A 93 10.30 -4.44 -1.26
C GLU A 93 11.03 -3.31 -1.99
N ASN A 94 12.30 -3.07 -1.65
CA ASN A 94 13.05 -2.00 -2.29
C ASN A 94 14.10 -2.58 -3.24
N VAL A 95 13.78 -2.58 -4.52
CA VAL A 95 14.69 -3.09 -5.55
C VAL A 95 15.43 -1.94 -6.23
N ASP A 96 16.65 -1.66 -5.78
CA ASP A 96 17.45 -0.59 -6.36
C ASP A 96 16.70 0.73 -6.40
N GLY A 97 15.84 0.96 -5.40
CA GLY A 97 15.09 2.20 -5.34
C GLY A 97 13.72 2.11 -5.99
N SER A 98 13.14 0.91 -5.98
CA SER A 98 11.83 0.69 -6.57
C SER A 98 10.99 -0.27 -5.74
N LEU A 99 9.73 0.10 -5.50
CA LEU A 99 8.83 -0.73 -4.72
C LEU A 99 8.39 -1.96 -5.52
N LYS A 100 8.71 -3.13 -5.00
CA LYS A 100 8.37 -4.39 -5.67
C LYS A 100 7.57 -5.31 -4.77
N TYR A 101 6.59 -6.00 -5.37
CA TYR A 101 5.75 -6.94 -4.63
C TYR A 101 6.49 -8.26 -4.40
N GLU A 102 7.35 -8.62 -5.35
CA GLU A 102 8.11 -9.85 -5.25
C GLU A 102 9.60 -9.59 -5.49
N GLY A 1 14.32 -12.68 5.61
CA GLY A 1 14.32 -11.93 4.33
C GLY A 1 12.98 -11.99 3.61
N LEU A 2 12.07 -11.11 3.98
CA LEU A 2 10.75 -11.07 3.36
C LEU A 2 10.29 -9.63 3.13
N GLY A 3 10.48 -9.16 1.89
CA GLY A 3 10.08 -7.80 1.57
C GLY A 3 10.82 -6.75 2.38
N LYS A 4 10.14 -6.16 3.34
CA LYS A 4 10.73 -5.14 4.20
C LYS A 4 11.16 -3.92 3.39
N PHE A 5 10.17 -3.17 2.90
CA PHE A 5 10.44 -1.97 2.11
C PHE A 5 10.47 -0.73 3.00
N ILE A 6 9.58 -0.67 3.99
CA ILE A 6 9.52 0.47 4.89
C ILE A 6 10.81 0.60 5.71
N GLU A 7 11.57 -0.49 5.75
CA GLU A 7 12.83 -0.49 6.49
C GLU A 7 13.92 0.25 5.72
N THR A 8 13.79 0.28 4.39
CA THR A 8 14.76 0.96 3.53
C THR A 8 14.10 2.09 2.75
N CYS A 9 12.92 2.53 3.21
CA CYS A 9 12.19 3.59 2.53
C CYS A 9 11.68 4.63 3.53
N ARG A 10 11.47 5.84 3.05
CA ARG A 10 10.99 6.93 3.90
C ARG A 10 9.87 7.70 3.21
N ASN A 11 9.25 8.62 3.96
CA ASN A 11 8.17 9.45 3.45
C ASN A 11 7.09 8.62 2.74
N THR A 12 6.52 7.66 3.46
CA THR A 12 5.46 6.82 2.91
C THR A 12 4.13 7.58 2.95
N GLN A 13 3.39 7.53 1.85
CA GLN A 13 2.10 8.22 1.77
C GLN A 13 1.23 7.62 0.69
N LEU A 14 -0.07 7.93 0.73
CA LEU A 14 -1.01 7.42 -0.26
C LEU A 14 -1.25 8.44 -1.34
N ALA A 15 -1.24 7.97 -2.58
CA ALA A 15 -1.48 8.81 -3.74
C ALA A 15 -2.70 8.30 -4.49
N GLY A 16 -3.47 9.20 -5.09
CA GLY A 16 -4.66 8.79 -5.79
C GLY A 16 -5.61 8.03 -4.88
N SER A 17 -6.42 7.14 -5.46
CA SER A 17 -7.40 6.39 -4.65
C SER A 17 -6.80 5.13 -4.06
N SER A 18 -5.92 4.44 -4.78
CA SER A 18 -5.34 3.21 -4.27
C SER A 18 -3.86 3.08 -4.62
N GLU A 19 -3.14 4.20 -4.62
CA GLU A 19 -1.71 4.18 -4.92
C GLU A 19 -0.87 4.62 -3.73
N LEU A 20 0.30 4.03 -3.62
CA LEU A 20 1.23 4.36 -2.54
C LEU A 20 2.55 4.85 -3.15
N ALA A 21 2.99 6.04 -2.76
CA ALA A 21 4.23 6.59 -3.28
C ALA A 21 5.21 6.82 -2.14
N ALA A 22 6.49 6.59 -2.40
CA ALA A 22 7.52 6.75 -1.40
C ALA A 22 8.90 6.89 -2.03
N GLU A 23 9.90 7.19 -1.19
CA GLU A 23 11.27 7.29 -1.67
C GLU A 23 12.07 6.14 -1.07
N CYS A 24 12.86 5.45 -1.88
CA CYS A 24 13.64 4.33 -1.37
C CYS A 24 15.10 4.42 -1.80
N LYS A 25 15.99 4.21 -0.83
CA LYS A 25 17.42 4.27 -1.09
C LYS A 25 17.86 3.12 -2.00
N THR A 26 18.69 3.46 -2.97
CA THR A 26 19.20 2.48 -3.94
C THR A 26 20.43 1.78 -3.38
N ARG A 27 21.04 0.91 -4.19
CA ARG A 27 22.23 0.18 -3.77
C ARG A 27 23.37 1.13 -3.45
N ALA A 28 23.40 2.28 -4.13
CA ALA A 28 24.46 3.25 -3.93
C ALA A 28 24.22 4.14 -2.71
N GLN A 29 23.23 3.81 -1.90
CA GLN A 29 22.89 4.61 -0.73
C GLN A 29 22.37 5.99 -1.12
N GLN A 30 21.61 6.01 -2.21
CA GLN A 30 21.00 7.24 -2.71
C GLN A 30 19.48 7.09 -2.68
N PHE A 31 18.78 8.12 -2.22
CA PHE A 31 17.32 8.05 -2.12
C PHE A 31 16.64 8.60 -3.37
N VAL A 32 15.77 7.78 -3.96
CA VAL A 32 15.05 8.18 -5.16
C VAL A 32 13.56 7.92 -5.01
N SER A 33 12.75 8.69 -5.71
CA SER A 33 11.30 8.57 -5.63
C SER A 33 10.81 7.31 -6.35
N THR A 34 9.92 6.57 -5.67
CA THR A 34 9.36 5.34 -6.22
C THR A 34 7.89 5.23 -5.82
N LYS A 35 7.14 4.38 -6.53
CA LYS A 35 5.73 4.22 -6.25
C LYS A 35 5.27 2.77 -6.41
N ILE A 36 4.19 2.44 -5.71
CA ILE A 36 3.60 1.10 -5.75
C ILE A 36 2.08 1.24 -5.85
N ASN A 37 1.47 0.64 -6.86
CA ASN A 37 0.02 0.74 -7.04
C ASN A 37 -0.70 -0.37 -6.27
N LEU A 38 -1.57 0.04 -5.35
CA LEU A 38 -2.32 -0.93 -4.55
C LEU A 38 -3.63 -1.34 -5.23
N ASP A 39 -4.04 -0.60 -6.25
CA ASP A 39 -5.29 -0.89 -6.94
C ASP A 39 -5.34 -2.31 -7.51
N ASP A 40 -4.25 -2.74 -8.16
CA ASP A 40 -4.21 -4.08 -8.73
C ASP A 40 -3.60 -5.09 -7.75
N HIS A 41 -3.02 -4.58 -6.66
CA HIS A 41 -2.42 -5.44 -5.65
C HIS A 41 -3.40 -5.65 -4.49
N ILE A 42 -3.70 -4.57 -3.79
CA ILE A 42 -4.63 -4.63 -2.68
C ILE A 42 -6.07 -4.60 -3.18
N ALA A 43 -6.97 -5.23 -2.43
CA ALA A 43 -8.39 -5.29 -2.80
C ALA A 43 -9.29 -5.15 -1.58
N ASN A 44 -10.59 -5.03 -1.84
CA ASN A 44 -11.58 -4.90 -0.78
C ASN A 44 -12.47 -6.13 -0.72
N ILE A 45 -12.32 -6.91 0.34
CA ILE A 45 -13.11 -8.13 0.52
C ILE A 45 -14.10 -7.96 1.67
N ASP A 46 -15.31 -7.48 1.35
CA ASP A 46 -16.35 -7.28 2.35
C ASP A 46 -15.97 -6.14 3.31
N GLY A 47 -15.37 -5.09 2.76
CA GLY A 47 -14.98 -3.96 3.58
C GLY A 47 -13.66 -4.16 4.28
N THR A 48 -13.03 -5.32 4.04
CA THR A 48 -11.74 -5.62 4.66
C THR A 48 -10.62 -5.63 3.62
N LEU A 49 -9.50 -5.03 3.98
CA LEU A 49 -8.38 -4.93 3.05
C LEU A 49 -7.64 -6.26 2.96
N LYS A 50 -7.66 -6.83 1.76
CA LYS A 50 -7.01 -8.10 1.49
C LYS A 50 -6.24 -8.03 0.17
N TRP A 51 -5.31 -8.94 -0.03
CA TRP A 51 -4.53 -8.96 -1.26
C TRP A 51 -5.23 -9.73 -2.36
N GLN A 52 -5.53 -9.05 -3.47
CA GLN A 52 -6.21 -9.66 -4.60
C GLN A 52 -6.33 -8.66 -5.75
N PRO A 53 -6.17 -9.11 -7.00
CA PRO A 53 -6.24 -8.23 -8.18
C PRO A 53 -7.60 -7.56 -8.33
N SER A 54 -7.81 -6.55 -7.49
CA SER A 54 -9.04 -5.77 -7.49
C SER A 54 -8.82 -4.51 -6.65
N ASN A 55 -9.27 -3.37 -7.16
CA ASN A 55 -9.07 -2.10 -6.44
C ASN A 55 -10.10 -1.88 -5.35
N PHE A 56 -9.65 -1.98 -4.10
CA PHE A 56 -10.52 -1.76 -2.94
C PHE A 56 -11.30 -0.44 -3.09
N SER A 57 -10.68 0.53 -3.77
CA SER A 57 -11.28 1.85 -3.99
C SER A 57 -12.72 1.78 -4.50
N GLN A 58 -13.14 0.61 -5.00
CA GLN A 58 -14.48 0.47 -5.52
C GLN A 58 -15.53 0.67 -4.42
N THR A 59 -15.16 0.33 -3.19
CA THR A 59 -16.06 0.49 -2.06
C THR A 59 -15.41 1.26 -0.91
N CYS A 60 -14.16 1.69 -1.13
CA CYS A 60 -13.44 2.41 -0.08
C CYS A 60 -13.19 3.86 -0.47
N TYR A 61 -13.16 4.73 0.54
CA TYR A 61 -12.94 6.15 0.34
C TYR A 61 -12.10 6.72 1.49
N ASN A 62 -11.44 7.84 1.24
CA ASN A 62 -10.60 8.47 2.25
C ASN A 62 -9.43 7.55 2.61
N SER A 63 -8.82 6.96 1.59
CA SER A 63 -7.69 6.06 1.79
C SER A 63 -6.47 6.83 2.28
N ALA A 64 -5.78 6.26 3.27
CA ALA A 64 -4.60 6.90 3.83
C ALA A 64 -3.53 5.87 4.18
N ILE A 65 -2.28 6.30 4.16
CA ILE A 65 -1.17 5.42 4.48
C ILE A 65 -0.24 6.03 5.52
N GLN A 66 0.23 5.18 6.43
CA GLN A 66 1.14 5.60 7.48
C GLN A 66 2.24 4.55 7.62
N GLY A 67 3.44 4.91 7.18
CA GLY A 67 4.55 3.96 7.23
C GLY A 67 4.33 2.81 6.27
N SER A 68 4.29 1.58 6.79
CA SER A 68 4.11 0.41 5.94
C SER A 68 2.67 -0.11 5.99
N VAL A 69 1.83 0.48 6.82
CA VAL A 69 0.43 0.05 6.94
C VAL A 69 -0.51 0.96 6.18
N LEU A 70 -1.49 0.37 5.50
CA LEU A 70 -2.47 1.12 4.72
C LEU A 70 -3.77 1.25 5.50
N THR A 71 -4.24 2.48 5.70
CA THR A 71 -5.49 2.73 6.42
C THR A 71 -6.51 3.34 5.49
N SER A 72 -7.67 2.70 5.36
CA SER A 72 -8.71 3.20 4.47
C SER A 72 -10.10 2.81 4.96
N THR A 73 -11.11 3.59 4.60
CA THR A 73 -12.48 3.28 4.98
C THR A 73 -13.15 2.50 3.86
N CYS A 74 -13.70 1.34 4.19
CA CYS A 74 -14.33 0.50 3.17
C CYS A 74 -15.76 0.13 3.54
N GLU A 75 -16.60 0.06 2.50
CA GLU A 75 -18.00 -0.32 2.65
C GLU A 75 -18.12 -1.82 2.90
N ARG A 76 -18.99 -2.21 3.84
CA ARG A 76 -19.19 -3.61 4.15
C ARG A 76 -20.33 -4.18 3.33
N THR A 77 -20.21 -5.45 2.92
CA THR A 77 -21.23 -6.10 2.11
C THR A 77 -22.62 -5.98 2.75
N ASN A 78 -22.66 -5.85 4.07
CA ASN A 78 -23.93 -5.72 4.79
C ASN A 78 -24.44 -4.28 4.79
N GLY A 79 -23.71 -3.39 4.12
CA GLY A 79 -24.11 -1.99 4.06
C GLY A 79 -23.50 -1.16 5.16
N GLY A 80 -23.02 0.01 4.79
CA GLY A 80 -22.39 0.90 5.75
C GLY A 80 -20.93 1.11 5.41
N TYR A 81 -20.17 1.73 6.31
CA TYR A 81 -18.75 1.99 6.08
C TYR A 81 -17.90 1.53 7.27
N ASN A 82 -16.73 0.97 6.97
CA ASN A 82 -15.83 0.48 8.00
C ASN A 82 -14.38 0.51 7.49
N THR A 83 -13.49 1.11 8.27
CA THR A 83 -12.08 1.22 7.90
C THR A 83 -11.25 0.08 8.48
N SER A 84 -10.40 -0.50 7.64
CA SER A 84 -9.54 -1.61 8.04
C SER A 84 -8.07 -1.26 7.81
N SER A 85 -7.18 -1.95 8.52
CA SER A 85 -5.75 -1.70 8.40
C SER A 85 -5.00 -2.97 8.00
N ILE A 86 -3.95 -2.81 7.20
CA ILE A 86 -3.14 -3.94 6.75
C ILE A 86 -1.66 -3.57 6.62
N ASP A 87 -0.79 -4.52 6.95
CA ASP A 87 0.66 -4.31 6.87
C ASP A 87 1.21 -4.88 5.55
N LEU A 88 1.75 -4.01 4.71
CA LEU A 88 2.29 -4.41 3.40
C LEU A 88 3.81 -4.60 3.43
N ASN A 89 4.46 -4.30 4.54
CA ASN A 89 5.91 -4.42 4.64
C ASN A 89 6.41 -5.75 4.04
N SER A 90 5.57 -6.77 4.07
CA SER A 90 5.93 -8.07 3.53
C SER A 90 5.78 -8.15 2.00
N VAL A 91 4.70 -7.58 1.49
CA VAL A 91 4.42 -7.62 0.06
C VAL A 91 5.35 -6.72 -0.77
N ILE A 92 5.45 -5.45 -0.40
CA ILE A 92 6.29 -4.52 -1.14
C ILE A 92 7.75 -4.61 -0.69
N GLU A 93 8.67 -4.39 -1.63
CA GLU A 93 10.10 -4.47 -1.36
C GLU A 93 10.83 -3.35 -2.07
N ASN A 94 12.11 -3.12 -1.72
CA ASN A 94 12.88 -2.06 -2.36
C ASN A 94 13.92 -2.64 -3.30
N VAL A 95 13.60 -2.64 -4.59
CA VAL A 95 14.50 -3.15 -5.61
C VAL A 95 15.28 -2.01 -6.29
N ASP A 96 16.51 -1.77 -5.83
CA ASP A 96 17.34 -0.70 -6.40
C ASP A 96 16.61 0.64 -6.40
N GLY A 97 15.78 0.86 -5.39
CA GLY A 97 15.06 2.12 -5.29
C GLY A 97 13.68 2.06 -5.92
N SER A 98 13.08 0.88 -5.94
CA SER A 98 11.75 0.71 -6.53
C SER A 98 10.91 -0.26 -5.71
N LEU A 99 9.65 0.11 -5.49
CA LEU A 99 8.73 -0.73 -4.73
C LEU A 99 8.28 -1.93 -5.55
N LYS A 100 8.57 -3.13 -5.04
CA LYS A 100 8.20 -4.37 -5.74
C LYS A 100 7.35 -5.26 -4.86
N TYR A 101 6.32 -5.85 -5.45
CA TYR A 101 5.41 -6.73 -4.73
C TYR A 101 5.99 -8.14 -4.63
N GLU A 102 6.81 -8.51 -5.62
CA GLU A 102 7.43 -9.82 -5.66
C GLU A 102 8.81 -9.79 -4.99
N GLY A 1 13.52 -12.70 4.75
CA GLY A 1 13.45 -11.30 4.23
C GLY A 1 12.09 -10.96 3.65
N LEU A 2 11.63 -11.77 2.70
CA LEU A 2 10.33 -11.55 2.07
C LEU A 2 10.31 -10.22 1.32
N GLY A 3 10.14 -9.13 2.06
CA GLY A 3 10.12 -7.82 1.46
C GLY A 3 10.84 -6.77 2.29
N LYS A 4 10.12 -6.19 3.25
CA LYS A 4 10.70 -5.17 4.12
C LYS A 4 11.12 -3.94 3.33
N PHE A 5 10.14 -3.20 2.84
CA PHE A 5 10.40 -1.98 2.05
C PHE A 5 10.46 -0.74 2.94
N ILE A 6 9.61 -0.69 3.97
CA ILE A 6 9.60 0.46 4.86
C ILE A 6 10.88 0.54 5.69
N GLU A 7 11.68 -0.53 5.66
CA GLU A 7 12.93 -0.56 6.40
C GLU A 7 14.00 0.27 5.67
N THR A 8 13.84 0.39 4.34
CA THR A 8 14.79 1.15 3.53
C THR A 8 14.08 2.32 2.84
N CYS A 9 12.77 2.43 3.01
CA CYS A 9 12.02 3.51 2.37
C CYS A 9 11.57 4.54 3.40
N ARG A 10 11.43 5.79 2.95
CA ARG A 10 10.99 6.88 3.80
C ARG A 10 9.88 7.68 3.13
N ASN A 11 9.30 8.61 3.86
CA ASN A 11 8.21 9.45 3.35
C ASN A 11 7.13 8.62 2.67
N THR A 12 6.56 7.69 3.41
CA THR A 12 5.50 6.84 2.90
C THR A 12 4.18 7.60 2.93
N GLN A 13 3.45 7.55 1.82
CA GLN A 13 2.19 8.25 1.72
C GLN A 13 1.30 7.65 0.63
N LEU A 14 0.02 7.98 0.67
CA LEU A 14 -0.94 7.47 -0.31
C LEU A 14 -1.16 8.47 -1.42
N ALA A 15 -1.18 7.98 -2.65
CA ALA A 15 -1.41 8.80 -3.82
C ALA A 15 -2.65 8.32 -4.54
N GLY A 16 -3.44 9.23 -5.10
CA GLY A 16 -4.65 8.83 -5.78
C GLY A 16 -5.59 8.09 -4.85
N SER A 17 -6.41 7.20 -5.39
CA SER A 17 -7.37 6.47 -4.57
C SER A 17 -6.78 5.20 -3.96
N SER A 18 -5.91 4.50 -4.69
CA SER A 18 -5.34 3.28 -4.17
C SER A 18 -3.86 3.12 -4.53
N GLU A 19 -3.12 4.22 -4.58
CA GLU A 19 -1.69 4.16 -4.88
C GLU A 19 -0.85 4.62 -3.71
N LEU A 20 0.35 4.04 -3.60
CA LEU A 20 1.28 4.38 -2.54
C LEU A 20 2.60 4.85 -3.14
N ALA A 21 3.05 6.05 -2.78
CA ALA A 21 4.30 6.57 -3.30
C ALA A 21 5.28 6.80 -2.16
N ALA A 22 6.56 6.55 -2.42
CA ALA A 22 7.58 6.71 -1.41
C ALA A 22 8.96 6.83 -2.04
N GLU A 23 9.97 7.13 -1.24
CA GLU A 23 11.34 7.21 -1.73
C GLU A 23 12.17 6.13 -1.04
N CYS A 24 12.97 5.40 -1.82
CA CYS A 24 13.78 4.35 -1.25
C CYS A 24 15.23 4.43 -1.70
N LYS A 25 16.14 4.24 -0.77
CA LYS A 25 17.57 4.30 -1.06
C LYS A 25 18.01 3.17 -1.98
N THR A 26 18.84 3.50 -2.96
CA THR A 26 19.36 2.53 -3.93
C THR A 26 20.60 1.83 -3.38
N ARG A 27 21.20 0.98 -4.21
CA ARG A 27 22.40 0.24 -3.80
C ARG A 27 23.56 1.19 -3.46
N ALA A 28 23.60 2.32 -4.14
CA ALA A 28 24.67 3.29 -3.92
C ALA A 28 24.41 4.20 -2.72
N GLN A 29 23.39 3.88 -1.93
CA GLN A 29 23.04 4.69 -0.77
C GLN A 29 22.53 6.07 -1.18
N GLN A 30 21.73 6.08 -2.25
CA GLN A 30 21.12 7.30 -2.76
C GLN A 30 19.60 7.14 -2.70
N PHE A 31 18.90 8.17 -2.25
CA PHE A 31 17.44 8.10 -2.14
C PHE A 31 16.75 8.63 -3.39
N VAL A 32 15.88 7.81 -3.98
CA VAL A 32 15.14 8.20 -5.17
C VAL A 32 13.67 7.87 -5.02
N SER A 33 12.81 8.67 -5.64
CA SER A 33 11.37 8.48 -5.54
C SER A 33 10.90 7.24 -6.31
N THR A 34 9.97 6.50 -5.68
CA THR A 34 9.41 5.29 -6.26
C THR A 34 7.93 5.17 -5.88
N LYS A 35 7.18 4.36 -6.63
CA LYS A 35 5.77 4.20 -6.36
C LYS A 35 5.30 2.75 -6.50
N ILE A 36 4.22 2.43 -5.79
CA ILE A 36 3.62 1.11 -5.81
C ILE A 36 2.10 1.25 -5.87
N ASN A 37 1.47 0.63 -6.86
CA ASN A 37 0.02 0.73 -7.03
C ASN A 37 -0.70 -0.36 -6.24
N LEU A 38 -1.56 0.05 -5.32
CA LEU A 38 -2.30 -0.90 -4.49
C LEU A 38 -3.63 -1.30 -5.15
N ASP A 39 -4.08 -0.54 -6.14
CA ASP A 39 -5.34 -0.82 -6.79
C ASP A 39 -5.38 -2.24 -7.39
N ASP A 40 -4.29 -2.65 -8.04
CA ASP A 40 -4.22 -3.99 -8.62
C ASP A 40 -3.61 -4.99 -7.66
N HIS A 41 -3.02 -4.50 -6.57
CA HIS A 41 -2.39 -5.37 -5.58
C HIS A 41 -3.35 -5.60 -4.43
N ILE A 42 -3.65 -4.54 -3.69
CA ILE A 42 -4.58 -4.62 -2.57
C ILE A 42 -6.02 -4.57 -3.07
N ALA A 43 -6.91 -5.25 -2.35
CA ALA A 43 -8.33 -5.31 -2.73
C ALA A 43 -9.25 -5.24 -1.51
N ASN A 44 -10.55 -5.09 -1.79
CA ASN A 44 -11.55 -4.99 -0.73
C ASN A 44 -12.48 -6.21 -0.75
N ILE A 45 -12.40 -7.03 0.30
CA ILE A 45 -13.24 -8.22 0.40
C ILE A 45 -14.24 -8.09 1.55
N ASP A 46 -15.41 -7.54 1.24
CA ASP A 46 -16.47 -7.35 2.25
C ASP A 46 -16.09 -6.28 3.25
N GLY A 47 -15.41 -5.24 2.78
CA GLY A 47 -15.02 -4.15 3.65
C GLY A 47 -13.68 -4.39 4.33
N THR A 48 -13.04 -5.52 4.05
CA THR A 48 -11.76 -5.83 4.66
C THR A 48 -10.62 -5.81 3.64
N LEU A 49 -9.51 -5.19 4.03
CA LEU A 49 -8.37 -5.05 3.13
C LEU A 49 -7.58 -6.35 3.02
N LYS A 50 -7.57 -6.89 1.80
CA LYS A 50 -6.86 -8.12 1.50
C LYS A 50 -6.13 -7.99 0.16
N TRP A 51 -5.17 -8.88 -0.09
CA TRP A 51 -4.41 -8.83 -1.33
C TRP A 51 -5.11 -9.62 -2.44
N GLN A 52 -5.41 -8.94 -3.54
CA GLN A 52 -6.10 -9.56 -4.67
C GLN A 52 -6.21 -8.55 -5.83
N PRO A 53 -6.10 -9.02 -7.09
CA PRO A 53 -6.18 -8.13 -8.25
C PRO A 53 -7.54 -7.46 -8.40
N SER A 54 -7.80 -6.52 -7.49
CA SER A 54 -9.04 -5.75 -7.48
C SER A 54 -8.83 -4.50 -6.62
N ASN A 55 -9.24 -3.34 -7.11
CA ASN A 55 -9.04 -2.09 -6.36
C ASN A 55 -10.08 -1.88 -5.28
N PHE A 56 -9.65 -1.99 -4.03
CA PHE A 56 -10.51 -1.79 -2.89
C PHE A 56 -11.30 -0.48 -3.05
N SER A 57 -10.70 0.47 -3.75
CA SER A 57 -11.31 1.78 -3.99
C SER A 57 -12.75 1.69 -4.47
N GLN A 58 -13.16 0.53 -4.99
CA GLN A 58 -14.51 0.36 -5.50
C GLN A 58 -15.55 0.56 -4.39
N THR A 59 -15.18 0.24 -3.16
CA THR A 59 -16.10 0.40 -2.03
C THR A 59 -15.45 1.20 -0.90
N CYS A 60 -14.20 1.61 -1.08
CA CYS A 60 -13.49 2.34 -0.04
C CYS A 60 -13.24 3.80 -0.44
N TYR A 61 -13.22 4.67 0.59
CA TYR A 61 -13.00 6.10 0.38
C TYR A 61 -12.15 6.66 1.52
N ASN A 62 -11.49 7.78 1.26
CA ASN A 62 -10.64 8.42 2.26
C ASN A 62 -9.46 7.51 2.61
N SER A 63 -8.82 6.97 1.58
CA SER A 63 -7.68 6.09 1.77
C SER A 63 -6.48 6.86 2.29
N ALA A 64 -5.79 6.28 3.27
CA ALA A 64 -4.62 6.93 3.85
C ALA A 64 -3.53 5.91 4.18
N ILE A 65 -2.28 6.36 4.16
CA ILE A 65 -1.16 5.50 4.44
C ILE A 65 -0.20 6.12 5.47
N GLN A 66 0.26 5.29 6.39
CA GLN A 66 1.20 5.72 7.43
C GLN A 66 2.29 4.68 7.57
N GLY A 67 3.51 5.05 7.18
CA GLY A 67 4.61 4.12 7.26
C GLY A 67 4.41 2.96 6.29
N SER A 68 4.37 1.75 6.82
CA SER A 68 4.19 0.57 5.97
C SER A 68 2.75 0.05 6.00
N VAL A 69 1.90 0.66 6.83
CA VAL A 69 0.50 0.22 6.92
C VAL A 69 -0.44 1.13 6.15
N LEU A 70 -1.40 0.52 5.45
CA LEU A 70 -2.39 1.27 4.68
C LEU A 70 -3.72 1.32 5.43
N THR A 71 -4.22 2.53 5.67
CA THR A 71 -5.47 2.71 6.38
C THR A 71 -6.51 3.32 5.46
N SER A 72 -7.67 2.67 5.33
CA SER A 72 -8.73 3.16 4.46
C SER A 72 -10.11 2.75 4.95
N THR A 73 -11.12 3.54 4.60
CA THR A 73 -12.49 3.23 4.99
C THR A 73 -13.18 2.43 3.88
N CYS A 74 -13.73 1.27 4.21
CA CYS A 74 -14.38 0.44 3.20
C CYS A 74 -15.81 0.07 3.57
N GLU A 75 -16.67 0.04 2.56
CA GLU A 75 -18.06 -0.34 2.73
C GLU A 75 -18.20 -1.85 2.93
N ARG A 76 -19.09 -2.25 3.82
CA ARG A 76 -19.31 -3.67 4.10
C ARG A 76 -20.46 -4.20 3.24
N THR A 77 -20.33 -5.45 2.79
CA THR A 77 -21.34 -6.07 1.95
C THR A 77 -22.74 -5.97 2.57
N ASN A 78 -22.80 -5.94 3.89
CA ASN A 78 -24.07 -5.84 4.60
C ASN A 78 -24.56 -4.39 4.67
N GLY A 79 -23.82 -3.47 4.05
CA GLY A 79 -24.20 -2.07 4.07
C GLY A 79 -23.58 -1.31 5.20
N GLY A 80 -23.06 -0.14 4.88
CA GLY A 80 -22.40 0.70 5.86
C GLY A 80 -20.95 0.94 5.50
N TYR A 81 -20.21 1.61 6.37
CA TYR A 81 -18.79 1.88 6.11
C TYR A 81 -17.93 1.46 7.30
N ASN A 82 -16.76 0.90 7.00
CA ASN A 82 -15.83 0.46 8.04
C ASN A 82 -14.40 0.47 7.52
N THR A 83 -13.50 1.08 8.30
CA THR A 83 -12.09 1.18 7.91
C THR A 83 -11.28 0.03 8.48
N SER A 84 -10.43 -0.55 7.64
CA SER A 84 -9.58 -1.66 8.04
C SER A 84 -8.11 -1.29 7.82
N SER A 85 -7.23 -1.98 8.53
CA SER A 85 -5.80 -1.71 8.41
C SER A 85 -5.03 -2.97 8.01
N ILE A 86 -3.97 -2.79 7.23
CA ILE A 86 -3.15 -3.91 6.78
C ILE A 86 -1.67 -3.52 6.65
N ASP A 87 -0.78 -4.45 6.99
CA ASP A 87 0.67 -4.22 6.90
C ASP A 87 1.22 -4.77 5.58
N LEU A 88 1.76 -3.88 4.76
CA LEU A 88 2.31 -4.28 3.45
C LEU A 88 3.83 -4.52 3.46
N ASN A 89 4.49 -4.24 4.58
CA ASN A 89 5.94 -4.41 4.67
C ASN A 89 6.41 -5.73 4.04
N SER A 90 5.54 -6.73 4.05
CA SER A 90 5.88 -8.04 3.48
C SER A 90 5.74 -8.08 1.96
N VAL A 91 4.70 -7.44 1.43
CA VAL A 91 4.45 -7.47 -0.01
C VAL A 91 5.42 -6.60 -0.81
N ILE A 92 5.54 -5.32 -0.44
CA ILE A 92 6.42 -4.41 -1.16
C ILE A 92 7.87 -4.53 -0.71
N GLU A 93 8.79 -4.33 -1.65
CA GLU A 93 10.22 -4.42 -1.39
C GLU A 93 10.95 -3.29 -2.11
N ASN A 94 12.22 -3.05 -1.76
CA ASN A 94 12.99 -1.98 -2.40
C ASN A 94 14.04 -2.57 -3.33
N VAL A 95 13.71 -2.57 -4.62
CA VAL A 95 14.63 -3.06 -5.65
C VAL A 95 15.38 -1.91 -6.30
N ASP A 96 16.61 -1.66 -5.84
CA ASP A 96 17.42 -0.58 -6.40
C ASP A 96 16.68 0.75 -6.37
N GLY A 97 15.84 0.93 -5.36
CA GLY A 97 15.10 2.18 -5.23
C GLY A 97 13.73 2.13 -5.88
N SER A 98 13.14 0.93 -5.94
CA SER A 98 11.82 0.77 -6.55
C SER A 98 10.97 -0.23 -5.75
N LEU A 99 9.71 0.14 -5.54
CA LEU A 99 8.78 -0.71 -4.79
C LEU A 99 8.35 -1.92 -5.61
N LYS A 100 8.65 -3.11 -5.11
CA LYS A 100 8.31 -4.35 -5.80
C LYS A 100 7.47 -5.27 -4.92
N TYR A 101 6.46 -5.89 -5.51
CA TYR A 101 5.59 -6.80 -4.78
C TYR A 101 6.28 -8.15 -4.64
N GLU A 102 5.96 -8.87 -3.57
CA GLU A 102 6.55 -10.17 -3.33
C GLU A 102 5.81 -10.91 -2.22
N GLY A 1 12.91 -15.32 1.19
CA GLY A 1 13.24 -13.95 1.67
C GLY A 1 12.01 -13.07 1.84
N LEU A 2 12.04 -12.18 2.82
CA LEU A 2 10.92 -11.29 3.08
C LEU A 2 11.12 -9.94 2.40
N GLY A 3 10.02 -9.22 2.20
CA GLY A 3 10.09 -7.91 1.56
C GLY A 3 10.85 -6.90 2.39
N LYS A 4 10.13 -6.24 3.32
CA LYS A 4 10.73 -5.24 4.19
C LYS A 4 11.19 -4.03 3.37
N PHE A 5 10.23 -3.23 2.91
CA PHE A 5 10.52 -2.03 2.11
C PHE A 5 10.55 -0.78 2.99
N ILE A 6 9.66 -0.71 3.97
CA ILE A 6 9.61 0.44 4.86
C ILE A 6 10.88 0.55 5.70
N GLU A 7 11.66 -0.53 5.74
CA GLU A 7 12.91 -0.53 6.49
C GLU A 7 13.99 0.24 5.74
N THR A 8 13.87 0.29 4.41
CA THR A 8 14.83 1.02 3.60
C THR A 8 14.14 2.14 2.81
N CYS A 9 12.95 2.54 3.24
CA CYS A 9 12.20 3.59 2.56
C CYS A 9 11.70 4.65 3.54
N ARG A 10 11.48 5.86 3.01
CA ARG A 10 11.00 6.97 3.82
C ARG A 10 9.89 7.73 3.10
N ASN A 11 9.26 8.68 3.79
CA ASN A 11 8.18 9.47 3.23
C ASN A 11 7.10 8.61 2.57
N THR A 12 6.53 7.70 3.35
CA THR A 12 5.46 6.84 2.85
C THR A 12 4.15 7.60 2.87
N GLN A 13 3.43 7.56 1.76
CA GLN A 13 2.15 8.27 1.65
C GLN A 13 1.27 7.64 0.58
N LEU A 14 -0.02 7.98 0.63
CA LEU A 14 -0.98 7.45 -0.33
C LEU A 14 -1.25 8.46 -1.44
N ALA A 15 -1.28 7.95 -2.66
CA ALA A 15 -1.54 8.76 -3.83
C ALA A 15 -2.79 8.27 -4.53
N GLY A 16 -3.59 9.18 -5.08
CA GLY A 16 -4.81 8.77 -5.75
C GLY A 16 -5.74 8.02 -4.83
N SER A 17 -6.53 7.10 -5.37
CA SER A 17 -7.50 6.35 -4.56
C SER A 17 -6.89 5.11 -3.93
N SER A 18 -6.00 4.42 -4.65
CA SER A 18 -5.40 3.21 -4.11
C SER A 18 -3.93 3.04 -4.49
N GLU A 19 -3.19 4.14 -4.57
CA GLU A 19 -1.76 4.09 -4.90
C GLU A 19 -0.90 4.54 -3.73
N LEU A 20 0.28 3.95 -3.61
CA LEU A 20 1.22 4.29 -2.54
C LEU A 20 2.53 4.78 -3.16
N ALA A 21 2.94 5.99 -2.81
CA ALA A 21 4.19 6.52 -3.34
C ALA A 21 5.13 6.83 -2.19
N ALA A 22 6.42 6.62 -2.44
CA ALA A 22 7.45 6.84 -1.43
C ALA A 22 8.82 6.97 -2.07
N GLU A 23 9.82 7.32 -1.28
CA GLU A 23 11.19 7.41 -1.77
C GLU A 23 12.01 6.31 -1.11
N CYS A 24 12.82 5.60 -1.90
CA CYS A 24 13.60 4.50 -1.33
C CYS A 24 15.07 4.59 -1.74
N LYS A 25 15.95 4.39 -0.77
CA LYS A 25 17.38 4.44 -1.00
C LYS A 25 17.85 3.29 -1.89
N THR A 26 18.68 3.62 -2.86
CA THR A 26 19.22 2.62 -3.78
C THR A 26 20.45 1.95 -3.18
N ARG A 27 21.04 1.03 -3.91
CA ARG A 27 22.22 0.31 -3.44
C ARG A 27 23.36 1.26 -3.12
N ALA A 28 23.42 2.39 -3.83
CA ALA A 28 24.49 3.37 -3.63
C ALA A 28 24.21 4.32 -2.46
N GLN A 29 23.19 4.03 -1.66
CA GLN A 29 22.83 4.88 -0.53
C GLN A 29 22.30 6.24 -0.99
N GLN A 30 21.52 6.23 -2.07
CA GLN A 30 20.91 7.44 -2.60
C GLN A 30 19.39 7.25 -2.62
N PHE A 31 18.65 8.25 -2.13
CA PHE A 31 17.19 8.15 -2.07
C PHE A 31 16.52 8.69 -3.33
N VAL A 32 15.68 7.87 -3.94
CA VAL A 32 14.97 8.24 -5.16
C VAL A 32 13.48 7.94 -5.03
N SER A 33 12.65 8.70 -5.74
CA SER A 33 11.21 8.52 -5.68
C SER A 33 10.77 7.24 -6.38
N THR A 34 9.87 6.50 -5.72
CA THR A 34 9.34 5.25 -6.24
C THR A 34 7.86 5.11 -5.89
N LYS A 35 7.16 4.24 -6.60
CA LYS A 35 5.73 4.06 -6.35
C LYS A 35 5.30 2.60 -6.46
N ILE A 36 4.20 2.28 -5.79
CA ILE A 36 3.64 0.94 -5.80
C ILE A 36 2.11 1.04 -5.91
N ASN A 37 1.54 0.40 -6.91
CA ASN A 37 0.09 0.46 -7.13
C ASN A 37 -0.65 -0.60 -6.32
N LEU A 38 -1.47 -0.15 -5.38
CA LEU A 38 -2.24 -1.07 -4.55
C LEU A 38 -3.56 -1.46 -5.21
N ASP A 39 -3.98 -0.70 -6.21
CA ASP A 39 -5.25 -0.98 -6.89
C ASP A 39 -5.31 -2.42 -7.41
N ASP A 40 -4.23 -2.88 -8.06
CA ASP A 40 -4.19 -4.24 -8.58
C ASP A 40 -3.57 -5.23 -7.59
N HIS A 41 -2.98 -4.72 -6.51
CA HIS A 41 -2.38 -5.59 -5.50
C HIS A 41 -3.34 -5.79 -4.35
N ILE A 42 -3.63 -4.70 -3.63
CA ILE A 42 -4.57 -4.74 -2.52
C ILE A 42 -6.00 -4.70 -3.03
N ALA A 43 -6.90 -5.33 -2.30
CA ALA A 43 -8.32 -5.38 -2.67
C ALA A 43 -9.24 -5.25 -1.46
N ASN A 44 -10.53 -5.14 -1.73
CA ASN A 44 -11.54 -4.99 -0.68
C ASN A 44 -12.45 -6.22 -0.61
N ILE A 45 -12.34 -6.97 0.49
CA ILE A 45 -13.16 -8.17 0.68
C ILE A 45 -14.17 -7.95 1.82
N ASP A 46 -15.37 -7.52 1.47
CA ASP A 46 -16.42 -7.26 2.46
C ASP A 46 -16.04 -6.12 3.40
N GLY A 47 -15.42 -5.09 2.84
CA GLY A 47 -15.03 -3.95 3.65
C GLY A 47 -13.71 -4.15 4.36
N THR A 48 -13.07 -5.30 4.14
CA THR A 48 -11.78 -5.59 4.78
C THR A 48 -10.66 -5.63 3.75
N LEU A 49 -9.53 -5.03 4.10
CA LEU A 49 -8.38 -4.95 3.19
C LEU A 49 -7.61 -6.26 3.13
N LYS A 50 -7.57 -6.83 1.93
CA LYS A 50 -6.86 -8.08 1.66
C LYS A 50 -6.14 -8.00 0.32
N TRP A 51 -5.19 -8.91 0.09
CA TRP A 51 -4.44 -8.91 -1.16
C TRP A 51 -5.15 -9.72 -2.25
N GLN A 52 -5.45 -9.07 -3.37
CA GLN A 52 -6.15 -9.71 -4.50
C GLN A 52 -6.24 -8.74 -5.67
N PRO A 53 -6.16 -9.24 -6.92
CA PRO A 53 -6.22 -8.38 -8.11
C PRO A 53 -7.57 -7.69 -8.28
N SER A 54 -7.82 -6.73 -7.40
CA SER A 54 -9.04 -5.94 -7.40
C SER A 54 -8.81 -4.68 -6.57
N ASN A 55 -9.21 -3.53 -7.09
CA ASN A 55 -8.97 -2.26 -6.39
C ASN A 55 -10.02 -2.00 -5.31
N PHE A 56 -9.56 -2.04 -4.05
CA PHE A 56 -10.43 -1.78 -2.91
C PHE A 56 -11.19 -0.47 -3.09
N SER A 57 -10.58 0.48 -3.79
CA SER A 57 -11.18 1.79 -4.03
C SER A 57 -12.61 1.69 -4.56
N GLN A 58 -12.99 0.52 -5.08
CA GLN A 58 -14.33 0.34 -5.63
C GLN A 58 -15.39 0.54 -4.54
N THR A 59 -15.02 0.24 -3.30
CA THR A 59 -15.95 0.41 -2.18
C THR A 59 -15.31 1.20 -1.04
N CYS A 60 -14.07 1.64 -1.22
CA CYS A 60 -13.39 2.39 -0.16
C CYS A 60 -13.15 3.84 -0.55
N TYR A 61 -13.17 4.72 0.45
CA TYR A 61 -12.96 6.16 0.24
C TYR A 61 -12.14 6.73 1.38
N ASN A 62 -11.49 7.86 1.11
CA ASN A 62 -10.65 8.52 2.12
C ASN A 62 -9.47 7.62 2.49
N SER A 63 -8.85 7.04 1.47
CA SER A 63 -7.70 6.16 1.67
C SER A 63 -6.50 6.95 2.18
N ALA A 64 -5.80 6.39 3.16
CA ALA A 64 -4.63 7.04 3.73
C ALA A 64 -3.55 6.03 4.10
N ILE A 65 -2.29 6.48 4.09
CA ILE A 65 -1.19 5.62 4.44
C ILE A 65 -0.26 6.28 5.46
N GLN A 66 0.22 5.47 6.39
CA GLN A 66 1.14 5.92 7.42
C GLN A 66 2.23 4.88 7.60
N GLY A 67 3.44 5.21 7.19
CA GLY A 67 4.53 4.26 7.29
C GLY A 67 4.36 3.09 6.34
N SER A 68 4.34 1.88 6.89
CA SER A 68 4.18 0.68 6.06
C SER A 68 2.76 0.13 6.11
N VAL A 69 1.88 0.75 6.91
CA VAL A 69 0.50 0.30 7.02
C VAL A 69 -0.45 1.20 6.22
N LEU A 70 -1.40 0.57 5.52
CA LEU A 70 -2.37 1.30 4.72
C LEU A 70 -3.70 1.39 5.45
N THR A 71 -4.20 2.62 5.65
CA THR A 71 -5.46 2.83 6.34
C THR A 71 -6.49 3.42 5.38
N SER A 72 -7.64 2.77 5.28
CA SER A 72 -8.69 3.25 4.37
C SER A 72 -10.08 2.86 4.86
N THR A 73 -11.08 3.64 4.47
CA THR A 73 -12.47 3.36 4.85
C THR A 73 -13.15 2.55 3.75
N CYS A 74 -13.73 1.41 4.12
CA CYS A 74 -14.38 0.55 3.14
C CYS A 74 -15.81 0.20 3.53
N GLU A 75 -16.67 0.09 2.52
CA GLU A 75 -18.07 -0.30 2.72
C GLU A 75 -18.16 -1.80 3.01
N ARG A 76 -19.01 -2.17 3.97
CA ARG A 76 -19.19 -3.57 4.33
C ARG A 76 -20.33 -4.18 3.52
N THR A 77 -20.17 -5.45 3.13
CA THR A 77 -21.19 -6.14 2.34
C THR A 77 -22.57 -6.03 2.98
N ASN A 78 -22.60 -5.84 4.29
CA ASN A 78 -23.87 -5.72 5.01
C ASN A 78 -24.41 -4.29 4.96
N GLY A 79 -23.69 -3.41 4.26
CA GLY A 79 -24.12 -2.02 4.14
C GLY A 79 -23.52 -1.12 5.20
N GLY A 80 -23.06 0.04 4.77
CA GLY A 80 -22.44 0.98 5.68
C GLY A 80 -20.98 1.19 5.35
N TYR A 81 -20.22 1.83 6.25
CA TYR A 81 -18.80 2.08 6.01
C TYR A 81 -17.96 1.68 7.21
N ASN A 82 -16.78 1.11 6.94
CA ASN A 82 -15.86 0.68 7.98
C ASN A 82 -14.42 0.67 7.45
N THR A 83 -13.52 1.30 8.20
CA THR A 83 -12.11 1.38 7.82
C THR A 83 -11.29 0.25 8.40
N SER A 84 -10.44 -0.35 7.58
CA SER A 84 -9.59 -1.45 8.00
C SER A 84 -8.12 -1.10 7.79
N SER A 85 -7.23 -1.77 8.51
CA SER A 85 -5.81 -1.52 8.39
C SER A 85 -5.05 -2.79 7.99
N ILE A 86 -3.99 -2.62 7.19
CA ILE A 86 -3.19 -3.76 6.74
C ILE A 86 -1.72 -3.39 6.64
N ASP A 87 -0.84 -4.35 6.99
CA ASP A 87 0.60 -4.14 6.93
C ASP A 87 1.18 -4.71 5.63
N LEU A 88 1.75 -3.83 4.80
CA LEU A 88 2.32 -4.26 3.52
C LEU A 88 3.83 -4.45 3.57
N ASN A 89 4.46 -4.12 4.69
CA ASN A 89 5.93 -4.23 4.80
C ASN A 89 6.45 -5.56 4.23
N SER A 90 5.61 -6.59 4.28
CA SER A 90 6.02 -7.91 3.77
C SER A 90 5.86 -8.02 2.24
N VAL A 91 4.78 -7.49 1.71
CA VAL A 91 4.51 -7.58 0.27
C VAL A 91 5.45 -6.71 -0.58
N ILE A 92 5.55 -5.43 -0.26
CA ILE A 92 6.42 -4.52 -1.02
C ILE A 92 7.87 -4.60 -0.55
N GLU A 93 8.79 -4.41 -1.48
CA GLU A 93 10.23 -4.47 -1.19
C GLU A 93 10.97 -3.35 -1.92
N ASN A 94 12.22 -3.08 -1.54
CA ASN A 94 12.98 -2.03 -2.18
C ASN A 94 14.04 -2.60 -3.11
N VAL A 95 13.73 -2.63 -4.40
CA VAL A 95 14.65 -3.14 -5.40
C VAL A 95 15.41 -1.99 -6.06
N ASP A 96 16.62 -1.73 -5.60
CA ASP A 96 17.45 -0.66 -6.14
C ASP A 96 16.71 0.67 -6.17
N GLY A 97 15.83 0.90 -5.18
CA GLY A 97 15.08 2.15 -5.12
C GLY A 97 13.73 2.07 -5.78
N SER A 98 13.15 0.88 -5.80
CA SER A 98 11.84 0.68 -6.42
C SER A 98 10.99 -0.29 -5.61
N LEU A 99 9.72 0.06 -5.41
CA LEU A 99 8.81 -0.77 -4.65
C LEU A 99 8.39 -1.99 -5.46
N LYS A 100 8.70 -3.18 -4.92
CA LYS A 100 8.37 -4.43 -5.60
C LYS A 100 7.51 -5.33 -4.71
N TYR A 101 6.42 -5.84 -5.28
CA TYR A 101 5.50 -6.71 -4.56
C TYR A 101 5.99 -8.16 -4.58
N GLU A 102 6.39 -8.64 -5.75
CA GLU A 102 6.89 -10.01 -5.89
C GLU A 102 8.25 -10.04 -6.56
N GLY A 1 4.71 -13.06 4.28
CA GLY A 1 5.54 -13.42 3.10
C GLY A 1 7.01 -13.06 3.28
N LEU A 2 7.51 -12.16 2.45
CA LEU A 2 8.91 -11.74 2.53
C LEU A 2 9.10 -10.38 1.86
N GLY A 3 9.72 -9.45 2.58
CA GLY A 3 9.95 -8.13 2.03
C GLY A 3 10.09 -7.06 3.11
N LYS A 4 10.90 -6.04 2.84
CA LYS A 4 11.12 -4.95 3.79
C LYS A 4 11.46 -3.65 3.07
N PHE A 5 10.44 -2.91 2.67
CA PHE A 5 10.65 -1.64 1.96
C PHE A 5 10.65 -0.47 2.95
N ILE A 6 9.75 -0.50 3.92
CA ILE A 6 9.66 0.57 4.91
C ILE A 6 10.94 0.70 5.72
N GLU A 7 11.73 -0.38 5.75
CA GLU A 7 12.99 -0.36 6.48
C GLU A 7 14.06 0.39 5.69
N THR A 8 13.91 0.43 4.37
CA THR A 8 14.86 1.13 3.50
C THR A 8 14.19 2.29 2.73
N CYS A 9 13.02 2.72 3.19
CA CYS A 9 12.32 3.80 2.52
C CYS A 9 11.79 4.82 3.52
N ARG A 10 11.58 6.05 3.04
CA ARG A 10 11.09 7.13 3.88
C ARG A 10 9.94 7.88 3.20
N ASN A 11 9.31 8.79 3.94
CA ASN A 11 8.21 9.59 3.42
C ASN A 11 7.14 8.74 2.74
N THR A 12 6.60 7.77 3.49
CA THR A 12 5.55 6.91 2.95
C THR A 12 4.21 7.65 2.98
N GLN A 13 3.50 7.59 1.85
CA GLN A 13 2.21 8.27 1.75
C GLN A 13 1.34 7.65 0.65
N LEU A 14 0.06 7.97 0.68
CA LEU A 14 -0.88 7.44 -0.30
C LEU A 14 -1.12 8.45 -1.41
N ALA A 15 -1.13 7.94 -2.64
CA ALA A 15 -1.37 8.77 -3.80
C ALA A 15 -2.60 8.26 -4.53
N GLY A 16 -3.39 9.17 -5.09
CA GLY A 16 -4.60 8.75 -5.78
C GLY A 16 -5.53 8.00 -4.86
N SER A 17 -6.35 7.10 -5.41
CA SER A 17 -7.30 6.36 -4.61
C SER A 17 -6.71 5.09 -3.99
N SER A 18 -5.84 4.40 -4.72
CA SER A 18 -5.26 3.17 -4.19
C SER A 18 -3.77 3.02 -4.55
N GLU A 19 -3.04 4.12 -4.58
CA GLU A 19 -1.61 4.08 -4.88
C GLU A 19 -0.77 4.55 -3.71
N LEU A 20 0.42 3.95 -3.59
CA LEU A 20 1.35 4.29 -2.52
C LEU A 20 2.65 4.81 -3.13
N ALA A 21 3.06 6.01 -2.75
CA ALA A 21 4.29 6.58 -3.27
C ALA A 21 5.28 6.83 -2.14
N ALA A 22 6.56 6.63 -2.42
CA ALA A 22 7.59 6.80 -1.41
C ALA A 22 8.97 6.95 -2.04
N GLU A 23 9.96 7.28 -1.23
CA GLU A 23 11.33 7.40 -1.71
C GLU A 23 12.17 6.28 -1.10
N CYS A 24 12.97 5.59 -1.92
CA CYS A 24 13.76 4.49 -1.40
C CYS A 24 15.22 4.58 -1.83
N LYS A 25 16.11 4.36 -0.87
CA LYS A 25 17.54 4.42 -1.14
C LYS A 25 17.99 3.30 -2.07
N THR A 26 18.82 3.65 -3.04
CA THR A 26 19.33 2.67 -3.99
C THR A 26 20.57 1.98 -3.43
N ARG A 27 21.17 1.10 -4.23
CA ARG A 27 22.36 0.38 -3.78
C ARG A 27 23.51 1.35 -3.50
N ALA A 28 23.50 2.48 -4.19
CA ALA A 28 24.56 3.48 -4.03
C ALA A 28 24.33 4.38 -2.82
N GLN A 29 23.35 4.05 -1.98
CA GLN A 29 23.03 4.86 -0.81
C GLN A 29 22.49 6.23 -1.22
N GLN A 30 21.72 6.23 -2.29
CA GLN A 30 21.09 7.45 -2.79
C GLN A 30 19.58 7.27 -2.76
N PHE A 31 18.86 8.30 -2.31
CA PHE A 31 17.40 8.21 -2.21
C PHE A 31 16.72 8.73 -3.46
N VAL A 32 15.87 7.89 -4.06
CA VAL A 32 15.14 8.25 -5.26
C VAL A 32 13.65 7.95 -5.10
N SER A 33 12.81 8.74 -5.76
CA SER A 33 11.37 8.57 -5.66
C SER A 33 10.88 7.31 -6.37
N THR A 34 10.01 6.57 -5.70
CA THR A 34 9.45 5.34 -6.24
C THR A 34 7.99 5.21 -5.84
N LYS A 35 7.24 4.36 -6.56
CA LYS A 35 5.83 4.19 -6.26
C LYS A 35 5.37 2.74 -6.42
N ILE A 36 4.28 2.42 -5.74
CA ILE A 36 3.70 1.08 -5.78
C ILE A 36 2.17 1.21 -5.82
N ASN A 37 1.54 0.60 -6.82
CA ASN A 37 0.09 0.69 -6.97
C ASN A 37 -0.61 -0.40 -6.17
N LEU A 38 -1.46 0.00 -5.24
CA LEU A 38 -2.20 -0.96 -4.40
C LEU A 38 -3.51 -1.38 -5.06
N ASP A 39 -3.96 -0.63 -6.06
CA ASP A 39 -5.23 -0.93 -6.72
C ASP A 39 -5.25 -2.36 -7.29
N ASP A 40 -4.16 -2.79 -7.93
CA ASP A 40 -4.09 -4.13 -8.49
C ASP A 40 -3.47 -5.12 -7.51
N HIS A 41 -2.90 -4.61 -6.42
CA HIS A 41 -2.28 -5.48 -5.41
C HIS A 41 -3.24 -5.68 -4.25
N ILE A 42 -3.55 -4.58 -3.57
CA ILE A 42 -4.47 -4.63 -2.45
C ILE A 42 -5.92 -4.65 -2.97
N ALA A 43 -6.79 -5.33 -2.24
CA ALA A 43 -8.19 -5.45 -2.64
C ALA A 43 -9.13 -5.35 -1.43
N ASN A 44 -10.42 -5.24 -1.72
CA ASN A 44 -11.44 -5.12 -0.68
C ASN A 44 -12.34 -6.36 -0.62
N ILE A 45 -12.23 -7.13 0.45
CA ILE A 45 -13.04 -8.33 0.61
C ILE A 45 -14.03 -8.15 1.77
N ASP A 46 -15.21 -7.62 1.46
CA ASP A 46 -16.24 -7.38 2.48
C ASP A 46 -15.83 -6.26 3.42
N GLY A 47 -15.20 -5.23 2.88
CA GLY A 47 -14.78 -4.11 3.70
C GLY A 47 -13.46 -4.34 4.42
N THR A 48 -12.85 -5.50 4.20
CA THR A 48 -11.57 -5.82 4.84
C THR A 48 -10.44 -5.80 3.81
N LEU A 49 -9.33 -5.18 4.17
CA LEU A 49 -8.20 -5.06 3.26
C LEU A 49 -7.40 -6.37 3.17
N LYS A 50 -7.40 -6.92 1.96
CA LYS A 50 -6.71 -8.17 1.67
C LYS A 50 -6.00 -8.06 0.32
N TRP A 51 -5.06 -8.94 0.06
CA TRP A 51 -4.32 -8.91 -1.20
C TRP A 51 -5.03 -9.72 -2.29
N GLN A 52 -5.35 -9.05 -3.40
CA GLN A 52 -6.03 -9.66 -4.55
C GLN A 52 -6.04 -8.69 -5.72
N PRO A 53 -6.02 -9.19 -6.97
CA PRO A 53 -6.03 -8.32 -8.15
C PRO A 53 -7.37 -7.62 -8.33
N SER A 54 -7.67 -6.74 -7.39
CA SER A 54 -8.90 -5.96 -7.39
C SER A 54 -8.69 -4.70 -6.55
N ASN A 55 -9.12 -3.55 -7.05
CA ASN A 55 -8.93 -2.29 -6.33
C ASN A 55 -9.97 -2.07 -5.26
N PHE A 56 -9.54 -2.16 -4.01
CA PHE A 56 -10.43 -1.94 -2.87
C PHE A 56 -11.23 -0.64 -3.05
N SER A 57 -10.64 0.31 -3.76
CA SER A 57 -11.25 1.61 -4.01
C SER A 57 -12.70 1.51 -4.51
N GLN A 58 -13.08 0.33 -5.01
CA GLN A 58 -14.44 0.15 -5.53
C GLN A 58 -15.49 0.35 -4.42
N THR A 59 -15.09 0.13 -3.17
CA THR A 59 -16.01 0.28 -2.06
C THR A 59 -15.39 1.09 -0.92
N CYS A 60 -14.16 1.56 -1.10
CA CYS A 60 -13.48 2.32 -0.06
C CYS A 60 -13.28 3.78 -0.43
N TYR A 61 -13.30 4.64 0.59
CA TYR A 61 -13.11 6.08 0.40
C TYR A 61 -12.24 6.64 1.52
N ASN A 62 -11.57 7.76 1.25
CA ASN A 62 -10.69 8.39 2.23
C ASN A 62 -9.50 7.49 2.56
N SER A 63 -8.84 6.99 1.52
CA SER A 63 -7.69 6.13 1.69
C SER A 63 -6.49 6.91 2.21
N ALA A 64 -5.81 6.35 3.20
CA ALA A 64 -4.64 7.00 3.78
C ALA A 64 -3.56 5.98 4.14
N ILE A 65 -2.31 6.42 4.12
CA ILE A 65 -1.19 5.54 4.44
C ILE A 65 -0.25 6.16 5.48
N GLN A 66 0.21 5.33 6.40
CA GLN A 66 1.14 5.76 7.45
C GLN A 66 2.25 4.73 7.60
N GLY A 67 3.46 5.10 7.21
CA GLY A 67 4.57 4.18 7.29
C GLY A 67 4.39 3.04 6.32
N SER A 68 4.37 1.81 6.83
CA SER A 68 4.21 0.64 5.97
C SER A 68 2.79 0.09 6.00
N VAL A 69 1.92 0.68 6.82
CA VAL A 69 0.54 0.23 6.92
C VAL A 69 -0.42 1.16 6.17
N LEU A 70 -1.41 0.56 5.50
CA LEU A 70 -2.39 1.33 4.75
C LEU A 70 -3.72 1.42 5.52
N THR A 71 -4.22 2.63 5.71
CA THR A 71 -5.47 2.84 6.42
C THR A 71 -6.51 3.42 5.48
N SER A 72 -7.66 2.76 5.36
CA SER A 72 -8.70 3.23 4.46
C SER A 72 -10.08 2.80 4.95
N THR A 73 -11.11 3.56 4.58
CA THR A 73 -12.47 3.24 4.97
C THR A 73 -13.14 2.43 3.86
N CYS A 74 -13.67 1.26 4.19
CA CYS A 74 -14.30 0.40 3.19
C CYS A 74 -15.73 0.02 3.58
N GLU A 75 -16.58 -0.06 2.57
CA GLU A 75 -17.97 -0.46 2.74
C GLU A 75 -18.08 -1.96 2.96
N ARG A 76 -18.96 -2.36 3.88
CA ARG A 76 -19.16 -3.77 4.18
C ARG A 76 -20.31 -4.34 3.36
N THR A 77 -20.18 -5.60 2.95
CA THR A 77 -21.21 -6.26 2.14
C THR A 77 -22.59 -6.14 2.76
N ASN A 78 -22.63 -6.03 4.09
CA ASN A 78 -23.91 -5.92 4.80
C ASN A 78 -24.41 -4.48 4.81
N GLY A 79 -23.66 -3.57 4.17
CA GLY A 79 -24.06 -2.18 4.12
C GLY A 79 -23.44 -1.37 5.24
N GLY A 80 -22.97 -0.19 4.89
CA GLY A 80 -22.33 0.70 5.85
C GLY A 80 -20.87 0.93 5.49
N TYR A 81 -20.12 1.56 6.39
CA TYR A 81 -18.71 1.84 6.14
C TYR A 81 -17.85 1.41 7.32
N ASN A 82 -16.67 0.87 7.03
CA ASN A 82 -15.74 0.42 8.05
C ASN A 82 -14.30 0.46 7.53
N THR A 83 -13.42 1.09 8.30
CA THR A 83 -12.00 1.21 7.92
C THR A 83 -11.17 0.08 8.49
N SER A 84 -10.31 -0.50 7.65
CA SER A 84 -9.43 -1.59 8.06
C SER A 84 -7.96 -1.21 7.84
N SER A 85 -7.07 -1.90 8.56
CA SER A 85 -5.64 -1.64 8.45
C SER A 85 -4.87 -2.88 8.02
N ILE A 86 -3.82 -2.69 7.22
CA ILE A 86 -3.01 -3.80 6.74
C ILE A 86 -1.53 -3.40 6.60
N ASP A 87 -0.64 -4.34 6.92
CA ASP A 87 0.80 -4.10 6.83
C ASP A 87 1.37 -4.64 5.52
N LEU A 88 1.88 -3.76 4.67
CA LEU A 88 2.44 -4.16 3.37
C LEU A 88 3.95 -4.32 3.40
N ASN A 89 4.59 -3.95 4.51
CA ASN A 89 6.06 -4.04 4.62
C ASN A 89 6.59 -5.38 4.08
N SER A 90 5.77 -6.42 4.15
CA SER A 90 6.18 -7.73 3.67
C SER A 90 6.04 -7.88 2.15
N VAL A 91 4.95 -7.37 1.61
CA VAL A 91 4.68 -7.48 0.17
C VAL A 91 5.61 -6.61 -0.68
N ILE A 92 5.70 -5.33 -0.35
CA ILE A 92 6.55 -4.42 -1.12
C ILE A 92 8.00 -4.50 -0.67
N GLU A 93 8.91 -4.30 -1.62
CA GLU A 93 10.34 -4.38 -1.35
C GLU A 93 11.08 -3.25 -2.06
N ASN A 94 12.34 -3.01 -1.71
CA ASN A 94 13.11 -1.94 -2.34
C ASN A 94 14.16 -2.52 -3.28
N VAL A 95 13.84 -2.51 -4.57
CA VAL A 95 14.76 -3.02 -5.59
C VAL A 95 15.52 -1.87 -6.25
N ASP A 96 16.74 -1.60 -5.79
CA ASP A 96 17.55 -0.54 -6.36
C ASP A 96 16.79 0.79 -6.38
N GLY A 97 15.93 1.01 -5.39
CA GLY A 97 15.18 2.25 -5.31
C GLY A 97 13.81 2.16 -5.97
N SER A 98 13.23 0.97 -5.99
CA SER A 98 11.92 0.78 -6.59
C SER A 98 11.07 -0.20 -5.78
N LEU A 99 9.80 0.17 -5.57
CA LEU A 99 8.88 -0.66 -4.80
C LEU A 99 8.47 -1.89 -5.61
N LYS A 100 8.78 -3.06 -5.09
CA LYS A 100 8.45 -4.31 -5.78
C LYS A 100 7.65 -5.24 -4.89
N TYR A 101 6.65 -5.91 -5.47
CA TYR A 101 5.80 -6.83 -4.73
C TYR A 101 6.49 -8.18 -4.58
N GLU A 102 6.91 -8.75 -5.71
CA GLU A 102 7.59 -10.05 -5.71
C GLU A 102 9.11 -9.86 -5.78
N GLY A 1 7.72 -10.28 7.09
CA GLY A 1 7.94 -11.69 6.65
C GLY A 1 9.14 -11.83 5.74
N LEU A 2 8.94 -11.55 4.45
CA LEU A 2 10.02 -11.65 3.48
C LEU A 2 10.45 -10.26 2.99
N GLY A 3 9.52 -9.55 2.37
CA GLY A 3 9.82 -8.22 1.87
C GLY A 3 9.97 -7.19 2.98
N LYS A 4 10.82 -6.20 2.73
CA LYS A 4 11.06 -5.14 3.71
C LYS A 4 11.44 -3.83 3.00
N PHE A 5 10.42 -3.10 2.55
CA PHE A 5 10.64 -1.84 1.84
C PHE A 5 10.64 -0.65 2.80
N ILE A 6 9.75 -0.65 3.78
CA ILE A 6 9.66 0.44 4.74
C ILE A 6 10.94 0.58 5.54
N GLU A 7 11.73 -0.48 5.59
CA GLU A 7 13.00 -0.44 6.32
C GLU A 7 14.06 0.33 5.55
N THR A 8 13.90 0.42 4.23
CA THR A 8 14.86 1.13 3.38
C THR A 8 14.21 2.31 2.66
N CYS A 9 12.96 2.63 3.01
CA CYS A 9 12.26 3.73 2.37
C CYS A 9 11.75 4.73 3.40
N ARG A 10 11.58 5.98 2.96
CA ARG A 10 11.10 7.04 3.83
C ARG A 10 9.95 7.81 3.17
N ASN A 11 9.34 8.71 3.92
CA ASN A 11 8.23 9.52 3.43
C ASN A 11 7.16 8.67 2.75
N THR A 12 6.61 7.72 3.49
CA THR A 12 5.55 6.85 2.98
C THR A 12 4.22 7.60 3.03
N GLN A 13 3.49 7.55 1.92
CA GLN A 13 2.19 8.23 1.84
C GLN A 13 1.31 7.62 0.76
N LEU A 14 0.02 7.93 0.83
CA LEU A 14 -0.93 7.41 -0.14
C LEU A 14 -1.20 8.43 -1.23
N ALA A 15 -1.23 7.94 -2.46
CA ALA A 15 -1.48 8.79 -3.61
C ALA A 15 -2.74 8.32 -4.32
N GLY A 16 -3.53 9.23 -4.86
CA GLY A 16 -4.76 8.84 -5.53
C GLY A 16 -5.69 8.09 -4.61
N SER A 17 -6.50 7.20 -5.16
CA SER A 17 -7.45 6.46 -4.34
C SER A 17 -6.85 5.19 -3.74
N SER A 18 -5.98 4.50 -4.47
CA SER A 18 -5.39 3.28 -3.95
C SER A 18 -3.92 3.11 -4.34
N GLU A 19 -3.18 4.21 -4.40
CA GLU A 19 -1.75 4.16 -4.74
C GLU A 19 -0.88 4.59 -3.57
N LEU A 20 0.32 4.02 -3.51
CA LEU A 20 1.28 4.35 -2.45
C LEU A 20 2.57 4.84 -3.07
N ALA A 21 3.02 6.03 -2.69
CA ALA A 21 4.25 6.58 -3.22
C ALA A 21 5.24 6.82 -2.09
N ALA A 22 6.53 6.61 -2.38
CA ALA A 22 7.58 6.77 -1.38
C ALA A 22 8.95 6.92 -2.02
N GLU A 23 9.97 7.23 -1.22
CA GLU A 23 11.33 7.34 -1.72
C GLU A 23 12.15 6.20 -1.13
N CYS A 24 12.95 5.52 -1.97
CA CYS A 24 13.75 4.41 -1.48
C CYS A 24 15.19 4.52 -1.93
N LYS A 25 16.10 4.32 -0.98
CA LYS A 25 17.52 4.40 -1.26
C LYS A 25 17.97 3.26 -2.18
N THR A 26 18.80 3.60 -3.15
CA THR A 26 19.31 2.63 -4.12
C THR A 26 20.54 1.94 -3.57
N ARG A 27 21.13 1.04 -4.36
CA ARG A 27 22.32 0.31 -3.92
C ARG A 27 23.47 1.26 -3.63
N ALA A 28 23.49 2.40 -4.34
CA ALA A 28 24.56 3.37 -4.17
C ALA A 28 24.32 4.30 -2.97
N GLN A 29 23.32 3.98 -2.15
CA GLN A 29 22.99 4.79 -0.97
C GLN A 29 22.45 6.16 -1.38
N GLN A 30 21.68 6.17 -2.46
CA GLN A 30 21.05 7.39 -2.96
C GLN A 30 19.53 7.22 -2.90
N PHE A 31 18.82 8.24 -2.43
CA PHE A 31 17.36 8.15 -2.32
C PHE A 31 16.67 8.70 -3.56
N VAL A 32 15.82 7.87 -4.16
CA VAL A 32 15.07 8.25 -5.34
C VAL A 32 13.59 7.93 -5.16
N SER A 33 12.73 8.75 -5.77
CA SER A 33 11.29 8.56 -5.65
C SER A 33 10.81 7.32 -6.37
N THR A 34 9.93 6.57 -5.71
CA THR A 34 9.35 5.35 -6.27
C THR A 34 7.89 5.22 -5.85
N LYS A 35 7.14 4.39 -6.56
CA LYS A 35 5.73 4.22 -6.25
C LYS A 35 5.28 2.78 -6.44
N ILE A 36 4.20 2.43 -5.75
CA ILE A 36 3.62 1.09 -5.82
C ILE A 36 2.11 1.19 -5.88
N ASN A 37 1.50 0.56 -6.87
CA ASN A 37 0.04 0.61 -7.04
C ASN A 37 -0.66 -0.48 -6.22
N LEU A 38 -1.47 -0.07 -5.27
CA LEU A 38 -2.21 -1.02 -4.44
C LEU A 38 -3.52 -1.41 -5.12
N ASP A 39 -3.93 -0.62 -6.11
CA ASP A 39 -5.19 -0.87 -6.82
C ASP A 39 -5.24 -2.28 -7.40
N ASP A 40 -4.19 -2.71 -8.08
CA ASP A 40 -4.14 -4.06 -8.66
C ASP A 40 -3.51 -5.06 -7.70
N HIS A 41 -2.92 -4.57 -6.62
CA HIS A 41 -2.28 -5.44 -5.63
C HIS A 41 -3.25 -5.70 -4.49
N ILE A 42 -3.52 -4.67 -3.70
CA ILE A 42 -4.46 -4.78 -2.59
C ILE A 42 -5.89 -4.69 -3.10
N ALA A 43 -6.80 -5.34 -2.38
CA ALA A 43 -8.21 -5.37 -2.75
C ALA A 43 -9.13 -5.27 -1.54
N ASN A 44 -10.43 -5.14 -1.81
CA ASN A 44 -11.44 -5.03 -0.75
C ASN A 44 -12.35 -6.26 -0.74
N ILE A 45 -12.27 -7.05 0.32
CA ILE A 45 -13.09 -8.25 0.46
C ILE A 45 -14.09 -8.11 1.61
N ASP A 46 -15.27 -7.59 1.29
CA ASP A 46 -16.33 -7.40 2.29
C ASP A 46 -15.98 -6.31 3.29
N GLY A 47 -15.36 -5.24 2.81
CA GLY A 47 -14.99 -4.15 3.67
C GLY A 47 -13.66 -4.36 4.38
N THR A 48 -12.99 -5.47 4.08
CA THR A 48 -11.71 -5.79 4.70
C THR A 48 -10.59 -5.80 3.67
N LEU A 49 -9.45 -5.21 4.04
CA LEU A 49 -8.31 -5.11 3.14
C LEU A 49 -7.55 -6.43 3.03
N LYS A 50 -7.55 -6.98 1.82
CA LYS A 50 -6.88 -8.23 1.51
C LYS A 50 -6.16 -8.11 0.18
N TRP A 51 -5.21 -9.01 -0.08
CA TRP A 51 -4.44 -8.96 -1.32
C TRP A 51 -5.13 -9.72 -2.46
N GLN A 52 -5.37 -9.02 -3.56
CA GLN A 52 -6.04 -9.61 -4.73
C GLN A 52 -6.09 -8.59 -5.87
N PRO A 53 -6.06 -9.05 -7.14
CA PRO A 53 -6.10 -8.16 -8.30
C PRO A 53 -7.43 -7.45 -8.44
N SER A 54 -7.72 -6.58 -7.47
CA SER A 54 -8.94 -5.80 -7.45
C SER A 54 -8.70 -4.55 -6.61
N ASN A 55 -9.15 -3.41 -7.10
CA ASN A 55 -8.92 -2.14 -6.40
C ASN A 55 -9.96 -1.90 -5.30
N PHE A 56 -9.52 -2.05 -4.05
CA PHE A 56 -10.37 -1.84 -2.89
C PHE A 56 -11.12 -0.51 -3.02
N SER A 57 -10.49 0.44 -3.71
CA SER A 57 -11.07 1.78 -3.93
C SER A 57 -12.51 1.72 -4.44
N GLN A 58 -12.94 0.57 -4.97
CA GLN A 58 -14.29 0.44 -5.49
C GLN A 58 -15.34 0.59 -4.40
N THR A 59 -14.98 0.26 -3.17
CA THR A 59 -15.91 0.37 -2.05
C THR A 59 -15.28 1.15 -0.89
N CYS A 60 -14.03 1.55 -1.03
CA CYS A 60 -13.34 2.29 0.02
C CYS A 60 -13.11 3.74 -0.35
N TYR A 61 -13.12 4.60 0.66
CA TYR A 61 -12.91 6.03 0.48
C TYR A 61 -12.07 6.60 1.61
N ASN A 62 -11.42 7.73 1.37
CA ASN A 62 -10.58 8.35 2.38
C ASN A 62 -9.41 7.45 2.74
N SER A 63 -8.77 6.89 1.72
CA SER A 63 -7.63 6.01 1.92
C SER A 63 -6.43 6.79 2.44
N ALA A 64 -5.74 6.22 3.41
CA ALA A 64 -4.57 6.86 4.00
C ALA A 64 -3.48 5.84 4.31
N ILE A 65 -2.23 6.30 4.29
CA ILE A 65 -1.11 5.42 4.57
C ILE A 65 -0.16 6.03 5.61
N GLN A 66 0.32 5.17 6.50
CA GLN A 66 1.25 5.57 7.55
C GLN A 66 2.35 4.53 7.65
N GLY A 67 3.55 4.91 7.22
CA GLY A 67 4.66 3.97 7.25
C GLY A 67 4.47 2.86 6.24
N SER A 68 4.42 1.62 6.72
CA SER A 68 4.24 0.47 5.85
C SER A 68 2.81 -0.07 5.92
N VAL A 69 1.98 0.55 6.75
CA VAL A 69 0.59 0.11 6.90
C VAL A 69 -0.38 1.03 6.17
N LEU A 70 -1.38 0.44 5.51
CA LEU A 70 -2.37 1.21 4.78
C LEU A 70 -3.68 1.26 5.56
N THR A 71 -4.18 2.47 5.80
CA THR A 71 -5.44 2.65 6.53
C THR A 71 -6.47 3.27 5.61
N SER A 72 -7.62 2.62 5.48
CA SER A 72 -8.67 3.12 4.59
C SER A 72 -10.06 2.68 5.06
N THR A 73 -11.07 3.46 4.71
CA THR A 73 -12.44 3.13 5.09
C THR A 73 -13.09 2.35 3.95
N CYS A 74 -13.63 1.18 4.24
CA CYS A 74 -14.24 0.35 3.20
C CYS A 74 -15.69 -0.01 3.52
N GLU A 75 -16.50 -0.03 2.47
CA GLU A 75 -17.91 -0.38 2.59
C GLU A 75 -18.08 -1.89 2.80
N ARG A 76 -18.98 -2.27 3.71
CA ARG A 76 -19.23 -3.67 4.00
C ARG A 76 -20.36 -4.20 3.12
N THR A 77 -20.23 -5.44 2.67
CA THR A 77 -21.23 -6.05 1.79
C THR A 77 -22.65 -5.93 2.38
N ASN A 78 -22.74 -5.89 3.70
CA ASN A 78 -24.04 -5.78 4.36
C ASN A 78 -24.50 -4.32 4.45
N GLY A 79 -23.74 -3.42 3.86
CA GLY A 79 -24.10 -2.01 3.88
C GLY A 79 -23.47 -1.25 5.03
N GLY A 80 -22.96 -0.08 4.72
CA GLY A 80 -22.30 0.74 5.71
C GLY A 80 -20.83 0.93 5.39
N TYR A 81 -20.08 1.54 6.30
CA TYR A 81 -18.66 1.77 6.07
C TYR A 81 -17.82 1.32 7.27
N ASN A 82 -16.63 0.78 6.98
CA ASN A 82 -15.73 0.30 8.02
C ASN A 82 -14.28 0.34 7.53
N THR A 83 -13.40 0.94 8.33
CA THR A 83 -11.99 1.07 7.97
C THR A 83 -11.17 -0.10 8.52
N SER A 84 -10.29 -0.64 7.67
CA SER A 84 -9.43 -1.75 8.05
C SER A 84 -7.96 -1.38 7.86
N SER A 85 -7.07 -2.08 8.56
CA SER A 85 -5.64 -1.80 8.45
C SER A 85 -4.87 -3.05 8.02
N ILE A 86 -3.82 -2.84 7.22
CA ILE A 86 -3.01 -3.96 6.74
C ILE A 86 -1.54 -3.55 6.59
N ASP A 87 -0.64 -4.50 6.88
CA ASP A 87 0.80 -4.27 6.78
C ASP A 87 1.34 -4.81 5.46
N LEU A 88 1.86 -3.91 4.61
CA LEU A 88 2.39 -4.30 3.30
C LEU A 88 3.91 -4.44 3.31
N ASN A 89 4.56 -4.08 4.41
CA ASN A 89 6.03 -4.15 4.49
C ASN A 89 6.56 -5.47 3.95
N SER A 90 5.76 -6.52 4.02
CA SER A 90 6.17 -7.84 3.51
C SER A 90 5.99 -7.96 2.00
N VAL A 91 4.89 -7.42 1.48
CA VAL A 91 4.61 -7.53 0.04
C VAL A 91 5.52 -6.64 -0.81
N ILE A 92 5.60 -5.35 -0.46
CA ILE A 92 6.44 -4.43 -1.22
C ILE A 92 7.89 -4.51 -0.77
N GLU A 93 8.81 -4.30 -1.70
CA GLU A 93 10.24 -4.38 -1.42
C GLU A 93 10.97 -3.26 -2.14
N ASN A 94 12.23 -3.02 -1.77
CA ASN A 94 13.01 -1.96 -2.39
C ASN A 94 14.07 -2.55 -3.32
N VAL A 95 13.77 -2.54 -4.62
CA VAL A 95 14.69 -3.05 -5.63
C VAL A 95 15.43 -1.91 -6.31
N ASP A 96 16.66 -1.65 -5.88
CA ASP A 96 17.48 -0.59 -6.45
C ASP A 96 16.73 0.75 -6.46
N GLY A 97 15.87 0.96 -5.47
CA GLY A 97 15.13 2.22 -5.39
C GLY A 97 13.75 2.14 -6.04
N SER A 98 13.16 0.95 -6.06
CA SER A 98 11.84 0.78 -6.66
C SER A 98 10.99 -0.18 -5.84
N LEU A 99 9.73 0.20 -5.61
CA LEU A 99 8.81 -0.63 -4.84
C LEU A 99 8.38 -1.84 -5.66
N LYS A 100 8.68 -3.03 -5.14
CA LYS A 100 8.32 -4.27 -5.82
C LYS A 100 7.48 -5.16 -4.92
N TYR A 101 6.38 -5.67 -5.47
CA TYR A 101 5.47 -6.53 -4.73
C TYR A 101 6.02 -7.96 -4.67
N GLU A 102 6.68 -8.37 -5.74
CA GLU A 102 7.26 -9.71 -5.84
C GLU A 102 6.19 -10.77 -5.63
N GLY A 1 15.15 -10.86 4.22
CA GLY A 1 13.91 -11.67 4.11
C GLY A 1 13.00 -11.18 3.01
N LEU A 2 11.73 -11.58 3.06
CA LEU A 2 10.76 -11.16 2.05
C LEU A 2 10.11 -9.84 2.45
N GLY A 3 10.18 -8.85 1.56
CA GLY A 3 9.60 -7.56 1.84
C GLY A 3 10.59 -6.64 2.54
N LYS A 4 10.18 -6.11 3.67
CA LYS A 4 11.04 -5.21 4.44
C LYS A 4 11.40 -3.97 3.62
N PHE A 5 10.38 -3.32 3.06
CA PHE A 5 10.60 -2.12 2.25
C PHE A 5 10.61 -0.86 3.11
N ILE A 6 9.70 -0.80 4.08
CA ILE A 6 9.62 0.36 4.97
C ILE A 6 10.89 0.53 5.78
N GLU A 7 11.65 -0.56 5.93
CA GLU A 7 12.90 -0.50 6.67
C GLU A 7 13.98 0.22 5.86
N THR A 8 13.83 0.23 4.55
CA THR A 8 14.78 0.91 3.66
C THR A 8 14.13 2.03 2.86
N CYS A 9 12.95 2.46 3.29
CA CYS A 9 12.22 3.51 2.60
C CYS A 9 11.71 4.56 3.59
N ARG A 10 11.51 5.77 3.09
CA ARG A 10 11.03 6.86 3.91
C ARG A 10 9.92 7.65 3.21
N ASN A 11 9.32 8.58 3.95
CA ASN A 11 8.24 9.44 3.43
C ASN A 11 7.16 8.62 2.72
N THR A 12 6.56 7.67 3.44
CA THR A 12 5.50 6.84 2.88
C THR A 12 4.18 7.62 2.90
N GLN A 13 3.44 7.55 1.80
CA GLN A 13 2.17 8.26 1.69
C GLN A 13 1.28 7.67 0.63
N LEU A 14 0.00 8.02 0.68
CA LEU A 14 -0.96 7.50 -0.29
C LEU A 14 -1.19 8.52 -1.39
N ALA A 15 -1.22 8.03 -2.62
CA ALA A 15 -1.46 8.86 -3.78
C ALA A 15 -2.72 8.39 -4.50
N GLY A 16 -3.49 9.33 -5.03
CA GLY A 16 -4.71 8.95 -5.72
C GLY A 16 -5.65 8.16 -4.83
N SER A 17 -6.42 7.25 -5.41
CA SER A 17 -7.39 6.47 -4.62
C SER A 17 -6.80 5.20 -4.01
N SER A 18 -5.92 4.51 -4.74
CA SER A 18 -5.34 3.28 -4.22
C SER A 18 -3.87 3.11 -4.56
N GLU A 19 -3.13 4.22 -4.58
CA GLU A 19 -1.69 4.18 -4.86
C GLU A 19 -0.86 4.62 -3.67
N LEU A 20 0.35 4.06 -3.58
CA LEU A 20 1.28 4.39 -2.51
C LEU A 20 2.58 4.89 -3.14
N ALA A 21 3.01 6.09 -2.77
CA ALA A 21 4.25 6.64 -3.30
C ALA A 21 5.24 6.87 -2.17
N ALA A 22 6.52 6.63 -2.43
CA ALA A 22 7.55 6.77 -1.41
C ALA A 22 8.95 6.88 -2.03
N GLU A 23 9.94 7.17 -1.20
CA GLU A 23 11.32 7.24 -1.67
C GLU A 23 12.11 6.10 -1.03
N CYS A 24 12.91 5.39 -1.82
CA CYS A 24 13.69 4.27 -1.29
C CYS A 24 15.15 4.34 -1.72
N LYS A 25 16.04 4.16 -0.77
CA LYS A 25 17.47 4.21 -1.04
C LYS A 25 17.89 3.09 -1.99
N THR A 26 18.78 3.43 -2.92
CA THR A 26 19.27 2.48 -3.89
C THR A 26 20.48 1.74 -3.34
N ARG A 27 21.08 0.87 -4.15
CA ARG A 27 22.24 0.11 -3.72
C ARG A 27 23.41 1.03 -3.34
N ALA A 28 23.48 2.19 -4.00
CA ALA A 28 24.56 3.13 -3.75
C ALA A 28 24.29 4.03 -2.53
N GLN A 29 23.25 3.72 -1.76
CA GLN A 29 22.89 4.52 -0.59
C GLN A 29 22.38 5.91 -1.02
N GLN A 30 21.62 5.92 -2.12
CA GLN A 30 21.01 7.15 -2.64
C GLN A 30 19.50 7.01 -2.64
N PHE A 31 18.78 8.02 -2.15
CA PHE A 31 17.31 7.93 -2.10
C PHE A 31 16.66 8.51 -3.36
N VAL A 32 15.82 7.69 -4.00
CA VAL A 32 15.11 8.10 -5.20
C VAL A 32 13.61 7.84 -5.07
N SER A 33 12.81 8.63 -5.77
CA SER A 33 11.36 8.50 -5.72
C SER A 33 10.86 7.25 -6.41
N THR A 34 9.98 6.51 -5.74
CA THR A 34 9.40 5.28 -6.26
C THR A 34 7.93 5.18 -5.87
N LYS A 35 7.19 4.31 -6.55
CA LYS A 35 5.77 4.15 -6.26
C LYS A 35 5.32 2.70 -6.42
N ILE A 36 4.24 2.36 -5.72
CA ILE A 36 3.67 1.03 -5.76
C ILE A 36 2.15 1.16 -5.86
N ASN A 37 1.55 0.52 -6.87
CA ASN A 37 0.10 0.64 -7.07
C ASN A 37 -0.64 -0.44 -6.26
N LEU A 38 -1.46 0.01 -5.32
CA LEU A 38 -2.22 -0.93 -4.49
C LEU A 38 -3.56 -1.31 -5.12
N ASP A 39 -4.00 -0.55 -6.13
CA ASP A 39 -5.30 -0.83 -6.76
C ASP A 39 -5.38 -2.24 -7.35
N ASP A 40 -4.34 -2.68 -8.04
CA ASP A 40 -4.33 -4.03 -8.60
C ASP A 40 -3.70 -5.03 -7.64
N HIS A 41 -3.09 -4.54 -6.57
CA HIS A 41 -2.46 -5.41 -5.58
C HIS A 41 -3.46 -5.70 -4.47
N ILE A 42 -3.85 -4.65 -3.75
CA ILE A 42 -4.82 -4.78 -2.67
C ILE A 42 -6.24 -4.76 -3.22
N ALA A 43 -7.15 -5.37 -2.47
CA ALA A 43 -8.55 -5.44 -2.86
C ALA A 43 -9.47 -5.30 -1.64
N ASN A 44 -10.77 -5.18 -1.89
CA ASN A 44 -11.75 -5.04 -0.82
C ASN A 44 -12.65 -6.28 -0.73
N ILE A 45 -12.50 -7.04 0.34
CA ILE A 45 -13.29 -8.25 0.55
C ILE A 45 -14.27 -8.07 1.71
N ASP A 46 -15.46 -7.56 1.39
CA ASP A 46 -16.50 -7.33 2.40
C ASP A 46 -16.10 -6.20 3.36
N GLY A 47 -15.48 -5.17 2.82
CA GLY A 47 -15.06 -4.05 3.64
C GLY A 47 -13.73 -4.27 4.34
N THR A 48 -13.10 -5.41 4.09
CA THR A 48 -11.81 -5.72 4.73
C THR A 48 -10.67 -5.69 3.71
N LEU A 49 -9.56 -5.08 4.11
CA LEU A 49 -8.41 -4.94 3.22
C LEU A 49 -7.64 -6.25 3.09
N LYS A 50 -7.63 -6.77 1.88
CA LYS A 50 -6.95 -8.01 1.54
C LYS A 50 -6.26 -7.87 0.19
N TRP A 51 -5.33 -8.77 -0.12
CA TRP A 51 -4.61 -8.71 -1.38
C TRP A 51 -5.33 -9.49 -2.49
N GLN A 52 -5.57 -8.83 -3.62
CA GLN A 52 -6.24 -9.43 -4.79
C GLN A 52 -6.24 -8.47 -5.97
N PRO A 53 -6.27 -8.99 -7.22
CA PRO A 53 -6.26 -8.15 -8.41
C PRO A 53 -7.60 -7.44 -8.65
N SER A 54 -7.92 -6.55 -7.72
CA SER A 54 -9.14 -5.76 -7.77
C SER A 54 -8.97 -4.57 -6.83
N ASN A 55 -9.32 -3.37 -7.29
CA ASN A 55 -9.13 -2.16 -6.47
C ASN A 55 -10.20 -1.99 -5.40
N PHE A 56 -9.78 -2.09 -4.14
CA PHE A 56 -10.67 -1.90 -3.00
C PHE A 56 -11.47 -0.61 -3.15
N SER A 57 -10.87 0.36 -3.86
CA SER A 57 -11.47 1.67 -4.09
C SER A 57 -12.91 1.59 -4.61
N GLN A 58 -13.31 0.44 -5.15
CA GLN A 58 -14.67 0.29 -5.66
C GLN A 58 -15.70 0.51 -4.56
N THR A 59 -15.31 0.24 -3.30
CA THR A 59 -16.22 0.42 -2.16
C THR A 59 -15.55 1.23 -1.03
N CYS A 60 -14.31 1.66 -1.24
CA CYS A 60 -13.59 2.40 -0.20
C CYS A 60 -13.31 3.84 -0.60
N TYR A 61 -13.31 4.71 0.41
CA TYR A 61 -13.06 6.14 0.21
C TYR A 61 -12.20 6.68 1.35
N ASN A 62 -11.52 7.80 1.11
CA ASN A 62 -10.67 8.42 2.11
C ASN A 62 -9.49 7.53 2.47
N SER A 63 -8.85 6.98 1.45
CA SER A 63 -7.70 6.11 1.64
C SER A 63 -6.52 6.89 2.19
N ALA A 64 -5.84 6.33 3.19
CA ALA A 64 -4.70 6.98 3.80
C ALA A 64 -3.61 5.98 4.17
N ILE A 65 -2.36 6.43 4.18
CA ILE A 65 -1.24 5.55 4.52
C ILE A 65 -0.33 6.19 5.57
N GLN A 66 0.11 5.36 6.50
CA GLN A 66 1.01 5.78 7.57
C GLN A 66 2.14 4.77 7.69
N GLY A 67 3.33 5.17 7.29
CA GLY A 67 4.46 4.27 7.35
C GLY A 67 4.28 3.10 6.40
N SER A 68 4.25 1.89 6.94
CA SER A 68 4.11 0.70 6.09
C SER A 68 2.68 0.14 6.12
N VAL A 69 1.81 0.72 6.96
CA VAL A 69 0.43 0.25 7.04
C VAL A 69 -0.52 1.17 6.26
N LEU A 70 -1.46 0.56 5.54
CA LEU A 70 -2.44 1.32 4.76
C LEU A 70 -3.77 1.38 5.50
N THR A 71 -4.29 2.59 5.71
CA THR A 71 -5.55 2.79 6.40
C THR A 71 -6.57 3.38 5.45
N SER A 72 -7.72 2.74 5.31
CA SER A 72 -8.75 3.21 4.40
C SER A 72 -10.15 2.82 4.87
N THR A 73 -11.16 3.61 4.50
CA THR A 73 -12.53 3.30 4.88
C THR A 73 -13.21 2.50 3.78
N CYS A 74 -13.77 1.34 4.13
CA CYS A 74 -14.41 0.49 3.15
C CYS A 74 -15.83 0.11 3.52
N GLU A 75 -16.68 0.03 2.50
CA GLU A 75 -18.07 -0.36 2.67
C GLU A 75 -18.18 -1.86 2.98
N ARG A 76 -18.99 -2.22 3.96
CA ARG A 76 -19.17 -3.62 4.34
C ARG A 76 -20.34 -4.23 3.57
N THR A 77 -20.20 -5.50 3.18
CA THR A 77 -21.22 -6.21 2.42
C THR A 77 -22.59 -6.11 3.10
N ASN A 78 -22.59 -5.97 4.41
CA ASN A 78 -23.84 -5.85 5.17
C ASN A 78 -24.39 -4.43 5.13
N GLY A 79 -23.69 -3.53 4.43
CA GLY A 79 -24.14 -2.15 4.34
C GLY A 79 -23.51 -1.26 5.38
N GLY A 80 -23.04 -0.11 4.93
CA GLY A 80 -22.40 0.84 5.81
C GLY A 80 -20.94 1.04 5.43
N TYR A 81 -20.18 1.69 6.31
CA TYR A 81 -18.77 1.96 6.05
C TYR A 81 -17.90 1.54 7.24
N ASN A 82 -16.73 1.00 6.94
CA ASN A 82 -15.80 0.56 7.98
C ASN A 82 -14.37 0.57 7.46
N THR A 83 -13.46 1.18 8.22
CA THR A 83 -12.06 1.25 7.84
C THR A 83 -11.25 0.11 8.44
N SER A 84 -10.42 -0.50 7.62
CA SER A 84 -9.57 -1.62 8.04
C SER A 84 -8.10 -1.24 7.80
N SER A 85 -7.20 -1.92 8.50
CA SER A 85 -5.78 -1.65 8.37
C SER A 85 -5.02 -2.92 7.99
N ILE A 86 -3.96 -2.75 7.19
CA ILE A 86 -3.14 -3.87 6.75
C ILE A 86 -1.66 -3.49 6.63
N ASP A 87 -0.78 -4.43 6.99
CA ASP A 87 0.68 -4.19 6.91
C ASP A 87 1.24 -4.75 5.62
N LEU A 88 1.78 -3.87 4.77
CA LEU A 88 2.33 -4.30 3.48
C LEU A 88 3.85 -4.52 3.52
N ASN A 89 4.48 -4.22 4.66
CA ASN A 89 5.95 -4.37 4.78
C ASN A 89 6.45 -5.68 4.17
N SER A 90 5.61 -6.71 4.18
CA SER A 90 5.99 -8.01 3.63
C SER A 90 5.84 -8.08 2.10
N VAL A 91 4.76 -7.50 1.58
CA VAL A 91 4.50 -7.56 0.13
C VAL A 91 5.45 -6.70 -0.69
N ILE A 92 5.58 -5.43 -0.35
CA ILE A 92 6.46 -4.53 -1.10
C ILE A 92 7.92 -4.63 -0.65
N GLU A 93 8.83 -4.48 -1.60
CA GLU A 93 10.27 -4.59 -1.36
C GLU A 93 11.00 -3.45 -2.08
N ASN A 94 12.25 -3.23 -1.72
CA ASN A 94 13.02 -2.15 -2.35
C ASN A 94 14.08 -2.72 -3.30
N VAL A 95 13.77 -2.70 -4.59
CA VAL A 95 14.69 -3.19 -5.62
C VAL A 95 15.43 -2.03 -6.27
N ASP A 96 16.66 -1.78 -5.84
CA ASP A 96 17.47 -0.70 -6.39
C ASP A 96 16.74 0.64 -6.35
N GLY A 97 15.89 0.83 -5.34
CA GLY A 97 15.16 2.08 -5.22
C GLY A 97 13.79 2.04 -5.86
N SER A 98 13.18 0.85 -5.91
CA SER A 98 11.86 0.69 -6.51
C SER A 98 11.01 -0.29 -5.70
N LEU A 99 9.75 0.07 -5.49
CA LEU A 99 8.84 -0.78 -4.72
C LEU A 99 8.38 -1.98 -5.56
N LYS A 100 8.66 -3.18 -5.04
CA LYS A 100 8.30 -4.41 -5.74
C LYS A 100 7.50 -5.37 -4.86
N TYR A 101 6.46 -5.96 -5.44
CA TYR A 101 5.61 -6.90 -4.70
C TYR A 101 6.32 -8.25 -4.55
N GLU A 102 6.97 -8.70 -5.61
CA GLU A 102 7.69 -9.98 -5.59
C GLU A 102 8.63 -10.09 -6.78
N GLY A 1 14.68 -10.37 5.63
CA GLY A 1 13.81 -11.57 5.45
C GLY A 1 12.95 -11.47 4.19
N LEU A 2 11.65 -11.31 4.38
CA LEU A 2 10.73 -11.20 3.25
C LEU A 2 10.27 -9.77 3.07
N GLY A 3 10.37 -9.27 1.83
CA GLY A 3 9.96 -7.91 1.55
C GLY A 3 10.76 -6.88 2.32
N LYS A 4 10.15 -6.30 3.36
CA LYS A 4 10.81 -5.30 4.17
C LYS A 4 11.23 -4.10 3.34
N PHE A 5 10.23 -3.35 2.83
CA PHE A 5 10.50 -2.17 2.02
C PHE A 5 10.54 -0.91 2.87
N ILE A 6 9.66 -0.82 3.86
CA ILE A 6 9.62 0.35 4.74
C ILE A 6 10.89 0.48 5.56
N GLU A 7 11.67 -0.60 5.63
CA GLU A 7 12.92 -0.58 6.38
C GLU A 7 13.99 0.18 5.61
N THR A 8 13.85 0.25 4.29
CA THR A 8 14.80 0.96 3.44
C THR A 8 14.13 2.10 2.68
N CYS A 9 12.95 2.52 3.14
CA CYS A 9 12.22 3.59 2.48
C CYS A 9 11.70 4.62 3.49
N ARG A 10 11.51 5.85 3.01
CA ARG A 10 11.02 6.92 3.86
C ARG A 10 9.89 7.70 3.19
N ASN A 11 9.27 8.61 3.94
CA ASN A 11 8.18 9.44 3.44
C ASN A 11 7.10 8.60 2.74
N THR A 12 6.55 7.64 3.47
CA THR A 12 5.49 6.80 2.93
C THR A 12 4.16 7.55 2.98
N GLN A 13 3.43 7.52 1.87
CA GLN A 13 2.16 8.22 1.77
C GLN A 13 1.28 7.62 0.69
N LEU A 14 0.00 7.96 0.74
CA LEU A 14 -0.95 7.46 -0.26
C LEU A 14 -1.17 8.49 -1.35
N ALA A 15 -1.16 8.01 -2.58
CA ALA A 15 -1.37 8.86 -3.74
C ALA A 15 -2.61 8.40 -4.48
N GLY A 16 -3.38 9.33 -5.04
CA GLY A 16 -4.59 8.95 -5.74
C GLY A 16 -5.54 8.18 -4.83
N SER A 17 -6.35 7.30 -5.41
CA SER A 17 -7.33 6.56 -4.63
C SER A 17 -6.75 5.27 -4.03
N SER A 18 -5.89 4.58 -4.76
CA SER A 18 -5.32 3.33 -4.25
C SER A 18 -3.85 3.17 -4.59
N GLU A 19 -3.10 4.26 -4.60
CA GLU A 19 -1.67 4.21 -4.89
C GLU A 19 -0.83 4.64 -3.69
N LEU A 20 0.35 4.03 -3.56
CA LEU A 20 1.27 4.36 -2.48
C LEU A 20 2.58 4.86 -3.07
N ALA A 21 3.01 6.04 -2.67
CA ALA A 21 4.25 6.60 -3.19
C ALA A 21 5.25 6.84 -2.06
N ALA A 22 6.52 6.61 -2.33
CA ALA A 22 7.57 6.78 -1.34
C ALA A 22 8.93 6.90 -2.00
N GLU A 23 9.94 7.22 -1.19
CA GLU A 23 11.31 7.32 -1.69
C GLU A 23 12.12 6.18 -1.07
N CYS A 24 12.91 5.49 -1.90
CA CYS A 24 13.70 4.38 -1.39
C CYS A 24 15.15 4.47 -1.82
N LYS A 25 16.04 4.27 -0.86
CA LYS A 25 17.48 4.33 -1.12
C LYS A 25 17.92 3.20 -2.04
N THR A 26 18.76 3.54 -3.01
CA THR A 26 19.26 2.57 -3.97
C THR A 26 20.50 1.86 -3.41
N ARG A 27 21.09 0.98 -4.20
CA ARG A 27 22.27 0.24 -3.76
C ARG A 27 23.43 1.18 -3.44
N ALA A 28 23.47 2.33 -4.12
CA ALA A 28 24.53 3.30 -3.91
C ALA A 28 24.27 4.21 -2.72
N GLN A 29 23.25 3.90 -1.93
CA GLN A 29 22.90 4.72 -0.76
C GLN A 29 22.39 6.09 -1.18
N GLN A 30 21.63 6.11 -2.27
CA GLN A 30 21.03 7.33 -2.78
C GLN A 30 19.52 7.19 -2.73
N PHE A 31 18.81 8.22 -2.27
CA PHE A 31 17.35 8.15 -2.16
C PHE A 31 16.66 8.68 -3.41
N VAL A 32 15.80 7.86 -3.99
CA VAL A 32 15.06 8.24 -5.18
C VAL A 32 13.57 7.96 -5.03
N SER A 33 12.74 8.75 -5.71
CA SER A 33 11.30 8.60 -5.62
C SER A 33 10.82 7.34 -6.33
N THR A 34 9.94 6.59 -5.66
CA THR A 34 9.38 5.36 -6.21
C THR A 34 7.91 5.23 -5.81
N LYS A 35 7.18 4.38 -6.52
CA LYS A 35 5.76 4.21 -6.22
C LYS A 35 5.32 2.76 -6.40
N ILE A 36 4.23 2.42 -5.71
CA ILE A 36 3.65 1.09 -5.77
C ILE A 36 2.12 1.24 -5.87
N ASN A 37 1.52 0.64 -6.89
CA ASN A 37 0.08 0.75 -7.08
C ASN A 37 -0.66 -0.34 -6.32
N LEU A 38 -1.52 0.06 -5.39
CA LEU A 38 -2.27 -0.89 -4.58
C LEU A 38 -3.60 -1.28 -5.24
N ASP A 39 -4.03 -0.52 -6.25
CA ASP A 39 -5.30 -0.79 -6.91
C ASP A 39 -5.38 -2.21 -7.46
N ASP A 40 -4.34 -2.67 -8.15
CA ASP A 40 -4.32 -4.03 -8.69
C ASP A 40 -3.68 -5.02 -7.73
N HIS A 41 -3.06 -4.51 -6.67
CA HIS A 41 -2.42 -5.36 -5.67
C HIS A 41 -3.38 -5.58 -4.50
N ILE A 42 -3.70 -4.49 -3.81
CA ILE A 42 -4.62 -4.53 -2.69
C ILE A 42 -6.06 -4.53 -3.18
N ALA A 43 -6.94 -5.20 -2.45
CA ALA A 43 -8.35 -5.28 -2.81
C ALA A 43 -9.26 -5.20 -1.59
N ASN A 44 -10.57 -5.08 -1.85
CA ASN A 44 -11.56 -4.97 -0.78
C ASN A 44 -12.45 -6.21 -0.75
N ILE A 45 -12.34 -7.00 0.31
CA ILE A 45 -13.16 -8.20 0.47
C ILE A 45 -14.17 -8.03 1.60
N ASP A 46 -15.34 -7.51 1.26
CA ASP A 46 -16.40 -7.30 2.24
C ASP A 46 -16.03 -6.20 3.25
N GLY A 47 -15.39 -5.15 2.75
CA GLY A 47 -15.00 -4.05 3.61
C GLY A 47 -13.66 -4.26 4.30
N THR A 48 -13.02 -5.39 4.03
CA THR A 48 -11.72 -5.70 4.63
C THR A 48 -10.62 -5.70 3.56
N LEU A 49 -9.51 -5.07 3.89
CA LEU A 49 -8.40 -4.97 2.94
C LEU A 49 -7.62 -6.27 2.86
N LYS A 50 -7.61 -6.84 1.66
CA LYS A 50 -6.92 -8.09 1.38
C LYS A 50 -6.17 -7.98 0.05
N TRP A 51 -5.22 -8.88 -0.16
CA TRP A 51 -4.45 -8.86 -1.40
C TRP A 51 -5.17 -9.63 -2.51
N GLN A 52 -5.48 -8.94 -3.59
CA GLN A 52 -6.18 -9.53 -4.73
C GLN A 52 -6.26 -8.54 -5.89
N PRO A 53 -6.25 -9.03 -7.15
CA PRO A 53 -6.31 -8.16 -8.33
C PRO A 53 -7.64 -7.44 -8.46
N SER A 54 -7.90 -6.56 -7.51
CA SER A 54 -9.12 -5.75 -7.50
C SER A 54 -8.88 -4.51 -6.64
N ASN A 55 -9.29 -3.35 -7.15
CA ASN A 55 -9.07 -2.10 -6.43
C ASN A 55 -10.11 -1.87 -5.33
N PHE A 56 -9.67 -1.98 -4.09
CA PHE A 56 -10.54 -1.77 -2.94
C PHE A 56 -11.33 -0.46 -3.10
N SER A 57 -10.73 0.48 -3.82
CA SER A 57 -11.33 1.80 -4.06
C SER A 57 -12.79 1.69 -4.54
N GLN A 58 -13.18 0.52 -5.04
CA GLN A 58 -14.54 0.34 -5.55
C GLN A 58 -15.56 0.51 -4.44
N THR A 59 -15.15 0.29 -3.20
CA THR A 59 -16.06 0.44 -2.05
C THR A 59 -15.41 1.21 -0.91
N CYS A 60 -14.19 1.70 -1.12
CA CYS A 60 -13.48 2.43 -0.08
C CYS A 60 -13.24 3.89 -0.45
N TYR A 61 -13.21 4.75 0.57
CA TYR A 61 -12.99 6.18 0.39
C TYR A 61 -12.14 6.71 1.54
N ASN A 62 -11.48 7.84 1.31
CA ASN A 62 -10.62 8.44 2.33
C ASN A 62 -9.45 7.53 2.65
N SER A 63 -8.82 7.01 1.60
CA SER A 63 -7.67 6.11 1.76
C SER A 63 -6.46 6.87 2.28
N ALA A 64 -5.79 6.29 3.26
CA ALA A 64 -4.61 6.91 3.86
C ALA A 64 -3.53 5.90 4.20
N ILE A 65 -2.28 6.34 4.19
CA ILE A 65 -1.17 5.46 4.50
C ILE A 65 -0.24 6.07 5.54
N GLN A 66 0.22 5.22 6.46
CA GLN A 66 1.12 5.64 7.51
C GLN A 66 2.24 4.61 7.64
N GLY A 67 3.44 4.99 7.23
CA GLY A 67 4.56 4.07 7.28
C GLY A 67 4.37 2.93 6.30
N SER A 68 4.35 1.70 6.80
CA SER A 68 4.19 0.54 5.93
C SER A 68 2.76 -0.01 5.98
N VAL A 69 1.91 0.56 6.83
CA VAL A 69 0.53 0.11 6.94
C VAL A 69 -0.42 1.04 6.20
N LEU A 70 -1.42 0.45 5.53
CA LEU A 70 -2.40 1.22 4.77
C LEU A 70 -3.74 1.28 5.52
N THR A 71 -4.27 2.49 5.69
CA THR A 71 -5.53 2.69 6.38
C THR A 71 -6.56 3.29 5.44
N SER A 72 -7.73 2.66 5.34
CA SER A 72 -8.78 3.15 4.46
C SER A 72 -10.16 2.76 4.97
N THR A 73 -11.17 3.54 4.63
CA THR A 73 -12.54 3.24 5.02
C THR A 73 -13.21 2.47 3.89
N CYS A 74 -13.77 1.30 4.20
CA CYS A 74 -14.40 0.49 3.17
C CYS A 74 -15.83 0.10 3.51
N GLU A 75 -16.67 0.05 2.49
CA GLU A 75 -18.06 -0.34 2.65
C GLU A 75 -18.18 -1.84 2.87
N ARG A 76 -19.04 -2.25 3.80
CA ARG A 76 -19.24 -3.66 4.10
C ARG A 76 -20.39 -4.23 3.28
N THR A 77 -20.25 -5.49 2.87
CA THR A 77 -21.28 -6.13 2.06
C THR A 77 -22.67 -6.01 2.70
N ASN A 78 -22.71 -5.91 4.03
CA ASN A 78 -23.97 -5.78 4.75
C ASN A 78 -24.46 -4.34 4.77
N GLY A 79 -23.72 -3.44 4.12
CA GLY A 79 -24.10 -2.05 4.09
C GLY A 79 -23.50 -1.25 5.22
N GLY A 80 -23.03 -0.06 4.88
CA GLY A 80 -22.39 0.80 5.86
C GLY A 80 -20.93 1.04 5.53
N TYR A 81 -20.19 1.66 6.44
CA TYR A 81 -18.77 1.93 6.19
C TYR A 81 -17.91 1.48 7.37
N ASN A 82 -16.74 0.93 7.06
CA ASN A 82 -15.81 0.44 8.09
C ASN A 82 -14.38 0.46 7.56
N THR A 83 -13.48 1.04 8.34
CA THR A 83 -12.07 1.15 7.95
C THR A 83 -11.25 -0.02 8.49
N SER A 84 -10.40 -0.58 7.63
CA SER A 84 -9.55 -1.70 8.01
C SER A 84 -8.07 -1.35 7.77
N SER A 85 -7.18 -2.05 8.45
CA SER A 85 -5.74 -1.82 8.31
C SER A 85 -5.01 -3.08 7.90
N ILE A 86 -3.95 -2.91 7.11
CA ILE A 86 -3.15 -4.05 6.64
C ILE A 86 -1.67 -3.68 6.52
N ASP A 87 -0.79 -4.64 6.85
CA ASP A 87 0.65 -4.42 6.78
C ASP A 87 1.22 -4.95 5.46
N LEU A 88 1.81 -4.05 4.67
CA LEU A 88 2.37 -4.44 3.36
C LEU A 88 3.89 -4.65 3.37
N ASN A 89 4.54 -4.37 4.50
CA ASN A 89 6.00 -4.52 4.60
C ASN A 89 6.48 -5.84 3.98
N SER A 90 5.63 -6.86 3.99
CA SER A 90 5.98 -8.16 3.42
C SER A 90 5.80 -8.21 1.91
N VAL A 91 4.72 -7.61 1.40
CA VAL A 91 4.44 -7.65 -0.03
C VAL A 91 5.37 -6.76 -0.85
N ILE A 92 5.49 -5.49 -0.48
CA ILE A 92 6.34 -4.57 -1.22
C ILE A 92 7.80 -4.68 -0.77
N GLU A 93 8.71 -4.46 -1.73
CA GLU A 93 10.14 -4.56 -1.46
C GLU A 93 10.88 -3.42 -2.16
N ASN A 94 12.14 -3.18 -1.79
CA ASN A 94 12.91 -2.10 -2.40
C ASN A 94 13.98 -2.68 -3.33
N VAL A 95 13.68 -2.66 -4.63
CA VAL A 95 14.61 -3.15 -5.64
C VAL A 95 15.37 -2.01 -6.29
N ASP A 96 16.60 -1.76 -5.84
CA ASP A 96 17.41 -0.68 -6.39
C ASP A 96 16.68 0.65 -6.38
N GLY A 97 15.85 0.86 -5.36
CA GLY A 97 15.12 2.12 -5.25
C GLY A 97 13.75 2.07 -5.90
N SER A 98 13.14 0.88 -5.95
CA SER A 98 11.82 0.73 -6.55
C SER A 98 10.96 -0.24 -5.75
N LEU A 99 9.70 0.14 -5.55
CA LEU A 99 8.77 -0.70 -4.81
C LEU A 99 8.33 -1.89 -5.65
N LYS A 100 8.62 -3.08 -5.16
CA LYS A 100 8.27 -4.31 -5.88
C LYS A 100 7.45 -5.25 -5.00
N TYR A 101 6.42 -5.85 -5.59
CA TYR A 101 5.56 -6.78 -4.87
C TYR A 101 6.25 -8.13 -4.71
N GLU A 102 5.75 -8.94 -3.78
CA GLU A 102 6.33 -10.26 -3.55
C GLU A 102 6.00 -11.22 -4.69
N GLY A 1 15.17 -12.59 1.47
CA GLY A 1 14.62 -11.45 0.68
C GLY A 1 13.17 -11.64 0.30
N LEU A 2 12.26 -11.25 1.20
CA LEU A 2 10.83 -11.37 0.95
C LEU A 2 10.18 -10.00 0.81
N GLY A 3 10.55 -9.08 1.71
CA GLY A 3 9.98 -7.74 1.66
C GLY A 3 10.77 -6.74 2.47
N LYS A 4 10.10 -6.12 3.46
CA LYS A 4 10.74 -5.12 4.31
C LYS A 4 11.14 -3.89 3.51
N PHE A 5 10.15 -3.14 3.03
CA PHE A 5 10.42 -1.94 2.24
C PHE A 5 10.44 -0.69 3.11
N ILE A 6 9.55 -0.61 4.09
CA ILE A 6 9.50 0.56 4.97
C ILE A 6 10.79 0.67 5.78
N GLU A 7 11.55 -0.41 5.85
CA GLU A 7 12.82 -0.41 6.58
C GLU A 7 13.90 0.32 5.79
N THR A 8 13.77 0.34 4.46
CA THR A 8 14.72 1.03 3.60
C THR A 8 14.06 2.14 2.80
N CYS A 9 12.90 2.61 3.28
CA CYS A 9 12.16 3.66 2.59
C CYS A 9 11.64 4.71 3.57
N ARG A 10 11.44 5.93 3.07
CA ARG A 10 10.95 7.03 3.89
C ARG A 10 9.82 7.78 3.18
N ASN A 11 9.20 8.71 3.91
CA ASN A 11 8.10 9.52 3.37
C ASN A 11 7.04 8.66 2.69
N THR A 12 6.48 7.72 3.45
CA THR A 12 5.43 6.87 2.93
C THR A 12 4.11 7.63 2.94
N GLN A 13 3.40 7.58 1.82
CA GLN A 13 2.12 8.30 1.70
C GLN A 13 1.24 7.70 0.63
N LEU A 14 -0.04 8.05 0.66
CA LEU A 14 -0.99 7.55 -0.32
C LEU A 14 -1.20 8.55 -1.44
N ALA A 15 -1.21 8.04 -2.66
CA ALA A 15 -1.43 8.86 -3.84
C ALA A 15 -2.67 8.36 -4.57
N GLY A 16 -3.45 9.27 -5.14
CA GLY A 16 -4.65 8.86 -5.83
C GLY A 16 -5.60 8.12 -4.89
N SER A 17 -6.42 7.22 -5.44
CA SER A 17 -7.39 6.50 -4.62
C SER A 17 -6.81 5.25 -3.98
N SER A 18 -5.94 4.52 -4.68
CA SER A 18 -5.37 3.31 -4.11
C SER A 18 -3.89 3.11 -4.47
N GLU A 19 -3.14 4.21 -4.53
CA GLU A 19 -1.71 4.14 -4.84
C GLU A 19 -0.86 4.61 -3.67
N LEU A 20 0.32 4.00 -3.54
CA LEU A 20 1.25 4.36 -2.48
C LEU A 20 2.56 4.82 -3.09
N ALA A 21 2.99 6.04 -2.75
CA ALA A 21 4.22 6.57 -3.29
C ALA A 21 5.21 6.83 -2.15
N ALA A 22 6.49 6.61 -2.41
CA ALA A 22 7.52 6.79 -1.39
C ALA A 22 8.91 6.91 -2.01
N GLU A 23 9.90 7.23 -1.19
CA GLU A 23 11.28 7.32 -1.65
C GLU A 23 12.08 6.19 -1.02
N CYS A 24 12.89 5.47 -1.81
CA CYS A 24 13.66 4.36 -1.27
C CYS A 24 15.13 4.44 -1.69
N LYS A 25 16.01 4.23 -0.72
CA LYS A 25 17.45 4.26 -0.97
C LYS A 25 17.86 3.11 -1.89
N THR A 26 18.69 3.43 -2.87
CA THR A 26 19.18 2.44 -3.82
C THR A 26 20.39 1.72 -3.26
N ARG A 27 20.99 0.83 -4.05
CA ARG A 27 22.15 0.08 -3.61
C ARG A 27 23.31 1.01 -3.27
N ALA A 28 23.37 2.15 -3.96
CA ALA A 28 24.45 3.11 -3.76
C ALA A 28 24.20 4.04 -2.57
N GLN A 29 23.19 3.74 -1.76
CA GLN A 29 22.86 4.58 -0.60
C GLN A 29 22.35 5.95 -1.02
N GLN A 30 21.58 5.96 -2.10
CA GLN A 30 20.98 7.19 -2.61
C GLN A 30 19.47 7.04 -2.59
N PHE A 31 18.75 8.05 -2.13
CA PHE A 31 17.30 7.97 -2.07
C PHE A 31 16.63 8.54 -3.31
N VAL A 32 15.80 7.73 -3.95
CA VAL A 32 15.08 8.13 -5.15
C VAL A 32 13.59 7.87 -5.00
N SER A 33 12.78 8.64 -5.72
CA SER A 33 11.33 8.50 -5.64
C SER A 33 10.84 7.24 -6.34
N THR A 34 9.94 6.53 -5.67
CA THR A 34 9.37 5.30 -6.19
C THR A 34 7.90 5.16 -5.77
N LYS A 35 7.15 4.31 -6.45
CA LYS A 35 5.75 4.14 -6.14
C LYS A 35 5.29 2.69 -6.33
N ILE A 36 4.23 2.34 -5.63
CA ILE A 36 3.65 0.99 -5.70
C ILE A 36 2.13 1.10 -5.83
N ASN A 37 1.56 0.40 -6.81
CA ASN A 37 0.12 0.48 -7.04
C ASN A 37 -0.63 -0.57 -6.21
N LEU A 38 -1.46 -0.11 -5.28
CA LEU A 38 -2.24 -1.01 -4.44
C LEU A 38 -3.56 -1.40 -5.10
N ASP A 39 -3.96 -0.66 -6.14
CA ASP A 39 -5.24 -0.94 -6.81
C ASP A 39 -5.31 -2.38 -7.31
N ASP A 40 -4.25 -2.87 -7.95
CA ASP A 40 -4.23 -4.24 -8.46
C ASP A 40 -3.63 -5.20 -7.46
N HIS A 41 -3.04 -4.69 -6.40
CA HIS A 41 -2.45 -5.54 -5.36
C HIS A 41 -3.44 -5.73 -4.22
N ILE A 42 -3.74 -4.62 -3.54
CA ILE A 42 -4.69 -4.65 -2.44
C ILE A 42 -6.12 -4.64 -2.97
N ALA A 43 -7.01 -5.32 -2.26
CA ALA A 43 -8.42 -5.40 -2.67
C ALA A 43 -9.36 -5.25 -1.47
N ASN A 44 -10.65 -5.12 -1.77
CA ASN A 44 -11.68 -4.96 -0.74
C ASN A 44 -12.56 -6.19 -0.66
N ILE A 45 -12.39 -6.95 0.41
CA ILE A 45 -13.18 -8.17 0.62
C ILE A 45 -14.18 -7.97 1.76
N ASP A 46 -15.38 -7.48 1.41
CA ASP A 46 -16.42 -7.23 2.40
C ASP A 46 -16.03 -6.11 3.37
N GLY A 47 -15.39 -5.08 2.83
CA GLY A 47 -14.99 -3.95 3.65
C GLY A 47 -13.66 -4.17 4.36
N THR A 48 -13.05 -5.33 4.15
CA THR A 48 -11.76 -5.63 4.79
C THR A 48 -10.64 -5.66 3.75
N LEU A 49 -9.51 -5.05 4.11
CA LEU A 49 -8.39 -4.97 3.19
C LEU A 49 -7.63 -6.29 3.11
N LYS A 50 -7.63 -6.86 1.92
CA LYS A 50 -6.97 -8.13 1.66
C LYS A 50 -6.22 -8.07 0.33
N TRP A 51 -5.29 -9.00 0.13
CA TRP A 51 -4.52 -9.04 -1.11
C TRP A 51 -5.24 -9.84 -2.19
N GLN A 52 -5.55 -9.18 -3.29
CA GLN A 52 -6.26 -9.79 -4.42
C GLN A 52 -6.31 -8.83 -5.59
N PRO A 53 -6.19 -9.32 -6.84
CA PRO A 53 -6.21 -8.45 -8.03
C PRO A 53 -7.54 -7.76 -8.22
N SER A 54 -7.80 -6.78 -7.36
CA SER A 54 -9.02 -5.98 -7.38
C SER A 54 -8.80 -4.72 -6.57
N ASN A 55 -9.24 -3.57 -7.09
CA ASN A 55 -9.04 -2.29 -6.39
C ASN A 55 -10.09 -2.04 -5.32
N PHE A 56 -9.67 -2.10 -4.06
CA PHE A 56 -10.56 -1.85 -2.93
C PHE A 56 -11.33 -0.54 -3.12
N SER A 57 -10.70 0.40 -3.82
CA SER A 57 -11.27 1.73 -4.07
C SER A 57 -12.71 1.68 -4.60
N GLN A 58 -13.13 0.53 -5.12
CA GLN A 58 -14.49 0.42 -5.67
C GLN A 58 -15.55 0.63 -4.58
N THR A 59 -15.19 0.36 -3.32
CA THR A 59 -16.13 0.54 -2.22
C THR A 59 -15.49 1.31 -1.07
N CYS A 60 -14.23 1.69 -1.22
CA CYS A 60 -13.53 2.42 -0.16
C CYS A 60 -13.28 3.87 -0.54
N TYR A 61 -13.26 4.75 0.48
CA TYR A 61 -13.04 6.17 0.27
C TYR A 61 -12.20 6.76 1.41
N ASN A 62 -11.54 7.88 1.13
CA ASN A 62 -10.70 8.53 2.12
C ASN A 62 -9.52 7.63 2.50
N SER A 63 -8.89 7.04 1.50
CA SER A 63 -7.76 6.15 1.72
C SER A 63 -6.55 6.94 2.22
N ALA A 64 -5.87 6.38 3.21
CA ALA A 64 -4.70 7.03 3.80
C ALA A 64 -3.61 6.04 4.16
N ILE A 65 -2.37 6.49 4.16
CA ILE A 65 -1.24 5.63 4.49
C ILE A 65 -0.31 6.27 5.51
N GLN A 66 0.16 5.46 6.45
CA GLN A 66 1.07 5.90 7.49
C GLN A 66 2.16 4.86 7.67
N GLY A 67 3.37 5.20 7.26
CA GLY A 67 4.48 4.26 7.36
C GLY A 67 4.29 3.11 6.39
N SER A 68 4.25 1.88 6.90
CA SER A 68 4.10 0.71 6.05
C SER A 68 2.67 0.17 6.05
N VAL A 69 1.79 0.76 6.86
CA VAL A 69 0.40 0.29 6.94
C VAL A 69 -0.55 1.21 6.16
N LEU A 70 -1.52 0.58 5.50
CA LEU A 70 -2.51 1.31 4.71
C LEU A 70 -3.84 1.40 5.48
N THR A 71 -4.32 2.63 5.69
CA THR A 71 -5.57 2.85 6.39
C THR A 71 -6.60 3.46 5.44
N SER A 72 -7.75 2.82 5.32
CA SER A 72 -8.79 3.30 4.42
C SER A 72 -10.18 2.88 4.90
N THR A 73 -11.20 3.67 4.52
CA THR A 73 -12.57 3.34 4.90
C THR A 73 -13.24 2.55 3.76
N CYS A 74 -13.80 1.39 4.09
CA CYS A 74 -14.43 0.55 3.09
C CYS A 74 -15.87 0.20 3.45
N GLU A 75 -16.71 0.10 2.41
CA GLU A 75 -18.11 -0.29 2.60
C GLU A 75 -18.22 -1.78 2.87
N ARG A 76 -19.05 -2.16 3.84
CA ARG A 76 -19.23 -3.57 4.17
C ARG A 76 -20.40 -4.17 3.41
N THR A 77 -20.28 -5.44 3.02
CA THR A 77 -21.32 -6.13 2.28
C THR A 77 -22.68 -6.02 2.97
N ASN A 78 -22.66 -5.84 4.29
CA ASN A 78 -23.90 -5.71 5.05
C ASN A 78 -24.44 -4.28 4.99
N GLY A 79 -23.74 -3.41 4.27
CA GLY A 79 -24.18 -2.03 4.13
C GLY A 79 -23.57 -1.12 5.17
N GLY A 80 -23.11 0.03 4.71
CA GLY A 80 -22.48 1.00 5.59
C GLY A 80 -21.02 1.17 5.26
N TYR A 81 -20.26 1.81 6.15
CA TYR A 81 -18.84 2.03 5.92
C TYR A 81 -18.00 1.62 7.14
N ASN A 82 -16.82 1.08 6.87
CA ASN A 82 -15.91 0.63 7.92
C ASN A 82 -14.47 0.66 7.42
N THR A 83 -13.59 1.25 8.21
CA THR A 83 -12.18 1.36 7.84
C THR A 83 -11.34 0.23 8.45
N SER A 84 -10.48 -0.35 7.62
CA SER A 84 -9.62 -1.46 8.04
C SER A 84 -8.14 -1.11 7.82
N SER A 85 -7.26 -1.79 8.54
CA SER A 85 -5.83 -1.56 8.41
C SER A 85 -5.08 -2.83 8.03
N ILE A 86 -4.02 -2.68 7.25
CA ILE A 86 -3.22 -3.83 6.81
C ILE A 86 -1.74 -3.48 6.69
N ASP A 87 -0.87 -4.44 7.05
CA ASP A 87 0.57 -4.24 6.99
C ASP A 87 1.15 -4.83 5.69
N LEU A 88 1.73 -3.97 4.86
CA LEU A 88 2.29 -4.40 3.57
C LEU A 88 3.81 -4.62 3.60
N ASN A 89 4.46 -4.31 4.72
CA ASN A 89 5.92 -4.45 4.81
C ASN A 89 6.40 -5.79 4.21
N SER A 90 5.55 -6.80 4.23
CA SER A 90 5.92 -8.11 3.69
C SER A 90 5.77 -8.18 2.17
N VAL A 91 4.69 -7.61 1.63
CA VAL A 91 4.42 -7.66 0.20
C VAL A 91 5.38 -6.78 -0.63
N ILE A 92 5.50 -5.51 -0.27
CA ILE A 92 6.37 -4.59 -1.02
C ILE A 92 7.82 -4.71 -0.57
N GLU A 93 8.75 -4.52 -1.52
CA GLU A 93 10.18 -4.61 -1.24
C GLU A 93 10.93 -3.48 -1.94
N ASN A 94 12.18 -3.23 -1.55
CA ASN A 94 12.94 -2.15 -2.18
C ASN A 94 14.00 -2.72 -3.12
N VAL A 95 13.68 -2.71 -4.41
CA VAL A 95 14.59 -3.22 -5.44
C VAL A 95 15.35 -2.07 -6.10
N ASP A 96 16.59 -1.83 -5.66
CA ASP A 96 17.41 -0.77 -6.23
C ASP A 96 16.67 0.57 -6.25
N GLY A 97 15.81 0.78 -5.26
CA GLY A 97 15.07 2.03 -5.17
C GLY A 97 13.69 1.97 -5.81
N SER A 98 13.10 0.77 -5.82
CA SER A 98 11.78 0.59 -6.41
C SER A 98 10.93 -0.39 -5.60
N LEU A 99 9.67 -0.05 -5.39
CA LEU A 99 8.76 -0.90 -4.63
C LEU A 99 8.33 -2.11 -5.46
N LYS A 100 8.63 -3.30 -4.96
CA LYS A 100 8.31 -4.54 -5.66
C LYS A 100 7.51 -5.50 -4.78
N TYR A 101 6.61 -6.25 -5.41
CA TYR A 101 5.77 -7.21 -4.71
C TYR A 101 6.57 -8.45 -4.30
N GLU A 102 7.57 -8.79 -5.11
CA GLU A 102 8.42 -9.95 -4.84
C GLU A 102 9.81 -9.52 -4.39
N GLY A 1 7.68 -13.16 6.27
CA GLY A 1 7.82 -12.19 5.16
C GLY A 1 9.10 -12.35 4.38
N LEU A 2 9.31 -11.50 3.39
CA LEU A 2 10.51 -11.55 2.57
C LEU A 2 10.63 -10.29 1.71
N GLY A 3 10.21 -9.16 2.27
CA GLY A 3 10.28 -7.90 1.56
C GLY A 3 10.96 -6.81 2.36
N LYS A 4 10.23 -6.22 3.30
CA LYS A 4 10.78 -5.17 4.14
C LYS A 4 11.18 -3.94 3.32
N PHE A 5 10.20 -3.19 2.85
CA PHE A 5 10.45 -2.00 2.05
C PHE A 5 10.52 -0.74 2.92
N ILE A 6 9.66 -0.67 3.94
CA ILE A 6 9.66 0.48 4.83
C ILE A 6 10.94 0.58 5.64
N GLU A 7 11.72 -0.51 5.66
CA GLU A 7 12.98 -0.51 6.39
C GLU A 7 14.06 0.24 5.61
N THR A 8 13.92 0.26 4.28
CA THR A 8 14.88 0.96 3.43
C THR A 8 14.19 2.08 2.64
N CYS A 9 13.02 2.51 3.11
CA CYS A 9 12.29 3.57 2.42
C CYS A 9 11.79 4.63 3.40
N ARG A 10 11.60 5.84 2.89
CA ARG A 10 11.13 6.95 3.71
C ARG A 10 10.00 7.71 3.02
N ASN A 11 9.39 8.64 3.75
CA ASN A 11 8.29 9.45 3.22
C ASN A 11 7.20 8.60 2.56
N THR A 12 6.64 7.67 3.31
CA THR A 12 5.57 6.84 2.81
C THR A 12 4.25 7.60 2.87
N GLN A 13 3.48 7.55 1.78
CA GLN A 13 2.22 8.27 1.71
C GLN A 13 1.31 7.67 0.63
N LEU A 14 0.03 8.01 0.70
CA LEU A 14 -0.94 7.51 -0.25
C LEU A 14 -1.20 8.52 -1.37
N ALA A 15 -1.24 8.02 -2.58
CA ALA A 15 -1.49 8.84 -3.76
C ALA A 15 -2.75 8.35 -4.45
N GLY A 16 -3.54 9.28 -5.00
CA GLY A 16 -4.77 8.87 -5.67
C GLY A 16 -5.70 8.12 -4.73
N SER A 17 -6.50 7.21 -5.27
CA SER A 17 -7.45 6.47 -4.45
C SER A 17 -6.85 5.21 -3.82
N SER A 18 -5.96 4.51 -4.53
CA SER A 18 -5.37 3.30 -3.98
C SER A 18 -3.90 3.13 -4.35
N GLU A 19 -3.16 4.23 -4.43
CA GLU A 19 -1.73 4.18 -4.75
C GLU A 19 -0.88 4.65 -3.58
N LEU A 20 0.33 4.09 -3.48
CA LEU A 20 1.27 4.45 -2.43
C LEU A 20 2.57 4.93 -3.06
N ALA A 21 3.01 6.14 -2.71
CA ALA A 21 4.24 6.67 -3.25
C ALA A 21 5.23 6.97 -2.13
N ALA A 22 6.50 6.73 -2.39
CA ALA A 22 7.55 6.93 -1.39
C ALA A 22 8.93 7.02 -2.04
N GLU A 23 9.94 7.35 -1.26
CA GLU A 23 11.30 7.41 -1.75
C GLU A 23 12.08 6.25 -1.16
N CYS A 24 12.86 5.55 -1.97
CA CYS A 24 13.63 4.42 -1.47
C CYS A 24 15.09 4.50 -1.90
N LYS A 25 15.98 4.31 -0.94
CA LYS A 25 17.40 4.38 -1.20
C LYS A 25 17.86 3.25 -2.13
N THR A 26 18.71 3.59 -3.09
CA THR A 26 19.22 2.61 -4.04
C THR A 26 20.46 1.92 -3.48
N ARG A 27 21.06 1.02 -4.26
CA ARG A 27 22.24 0.30 -3.82
C ARG A 27 23.39 1.26 -3.49
N ALA A 28 23.41 2.41 -4.18
CA ALA A 28 24.47 3.39 -3.99
C ALA A 28 24.21 4.30 -2.78
N GLN A 29 23.21 3.98 -1.98
CA GLN A 29 22.86 4.79 -0.81
C GLN A 29 22.33 6.16 -1.22
N GLN A 30 21.57 6.18 -2.31
CA GLN A 30 20.96 7.40 -2.81
C GLN A 30 19.44 7.23 -2.77
N PHE A 31 18.72 8.28 -2.33
CA PHE A 31 17.27 8.20 -2.24
C PHE A 31 16.59 8.72 -3.51
N VAL A 32 15.75 7.89 -4.10
CA VAL A 32 15.03 8.27 -5.31
C VAL A 32 13.54 8.03 -5.15
N SER A 33 12.73 8.82 -5.83
CA SER A 33 11.27 8.71 -5.74
C SER A 33 10.78 7.43 -6.43
N THR A 34 9.90 6.71 -5.74
CA THR A 34 9.33 5.48 -6.27
C THR A 34 7.87 5.34 -5.83
N LYS A 35 7.12 4.48 -6.52
CA LYS A 35 5.73 4.29 -6.18
C LYS A 35 5.30 2.83 -6.35
N ILE A 36 4.22 2.48 -5.66
CA ILE A 36 3.66 1.13 -5.71
C ILE A 36 2.14 1.22 -5.80
N ASN A 37 1.54 0.54 -6.77
CA ASN A 37 0.10 0.58 -6.96
C ASN A 37 -0.61 -0.47 -6.13
N LEU A 38 -1.43 -0.04 -5.18
CA LEU A 38 -2.18 -0.97 -4.36
C LEU A 38 -3.49 -1.38 -5.03
N ASP A 39 -3.88 -0.63 -6.07
CA ASP A 39 -5.13 -0.90 -6.79
C ASP A 39 -5.19 -2.34 -7.32
N ASP A 40 -4.14 -2.79 -8.00
CA ASP A 40 -4.13 -4.15 -8.55
C ASP A 40 -3.50 -5.13 -7.56
N HIS A 41 -2.89 -4.63 -6.50
CA HIS A 41 -2.27 -5.49 -5.50
C HIS A 41 -3.25 -5.70 -4.34
N ILE A 42 -3.56 -4.61 -3.65
CA ILE A 42 -4.50 -4.66 -2.54
C ILE A 42 -5.94 -4.65 -3.07
N ALA A 43 -6.83 -5.32 -2.34
CA ALA A 43 -8.24 -5.40 -2.74
C ALA A 43 -9.18 -5.29 -1.54
N ASN A 44 -10.47 -5.18 -1.82
CA ASN A 44 -11.49 -5.06 -0.77
C ASN A 44 -12.40 -6.29 -0.72
N ILE A 45 -12.29 -7.06 0.35
CA ILE A 45 -13.10 -8.27 0.52
C ILE A 45 -14.09 -8.10 1.67
N ASP A 46 -15.27 -7.59 1.36
CA ASP A 46 -16.32 -7.37 2.36
C ASP A 46 -15.94 -6.27 3.35
N GLY A 47 -15.28 -5.24 2.84
CA GLY A 47 -14.88 -4.14 3.70
C GLY A 47 -13.56 -4.36 4.41
N THR A 48 -12.92 -5.51 4.17
CA THR A 48 -11.65 -5.82 4.80
C THR A 48 -10.52 -5.78 3.77
N LEU A 49 -9.40 -5.15 4.14
CA LEU A 49 -8.28 -5.02 3.22
C LEU A 49 -7.48 -6.31 3.13
N LYS A 50 -7.49 -6.87 1.92
CA LYS A 50 -6.80 -8.11 1.60
C LYS A 50 -6.14 -7.99 0.24
N TRP A 51 -5.20 -8.87 -0.07
CA TRP A 51 -4.51 -8.81 -1.36
C TRP A 51 -5.24 -9.60 -2.45
N GLN A 52 -5.50 -8.92 -3.57
CA GLN A 52 -6.18 -9.53 -4.72
C GLN A 52 -6.15 -8.58 -5.91
N PRO A 53 -6.20 -9.10 -7.16
CA PRO A 53 -6.17 -8.25 -8.35
C PRO A 53 -7.47 -7.48 -8.54
N SER A 54 -7.76 -6.63 -7.57
CA SER A 54 -8.95 -5.79 -7.58
C SER A 54 -8.71 -4.58 -6.67
N ASN A 55 -9.09 -3.40 -7.15
CA ASN A 55 -8.86 -2.17 -6.39
C ASN A 55 -9.92 -1.95 -5.31
N PHE A 56 -9.50 -2.07 -4.05
CA PHE A 56 -10.39 -1.86 -2.91
C PHE A 56 -11.17 -0.55 -3.08
N SER A 57 -10.56 0.40 -3.77
CA SER A 57 -11.16 1.72 -4.01
C SER A 57 -12.59 1.63 -4.54
N GLN A 58 -13.00 0.47 -5.05
CA GLN A 58 -14.34 0.31 -5.59
C GLN A 58 -15.40 0.51 -4.50
N THR A 59 -15.03 0.20 -3.26
CA THR A 59 -15.96 0.35 -2.14
C THR A 59 -15.33 1.15 -1.00
N CYS A 60 -14.08 1.58 -1.17
CA CYS A 60 -13.39 2.33 -0.13
C CYS A 60 -13.15 3.77 -0.51
N TYR A 61 -13.15 4.64 0.50
CA TYR A 61 -12.95 6.08 0.32
C TYR A 61 -12.13 6.64 1.48
N ASN A 62 -11.48 7.78 1.24
CA ASN A 62 -10.67 8.42 2.27
C ASN A 62 -9.48 7.53 2.65
N SER A 63 -8.82 6.98 1.64
CA SER A 63 -7.66 6.12 1.86
C SER A 63 -6.48 6.91 2.36
N ALA A 64 -5.77 6.36 3.35
CA ALA A 64 -4.61 7.01 3.92
C ALA A 64 -3.52 6.00 4.28
N ILE A 65 -2.27 6.45 4.25
CA ILE A 65 -1.15 5.56 4.56
C ILE A 65 -0.20 6.19 5.57
N GLN A 66 0.29 5.35 6.47
CA GLN A 66 1.24 5.77 7.50
C GLN A 66 2.34 4.73 7.63
N GLY A 67 3.54 5.08 7.18
CA GLY A 67 4.65 4.15 7.23
C GLY A 67 4.44 2.98 6.30
N SER A 68 4.41 1.76 6.85
CA SER A 68 4.24 0.57 6.03
C SER A 68 2.81 0.04 6.07
N VAL A 69 1.94 0.65 6.87
CA VAL A 69 0.54 0.20 6.95
C VAL A 69 -0.40 1.13 6.19
N LEU A 70 -1.39 0.53 5.52
CA LEU A 70 -2.36 1.28 4.75
C LEU A 70 -3.69 1.36 5.51
N THR A 71 -4.21 2.57 5.69
CA THR A 71 -5.47 2.77 6.39
C THR A 71 -6.51 3.34 5.43
N SER A 72 -7.65 2.69 5.32
CA SER A 72 -8.70 3.15 4.42
C SER A 72 -10.09 2.74 4.91
N THR A 73 -11.10 3.51 4.54
CA THR A 73 -12.47 3.19 4.93
C THR A 73 -13.14 2.40 3.81
N CYS A 74 -13.68 1.23 4.13
CA CYS A 74 -14.31 0.40 3.11
C CYS A 74 -15.74 0.00 3.47
N GLU A 75 -16.57 -0.09 2.45
CA GLU A 75 -17.97 -0.48 2.61
C GLU A 75 -18.08 -1.97 2.88
N ARG A 76 -18.93 -2.35 3.83
CA ARG A 76 -19.13 -3.75 4.16
C ARG A 76 -20.29 -4.34 3.35
N THR A 77 -20.16 -5.60 2.97
CA THR A 77 -21.19 -6.27 2.17
C THR A 77 -22.57 -6.13 2.80
N ASN A 78 -22.61 -5.97 4.12
CA ASN A 78 -23.87 -5.82 4.84
C ASN A 78 -24.37 -4.37 4.78
N GLY A 79 -23.63 -3.51 4.10
CA GLY A 79 -24.01 -2.11 3.99
C GLY A 79 -23.41 -1.27 5.09
N GLY A 80 -22.94 -0.10 4.71
CA GLY A 80 -22.31 0.80 5.67
C GLY A 80 -20.85 1.00 5.34
N TYR A 81 -20.09 1.60 6.25
CA TYR A 81 -18.66 1.84 6.02
C TYR A 81 -17.83 1.44 7.23
N ASN A 82 -16.65 0.89 6.95
CA ASN A 82 -15.73 0.46 8.02
C ASN A 82 -14.29 0.49 7.50
N THR A 83 -13.41 1.10 8.28
CA THR A 83 -11.99 1.20 7.91
C THR A 83 -11.17 0.07 8.49
N SER A 84 -10.31 -0.52 7.65
CA SER A 84 -9.45 -1.62 8.07
C SER A 84 -7.99 -1.24 7.86
N SER A 85 -7.10 -1.93 8.58
CA SER A 85 -5.67 -1.66 8.47
C SER A 85 -4.90 -2.92 8.08
N ILE A 86 -3.86 -2.75 7.27
CA ILE A 86 -3.04 -3.88 6.83
C ILE A 86 -1.57 -3.48 6.69
N ASP A 87 -0.68 -4.40 7.05
CA ASP A 87 0.76 -4.18 6.95
C ASP A 87 1.32 -4.77 5.65
N LEU A 88 1.83 -3.90 4.77
CA LEU A 88 2.36 -4.34 3.49
C LEU A 88 3.88 -4.53 3.50
N ASN A 89 4.54 -4.21 4.61
CA ASN A 89 5.99 -4.33 4.71
C ASN A 89 6.50 -5.65 4.13
N SER A 90 5.67 -6.67 4.14
CA SER A 90 6.05 -7.98 3.61
C SER A 90 5.92 -8.07 2.09
N VAL A 91 4.84 -7.51 1.54
CA VAL A 91 4.59 -7.58 0.10
C VAL A 91 5.52 -6.68 -0.72
N ILE A 92 5.60 -5.40 -0.37
CA ILE A 92 6.44 -4.47 -1.11
C ILE A 92 7.90 -4.57 -0.66
N GLU A 93 8.82 -4.34 -1.60
CA GLU A 93 10.25 -4.42 -1.32
C GLU A 93 10.98 -3.30 -2.04
N ASN A 94 12.24 -3.05 -1.68
CA ASN A 94 13.00 -2.00 -2.33
C ASN A 94 14.06 -2.60 -3.26
N VAL A 95 13.72 -2.62 -4.54
CA VAL A 95 14.62 -3.14 -5.56
C VAL A 95 15.39 -2.01 -6.25
N ASP A 96 16.61 -1.76 -5.81
CA ASP A 96 17.43 -0.69 -6.39
C ASP A 96 16.70 0.65 -6.38
N GLY A 97 15.88 0.87 -5.37
CA GLY A 97 15.15 2.12 -5.25
C GLY A 97 13.77 2.08 -5.88
N SER A 98 13.16 0.90 -5.91
CA SER A 98 11.82 0.76 -6.48
C SER A 98 10.97 -0.20 -5.67
N LEU A 99 9.71 0.15 -5.46
CA LEU A 99 8.80 -0.69 -4.70
C LEU A 99 8.38 -1.90 -5.52
N LYS A 100 8.69 -3.09 -5.02
CA LYS A 100 8.36 -4.33 -5.72
C LYS A 100 7.53 -5.26 -4.86
N TYR A 101 6.54 -5.90 -5.48
CA TYR A 101 5.66 -6.83 -4.79
C TYR A 101 6.28 -8.22 -4.77
N GLU A 102 6.63 -8.72 -5.94
CA GLU A 102 7.25 -10.04 -6.05
C GLU A 102 8.74 -9.97 -5.75
N GLY A 1 12.85 -13.34 7.03
CA GLY A 1 12.38 -12.02 6.53
C GLY A 1 11.58 -12.13 5.25
N LEU A 2 11.01 -11.02 4.80
CA LEU A 2 10.21 -11.00 3.59
C LEU A 2 9.94 -9.57 3.13
N GLY A 3 10.38 -9.25 1.92
CA GLY A 3 10.18 -7.91 1.39
C GLY A 3 10.90 -6.85 2.21
N LYS A 4 10.20 -6.28 3.19
CA LYS A 4 10.78 -5.26 4.05
C LYS A 4 11.20 -4.04 3.23
N PHE A 5 10.20 -3.29 2.74
CA PHE A 5 10.46 -2.09 1.94
C PHE A 5 10.52 -0.85 2.81
N ILE A 6 9.67 -0.79 3.84
CA ILE A 6 9.64 0.37 4.74
C ILE A 6 10.91 0.46 5.58
N GLU A 7 11.72 -0.60 5.54
CA GLU A 7 12.97 -0.62 6.30
C GLU A 7 14.03 0.21 5.60
N THR A 8 13.91 0.35 4.27
CA THR A 8 14.86 1.12 3.49
C THR A 8 14.19 2.31 2.80
N CYS A 9 12.88 2.45 2.97
CA CYS A 9 12.14 3.54 2.34
C CYS A 9 11.66 4.54 3.38
N ARG A 10 11.51 5.78 2.96
CA ARG A 10 11.05 6.84 3.83
C ARG A 10 9.94 7.65 3.17
N ASN A 11 9.33 8.56 3.93
CA ASN A 11 8.26 9.42 3.43
C ASN A 11 7.17 8.61 2.72
N THR A 12 6.59 7.64 3.45
CA THR A 12 5.52 6.83 2.90
C THR A 12 4.21 7.59 2.96
N GLN A 13 3.48 7.57 1.84
CA GLN A 13 2.20 8.27 1.75
C GLN A 13 1.33 7.69 0.66
N LEU A 14 0.03 8.00 0.71
CA LEU A 14 -0.91 7.49 -0.27
C LEU A 14 -1.16 8.53 -1.34
N ALA A 15 -1.17 8.07 -2.58
CA ALA A 15 -1.41 8.92 -3.74
C ALA A 15 -2.63 8.42 -4.48
N GLY A 16 -3.40 9.33 -5.05
CA GLY A 16 -4.61 8.91 -5.76
C GLY A 16 -5.54 8.15 -4.84
N SER A 17 -6.37 7.28 -5.40
CA SER A 17 -7.33 6.53 -4.59
C SER A 17 -6.74 5.26 -4.01
N SER A 18 -5.88 4.57 -4.74
CA SER A 18 -5.29 3.34 -4.24
C SER A 18 -3.82 3.20 -4.58
N GLU A 19 -3.09 4.31 -4.58
CA GLU A 19 -1.66 4.28 -4.88
C GLU A 19 -0.83 4.73 -3.68
N LEU A 20 0.36 4.15 -3.58
CA LEU A 20 1.28 4.49 -2.50
C LEU A 20 2.58 4.98 -3.11
N ALA A 21 3.03 6.17 -2.72
CA ALA A 21 4.27 6.71 -3.24
C ALA A 21 5.27 6.91 -2.11
N ALA A 22 6.54 6.65 -2.41
CA ALA A 22 7.59 6.77 -1.40
C ALA A 22 8.96 6.88 -2.05
N GLU A 23 9.98 7.16 -1.25
CA GLU A 23 11.34 7.23 -1.75
C GLU A 23 12.15 6.10 -1.13
N CYS A 24 12.93 5.41 -1.93
CA CYS A 24 13.71 4.29 -1.42
C CYS A 24 15.17 4.40 -1.86
N LYS A 25 16.06 4.19 -0.90
CA LYS A 25 17.48 4.27 -1.17
C LYS A 25 17.94 3.14 -2.09
N THR A 26 18.76 3.49 -3.06
CA THR A 26 19.28 2.52 -4.03
C THR A 26 20.50 1.82 -3.47
N ARG A 27 21.11 0.96 -4.27
CA ARG A 27 22.29 0.22 -3.85
C ARG A 27 23.45 1.16 -3.52
N ALA A 28 23.49 2.30 -4.21
CA ALA A 28 24.56 3.28 -4.02
C ALA A 28 24.32 4.17 -2.79
N GLN A 29 23.33 3.84 -1.97
CA GLN A 29 23.00 4.63 -0.79
C GLN A 29 22.47 6.00 -1.18
N GLN A 30 21.69 6.03 -2.25
CA GLN A 30 21.07 7.26 -2.73
C GLN A 30 19.55 7.11 -2.68
N PHE A 31 18.84 8.13 -2.23
CA PHE A 31 17.39 8.06 -2.12
C PHE A 31 16.70 8.63 -3.36
N VAL A 32 15.82 7.84 -3.96
CA VAL A 32 15.10 8.27 -5.15
C VAL A 32 13.60 8.01 -5.00
N SER A 33 12.80 8.81 -5.70
CA SER A 33 11.35 8.67 -5.63
C SER A 33 10.85 7.42 -6.37
N THR A 34 9.96 6.68 -5.72
CA THR A 34 9.40 5.46 -6.30
C THR A 34 7.93 5.32 -5.88
N LYS A 35 7.18 4.50 -6.60
CA LYS A 35 5.77 4.33 -6.29
C LYS A 35 5.33 2.88 -6.46
N ILE A 36 4.25 2.54 -5.76
CA ILE A 36 3.66 1.21 -5.80
C ILE A 36 2.13 1.35 -5.89
N ASN A 37 1.52 0.77 -6.92
CA ASN A 37 0.08 0.87 -7.09
C ASN A 37 -0.64 -0.22 -6.31
N LEU A 38 -1.47 0.17 -5.36
CA LEU A 38 -2.21 -0.78 -4.54
C LEU A 38 -3.52 -1.20 -5.20
N ASP A 39 -3.96 -0.45 -6.20
CA ASP A 39 -5.23 -0.74 -6.88
C ASP A 39 -5.26 -2.16 -7.46
N ASP A 40 -4.18 -2.59 -8.10
CA ASP A 40 -4.12 -3.93 -8.67
C ASP A 40 -3.53 -4.94 -7.69
N HIS A 41 -2.99 -4.44 -6.58
CA HIS A 41 -2.41 -5.31 -5.57
C HIS A 41 -3.39 -5.50 -4.43
N ILE A 42 -3.69 -4.41 -3.73
CA ILE A 42 -4.64 -4.45 -2.63
C ILE A 42 -6.07 -4.47 -3.16
N ALA A 43 -6.95 -5.16 -2.43
CA ALA A 43 -8.35 -5.27 -2.82
C ALA A 43 -9.28 -5.16 -1.61
N ASN A 44 -10.58 -5.08 -1.89
CA ASN A 44 -11.59 -4.96 -0.85
C ASN A 44 -12.46 -6.22 -0.77
N ILE A 45 -12.25 -7.00 0.29
CA ILE A 45 -13.02 -8.23 0.48
C ILE A 45 -14.01 -8.08 1.63
N ASP A 46 -15.22 -7.61 1.31
CA ASP A 46 -16.26 -7.42 2.32
C ASP A 46 -15.91 -6.28 3.27
N GLY A 47 -15.34 -5.22 2.73
CA GLY A 47 -14.97 -4.07 3.55
C GLY A 47 -13.63 -4.26 4.25
N THR A 48 -12.99 -5.40 4.02
CA THR A 48 -11.70 -5.69 4.63
C THR A 48 -10.59 -5.67 3.59
N LEU A 49 -9.47 -5.06 3.94
CA LEU A 49 -8.34 -4.95 3.02
C LEU A 49 -7.59 -6.26 2.91
N LYS A 50 -7.60 -6.82 1.70
CA LYS A 50 -6.93 -8.07 1.39
C LYS A 50 -6.18 -7.94 0.07
N TRP A 51 -5.23 -8.84 -0.17
CA TRP A 51 -4.45 -8.80 -1.40
C TRP A 51 -5.15 -9.55 -2.53
N GLN A 52 -5.42 -8.82 -3.62
CA GLN A 52 -6.08 -9.39 -4.78
C GLN A 52 -6.12 -8.39 -5.93
N PRO A 53 -6.12 -8.86 -7.19
CA PRO A 53 -6.14 -7.98 -8.35
C PRO A 53 -7.48 -7.28 -8.53
N SER A 54 -7.79 -6.43 -7.56
CA SER A 54 -9.02 -5.64 -7.56
C SER A 54 -8.81 -4.42 -6.69
N ASN A 55 -9.23 -3.26 -7.17
CA ASN A 55 -9.03 -2.01 -6.43
C ASN A 55 -10.08 -1.81 -5.34
N PHE A 56 -9.66 -1.96 -4.10
CA PHE A 56 -10.54 -1.76 -2.95
C PHE A 56 -11.31 -0.44 -3.10
N SER A 57 -10.68 0.52 -3.77
CA SER A 57 -11.26 1.84 -4.00
C SER A 57 -12.70 1.78 -4.51
N GLN A 58 -13.12 0.63 -5.03
CA GLN A 58 -14.47 0.47 -5.56
C GLN A 58 -15.51 0.61 -4.45
N THR A 59 -15.14 0.29 -3.22
CA THR A 59 -16.06 0.39 -2.10
C THR A 59 -15.44 1.18 -0.93
N CYS A 60 -14.20 1.61 -1.10
CA CYS A 60 -13.50 2.34 -0.05
C CYS A 60 -13.27 3.80 -0.43
N TYR A 61 -13.26 4.66 0.59
CA TYR A 61 -13.04 6.09 0.39
C TYR A 61 -12.19 6.64 1.54
N ASN A 62 -11.53 7.78 1.29
CA ASN A 62 -10.66 8.38 2.30
C ASN A 62 -9.49 7.47 2.61
N SER A 63 -8.83 6.98 1.57
CA SER A 63 -7.68 6.11 1.73
C SER A 63 -6.48 6.90 2.27
N ALA A 64 -5.82 6.32 3.26
CA ALA A 64 -4.65 6.97 3.87
C ALA A 64 -3.58 5.95 4.21
N ILE A 65 -2.33 6.40 4.21
CA ILE A 65 -1.21 5.53 4.51
C ILE A 65 -0.27 6.14 5.55
N GLN A 66 0.21 5.29 6.44
CA GLN A 66 1.14 5.69 7.48
C GLN A 66 2.24 4.64 7.61
N GLY A 67 3.44 4.99 7.17
CA GLY A 67 4.54 4.05 7.22
C GLY A 67 4.35 2.92 6.23
N SER A 68 4.32 1.68 6.72
CA SER A 68 4.15 0.53 5.83
C SER A 68 2.72 -0.02 5.89
N VAL A 69 1.87 0.57 6.74
CA VAL A 69 0.50 0.12 6.87
C VAL A 69 -0.48 1.04 6.14
N LEU A 70 -1.46 0.46 5.47
CA LEU A 70 -2.44 1.23 4.73
C LEU A 70 -3.76 1.32 5.51
N THR A 71 -4.26 2.53 5.68
CA THR A 71 -5.51 2.74 6.41
C THR A 71 -6.56 3.33 5.47
N SER A 72 -7.70 2.67 5.35
CA SER A 72 -8.77 3.15 4.47
C SER A 72 -10.14 2.71 4.97
N THR A 73 -11.16 3.48 4.62
CA THR A 73 -12.53 3.15 5.02
C THR A 73 -13.19 2.37 3.89
N CYS A 74 -13.73 1.20 4.20
CA CYS A 74 -14.37 0.38 3.17
C CYS A 74 -15.80 -0.01 3.54
N GLU A 75 -16.64 -0.07 2.51
CA GLU A 75 -18.04 -0.46 2.68
C GLU A 75 -18.15 -1.97 2.90
N ARG A 76 -19.00 -2.37 3.85
CA ARG A 76 -19.19 -3.78 4.14
C ARG A 76 -20.35 -4.35 3.33
N THR A 77 -20.21 -5.59 2.87
CA THR A 77 -21.24 -6.24 2.06
C THR A 77 -22.60 -6.17 2.75
N ASN A 78 -22.60 -6.08 4.08
CA ASN A 78 -23.85 -6.02 4.83
C ASN A 78 -24.40 -4.59 4.88
N GLY A 79 -23.70 -3.66 4.23
CA GLY A 79 -24.15 -2.27 4.21
C GLY A 79 -23.53 -1.45 5.31
N GLY A 80 -23.05 -0.28 4.92
CA GLY A 80 -22.39 0.62 5.85
C GLY A 80 -20.94 0.82 5.49
N TYR A 81 -20.17 1.44 6.38
CA TYR A 81 -18.75 1.68 6.12
C TYR A 81 -17.88 1.26 7.31
N ASN A 82 -16.70 0.74 7.00
CA ASN A 82 -15.76 0.30 8.03
C ASN A 82 -14.33 0.36 7.51
N THR A 83 -13.44 0.98 8.29
CA THR A 83 -12.04 1.12 7.91
C THR A 83 -11.20 -0.03 8.47
N SER A 84 -10.34 -0.58 7.62
CA SER A 84 -9.48 -1.69 8.01
C SER A 84 -8.00 -1.32 7.77
N SER A 85 -7.11 -2.02 8.47
CA SER A 85 -5.68 -1.75 8.34
C SER A 85 -4.93 -3.02 7.92
N ILE A 86 -3.88 -2.84 7.12
CA ILE A 86 -3.09 -3.97 6.64
C ILE A 86 -1.60 -3.60 6.52
N ASP A 87 -0.73 -4.56 6.85
CA ASP A 87 0.72 -4.35 6.77
C ASP A 87 1.29 -4.88 5.45
N LEU A 88 1.83 -3.97 4.63
CA LEU A 88 2.39 -4.36 3.32
C LEU A 88 3.91 -4.56 3.35
N ASN A 89 4.55 -4.24 4.47
CA ASN A 89 6.01 -4.36 4.58
C ASN A 89 6.51 -5.69 3.99
N SER A 90 5.67 -6.72 4.03
CA SER A 90 6.04 -8.03 3.51
C SER A 90 5.88 -8.11 1.99
N VAL A 91 4.82 -7.51 1.46
CA VAL A 91 4.55 -7.58 0.03
C VAL A 91 5.48 -6.69 -0.81
N ILE A 92 5.58 -5.41 -0.48
CA ILE A 92 6.42 -4.49 -1.23
C ILE A 92 7.87 -4.60 -0.79
N GLU A 93 8.78 -4.39 -1.74
CA GLU A 93 10.21 -4.47 -1.47
C GLU A 93 10.94 -3.34 -2.17
N ASN A 94 12.20 -3.11 -1.82
CA ASN A 94 12.97 -2.03 -2.43
C ASN A 94 14.01 -2.60 -3.38
N VAL A 95 13.68 -2.57 -4.67
CA VAL A 95 14.56 -3.08 -5.71
C VAL A 95 15.34 -1.95 -6.37
N ASP A 96 16.57 -1.70 -5.91
CA ASP A 96 17.39 -0.65 -6.47
C ASP A 96 16.66 0.69 -6.48
N GLY A 97 15.81 0.91 -5.48
CA GLY A 97 15.06 2.17 -5.40
C GLY A 97 13.71 2.10 -6.05
N SER A 98 13.11 0.91 -6.08
CA SER A 98 11.80 0.73 -6.69
C SER A 98 10.95 -0.24 -5.87
N LEU A 99 9.70 0.14 -5.63
CA LEU A 99 8.79 -0.70 -4.86
C LEU A 99 8.32 -1.89 -5.70
N LYS A 100 8.59 -3.08 -5.20
CA LYS A 100 8.21 -4.31 -5.89
C LYS A 100 7.37 -5.21 -4.99
N TYR A 101 6.31 -5.78 -5.55
CA TYR A 101 5.43 -6.66 -4.80
C TYR A 101 5.99 -8.08 -4.75
N GLU A 102 5.62 -8.82 -3.72
CA GLU A 102 6.10 -10.19 -3.56
C GLU A 102 5.24 -11.16 -4.37
N GLY A 1 14.30 -13.95 4.15
CA GLY A 1 13.06 -13.52 4.85
C GLY A 1 12.04 -12.94 3.90
N LEU A 2 11.02 -12.29 4.45
CA LEU A 2 9.97 -11.68 3.65
C LEU A 2 10.38 -10.30 3.16
N GLY A 3 9.55 -9.70 2.32
CA GLY A 3 9.84 -8.38 1.79
C GLY A 3 9.94 -7.33 2.88
N LYS A 4 10.80 -6.33 2.66
CA LYS A 4 10.97 -5.25 3.63
C LYS A 4 11.35 -3.96 2.93
N PHE A 5 10.34 -3.19 2.52
CA PHE A 5 10.56 -1.92 1.82
C PHE A 5 10.58 -0.74 2.80
N ILE A 6 9.68 -0.76 3.78
CA ILE A 6 9.60 0.32 4.75
C ILE A 6 10.88 0.42 5.58
N GLU A 7 11.66 -0.66 5.61
CA GLU A 7 12.91 -0.67 6.36
C GLU A 7 13.99 0.12 5.62
N THR A 8 13.87 0.20 4.30
CA THR A 8 14.82 0.93 3.48
C THR A 8 14.16 2.09 2.73
N CYS A 9 12.94 2.44 3.13
CA CYS A 9 12.22 3.52 2.47
C CYS A 9 11.73 4.56 3.48
N ARG A 10 11.56 5.79 2.99
CA ARG A 10 11.09 6.88 3.84
C ARG A 10 9.98 7.66 3.15
N ASN A 11 9.37 8.59 3.89
CA ASN A 11 8.28 9.42 3.37
C ASN A 11 7.18 8.60 2.69
N THR A 12 6.61 7.66 3.42
CA THR A 12 5.53 6.84 2.90
C THR A 12 4.22 7.61 2.94
N GLN A 13 3.47 7.56 1.85
CA GLN A 13 2.19 8.26 1.76
C GLN A 13 1.31 7.66 0.67
N LEU A 14 0.02 7.98 0.72
CA LEU A 14 -0.93 7.46 -0.26
C LEU A 14 -1.16 8.48 -1.37
N ALA A 15 -1.17 7.99 -2.60
CA ALA A 15 -1.41 8.80 -3.77
C ALA A 15 -2.65 8.31 -4.50
N GLY A 16 -3.41 9.23 -5.08
CA GLY A 16 -4.62 8.82 -5.77
C GLY A 16 -5.58 8.09 -4.85
N SER A 17 -6.39 7.21 -5.41
CA SER A 17 -7.37 6.48 -4.61
C SER A 17 -6.80 5.22 -3.98
N SER A 18 -5.93 4.50 -4.69
CA SER A 18 -5.36 3.28 -4.15
C SER A 18 -3.89 3.11 -4.52
N GLU A 19 -3.14 4.22 -4.58
CA GLU A 19 -1.71 4.16 -4.90
C GLU A 19 -0.86 4.60 -3.71
N LEU A 20 0.31 4.01 -3.59
CA LEU A 20 1.24 4.34 -2.52
C LEU A 20 2.55 4.83 -3.12
N ALA A 21 2.99 6.03 -2.73
CA ALA A 21 4.22 6.58 -3.26
C ALA A 21 5.18 6.87 -2.12
N ALA A 22 6.47 6.67 -2.38
CA ALA A 22 7.50 6.90 -1.37
C ALA A 22 8.88 7.04 -2.01
N GLU A 23 9.88 7.40 -1.20
CA GLU A 23 11.24 7.50 -1.69
C GLU A 23 12.04 6.35 -1.09
N CYS A 24 12.84 5.66 -1.90
CA CYS A 24 13.62 4.54 -1.39
C CYS A 24 15.08 4.62 -1.81
N LYS A 25 15.97 4.38 -0.85
CA LYS A 25 17.40 4.44 -1.10
C LYS A 25 17.85 3.32 -2.05
N THR A 26 18.71 3.68 -2.99
CA THR A 26 19.23 2.72 -3.96
C THR A 26 20.45 2.00 -3.40
N ARG A 27 21.03 1.09 -4.17
CA ARG A 27 22.19 0.34 -3.74
C ARG A 27 23.36 1.27 -3.40
N ALA A 28 23.43 2.41 -4.09
CA ALA A 28 24.51 3.37 -3.87
C ALA A 28 24.25 4.29 -2.68
N GLN A 29 23.21 3.98 -1.89
CA GLN A 29 22.85 4.80 -0.73
C GLN A 29 22.35 6.19 -1.13
N GLN A 30 21.56 6.21 -2.21
CA GLN A 30 20.95 7.43 -2.70
C GLN A 30 19.43 7.28 -2.68
N PHE A 31 18.72 8.32 -2.22
CA PHE A 31 17.27 8.24 -2.12
C PHE A 31 16.59 8.77 -3.38
N VAL A 32 15.70 7.95 -3.95
CA VAL A 32 14.98 8.33 -5.16
C VAL A 32 13.48 8.06 -5.01
N SER A 33 12.68 8.83 -5.72
CA SER A 33 11.22 8.69 -5.66
C SER A 33 10.75 7.42 -6.37
N THR A 34 9.84 6.68 -5.72
CA THR A 34 9.29 5.45 -6.28
C THR A 34 7.84 5.28 -5.85
N LYS A 35 7.09 4.44 -6.56
CA LYS A 35 5.70 4.22 -6.22
C LYS A 35 5.26 2.78 -6.45
N ILE A 36 4.20 2.38 -5.76
CA ILE A 36 3.65 1.04 -5.85
C ILE A 36 2.12 1.14 -5.96
N ASN A 37 1.54 0.47 -6.94
CA ASN A 37 0.09 0.54 -7.15
C ASN A 37 -0.64 -0.52 -6.35
N LEU A 38 -1.48 -0.09 -5.41
CA LEU A 38 -2.23 -1.01 -4.58
C LEU A 38 -3.55 -1.40 -5.24
N ASP A 39 -3.98 -0.63 -6.25
CA ASP A 39 -5.24 -0.90 -6.93
C ASP A 39 -5.32 -2.34 -7.45
N ASP A 40 -4.27 -2.80 -8.12
CA ASP A 40 -4.25 -4.17 -8.65
C ASP A 40 -3.63 -5.15 -7.65
N HIS A 41 -3.02 -4.64 -6.59
CA HIS A 41 -2.40 -5.49 -5.60
C HIS A 41 -3.36 -5.70 -4.43
N ILE A 42 -3.66 -4.61 -3.73
CA ILE A 42 -4.59 -4.67 -2.61
C ILE A 42 -6.04 -4.59 -3.11
N ALA A 43 -6.93 -5.26 -2.39
CA ALA A 43 -8.35 -5.29 -2.76
C ALA A 43 -9.27 -5.20 -1.55
N ASN A 44 -10.56 -5.07 -1.81
CA ASN A 44 -11.56 -4.96 -0.76
C ASN A 44 -12.48 -6.18 -0.75
N ILE A 45 -12.39 -6.97 0.31
CA ILE A 45 -13.23 -8.17 0.44
C ILE A 45 -14.22 -8.03 1.59
N ASP A 46 -15.40 -7.49 1.29
CA ASP A 46 -16.45 -7.30 2.29
C ASP A 46 -16.07 -6.21 3.30
N GLY A 47 -15.42 -5.16 2.80
CA GLY A 47 -15.03 -4.06 3.67
C GLY A 47 -13.70 -4.28 4.36
N THR A 48 -13.05 -5.42 4.09
CA THR A 48 -11.77 -5.72 4.71
C THR A 48 -10.66 -5.74 3.67
N LEU A 49 -9.53 -5.12 4.01
CA LEU A 49 -8.41 -5.03 3.08
C LEU A 49 -7.63 -6.33 2.98
N LYS A 50 -7.64 -6.90 1.77
CA LYS A 50 -6.96 -8.14 1.47
C LYS A 50 -6.26 -8.03 0.12
N TRP A 51 -5.31 -8.93 -0.15
CA TRP A 51 -4.58 -8.89 -1.42
C TRP A 51 -5.31 -9.65 -2.53
N GLN A 52 -5.56 -8.95 -3.64
CA GLN A 52 -6.25 -9.55 -4.79
C GLN A 52 -6.30 -8.55 -5.94
N PRO A 53 -6.28 -9.02 -7.20
CA PRO A 53 -6.31 -8.13 -8.37
C PRO A 53 -7.66 -7.42 -8.50
N SER A 54 -7.94 -6.55 -7.54
CA SER A 54 -9.15 -5.77 -7.50
C SER A 54 -8.89 -4.53 -6.65
N ASN A 55 -9.27 -3.36 -7.16
CA ASN A 55 -9.01 -2.11 -6.43
C ASN A 55 -10.04 -1.85 -5.36
N PHE A 56 -9.60 -1.97 -4.10
CA PHE A 56 -10.46 -1.73 -2.95
C PHE A 56 -11.22 -0.41 -3.10
N SER A 57 -10.59 0.54 -3.77
CA SER A 57 -11.18 1.87 -4.00
C SER A 57 -12.61 1.80 -4.53
N GLN A 58 -13.00 0.65 -5.07
CA GLN A 58 -14.35 0.50 -5.62
C GLN A 58 -15.41 0.69 -4.54
N THR A 59 -15.07 0.34 -3.31
CA THR A 59 -16.00 0.50 -2.19
C THR A 59 -15.38 1.30 -1.05
N CYS A 60 -14.10 1.65 -1.20
CA CYS A 60 -13.41 2.39 -0.15
C CYS A 60 -13.16 3.84 -0.54
N TYR A 61 -13.14 4.70 0.47
CA TYR A 61 -12.92 6.14 0.28
C TYR A 61 -12.09 6.70 1.42
N ASN A 62 -11.43 7.83 1.17
CA ASN A 62 -10.59 8.46 2.18
C ASN A 62 -9.42 7.56 2.56
N SER A 63 -8.79 6.97 1.54
CA SER A 63 -7.66 6.07 1.75
C SER A 63 -6.45 6.86 2.26
N ALA A 64 -5.76 6.31 3.25
CA ALA A 64 -4.59 6.95 3.82
C ALA A 64 -3.52 5.92 4.18
N ILE A 65 -2.26 6.35 4.16
CA ILE A 65 -1.16 5.47 4.48
C ILE A 65 -0.23 6.08 5.53
N GLN A 66 0.22 5.23 6.45
CA GLN A 66 1.12 5.65 7.52
C GLN A 66 2.25 4.64 7.64
N GLY A 67 3.44 5.02 7.22
CA GLY A 67 4.57 4.12 7.28
C GLY A 67 4.39 2.96 6.33
N SER A 68 4.38 1.74 6.87
CA SER A 68 4.24 0.55 6.03
C SER A 68 2.80 0.01 6.06
N VAL A 69 1.93 0.62 6.87
CA VAL A 69 0.54 0.19 6.96
C VAL A 69 -0.41 1.11 6.19
N LEU A 70 -1.39 0.50 5.53
CA LEU A 70 -2.38 1.24 4.75
C LEU A 70 -3.71 1.32 5.51
N THR A 71 -4.22 2.54 5.69
CA THR A 71 -5.48 2.75 6.40
C THR A 71 -6.52 3.34 5.46
N SER A 72 -7.68 2.70 5.35
CA SER A 72 -8.73 3.17 4.45
C SER A 72 -10.12 2.77 4.95
N THR A 73 -11.14 3.56 4.57
CA THR A 73 -12.50 3.25 4.97
C THR A 73 -13.18 2.47 3.83
N CYS A 74 -13.74 1.31 4.15
CA CYS A 74 -14.38 0.48 3.15
C CYS A 74 -15.81 0.08 3.52
N GLU A 75 -16.65 -0.03 2.49
CA GLU A 75 -18.03 -0.43 2.68
C GLU A 75 -18.14 -1.93 2.96
N ARG A 76 -18.99 -2.30 3.92
CA ARG A 76 -19.19 -3.69 4.27
C ARG A 76 -20.35 -4.28 3.46
N THR A 77 -20.22 -5.55 3.08
CA THR A 77 -21.26 -6.22 2.29
C THR A 77 -22.64 -6.08 2.93
N ASN A 78 -22.67 -5.92 4.25
CA ASN A 78 -23.93 -5.78 4.96
C ASN A 78 -24.44 -4.34 4.92
N GLY A 79 -23.71 -3.47 4.23
CA GLY A 79 -24.11 -2.08 4.12
C GLY A 79 -23.49 -1.21 5.18
N GLY A 80 -23.01 -0.05 4.75
CA GLY A 80 -22.37 0.88 5.66
C GLY A 80 -20.90 1.07 5.31
N TYR A 81 -20.15 1.69 6.22
CA TYR A 81 -18.73 1.93 5.99
C TYR A 81 -17.89 1.53 7.21
N ASN A 82 -16.71 0.99 6.95
CA ASN A 82 -15.80 0.56 8.01
C ASN A 82 -14.36 0.59 7.50
N THR A 83 -13.46 1.17 8.29
CA THR A 83 -12.05 1.27 7.91
C THR A 83 -11.24 0.11 8.49
N SER A 84 -10.39 -0.49 7.65
CA SER A 84 -9.55 -1.60 8.07
C SER A 84 -8.07 -1.24 7.89
N SER A 85 -7.20 -1.93 8.62
CA SER A 85 -5.77 -1.66 8.54
C SER A 85 -5.01 -2.91 8.12
N ILE A 86 -3.98 -2.71 7.30
CA ILE A 86 -3.17 -3.83 6.83
C ILE A 86 -1.71 -3.42 6.62
N ASP A 87 -0.79 -4.34 6.90
CA ASP A 87 0.65 -4.07 6.75
C ASP A 87 1.19 -4.69 5.46
N LEU A 88 1.75 -3.86 4.58
CA LEU A 88 2.30 -4.34 3.31
C LEU A 88 3.82 -4.49 3.32
N ASN A 89 4.46 -4.13 4.43
CA ASN A 89 5.93 -4.22 4.52
C ASN A 89 6.47 -5.54 3.99
N SER A 90 5.64 -6.59 4.05
CA SER A 90 6.05 -7.91 3.57
C SER A 90 5.96 -8.05 2.04
N VAL A 91 4.89 -7.52 1.46
CA VAL A 91 4.67 -7.64 0.02
C VAL A 91 5.60 -6.73 -0.80
N ILE A 92 5.66 -5.46 -0.47
CA ILE A 92 6.50 -4.52 -1.21
C ILE A 92 7.95 -4.59 -0.75
N GLU A 93 8.88 -4.36 -1.68
CA GLU A 93 10.31 -4.42 -1.40
C GLU A 93 11.02 -3.27 -2.11
N ASN A 94 12.28 -3.01 -1.74
CA ASN A 94 13.04 -1.93 -2.37
C ASN A 94 14.11 -2.48 -3.31
N VAL A 95 13.79 -2.47 -4.59
CA VAL A 95 14.72 -2.94 -5.61
C VAL A 95 15.46 -1.78 -6.28
N ASP A 96 16.67 -1.49 -5.82
CA ASP A 96 17.47 -0.41 -6.38
C ASP A 96 16.71 0.91 -6.38
N GLY A 97 15.86 1.12 -5.37
CA GLY A 97 15.10 2.36 -5.29
C GLY A 97 13.74 2.27 -5.95
N SER A 98 13.16 1.06 -5.99
CA SER A 98 11.85 0.87 -6.61
C SER A 98 11.01 -0.13 -5.81
N LEU A 99 9.74 0.21 -5.61
CA LEU A 99 8.83 -0.65 -4.86
C LEU A 99 8.41 -1.86 -5.69
N LYS A 100 8.73 -3.05 -5.18
CA LYS A 100 8.39 -4.31 -5.84
C LYS A 100 7.59 -5.24 -4.94
N TYR A 101 6.56 -5.84 -5.51
CA TYR A 101 5.72 -6.79 -4.78
C TYR A 101 6.37 -8.16 -4.80
N GLU A 102 6.19 -8.93 -3.73
CA GLU A 102 6.78 -10.26 -3.65
C GLU A 102 5.72 -11.30 -3.28
N GLY A 1 10.78 -15.02 5.58
CA GLY A 1 10.50 -13.55 5.45
C GLY A 1 11.04 -12.96 4.16
N LEU A 2 10.56 -11.77 3.82
CA LEU A 2 11.00 -11.08 2.62
C LEU A 2 10.38 -9.70 2.52
N GLY A 3 10.82 -8.90 1.55
CA GLY A 3 10.30 -7.55 1.39
C GLY A 3 11.10 -6.54 2.19
N LYS A 4 10.50 -6.00 3.25
CA LYS A 4 11.17 -5.01 4.09
C LYS A 4 11.51 -3.76 3.30
N PHE A 5 10.49 -3.05 2.83
CA PHE A 5 10.70 -1.81 2.06
C PHE A 5 10.70 -0.60 2.99
N ILE A 6 9.79 -0.58 3.95
CA ILE A 6 9.70 0.53 4.89
C ILE A 6 10.98 0.67 5.71
N GLU A 7 11.74 -0.42 5.80
CA GLU A 7 13.01 -0.40 6.55
C GLU A 7 14.06 0.41 5.80
N THR A 8 13.91 0.52 4.48
CA THR A 8 14.85 1.27 3.64
C THR A 8 14.17 2.44 2.92
N CYS A 9 12.85 2.55 3.06
CA CYS A 9 12.09 3.61 2.41
C CYS A 9 11.65 4.68 3.41
N ARG A 10 11.49 5.91 2.93
CA ARG A 10 11.07 7.03 3.78
C ARG A 10 9.93 7.80 3.11
N ASN A 11 9.35 8.77 3.84
CA ASN A 11 8.27 9.60 3.33
C ASN A 11 7.17 8.77 2.65
N THR A 12 6.61 7.82 3.41
CA THR A 12 5.54 6.98 2.90
C THR A 12 4.22 7.74 2.92
N GLN A 13 3.49 7.68 1.82
CA GLN A 13 2.21 8.38 1.71
C GLN A 13 1.33 7.80 0.63
N LEU A 14 0.06 8.14 0.67
CA LEU A 14 -0.90 7.64 -0.30
C LEU A 14 -1.14 8.63 -1.42
N ALA A 15 -1.15 8.11 -2.64
CA ALA A 15 -1.39 8.92 -3.81
C ALA A 15 -2.64 8.43 -4.52
N GLY A 16 -3.40 9.34 -5.11
CA GLY A 16 -4.63 8.97 -5.77
C GLY A 16 -5.57 8.24 -4.84
N SER A 17 -6.39 7.34 -5.36
CA SER A 17 -7.35 6.62 -4.53
C SER A 17 -6.76 5.37 -3.89
N SER A 18 -5.91 4.65 -4.61
CA SER A 18 -5.33 3.43 -4.06
C SER A 18 -3.86 3.23 -4.44
N GLU A 19 -3.10 4.33 -4.50
CA GLU A 19 -1.68 4.26 -4.81
C GLU A 19 -0.80 4.69 -3.64
N LEU A 20 0.38 4.10 -3.54
CA LEU A 20 1.33 4.41 -2.49
C LEU A 20 2.63 4.89 -3.11
N ALA A 21 3.05 6.10 -2.76
CA ALA A 21 4.29 6.64 -3.29
C ALA A 21 5.27 6.89 -2.15
N ALA A 22 6.54 6.64 -2.41
CA ALA A 22 7.58 6.81 -1.39
C ALA A 22 8.96 6.92 -2.04
N GLU A 23 9.97 7.24 -1.23
CA GLU A 23 11.33 7.31 -1.72
C GLU A 23 12.13 6.19 -1.08
N CYS A 24 12.91 5.46 -1.87
CA CYS A 24 13.68 4.34 -1.33
C CYS A 24 15.13 4.42 -1.78
N LYS A 25 16.04 4.25 -0.83
CA LYS A 25 17.47 4.31 -1.11
C LYS A 25 17.90 3.18 -2.04
N THR A 26 18.76 3.51 -2.99
CA THR A 26 19.27 2.53 -3.95
C THR A 26 20.50 1.83 -3.39
N ARG A 27 21.08 0.94 -4.19
CA ARG A 27 22.26 0.20 -3.77
C ARG A 27 23.42 1.15 -3.46
N ALA A 28 23.45 2.28 -4.14
CA ALA A 28 24.52 3.26 -3.97
C ALA A 28 24.28 4.17 -2.76
N GLN A 29 23.26 3.86 -1.97
CA GLN A 29 22.91 4.69 -0.81
C GLN A 29 22.39 6.06 -1.24
N GLN A 30 21.65 6.07 -2.34
CA GLN A 30 21.04 7.30 -2.85
C GLN A 30 19.52 7.16 -2.81
N PHE A 31 18.83 8.18 -2.34
CA PHE A 31 17.37 8.12 -2.24
C PHE A 31 16.71 8.66 -3.50
N VAL A 32 15.83 7.83 -4.08
CA VAL A 32 15.10 8.20 -5.29
C VAL A 32 13.62 7.92 -5.11
N SER A 33 12.80 8.70 -5.80
CA SER A 33 11.35 8.55 -5.70
C SER A 33 10.86 7.30 -6.40
N THR A 34 9.95 6.59 -5.74
CA THR A 34 9.38 5.35 -6.26
C THR A 34 7.91 5.23 -5.84
N LYS A 35 7.17 4.37 -6.52
CA LYS A 35 5.75 4.19 -6.21
C LYS A 35 5.30 2.74 -6.40
N ILE A 36 4.23 2.39 -5.69
CA ILE A 36 3.66 1.06 -5.75
C ILE A 36 2.15 1.19 -5.86
N ASN A 37 1.55 0.55 -6.86
CA ASN A 37 0.11 0.65 -7.09
C ASN A 37 -0.63 -0.41 -6.27
N LEU A 38 -1.43 0.04 -5.30
CA LEU A 38 -2.20 -0.88 -4.46
C LEU A 38 -3.53 -1.24 -5.12
N ASP A 39 -3.95 -0.46 -6.14
CA ASP A 39 -5.23 -0.73 -6.79
C ASP A 39 -5.30 -2.16 -7.33
N ASP A 40 -4.25 -2.62 -8.00
CA ASP A 40 -4.25 -3.98 -8.53
C ASP A 40 -3.65 -4.99 -7.55
N HIS A 41 -3.04 -4.50 -6.47
CA HIS A 41 -2.46 -5.39 -5.47
C HIS A 41 -3.45 -5.59 -4.33
N ILE A 42 -3.81 -4.50 -3.67
CA ILE A 42 -4.76 -4.53 -2.58
C ILE A 42 -6.18 -4.57 -3.11
N ALA A 43 -7.06 -5.25 -2.39
CA ALA A 43 -8.46 -5.39 -2.80
C ALA A 43 -9.40 -5.27 -1.59
N ASN A 44 -10.69 -5.17 -1.88
CA ASN A 44 -11.71 -5.03 -0.84
C ASN A 44 -12.58 -6.28 -0.77
N ILE A 45 -12.40 -7.06 0.29
CA ILE A 45 -13.16 -8.28 0.51
C ILE A 45 -14.16 -8.11 1.66
N ASP A 46 -15.37 -7.63 1.33
CA ASP A 46 -16.42 -7.42 2.34
C ASP A 46 -16.05 -6.30 3.30
N GLY A 47 -15.44 -5.25 2.79
CA GLY A 47 -15.05 -4.11 3.63
C GLY A 47 -13.71 -4.32 4.33
N THR A 48 -13.07 -5.46 4.09
CA THR A 48 -11.79 -5.75 4.71
C THR A 48 -10.66 -5.70 3.67
N LEU A 49 -9.56 -5.08 4.05
CA LEU A 49 -8.42 -4.94 3.14
C LEU A 49 -7.62 -6.24 3.05
N LYS A 50 -7.60 -6.80 1.84
CA LYS A 50 -6.89 -8.04 1.56
C LYS A 50 -6.18 -7.91 0.22
N TRP A 51 -5.23 -8.81 -0.03
CA TRP A 51 -4.49 -8.77 -1.30
C TRP A 51 -5.24 -9.51 -2.40
N GLN A 52 -5.50 -8.81 -3.50
CA GLN A 52 -6.25 -9.39 -4.63
C GLN A 52 -6.25 -8.44 -5.83
N PRO A 53 -6.25 -8.98 -7.08
CA PRO A 53 -6.26 -8.15 -8.30
C PRO A 53 -7.60 -7.46 -8.49
N SER A 54 -7.91 -6.57 -7.56
CA SER A 54 -9.13 -5.80 -7.57
C SER A 54 -8.92 -4.58 -6.70
N ASN A 55 -9.30 -3.41 -7.20
CA ASN A 55 -9.08 -2.18 -6.46
C ASN A 55 -10.14 -1.95 -5.39
N PHE A 56 -9.73 -2.07 -4.13
CA PHE A 56 -10.60 -1.85 -2.99
C PHE A 56 -11.35 -0.52 -3.14
N SER A 57 -10.71 0.44 -3.82
CA SER A 57 -11.28 1.77 -4.03
C SER A 57 -12.72 1.73 -4.56
N GLN A 58 -13.13 0.61 -5.12
CA GLN A 58 -14.47 0.49 -5.67
C GLN A 58 -15.53 0.65 -4.58
N THR A 59 -15.17 0.33 -3.33
CA THR A 59 -16.09 0.48 -2.21
C THR A 59 -15.45 1.24 -1.05
N CYS A 60 -14.19 1.67 -1.21
CA CYS A 60 -13.49 2.38 -0.15
C CYS A 60 -13.24 3.85 -0.49
N TYR A 61 -13.25 4.69 0.53
CA TYR A 61 -13.02 6.13 0.38
C TYR A 61 -12.18 6.67 1.53
N ASN A 62 -11.53 7.81 1.31
CA ASN A 62 -10.69 8.42 2.34
C ASN A 62 -9.49 7.52 2.67
N SER A 63 -8.88 6.96 1.64
CA SER A 63 -7.74 6.09 1.85
C SER A 63 -6.53 6.88 2.34
N ALA A 64 -5.81 6.33 3.31
CA ALA A 64 -4.64 7.00 3.88
C ALA A 64 -3.54 6.01 4.24
N ILE A 65 -2.29 6.47 4.19
CA ILE A 65 -1.16 5.61 4.51
C ILE A 65 -0.22 6.25 5.52
N GLN A 66 0.26 5.42 6.43
CA GLN A 66 1.19 5.84 7.47
C GLN A 66 2.27 4.80 7.62
N GLY A 67 3.48 5.15 7.19
CA GLY A 67 4.58 4.21 7.27
C GLY A 67 4.39 3.07 6.29
N SER A 68 4.38 1.84 6.80
CA SER A 68 4.22 0.67 5.94
C SER A 68 2.80 0.11 5.98
N VAL A 69 1.95 0.67 6.83
CA VAL A 69 0.55 0.21 6.93
C VAL A 69 -0.41 1.13 6.19
N LEU A 70 -1.39 0.53 5.53
CA LEU A 70 -2.39 1.29 4.76
C LEU A 70 -3.72 1.33 5.53
N THR A 71 -4.25 2.55 5.72
CA THR A 71 -5.51 2.75 6.42
C THR A 71 -6.55 3.35 5.47
N SER A 72 -7.70 2.68 5.34
CA SER A 72 -8.75 3.14 4.44
C SER A 72 -10.13 2.71 4.92
N THR A 73 -11.16 3.47 4.56
CA THR A 73 -12.53 3.13 4.93
C THR A 73 -13.22 2.36 3.80
N CYS A 74 -13.77 1.18 4.11
CA CYS A 74 -14.41 0.37 3.08
C CYS A 74 -15.84 0.00 3.44
N GLU A 75 -16.69 -0.07 2.41
CA GLU A 75 -18.09 -0.45 2.58
C GLU A 75 -18.22 -1.96 2.80
N ARG A 76 -19.05 -2.37 3.74
CA ARG A 76 -19.25 -3.79 4.03
C ARG A 76 -20.42 -4.35 3.21
N THR A 77 -20.31 -5.62 2.80
CA THR A 77 -21.35 -6.26 2.00
C THR A 77 -22.73 -6.12 2.65
N ASN A 78 -22.76 -6.05 3.97
CA ASN A 78 -24.03 -5.92 4.70
C ASN A 78 -24.49 -4.46 4.74
N GLY A 79 -23.74 -3.57 4.11
CA GLY A 79 -24.09 -2.16 4.11
C GLY A 79 -23.48 -1.41 5.27
N GLY A 80 -22.98 -0.23 4.97
CA GLY A 80 -22.33 0.60 5.96
C GLY A 80 -20.89 0.83 5.58
N TYR A 81 -20.13 1.51 6.44
CA TYR A 81 -18.72 1.78 6.15
C TYR A 81 -17.83 1.35 7.32
N ASN A 82 -16.68 0.80 7.00
CA ASN A 82 -15.74 0.33 8.02
C ASN A 82 -14.32 0.35 7.50
N THR A 83 -13.44 0.98 8.27
CA THR A 83 -12.03 1.08 7.90
C THR A 83 -11.20 -0.07 8.46
N SER A 84 -10.33 -0.62 7.60
CA SER A 84 -9.46 -1.72 7.99
C SER A 84 -7.99 -1.33 7.77
N SER A 85 -7.08 -2.02 8.46
CA SER A 85 -5.66 -1.74 8.33
C SER A 85 -4.89 -3.01 7.96
N ILE A 86 -3.83 -2.83 7.18
CA ILE A 86 -3.01 -3.97 6.74
C ILE A 86 -1.53 -3.59 6.61
N ASP A 87 -0.64 -4.53 6.97
CA ASP A 87 0.81 -4.29 6.88
C ASP A 87 1.36 -4.84 5.56
N LEU A 88 1.94 -3.97 4.74
CA LEU A 88 2.47 -4.38 3.43
C LEU A 88 3.99 -4.58 3.45
N ASN A 89 4.65 -4.26 4.55
CA ASN A 89 6.11 -4.38 4.65
C ASN A 89 6.61 -5.70 4.06
N SER A 90 5.78 -6.74 4.12
CA SER A 90 6.14 -8.06 3.60
C SER A 90 5.96 -8.16 2.08
N VAL A 91 4.90 -7.55 1.55
CA VAL A 91 4.62 -7.63 0.11
C VAL A 91 5.55 -6.77 -0.74
N ILE A 92 5.67 -5.49 -0.42
CA ILE A 92 6.51 -4.58 -1.20
C ILE A 92 7.98 -4.66 -0.78
N GLU A 93 8.88 -4.48 -1.75
CA GLU A 93 10.32 -4.56 -1.52
C GLU A 93 11.03 -3.41 -2.23
N ASN A 94 12.29 -3.14 -1.86
CA ASN A 94 13.03 -2.05 -2.48
C ASN A 94 14.11 -2.59 -3.43
N VAL A 95 13.78 -2.57 -4.71
CA VAL A 95 14.69 -3.03 -5.75
C VAL A 95 15.44 -1.86 -6.38
N ASP A 96 16.66 -1.61 -5.91
CA ASP A 96 17.48 -0.52 -6.43
C ASP A 96 16.72 0.81 -6.44
N GLY A 97 15.84 1.00 -5.46
CA GLY A 97 15.09 2.25 -5.37
C GLY A 97 13.73 2.17 -6.02
N SER A 98 13.15 0.96 -6.04
CA SER A 98 11.84 0.77 -6.65
C SER A 98 11.01 -0.22 -5.84
N LEU A 99 9.74 0.13 -5.61
CA LEU A 99 8.84 -0.73 -4.85
C LEU A 99 8.38 -1.93 -5.67
N LYS A 100 8.65 -3.13 -5.16
CA LYS A 100 8.30 -4.37 -5.86
C LYS A 100 7.48 -5.30 -4.98
N TYR A 101 6.41 -5.85 -5.55
CA TYR A 101 5.55 -6.77 -4.83
C TYR A 101 6.07 -8.20 -4.97
N GLU A 102 6.49 -8.78 -3.85
CA GLU A 102 7.01 -10.14 -3.86
C GLU A 102 6.01 -11.12 -3.24
N GLY A 1 6.95 -12.30 6.94
CA GLY A 1 8.13 -11.39 7.02
C GLY A 1 9.15 -11.65 5.93
N LEU A 2 8.73 -11.47 4.68
CA LEU A 2 9.62 -11.68 3.55
C LEU A 2 10.20 -10.36 3.05
N GLY A 3 9.38 -9.56 2.37
CA GLY A 3 9.83 -8.27 1.85
C GLY A 3 10.07 -7.25 2.96
N LYS A 4 10.83 -6.21 2.65
CA LYS A 4 11.12 -5.16 3.62
C LYS A 4 11.47 -3.85 2.92
N PHE A 5 10.45 -3.09 2.52
CA PHE A 5 10.66 -1.81 1.83
C PHE A 5 10.68 -0.63 2.81
N ILE A 6 9.78 -0.65 3.79
CA ILE A 6 9.71 0.42 4.77
C ILE A 6 11.00 0.55 5.58
N GLU A 7 11.80 -0.51 5.60
CA GLU A 7 13.07 -0.51 6.33
C GLU A 7 14.12 0.31 5.60
N THR A 8 13.97 0.44 4.28
CA THR A 8 14.91 1.21 3.46
C THR A 8 14.23 2.40 2.77
N CYS A 9 12.89 2.48 2.90
CA CYS A 9 12.13 3.55 2.27
C CYS A 9 11.69 4.60 3.30
N ARG A 10 11.51 5.83 2.84
CA ARG A 10 11.09 6.92 3.71
C ARG A 10 9.94 7.71 3.08
N ASN A 11 9.37 8.64 3.84
CA ASN A 11 8.26 9.46 3.37
C ASN A 11 7.18 8.62 2.71
N THR A 12 6.64 7.67 3.47
CA THR A 12 5.57 6.80 2.97
C THR A 12 4.24 7.54 3.04
N GLN A 13 3.51 7.52 1.93
CA GLN A 13 2.22 8.22 1.84
C GLN A 13 1.33 7.61 0.76
N LEU A 14 0.04 7.96 0.82
CA LEU A 14 -0.92 7.45 -0.15
C LEU A 14 -1.17 8.46 -1.25
N ALA A 15 -1.22 7.97 -2.48
CA ALA A 15 -1.46 8.82 -3.62
C ALA A 15 -2.72 8.33 -4.34
N GLY A 16 -3.50 9.27 -4.88
CA GLY A 16 -4.72 8.87 -5.56
C GLY A 16 -5.67 8.15 -4.62
N SER A 17 -6.51 7.27 -5.17
CA SER A 17 -7.48 6.56 -4.36
C SER A 17 -6.91 5.28 -3.76
N SER A 18 -6.05 4.59 -4.49
CA SER A 18 -5.48 3.34 -4.00
C SER A 18 -4.01 3.15 -4.40
N GLU A 19 -3.25 4.25 -4.46
CA GLU A 19 -1.82 4.19 -4.79
C GLU A 19 -0.94 4.59 -3.61
N LEU A 20 0.28 4.04 -3.56
CA LEU A 20 1.24 4.34 -2.51
C LEU A 20 2.54 4.83 -3.14
N ALA A 21 2.99 6.01 -2.74
CA ALA A 21 4.22 6.56 -3.27
C ALA A 21 5.20 6.79 -2.13
N ALA A 22 6.48 6.56 -2.39
CA ALA A 22 7.52 6.72 -1.38
C ALA A 22 8.90 6.84 -2.02
N GLU A 23 9.91 7.13 -1.21
CA GLU A 23 11.28 7.23 -1.70
C GLU A 23 12.11 6.11 -1.08
N CYS A 24 12.90 5.41 -1.90
CA CYS A 24 13.71 4.33 -1.39
C CYS A 24 15.15 4.42 -1.85
N LYS A 25 16.07 4.26 -0.90
CA LYS A 25 17.49 4.34 -1.21
C LYS A 25 17.93 3.20 -2.13
N THR A 26 18.77 3.56 -3.10
CA THR A 26 19.28 2.60 -4.06
C THR A 26 20.51 1.90 -3.51
N ARG A 27 21.12 1.05 -4.33
CA ARG A 27 22.31 0.32 -3.91
C ARG A 27 23.46 1.27 -3.60
N ALA A 28 23.48 2.42 -4.27
CA ALA A 28 24.55 3.41 -4.07
C ALA A 28 24.29 4.30 -2.85
N GLN A 29 23.27 3.95 -2.05
CA GLN A 29 22.90 4.74 -0.87
C GLN A 29 22.36 6.12 -1.26
N GLN A 30 21.60 6.16 -2.34
CA GLN A 30 20.97 7.40 -2.81
C GLN A 30 19.45 7.22 -2.79
N PHE A 31 18.74 8.23 -2.29
CA PHE A 31 17.27 8.14 -2.20
C PHE A 31 16.60 8.69 -3.46
N VAL A 32 15.74 7.87 -4.08
CA VAL A 32 15.02 8.25 -5.28
C VAL A 32 13.52 7.96 -5.14
N SER A 33 12.69 8.77 -5.76
CA SER A 33 11.23 8.61 -5.68
C SER A 33 10.75 7.36 -6.42
N THR A 34 9.87 6.62 -5.76
CA THR A 34 9.31 5.39 -6.32
C THR A 34 7.84 5.24 -5.90
N LYS A 35 7.11 4.40 -6.61
CA LYS A 35 5.70 4.20 -6.28
C LYS A 35 5.26 2.76 -6.48
N ILE A 36 4.18 2.40 -5.79
CA ILE A 36 3.61 1.07 -5.85
C ILE A 36 2.09 1.18 -5.93
N ASN A 37 1.48 0.53 -6.92
CA ASN A 37 0.04 0.61 -7.10
C ASN A 37 -0.68 -0.47 -6.31
N LEU A 38 -1.46 -0.05 -5.32
CA LEU A 38 -2.23 -0.97 -4.49
C LEU A 38 -3.57 -1.30 -5.16
N ASP A 39 -3.97 -0.49 -6.14
CA ASP A 39 -5.25 -0.71 -6.82
C ASP A 39 -5.32 -2.11 -7.42
N ASP A 40 -4.28 -2.54 -8.13
CA ASP A 40 -4.26 -3.88 -8.72
C ASP A 40 -3.64 -4.90 -7.77
N HIS A 41 -3.01 -4.44 -6.70
CA HIS A 41 -2.39 -5.36 -5.74
C HIS A 41 -3.38 -5.62 -4.61
N ILE A 42 -3.66 -4.60 -3.82
CA ILE A 42 -4.60 -4.71 -2.72
C ILE A 42 -6.03 -4.63 -3.23
N ALA A 43 -6.94 -5.28 -2.51
CA ALA A 43 -8.35 -5.31 -2.89
C ALA A 43 -9.26 -5.22 -1.67
N ASN A 44 -10.56 -5.07 -1.94
CA ASN A 44 -11.55 -4.97 -0.88
C ASN A 44 -12.41 -6.23 -0.81
N ILE A 45 -12.22 -7.01 0.25
CA ILE A 45 -12.98 -8.23 0.43
C ILE A 45 -13.96 -8.10 1.60
N ASP A 46 -15.16 -7.61 1.30
CA ASP A 46 -16.21 -7.43 2.31
C ASP A 46 -15.85 -6.31 3.30
N GLY A 47 -15.27 -5.23 2.78
CA GLY A 47 -14.89 -4.12 3.64
C GLY A 47 -13.55 -4.32 4.31
N THR A 48 -12.88 -5.44 4.03
CA THR A 48 -11.59 -5.73 4.63
C THR A 48 -10.48 -5.70 3.57
N LEU A 49 -9.36 -5.10 3.92
CA LEU A 49 -8.25 -4.98 2.98
C LEU A 49 -7.50 -6.30 2.87
N LYS A 50 -7.55 -6.87 1.66
CA LYS A 50 -6.90 -8.14 1.37
C LYS A 50 -6.16 -8.03 0.04
N TRP A 51 -5.22 -8.93 -0.21
CA TRP A 51 -4.45 -8.91 -1.45
C TRP A 51 -5.17 -9.70 -2.56
N GLN A 52 -5.46 -9.01 -3.65
CA GLN A 52 -6.15 -9.62 -4.79
C GLN A 52 -6.25 -8.61 -5.93
N PRO A 53 -6.13 -9.04 -7.20
CA PRO A 53 -6.20 -8.12 -8.36
C PRO A 53 -7.56 -7.46 -8.51
N SER A 54 -7.80 -6.48 -7.65
CA SER A 54 -9.03 -5.71 -7.64
C SER A 54 -8.81 -4.47 -6.78
N ASN A 55 -9.22 -3.31 -7.27
CA ASN A 55 -9.00 -2.07 -6.51
C ASN A 55 -10.05 -1.87 -5.44
N PHE A 56 -9.61 -1.99 -4.18
CA PHE A 56 -10.48 -1.79 -3.04
C PHE A 56 -11.26 -0.48 -3.17
N SER A 57 -10.64 0.49 -3.86
CA SER A 57 -11.21 1.82 -4.06
C SER A 57 -12.66 1.77 -4.58
N GLN A 58 -13.09 0.63 -5.11
CA GLN A 58 -14.44 0.50 -5.63
C GLN A 58 -15.49 0.70 -4.53
N THR A 59 -15.12 0.39 -3.29
CA THR A 59 -16.03 0.55 -2.16
C THR A 59 -15.39 1.31 -1.01
N CYS A 60 -14.13 1.69 -1.17
CA CYS A 60 -13.42 2.39 -0.11
C CYS A 60 -13.15 3.85 -0.44
N TYR A 61 -13.15 4.68 0.60
CA TYR A 61 -12.92 6.12 0.45
C TYR A 61 -12.10 6.65 1.62
N ASN A 62 -11.46 7.80 1.42
CA ASN A 62 -10.63 8.42 2.45
C ASN A 62 -9.44 7.54 2.79
N SER A 63 -8.81 6.98 1.75
CA SER A 63 -7.64 6.13 1.92
C SER A 63 -6.46 6.91 2.43
N ALA A 64 -5.74 6.33 3.38
CA ALA A 64 -4.56 6.98 3.96
C ALA A 64 -3.49 5.96 4.30
N ILE A 65 -2.24 6.40 4.29
CA ILE A 65 -1.12 5.52 4.59
C ILE A 65 -0.18 6.13 5.63
N GLN A 66 0.30 5.28 6.54
CA GLN A 66 1.23 5.69 7.59
C GLN A 66 2.32 4.64 7.71
N GLY A 67 3.53 4.99 7.27
CA GLY A 67 4.63 4.06 7.32
C GLY A 67 4.45 2.92 6.33
N SER A 68 4.44 1.69 6.83
CA SER A 68 4.28 0.52 5.97
C SER A 68 2.86 -0.03 6.01
N VAL A 69 2.01 0.53 6.86
CA VAL A 69 0.63 0.06 6.98
C VAL A 69 -0.34 1.00 6.24
N LEU A 70 -1.32 0.42 5.55
CA LEU A 70 -2.32 1.18 4.81
C LEU A 70 -3.64 1.27 5.59
N THR A 71 -4.14 2.49 5.77
CA THR A 71 -5.39 2.70 6.50
C THR A 71 -6.44 3.31 5.57
N SER A 72 -7.58 2.65 5.42
CA SER A 72 -8.63 3.15 4.53
C SER A 72 -10.02 2.72 5.00
N THR A 73 -11.04 3.49 4.63
CA THR A 73 -12.40 3.16 5.00
C THR A 73 -13.07 2.37 3.86
N CYS A 74 -13.60 1.20 4.18
CA CYS A 74 -14.24 0.36 3.16
C CYS A 74 -15.66 -0.02 3.53
N GLU A 75 -16.52 -0.06 2.51
CA GLU A 75 -17.92 -0.45 2.70
C GLU A 75 -18.03 -1.96 2.92
N ARG A 76 -18.88 -2.37 3.85
CA ARG A 76 -19.07 -3.78 4.12
C ARG A 76 -20.21 -4.35 3.27
N THR A 77 -20.07 -5.59 2.85
CA THR A 77 -21.09 -6.24 2.02
C THR A 77 -22.47 -6.14 2.68
N ASN A 78 -22.49 -6.07 4.01
CA ASN A 78 -23.76 -5.97 4.74
C ASN A 78 -24.27 -4.52 4.76
N GLY A 79 -23.56 -3.62 4.09
CA GLY A 79 -23.96 -2.23 4.05
C GLY A 79 -23.35 -1.42 5.17
N GLY A 80 -22.88 -0.24 4.81
CA GLY A 80 -22.24 0.64 5.77
C GLY A 80 -20.78 0.87 5.43
N TYR A 81 -20.04 1.49 6.34
CA TYR A 81 -18.63 1.76 6.10
C TYR A 81 -17.78 1.33 7.29
N ASN A 82 -16.59 0.79 7.00
CA ASN A 82 -15.68 0.31 8.03
C ASN A 82 -14.24 0.36 7.52
N THR A 83 -13.35 0.95 8.32
CA THR A 83 -11.94 1.06 7.95
C THR A 83 -11.12 -0.08 8.50
N SER A 84 -10.25 -0.64 7.65
CA SER A 84 -9.39 -1.75 8.04
C SER A 84 -7.92 -1.39 7.83
N SER A 85 -7.03 -2.09 8.52
CA SER A 85 -5.60 -1.82 8.40
C SER A 85 -4.85 -3.08 7.97
N ILE A 86 -3.79 -2.90 7.19
CA ILE A 86 -2.99 -4.02 6.70
C ILE A 86 -1.53 -3.61 6.55
N ASP A 87 -0.63 -4.54 6.86
CA ASP A 87 0.82 -4.28 6.75
C ASP A 87 1.36 -4.81 5.42
N LEU A 88 1.92 -3.92 4.61
CA LEU A 88 2.45 -4.30 3.30
C LEU A 88 3.98 -4.47 3.29
N ASN A 89 4.65 -4.12 4.39
CA ASN A 89 6.11 -4.21 4.46
C ASN A 89 6.64 -5.52 3.89
N SER A 90 5.83 -6.58 3.99
CA SER A 90 6.23 -7.89 3.48
C SER A 90 6.01 -8.02 1.98
N VAL A 91 4.91 -7.47 1.48
CA VAL A 91 4.59 -7.58 0.05
C VAL A 91 5.49 -6.68 -0.82
N ILE A 92 5.59 -5.40 -0.47
CA ILE A 92 6.42 -4.46 -1.22
C ILE A 92 7.88 -4.57 -0.78
N GLU A 93 8.79 -4.34 -1.73
CA GLU A 93 10.23 -4.43 -1.46
C GLU A 93 10.95 -3.29 -2.16
N ASN A 94 12.22 -3.06 -1.80
CA ASN A 94 12.98 -2.00 -2.42
C ASN A 94 14.03 -2.58 -3.37
N VAL A 95 13.70 -2.56 -4.67
CA VAL A 95 14.58 -3.07 -5.70
C VAL A 95 15.35 -1.93 -6.37
N ASP A 96 16.57 -1.68 -5.90
CA ASP A 96 17.41 -0.62 -6.47
C ASP A 96 16.66 0.70 -6.51
N GLY A 97 15.78 0.93 -5.55
CA GLY A 97 15.04 2.19 -5.49
C GLY A 97 13.68 2.11 -6.15
N SER A 98 13.07 0.93 -6.16
CA SER A 98 11.76 0.77 -6.77
C SER A 98 10.91 -0.19 -5.94
N LEU A 99 9.66 0.18 -5.70
CA LEU A 99 8.76 -0.66 -4.92
C LEU A 99 8.32 -1.87 -5.74
N LYS A 100 8.62 -3.06 -5.21
CA LYS A 100 8.28 -4.30 -5.90
C LYS A 100 7.47 -5.25 -5.02
N TYR A 101 6.50 -5.92 -5.63
CA TYR A 101 5.66 -6.87 -4.92
C TYR A 101 6.37 -8.20 -4.77
N GLU A 102 7.33 -8.26 -3.85
CA GLU A 102 8.10 -9.47 -3.60
C GLU A 102 8.78 -9.95 -4.89
N GLY A 1 8.50 -15.25 0.84
CA GLY A 1 9.65 -14.32 0.76
C GLY A 1 9.28 -12.92 1.23
N LEU A 2 9.86 -12.51 2.36
CA LEU A 2 9.58 -11.19 2.92
C LEU A 2 10.10 -10.09 2.00
N GLY A 3 9.96 -8.85 2.41
CA GLY A 3 10.41 -7.73 1.60
C GLY A 3 11.10 -6.65 2.42
N LYS A 4 10.38 -6.12 3.41
CA LYS A 4 10.94 -5.08 4.28
C LYS A 4 11.33 -3.85 3.46
N PHE A 5 10.33 -3.13 2.97
CA PHE A 5 10.57 -1.93 2.17
C PHE A 5 10.59 -0.66 3.03
N ILE A 6 9.70 -0.59 4.01
CA ILE A 6 9.62 0.59 4.89
C ILE A 6 10.91 0.75 5.70
N GLU A 7 11.69 -0.31 5.79
CA GLU A 7 12.95 -0.27 6.52
C GLU A 7 14.02 0.50 5.74
N THR A 8 13.86 0.55 4.41
CA THR A 8 14.80 1.25 3.56
C THR A 8 14.13 2.40 2.79
N CYS A 9 12.94 2.78 3.22
CA CYS A 9 12.20 3.85 2.57
C CYS A 9 11.68 4.87 3.57
N ARG A 10 11.48 6.09 3.10
CA ARG A 10 10.99 7.18 3.95
C ARG A 10 9.87 7.94 3.25
N ASN A 11 9.24 8.86 3.97
CA ASN A 11 8.15 9.65 3.42
C ASN A 11 7.09 8.79 2.73
N THR A 12 6.54 7.83 3.46
CA THR A 12 5.50 6.96 2.92
C THR A 12 4.17 7.68 2.93
N GLN A 13 3.44 7.61 1.83
CA GLN A 13 2.16 8.28 1.70
C GLN A 13 1.29 7.66 0.62
N LEU A 14 0.00 7.97 0.66
CA LEU A 14 -0.94 7.44 -0.33
C LEU A 14 -1.18 8.44 -1.45
N ALA A 15 -1.19 7.93 -2.67
CA ALA A 15 -1.42 8.74 -3.84
C ALA A 15 -2.66 8.23 -4.57
N GLY A 16 -3.44 9.12 -5.15
CA GLY A 16 -4.65 8.70 -5.83
C GLY A 16 -5.59 7.96 -4.89
N SER A 17 -6.39 7.06 -5.45
CA SER A 17 -7.37 6.32 -4.65
C SER A 17 -6.76 5.07 -4.01
N SER A 18 -5.88 4.38 -4.71
CA SER A 18 -5.29 3.17 -4.18
C SER A 18 -3.81 3.02 -4.54
N GLU A 19 -3.09 4.14 -4.59
CA GLU A 19 -1.66 4.10 -4.90
C GLU A 19 -0.81 4.55 -3.72
N LEU A 20 0.38 3.97 -3.63
CA LEU A 20 1.31 4.30 -2.56
C LEU A 20 2.61 4.80 -3.17
N ALA A 21 3.03 6.00 -2.78
CA ALA A 21 4.26 6.57 -3.30
C ALA A 21 5.22 6.87 -2.15
N ALA A 22 6.51 6.65 -2.41
CA ALA A 22 7.54 6.88 -1.40
C ALA A 22 8.92 6.99 -2.05
N GLU A 23 9.93 7.34 -1.25
CA GLU A 23 11.29 7.42 -1.76
C GLU A 23 12.10 6.30 -1.10
N CYS A 24 12.88 5.57 -1.89
CA CYS A 24 13.67 4.48 -1.35
C CYS A 24 15.12 4.55 -1.79
N LYS A 25 16.03 4.37 -0.84
CA LYS A 25 17.45 4.43 -1.13
C LYS A 25 17.89 3.26 -2.02
N THR A 26 18.74 3.60 -2.99
CA THR A 26 19.26 2.60 -3.93
C THR A 26 20.49 1.92 -3.35
N ARG A 27 21.08 0.99 -4.10
CA ARG A 27 22.26 0.27 -3.64
C ARG A 27 23.42 1.22 -3.35
N ALA A 28 23.46 2.33 -4.08
CA ALA A 28 24.53 3.32 -3.93
C ALA A 28 24.27 4.27 -2.76
N GLN A 29 23.26 3.99 -1.94
CA GLN A 29 22.92 4.84 -0.81
C GLN A 29 22.38 6.21 -1.25
N GLN A 30 21.60 6.18 -2.32
CA GLN A 30 20.98 7.40 -2.86
C GLN A 30 19.46 7.24 -2.82
N PHE A 31 18.76 8.26 -2.37
CA PHE A 31 17.30 8.18 -2.27
C PHE A 31 16.61 8.70 -3.53
N VAL A 32 15.77 7.86 -4.11
CA VAL A 32 15.03 8.22 -5.32
C VAL A 32 13.54 7.93 -5.16
N SER A 33 12.71 8.71 -5.84
CA SER A 33 11.26 8.54 -5.75
C SER A 33 10.79 7.27 -6.44
N THR A 34 9.92 6.53 -5.75
CA THR A 34 9.37 5.28 -6.25
C THR A 34 7.90 5.14 -5.85
N LYS A 35 7.17 4.27 -6.53
CA LYS A 35 5.76 4.08 -6.24
C LYS A 35 5.33 2.63 -6.38
N ILE A 36 4.25 2.29 -5.68
CA ILE A 36 3.68 0.95 -5.70
C ILE A 36 2.16 1.07 -5.80
N ASN A 37 1.55 0.44 -6.81
CA ASN A 37 0.11 0.55 -7.00
C ASN A 37 -0.63 -0.53 -6.22
N LEU A 38 -1.49 -0.09 -5.29
CA LEU A 38 -2.26 -1.03 -4.48
C LEU A 38 -3.58 -1.41 -5.14
N ASP A 39 -4.00 -0.66 -6.17
CA ASP A 39 -5.27 -0.93 -6.83
C ASP A 39 -5.31 -2.36 -7.40
N ASP A 40 -4.23 -2.81 -8.04
CA ASP A 40 -4.19 -4.16 -8.58
C ASP A 40 -3.59 -5.15 -7.58
N HIS A 41 -3.00 -4.64 -6.50
CA HIS A 41 -2.40 -5.50 -5.49
C HIS A 41 -3.37 -5.70 -4.33
N ILE A 42 -3.68 -4.61 -3.65
CA ILE A 42 -4.62 -4.65 -2.53
C ILE A 42 -6.05 -4.65 -3.05
N ALA A 43 -6.92 -5.35 -2.34
CA ALA A 43 -8.33 -5.44 -2.72
C ALA A 43 -9.24 -5.32 -1.51
N ASN A 44 -10.53 -5.20 -1.79
CA ASN A 44 -11.54 -5.06 -0.74
C ASN A 44 -12.45 -6.29 -0.67
N ILE A 45 -12.31 -7.04 0.42
CA ILE A 45 -13.14 -8.23 0.64
C ILE A 45 -14.10 -8.02 1.81
N ASP A 46 -15.32 -7.61 1.49
CA ASP A 46 -16.34 -7.36 2.51
C ASP A 46 -15.94 -6.20 3.42
N GLY A 47 -15.31 -5.18 2.84
CA GLY A 47 -14.89 -4.03 3.62
C GLY A 47 -13.57 -4.25 4.35
N THR A 48 -12.87 -5.32 4.01
CA THR A 48 -11.58 -5.61 4.64
C THR A 48 -10.47 -5.66 3.60
N LEU A 49 -9.33 -5.05 3.92
CA LEU A 49 -8.21 -4.97 3.00
C LEU A 49 -7.44 -6.30 2.95
N LYS A 50 -7.44 -6.88 1.76
CA LYS A 50 -6.77 -8.15 1.50
C LYS A 50 -6.06 -8.11 0.15
N TRP A 51 -5.14 -9.03 -0.07
CA TRP A 51 -4.39 -9.07 -1.32
C TRP A 51 -5.15 -9.83 -2.42
N GLN A 52 -5.47 -9.13 -3.50
CA GLN A 52 -6.18 -9.71 -4.64
C GLN A 52 -6.16 -8.73 -5.81
N PRO A 53 -6.21 -9.21 -7.07
CA PRO A 53 -6.18 -8.35 -8.24
C PRO A 53 -7.49 -7.57 -8.42
N SER A 54 -7.80 -6.75 -7.43
CA SER A 54 -8.99 -5.93 -7.44
C SER A 54 -8.76 -4.70 -6.57
N ASN A 55 -9.15 -3.53 -7.06
CA ASN A 55 -8.93 -2.29 -6.33
C ASN A 55 -9.97 -2.05 -5.24
N PHE A 56 -9.51 -2.09 -4.00
CA PHE A 56 -10.37 -1.86 -2.85
C PHE A 56 -11.12 -0.53 -3.02
N SER A 57 -10.45 0.44 -3.64
CA SER A 57 -11.01 1.78 -3.87
C SER A 57 -12.42 1.73 -4.45
N GLN A 58 -12.78 0.62 -5.07
CA GLN A 58 -14.11 0.49 -5.67
C GLN A 58 -15.20 0.61 -4.61
N THR A 59 -14.86 0.28 -3.36
CA THR A 59 -15.81 0.39 -2.25
C THR A 59 -15.23 1.21 -1.10
N CYS A 60 -13.98 1.65 -1.24
CA CYS A 60 -13.34 2.39 -0.17
C CYS A 60 -13.11 3.86 -0.55
N TYR A 61 -13.16 4.72 0.46
CA TYR A 61 -12.95 6.16 0.27
C TYR A 61 -12.12 6.72 1.43
N ASN A 62 -11.47 7.86 1.19
CA ASN A 62 -10.63 8.48 2.20
C ASN A 62 -9.46 7.57 2.56
N SER A 63 -8.83 7.00 1.53
CA SER A 63 -7.70 6.11 1.72
C SER A 63 -6.48 6.88 2.22
N ALA A 64 -5.79 6.31 3.21
CA ALA A 64 -4.61 6.95 3.78
C ALA A 64 -3.54 5.93 4.15
N ILE A 65 -2.29 6.38 4.16
CA ILE A 65 -1.17 5.52 4.51
C ILE A 65 -0.27 6.16 5.55
N GLN A 66 0.19 5.35 6.48
CA GLN A 66 1.08 5.79 7.53
C GLN A 66 2.21 4.78 7.67
N GLY A 67 3.40 5.17 7.25
CA GLY A 67 4.53 4.26 7.31
C GLY A 67 4.36 3.11 6.34
N SER A 68 4.32 1.88 6.85
CA SER A 68 4.17 0.70 6.00
C SER A 68 2.75 0.14 6.05
N VAL A 69 1.88 0.74 6.87
CA VAL A 69 0.50 0.26 6.99
C VAL A 69 -0.46 1.16 6.21
N LEU A 70 -1.41 0.54 5.51
CA LEU A 70 -2.40 1.27 4.73
C LEU A 70 -3.74 1.33 5.48
N THR A 71 -4.24 2.55 5.69
CA THR A 71 -5.51 2.75 6.37
C THR A 71 -6.53 3.34 5.41
N SER A 72 -7.68 2.71 5.30
CA SER A 72 -8.72 3.19 4.38
C SER A 72 -10.11 2.81 4.88
N THR A 73 -11.10 3.60 4.49
CA THR A 73 -12.48 3.32 4.87
C THR A 73 -13.16 2.51 3.76
N CYS A 74 -13.73 1.36 4.11
CA CYS A 74 -14.36 0.51 3.11
C CYS A 74 -15.78 0.11 3.50
N GLU A 75 -16.63 -0.04 2.48
CA GLU A 75 -18.01 -0.46 2.68
C GLU A 75 -18.10 -1.95 2.98
N ARG A 76 -18.93 -2.31 3.95
CA ARG A 76 -19.12 -3.71 4.33
C ARG A 76 -20.27 -4.31 3.54
N THR A 77 -20.14 -5.59 3.18
CA THR A 77 -21.18 -6.28 2.40
C THR A 77 -22.56 -6.15 3.04
N ASN A 78 -22.59 -6.01 4.37
CA ASN A 78 -23.85 -5.88 5.09
C ASN A 78 -24.39 -4.45 5.02
N GLY A 79 -23.68 -3.58 4.30
CA GLY A 79 -24.11 -2.21 4.18
C GLY A 79 -23.51 -1.31 5.22
N GLY A 80 -23.03 -0.16 4.79
CA GLY A 80 -22.40 0.79 5.69
C GLY A 80 -20.95 1.02 5.32
N TYR A 81 -20.21 1.69 6.20
CA TYR A 81 -18.79 1.98 5.95
C TYR A 81 -17.94 1.60 7.16
N ASN A 82 -16.76 1.06 6.89
CA ASN A 82 -15.83 0.64 7.94
C ASN A 82 -14.39 0.65 7.43
N THR A 83 -13.49 1.24 8.21
CA THR A 83 -12.08 1.33 7.85
C THR A 83 -11.26 0.19 8.44
N SER A 84 -10.40 -0.42 7.62
CA SER A 84 -9.56 -1.52 8.07
C SER A 84 -8.07 -1.18 7.87
N SER A 85 -7.21 -1.85 8.62
CA SER A 85 -5.78 -1.62 8.53
C SER A 85 -5.03 -2.89 8.13
N ILE A 86 -3.97 -2.72 7.34
CA ILE A 86 -3.17 -3.86 6.89
C ILE A 86 -1.69 -3.46 6.72
N ASP A 87 -0.79 -4.40 7.02
CA ASP A 87 0.65 -4.16 6.93
C ASP A 87 1.24 -4.77 5.65
N LEU A 88 1.86 -3.94 4.81
CA LEU A 88 2.44 -4.42 3.54
C LEU A 88 3.97 -4.56 3.58
N ASN A 89 4.61 -4.20 4.69
CA ASN A 89 6.07 -4.26 4.80
C ASN A 89 6.64 -5.58 4.25
N SER A 90 5.85 -6.64 4.29
CA SER A 90 6.29 -7.95 3.81
C SER A 90 6.18 -8.09 2.29
N VAL A 91 5.11 -7.55 1.72
CA VAL A 91 4.87 -7.67 0.28
C VAL A 91 5.75 -6.75 -0.57
N ILE A 92 5.77 -5.45 -0.27
CA ILE A 92 6.58 -4.51 -1.03
C ILE A 92 8.04 -4.55 -0.60
N GLU A 93 8.95 -4.36 -1.55
CA GLU A 93 10.38 -4.40 -1.28
C GLU A 93 11.09 -3.25 -1.99
N ASN A 94 12.34 -2.99 -1.62
CA ASN A 94 13.09 -1.92 -2.25
C ASN A 94 14.14 -2.48 -3.20
N VAL A 95 13.81 -2.48 -4.49
CA VAL A 95 14.72 -2.99 -5.52
C VAL A 95 15.45 -1.85 -6.20
N ASP A 96 16.67 -1.56 -5.73
CA ASP A 96 17.49 -0.50 -6.31
C ASP A 96 16.74 0.84 -6.31
N GLY A 97 15.88 1.04 -5.31
CA GLY A 97 15.14 2.28 -5.21
C GLY A 97 13.77 2.21 -5.87
N SER A 98 13.20 1.01 -5.92
CA SER A 98 11.89 0.82 -6.53
C SER A 98 11.05 -0.16 -5.72
N LEU A 99 9.79 0.18 -5.49
CA LEU A 99 8.89 -0.68 -4.72
C LEU A 99 8.47 -1.90 -5.52
N LYS A 100 8.77 -3.07 -4.99
CA LYS A 100 8.43 -4.33 -5.66
C LYS A 100 7.60 -5.24 -4.77
N TYR A 101 6.45 -5.67 -5.29
CA TYR A 101 5.56 -6.56 -4.55
C TYR A 101 6.08 -7.98 -4.57
N GLU A 102 5.77 -8.73 -3.51
CA GLU A 102 6.22 -10.12 -3.40
C GLU A 102 7.73 -10.21 -3.41
N GLY A 1 14.55 -12.98 3.10
CA GLY A 1 14.06 -12.54 1.77
C GLY A 1 12.55 -12.67 1.63
N LEU A 2 11.87 -11.53 1.52
CA LEU A 2 10.42 -11.53 1.37
C LEU A 2 9.91 -10.12 1.09
N GLY A 3 10.36 -9.15 1.86
CA GLY A 3 9.94 -7.78 1.67
C GLY A 3 10.76 -6.79 2.48
N LYS A 4 10.13 -6.19 3.49
CA LYS A 4 10.82 -5.22 4.34
C LYS A 4 11.23 -3.99 3.51
N PHE A 5 10.23 -3.27 3.01
CA PHE A 5 10.47 -2.08 2.19
C PHE A 5 10.52 -0.81 3.05
N ILE A 6 9.64 -0.74 4.05
CA ILE A 6 9.59 0.43 4.93
C ILE A 6 10.87 0.58 5.75
N GLU A 7 11.67 -0.48 5.80
CA GLU A 7 12.92 -0.45 6.54
C GLU A 7 13.97 0.36 5.80
N THR A 8 13.82 0.46 4.48
CA THR A 8 14.75 1.23 3.65
C THR A 8 14.04 2.37 2.93
N CYS A 9 12.73 2.48 3.11
CA CYS A 9 11.96 3.53 2.46
C CYS A 9 11.49 4.57 3.47
N ARG A 10 11.35 5.81 3.00
CA ARG A 10 10.91 6.90 3.85
C ARG A 10 9.80 7.70 3.18
N ASN A 11 9.21 8.63 3.92
CA ASN A 11 8.13 9.48 3.40
C ASN A 11 7.04 8.66 2.71
N THR A 12 6.46 7.72 3.45
CA THR A 12 5.38 6.90 2.91
C THR A 12 4.07 7.68 2.92
N GLN A 13 3.37 7.65 1.79
CA GLN A 13 2.11 8.38 1.67
C GLN A 13 1.23 7.76 0.58
N LEU A 14 -0.04 8.10 0.61
CA LEU A 14 -0.99 7.58 -0.36
C LEU A 14 -1.21 8.57 -1.49
N ALA A 15 -1.21 8.06 -2.71
CA ALA A 15 -1.42 8.87 -3.89
C ALA A 15 -2.65 8.35 -4.63
N GLY A 16 -3.42 9.24 -5.23
CA GLY A 16 -4.62 8.81 -5.92
C GLY A 16 -5.57 8.09 -4.98
N SER A 17 -6.39 7.20 -5.52
CA SER A 17 -7.36 6.48 -4.70
C SER A 17 -6.77 5.23 -4.04
N SER A 18 -5.90 4.51 -4.74
CA SER A 18 -5.32 3.32 -4.17
C SER A 18 -3.85 3.14 -4.54
N GLU A 19 -3.11 4.24 -4.61
CA GLU A 19 -1.68 4.20 -4.92
C GLU A 19 -0.84 4.64 -3.74
N LEU A 20 0.32 4.01 -3.58
CA LEU A 20 1.23 4.35 -2.51
C LEU A 20 2.53 4.85 -3.12
N ALA A 21 2.96 6.06 -2.75
CA ALA A 21 4.19 6.60 -3.27
C ALA A 21 5.18 6.83 -2.13
N ALA A 22 6.45 6.57 -2.39
CA ALA A 22 7.49 6.71 -1.39
C ALA A 22 8.86 6.81 -2.03
N GLU A 23 9.87 7.11 -1.21
CA GLU A 23 11.25 7.18 -1.69
C GLU A 23 12.06 6.10 -1.01
N CYS A 24 12.86 5.36 -1.78
CA CYS A 24 13.66 4.29 -1.22
C CYS A 24 15.11 4.38 -1.66
N LYS A 25 16.01 4.21 -0.71
CA LYS A 25 17.43 4.29 -0.99
C LYS A 25 17.88 3.13 -1.88
N THR A 26 18.74 3.45 -2.85
CA THR A 26 19.26 2.47 -3.78
C THR A 26 20.48 1.77 -3.20
N ARG A 27 21.11 0.90 -3.98
CA ARG A 27 22.29 0.16 -3.53
C ARG A 27 23.42 1.12 -3.20
N ALA A 28 23.47 2.24 -3.91
CA ALA A 28 24.52 3.23 -3.70
C ALA A 28 24.24 4.16 -2.53
N GLN A 29 23.22 3.86 -1.74
CA GLN A 29 22.84 4.70 -0.61
C GLN A 29 22.33 6.06 -1.06
N GLN A 30 21.58 6.04 -2.16
CA GLN A 30 20.97 7.25 -2.71
C GLN A 30 19.45 7.09 -2.65
N PHE A 31 18.75 8.15 -2.24
CA PHE A 31 17.29 8.07 -2.13
C PHE A 31 16.61 8.56 -3.41
N VAL A 32 15.75 7.72 -3.97
CA VAL A 32 15.04 8.06 -5.20
C VAL A 32 13.54 7.80 -5.03
N SER A 33 12.73 8.59 -5.71
CA SER A 33 11.28 8.45 -5.62
C SER A 33 10.79 7.19 -6.32
N THR A 34 9.90 6.47 -5.65
CA THR A 34 9.33 5.24 -6.19
C THR A 34 7.86 5.12 -5.80
N LYS A 35 7.12 4.28 -6.52
CA LYS A 35 5.70 4.10 -6.24
C LYS A 35 5.27 2.65 -6.41
N ILE A 36 4.19 2.30 -5.72
CA ILE A 36 3.62 0.96 -5.78
C ILE A 36 2.11 1.08 -5.90
N ASN A 37 1.51 0.43 -6.89
CA ASN A 37 0.07 0.51 -7.11
C ASN A 37 -0.66 -0.54 -6.28
N LEU A 38 -1.47 -0.08 -5.33
CA LEU A 38 -2.23 -0.99 -4.47
C LEU A 38 -3.55 -1.41 -5.13
N ASP A 39 -3.97 -0.68 -6.16
CA ASP A 39 -5.24 -0.95 -6.84
C ASP A 39 -5.31 -2.41 -7.33
N ASP A 40 -4.25 -2.88 -7.98
CA ASP A 40 -4.22 -4.25 -8.49
C ASP A 40 -3.59 -5.21 -7.48
N HIS A 41 -3.01 -4.66 -6.42
CA HIS A 41 -2.39 -5.50 -5.39
C HIS A 41 -3.38 -5.71 -4.26
N ILE A 42 -3.69 -4.62 -3.55
CA ILE A 42 -4.65 -4.67 -2.46
C ILE A 42 -6.07 -4.65 -3.00
N ALA A 43 -6.97 -5.31 -2.27
CA ALA A 43 -8.37 -5.38 -2.67
C ALA A 43 -9.30 -5.27 -1.46
N ASN A 44 -10.60 -5.16 -1.74
CA ASN A 44 -11.60 -5.03 -0.69
C ASN A 44 -12.51 -6.27 -0.65
N ILE A 45 -12.42 -7.04 0.43
CA ILE A 45 -13.25 -8.23 0.59
C ILE A 45 -14.23 -8.06 1.74
N ASP A 46 -15.40 -7.51 1.43
CA ASP A 46 -16.45 -7.29 2.42
C ASP A 46 -16.07 -6.16 3.37
N GLY A 47 -15.43 -5.12 2.84
CA GLY A 47 -15.03 -3.99 3.66
C GLY A 47 -13.71 -4.20 4.35
N THR A 48 -13.08 -5.36 4.13
CA THR A 48 -11.79 -5.65 4.75
C THR A 48 -10.67 -5.68 3.71
N LEU A 49 -9.55 -5.05 4.04
CA LEU A 49 -8.42 -4.96 3.12
C LEU A 49 -7.64 -6.26 3.06
N LYS A 50 -7.61 -6.84 1.86
CA LYS A 50 -6.91 -8.09 1.62
C LYS A 50 -6.16 -8.02 0.29
N TRP A 51 -5.21 -8.92 0.10
CA TRP A 51 -4.42 -8.92 -1.13
C TRP A 51 -5.12 -9.72 -2.22
N GLN A 52 -5.42 -9.04 -3.33
CA GLN A 52 -6.09 -9.66 -4.46
C GLN A 52 -6.18 -8.69 -5.64
N PRO A 53 -6.14 -9.20 -6.89
CA PRO A 53 -6.21 -8.34 -8.08
C PRO A 53 -7.55 -7.63 -8.24
N SER A 54 -7.78 -6.68 -7.36
CA SER A 54 -9.00 -5.88 -7.35
C SER A 54 -8.78 -4.63 -6.52
N ASN A 55 -9.18 -3.49 -7.05
CA ASN A 55 -8.98 -2.21 -6.35
C ASN A 55 -10.03 -1.96 -5.29
N PHE A 56 -9.62 -2.09 -4.03
CA PHE A 56 -10.50 -1.84 -2.90
C PHE A 56 -11.25 -0.52 -3.08
N SER A 57 -10.60 0.42 -3.76
CA SER A 57 -11.15 1.74 -4.01
C SER A 57 -12.61 1.70 -4.52
N GLN A 58 -13.04 0.53 -5.01
CA GLN A 58 -14.39 0.40 -5.53
C GLN A 58 -15.43 0.59 -4.43
N THR A 59 -15.06 0.21 -3.20
CA THR A 59 -15.97 0.35 -2.07
C THR A 59 -15.33 1.15 -0.93
N CYS A 60 -14.12 1.66 -1.17
CA CYS A 60 -13.42 2.41 -0.14
C CYS A 60 -13.19 3.86 -0.54
N TYR A 61 -13.19 4.73 0.45
CA TYR A 61 -12.98 6.16 0.25
C TYR A 61 -12.16 6.74 1.39
N ASN A 62 -11.51 7.87 1.15
CA ASN A 62 -10.67 8.50 2.15
C ASN A 62 -9.51 7.60 2.52
N SER A 63 -8.86 7.04 1.51
CA SER A 63 -7.72 6.15 1.73
C SER A 63 -6.53 6.93 2.24
N ALA A 64 -5.85 6.39 3.24
CA ALA A 64 -4.69 7.04 3.81
C ALA A 64 -3.59 6.04 4.16
N ILE A 65 -2.35 6.51 4.12
CA ILE A 65 -1.22 5.65 4.42
C ILE A 65 -0.28 6.28 5.44
N GLN A 66 0.21 5.46 6.34
CA GLN A 66 1.14 5.90 7.37
C GLN A 66 2.21 4.83 7.56
N GLY A 67 3.43 5.14 7.15
CA GLY A 67 4.52 4.18 7.26
C GLY A 67 4.33 3.04 6.29
N SER A 68 4.30 1.81 6.81
CA SER A 68 4.13 0.64 5.96
C SER A 68 2.71 0.09 6.00
N VAL A 69 1.84 0.68 6.83
CA VAL A 69 0.46 0.22 6.92
C VAL A 69 -0.49 1.13 6.15
N LEU A 70 -1.46 0.53 5.47
CA LEU A 70 -2.44 1.28 4.70
C LEU A 70 -3.76 1.37 5.45
N THR A 71 -4.27 2.58 5.62
CA THR A 71 -5.52 2.80 6.34
C THR A 71 -6.56 3.41 5.40
N SER A 72 -7.71 2.76 5.28
CA SER A 72 -8.76 3.24 4.39
C SER A 72 -10.14 2.82 4.89
N THR A 73 -11.17 3.60 4.53
CA THR A 73 -12.53 3.29 4.92
C THR A 73 -13.20 2.50 3.80
N CYS A 74 -13.76 1.34 4.13
CA CYS A 74 -14.40 0.51 3.11
C CYS A 74 -15.82 0.13 3.49
N GLU A 75 -16.66 0.04 2.46
CA GLU A 75 -18.06 -0.35 2.63
C GLU A 75 -18.17 -1.85 2.90
N ARG A 76 -19.02 -2.23 3.85
CA ARG A 76 -19.22 -3.63 4.17
C ARG A 76 -20.38 -4.21 3.38
N THR A 77 -20.25 -5.48 2.99
CA THR A 77 -21.29 -6.15 2.21
C THR A 77 -22.66 -6.02 2.88
N ASN A 78 -22.67 -5.85 4.20
CA ASN A 78 -23.91 -5.70 4.94
C ASN A 78 -24.43 -4.26 4.89
N GLY A 79 -23.70 -3.39 4.20
CA GLY A 79 -24.11 -2.00 4.09
C GLY A 79 -23.51 -1.13 5.17
N GLY A 80 -23.05 0.04 4.76
CA GLY A 80 -22.42 0.97 5.67
C GLY A 80 -20.96 1.15 5.34
N TYR A 81 -20.20 1.75 6.25
CA TYR A 81 -18.77 1.99 6.02
C TYR A 81 -17.93 1.56 7.21
N ASN A 82 -16.76 1.01 6.93
CA ASN A 82 -15.85 0.54 7.98
C ASN A 82 -14.41 0.56 7.46
N THR A 83 -13.52 1.18 8.24
CA THR A 83 -12.11 1.29 7.85
C THR A 83 -11.28 0.15 8.42
N SER A 84 -10.42 -0.43 7.59
CA SER A 84 -9.56 -1.53 8.01
C SER A 84 -8.09 -1.16 7.80
N SER A 85 -7.20 -1.85 8.53
CA SER A 85 -5.76 -1.58 8.41
C SER A 85 -5.00 -2.85 8.02
N ILE A 86 -3.94 -2.68 7.23
CA ILE A 86 -3.13 -3.81 6.79
C ILE A 86 -1.64 -3.46 6.70
N ASP A 87 -0.79 -4.42 7.05
CA ASP A 87 0.66 -4.25 7.00
C ASP A 87 1.24 -4.80 5.69
N LEU A 88 1.76 -3.91 4.85
CA LEU A 88 2.32 -4.31 3.56
C LEU A 88 3.83 -4.50 3.58
N ASN A 89 4.48 -4.18 4.70
CA ASN A 89 5.94 -4.30 4.80
C ASN A 89 6.45 -5.62 4.22
N SER A 90 5.61 -6.65 4.25
CA SER A 90 5.99 -7.96 3.73
C SER A 90 5.82 -8.06 2.20
N VAL A 91 4.74 -7.47 1.68
CA VAL A 91 4.47 -7.54 0.25
C VAL A 91 5.39 -6.67 -0.60
N ILE A 92 5.49 -5.38 -0.28
CA ILE A 92 6.33 -4.48 -1.04
C ILE A 92 7.79 -4.57 -0.58
N GLU A 93 8.71 -4.36 -1.52
CA GLU A 93 10.13 -4.44 -1.24
C GLU A 93 10.87 -3.32 -1.96
N ASN A 94 12.14 -3.09 -1.59
CA ASN A 94 12.91 -2.02 -2.22
C ASN A 94 13.97 -2.62 -3.16
N VAL A 95 13.67 -2.61 -4.44
CA VAL A 95 14.58 -3.13 -5.46
C VAL A 95 15.35 -2.00 -6.11
N ASP A 96 16.58 -1.76 -5.65
CA ASP A 96 17.41 -0.70 -6.21
C ASP A 96 16.67 0.64 -6.24
N GLY A 97 15.82 0.87 -5.26
CA GLY A 97 15.08 2.12 -5.19
C GLY A 97 13.72 2.05 -5.85
N SER A 98 13.13 0.87 -5.89
CA SER A 98 11.82 0.69 -6.51
C SER A 98 10.95 -0.27 -5.70
N LEU A 99 9.69 0.10 -5.51
CA LEU A 99 8.76 -0.73 -4.74
C LEU A 99 8.32 -1.94 -5.55
N LYS A 100 8.61 -3.14 -5.03
CA LYS A 100 8.25 -4.37 -5.70
C LYS A 100 7.38 -5.24 -4.80
N TYR A 101 6.36 -5.86 -5.40
CA TYR A 101 5.45 -6.71 -4.65
C TYR A 101 6.04 -8.11 -4.46
N GLU A 102 6.88 -8.51 -5.41
CA GLU A 102 7.53 -9.82 -5.35
C GLU A 102 8.78 -9.76 -4.48
N GLY A 1 13.52 -13.13 4.44
CA GLY A 1 13.06 -11.74 4.22
C GLY A 1 11.96 -11.65 3.18
N LEU A 2 10.73 -11.46 3.65
CA LEU A 2 9.59 -11.34 2.75
C LEU A 2 9.72 -10.13 1.85
N GLY A 3 10.10 -9.00 2.45
CA GLY A 3 10.26 -7.78 1.69
C GLY A 3 11.01 -6.71 2.49
N LYS A 4 10.34 -6.13 3.48
CA LYS A 4 10.94 -5.11 4.31
C LYS A 4 11.34 -3.89 3.47
N PHE A 5 10.33 -3.18 2.96
CA PHE A 5 10.58 -1.99 2.14
C PHE A 5 10.60 -0.72 2.98
N ILE A 6 9.69 -0.64 3.95
CA ILE A 6 9.62 0.54 4.82
C ILE A 6 10.90 0.69 5.64
N GLU A 7 11.66 -0.38 5.76
CA GLU A 7 12.91 -0.34 6.51
C GLU A 7 13.99 0.39 5.71
N THR A 8 13.83 0.41 4.38
CA THR A 8 14.78 1.08 3.50
C THR A 8 14.11 2.22 2.73
N CYS A 9 12.91 2.62 3.15
CA CYS A 9 12.19 3.69 2.48
C CYS A 9 11.68 4.72 3.48
N ARG A 10 11.48 5.94 2.99
CA ARG A 10 11.01 7.03 3.84
C ARG A 10 9.87 7.79 3.17
N ASN A 11 9.25 8.71 3.91
CA ASN A 11 8.16 9.52 3.41
C ASN A 11 7.09 8.68 2.70
N THR A 12 6.54 7.71 3.43
CA THR A 12 5.49 6.87 2.89
C THR A 12 4.17 7.61 2.93
N GLN A 13 3.43 7.58 1.84
CA GLN A 13 2.15 8.28 1.76
C GLN A 13 1.27 7.68 0.67
N LEU A 14 -0.01 8.01 0.73
CA LEU A 14 -0.97 7.50 -0.24
C LEU A 14 -1.22 8.53 -1.33
N ALA A 15 -1.21 8.06 -2.58
CA ALA A 15 -1.46 8.89 -3.73
C ALA A 15 -2.69 8.37 -4.45
N GLY A 16 -3.48 9.27 -5.03
CA GLY A 16 -4.69 8.84 -5.70
C GLY A 16 -5.62 8.10 -4.76
N SER A 17 -6.45 7.21 -5.31
CA SER A 17 -7.40 6.47 -4.49
C SER A 17 -6.80 5.20 -3.89
N SER A 18 -5.93 4.52 -4.63
CA SER A 18 -5.34 3.28 -4.13
C SER A 18 -3.86 3.15 -4.49
N GLU A 19 -3.14 4.27 -4.51
CA GLU A 19 -1.70 4.25 -4.82
C GLU A 19 -0.86 4.69 -3.64
N LEU A 20 0.35 4.14 -3.56
CA LEU A 20 1.28 4.49 -2.50
C LEU A 20 2.59 4.97 -3.12
N ALA A 21 3.03 6.16 -2.75
CA ALA A 21 4.27 6.70 -3.28
C ALA A 21 5.27 6.93 -2.15
N ALA A 22 6.54 6.68 -2.42
CA ALA A 22 7.58 6.83 -1.41
C ALA A 22 8.96 6.95 -2.04
N GLU A 23 9.96 7.23 -1.23
CA GLU A 23 11.33 7.33 -1.69
C GLU A 23 12.14 6.18 -1.07
N CYS A 24 12.93 5.48 -1.88
CA CYS A 24 13.72 4.37 -1.37
C CYS A 24 15.18 4.46 -1.81
N LYS A 25 16.07 4.23 -0.87
CA LYS A 25 17.50 4.28 -1.15
C LYS A 25 17.93 3.15 -2.08
N THR A 26 18.77 3.51 -3.06
CA THR A 26 19.27 2.53 -4.02
C THR A 26 20.52 1.84 -3.49
N ARG A 27 21.09 0.95 -4.28
CA ARG A 27 22.29 0.22 -3.86
C ARG A 27 23.44 1.18 -3.56
N ALA A 28 23.44 2.32 -4.26
CA ALA A 28 24.50 3.31 -4.08
C ALA A 28 24.29 4.21 -2.87
N GLN A 29 23.29 3.88 -2.04
CA GLN A 29 22.97 4.69 -0.86
C GLN A 29 22.44 6.06 -1.26
N GLN A 30 21.64 6.07 -2.32
CA GLN A 30 21.01 7.28 -2.82
C GLN A 30 19.51 7.12 -2.77
N PHE A 31 18.80 8.14 -2.30
CA PHE A 31 17.34 8.06 -2.20
C PHE A 31 16.66 8.62 -3.44
N VAL A 32 15.81 7.80 -4.06
CA VAL A 32 15.10 8.20 -5.27
C VAL A 32 13.60 7.94 -5.12
N SER A 33 12.80 8.75 -5.80
CA SER A 33 11.34 8.63 -5.73
C SER A 33 10.84 7.37 -6.43
N THR A 34 9.96 6.63 -5.74
CA THR A 34 9.38 5.41 -6.27
C THR A 34 7.92 5.29 -5.85
N LYS A 35 7.16 4.44 -6.54
CA LYS A 35 5.75 4.28 -6.23
C LYS A 35 5.30 2.83 -6.42
N ILE A 36 4.23 2.46 -5.70
CA ILE A 36 3.66 1.12 -5.77
C ILE A 36 2.14 1.25 -5.85
N ASN A 37 1.53 0.63 -6.87
CA ASN A 37 0.08 0.71 -7.04
C ASN A 37 -0.64 -0.35 -6.25
N LEU A 38 -1.46 0.08 -5.30
CA LEU A 38 -2.21 -0.86 -4.45
C LEU A 38 -3.54 -1.25 -5.08
N ASP A 39 -3.99 -0.50 -6.08
CA ASP A 39 -5.28 -0.79 -6.72
C ASP A 39 -5.33 -2.20 -7.31
N ASP A 40 -4.27 -2.63 -7.98
CA ASP A 40 -4.23 -3.97 -8.56
C ASP A 40 -3.62 -4.97 -7.58
N HIS A 41 -3.04 -4.48 -6.49
CA HIS A 41 -2.43 -5.34 -5.49
C HIS A 41 -3.41 -5.57 -4.36
N ILE A 42 -3.77 -4.50 -3.66
CA ILE A 42 -4.73 -4.57 -2.58
C ILE A 42 -6.16 -4.60 -3.12
N ALA A 43 -7.05 -5.25 -2.39
CA ALA A 43 -8.46 -5.37 -2.79
C ALA A 43 -9.39 -5.22 -1.60
N ASN A 44 -10.69 -5.15 -1.88
CA ASN A 44 -11.71 -4.99 -0.84
C ASN A 44 -12.57 -6.24 -0.74
N ILE A 45 -12.38 -6.99 0.33
CA ILE A 45 -13.15 -8.21 0.56
C ILE A 45 -14.13 -8.04 1.73
N ASP A 46 -15.35 -7.62 1.40
CA ASP A 46 -16.38 -7.41 2.42
C ASP A 46 -16.01 -6.25 3.35
N GLY A 47 -15.43 -5.20 2.79
CA GLY A 47 -15.04 -4.05 3.58
C GLY A 47 -13.70 -4.26 4.27
N THR A 48 -13.08 -5.42 4.05
CA THR A 48 -11.80 -5.71 4.68
C THR A 48 -10.66 -5.69 3.65
N LEU A 49 -9.54 -5.09 4.04
CA LEU A 49 -8.40 -4.96 3.15
C LEU A 49 -7.63 -6.28 3.02
N LYS A 50 -7.65 -6.82 1.81
CA LYS A 50 -6.98 -8.08 1.49
C LYS A 50 -6.26 -7.96 0.15
N TRP A 51 -5.33 -8.87 -0.10
CA TRP A 51 -4.57 -8.85 -1.35
C TRP A 51 -5.30 -9.60 -2.47
N GLN A 52 -5.56 -8.89 -3.57
CA GLN A 52 -6.25 -9.46 -4.74
C GLN A 52 -6.23 -8.48 -5.90
N PRO A 53 -6.22 -8.97 -7.16
CA PRO A 53 -6.19 -8.10 -8.33
C PRO A 53 -7.52 -7.38 -8.55
N SER A 54 -7.85 -6.52 -7.60
CA SER A 54 -9.07 -5.72 -7.62
C SER A 54 -8.86 -4.51 -6.73
N ASN A 55 -9.23 -3.33 -7.21
CA ASN A 55 -9.01 -2.10 -6.44
C ASN A 55 -10.09 -1.88 -5.38
N PHE A 56 -9.68 -2.02 -4.13
CA PHE A 56 -10.57 -1.80 -2.99
C PHE A 56 -11.32 -0.47 -3.12
N SER A 57 -10.68 0.49 -3.78
CA SER A 57 -11.25 1.82 -3.98
C SER A 57 -12.68 1.80 -4.52
N GLN A 58 -13.10 0.66 -5.08
CA GLN A 58 -14.44 0.55 -5.65
C GLN A 58 -15.50 0.74 -4.57
N THR A 59 -15.16 0.39 -3.32
CA THR A 59 -16.10 0.54 -2.22
C THR A 59 -15.49 1.31 -1.04
N CYS A 60 -14.23 1.68 -1.17
CA CYS A 60 -13.54 2.39 -0.09
C CYS A 60 -13.29 3.86 -0.44
N TYR A 61 -13.28 4.69 0.60
CA TYR A 61 -13.05 6.13 0.44
C TYR A 61 -12.18 6.66 1.58
N ASN A 62 -11.52 7.78 1.33
CA ASN A 62 -10.64 8.40 2.34
C ASN A 62 -9.47 7.48 2.65
N SER A 63 -8.82 6.97 1.61
CA SER A 63 -7.68 6.09 1.77
C SER A 63 -6.47 6.85 2.30
N ALA A 64 -5.79 6.28 3.28
CA ALA A 64 -4.62 6.91 3.87
C ALA A 64 -3.54 5.89 4.21
N ILE A 65 -2.28 6.33 4.20
CA ILE A 65 -1.17 5.46 4.50
C ILE A 65 -0.22 6.07 5.54
N GLN A 66 0.26 5.21 6.42
CA GLN A 66 1.19 5.63 7.47
C GLN A 66 2.31 4.60 7.60
N GLY A 67 3.51 4.98 7.18
CA GLY A 67 4.62 4.06 7.22
C GLY A 67 4.42 2.92 6.25
N SER A 68 4.37 1.70 6.76
CA SER A 68 4.19 0.53 5.91
C SER A 68 2.76 -0.01 5.96
N VAL A 69 1.92 0.59 6.80
CA VAL A 69 0.53 0.15 6.92
C VAL A 69 -0.42 1.07 6.17
N LEU A 70 -1.38 0.47 5.45
CA LEU A 70 -2.36 1.21 4.68
C LEU A 70 -3.70 1.26 5.44
N THR A 71 -4.22 2.47 5.65
CA THR A 71 -5.47 2.65 6.36
C THR A 71 -6.52 3.25 5.43
N SER A 72 -7.68 2.60 5.32
CA SER A 72 -8.73 3.08 4.43
C SER A 72 -10.12 2.67 4.92
N THR A 73 -11.13 3.46 4.57
CA THR A 73 -12.49 3.17 4.95
C THR A 73 -13.20 2.41 3.82
N CYS A 74 -13.77 1.25 4.13
CA CYS A 74 -14.42 0.45 3.12
C CYS A 74 -15.85 0.08 3.47
N GLU A 75 -16.70 0.04 2.46
CA GLU A 75 -18.11 -0.33 2.62
C GLU A 75 -18.23 -1.83 2.86
N ARG A 76 -19.09 -2.23 3.79
CA ARG A 76 -19.29 -3.64 4.09
C ARG A 76 -20.44 -4.20 3.26
N THR A 77 -20.29 -5.45 2.80
CA THR A 77 -21.32 -6.09 1.99
C THR A 77 -22.70 -6.02 2.64
N ASN A 78 -22.71 -5.93 3.97
CA ASN A 78 -23.97 -5.85 4.71
C ASN A 78 -24.50 -4.43 4.76
N GLY A 79 -23.79 -3.50 4.10
CA GLY A 79 -24.20 -2.12 4.09
C GLY A 79 -23.58 -1.32 5.20
N GLY A 80 -23.07 -0.14 4.84
CA GLY A 80 -22.42 0.72 5.80
C GLY A 80 -20.96 0.91 5.45
N TYR A 81 -20.19 1.54 6.34
CA TYR A 81 -18.77 1.77 6.08
C TYR A 81 -17.92 1.36 7.29
N ASN A 82 -16.74 0.83 6.99
CA ASN A 82 -15.81 0.39 8.03
C ASN A 82 -14.38 0.43 7.51
N THR A 83 -13.47 1.02 8.29
CA THR A 83 -12.07 1.12 7.89
C THR A 83 -11.25 -0.03 8.45
N SER A 84 -10.41 -0.62 7.62
CA SER A 84 -9.56 -1.73 8.02
C SER A 84 -8.08 -1.36 7.81
N SER A 85 -7.20 -2.06 8.51
CA SER A 85 -5.77 -1.80 8.42
C SER A 85 -5.02 -3.06 7.99
N ILE A 86 -3.97 -2.86 7.19
CA ILE A 86 -3.15 -3.98 6.71
C ILE A 86 -1.68 -3.60 6.60
N ASP A 87 -0.80 -4.54 6.91
CA ASP A 87 0.65 -4.32 6.83
C ASP A 87 1.22 -4.86 5.52
N LEU A 88 1.79 -3.98 4.71
CA LEU A 88 2.36 -4.37 3.42
C LEU A 88 3.88 -4.53 3.45
N ASN A 89 4.51 -4.17 4.58
CA ASN A 89 5.97 -4.25 4.69
C ASN A 89 6.52 -5.56 4.12
N SER A 90 5.71 -6.61 4.17
CA SER A 90 6.14 -7.91 3.66
C SER A 90 5.99 -8.04 2.15
N VAL A 91 4.90 -7.50 1.60
CA VAL A 91 4.64 -7.60 0.16
C VAL A 91 5.56 -6.73 -0.70
N ILE A 92 5.65 -5.44 -0.38
CA ILE A 92 6.49 -4.53 -1.16
C ILE A 92 7.95 -4.62 -0.72
N GLU A 93 8.85 -4.44 -1.68
CA GLU A 93 10.28 -4.52 -1.43
C GLU A 93 11.00 -3.39 -2.15
N ASN A 94 12.27 -3.14 -1.81
CA ASN A 94 13.03 -2.08 -2.45
C ASN A 94 14.09 -2.66 -3.37
N VAL A 95 13.77 -2.65 -4.66
CA VAL A 95 14.69 -3.16 -5.67
C VAL A 95 15.44 -2.01 -6.34
N ASP A 96 16.67 -1.76 -5.89
CA ASP A 96 17.49 -0.69 -6.44
C ASP A 96 16.75 0.65 -6.39
N GLY A 97 15.92 0.83 -5.37
CA GLY A 97 15.18 2.08 -5.22
C GLY A 97 13.80 2.03 -5.85
N SER A 98 13.20 0.84 -5.91
CA SER A 98 11.87 0.70 -6.49
C SER A 98 11.02 -0.29 -5.69
N LEU A 99 9.75 0.08 -5.49
CA LEU A 99 8.82 -0.77 -4.75
C LEU A 99 8.39 -1.96 -5.59
N LYS A 100 8.69 -3.16 -5.11
CA LYS A 100 8.37 -4.39 -5.82
C LYS A 100 7.58 -5.36 -4.93
N TYR A 101 6.66 -6.10 -5.53
CA TYR A 101 5.86 -7.07 -4.80
C TYR A 101 6.54 -8.44 -4.83
N GLU A 102 6.51 -9.13 -3.70
CA GLU A 102 7.14 -10.44 -3.62
C GLU A 102 6.33 -11.38 -2.71
N GLY A 1 5.74 -13.85 5.35
CA GLY A 1 6.31 -12.62 4.76
C GLY A 1 7.81 -12.72 4.54
N LEU A 2 8.40 -11.67 3.97
CA LEU A 2 9.83 -11.65 3.71
C LEU A 2 10.28 -10.29 3.19
N GLY A 3 9.46 -9.68 2.33
CA GLY A 3 9.79 -8.37 1.78
C GLY A 3 9.98 -7.32 2.87
N LYS A 4 10.78 -6.30 2.58
CA LYS A 4 11.03 -5.23 3.54
C LYS A 4 11.43 -3.93 2.85
N PHE A 5 10.45 -3.11 2.50
CA PHE A 5 10.72 -1.83 1.82
C PHE A 5 10.73 -0.66 2.80
N ILE A 6 9.81 -0.68 3.77
CA ILE A 6 9.73 0.40 4.75
C ILE A 6 11.00 0.50 5.58
N GLU A 7 11.80 -0.56 5.61
CA GLU A 7 13.04 -0.56 6.36
C GLU A 7 14.11 0.27 5.64
N THR A 8 13.98 0.40 4.33
CA THR A 8 14.93 1.20 3.54
C THR A 8 14.24 2.36 2.83
N CYS A 9 12.92 2.48 3.01
CA CYS A 9 12.16 3.56 2.38
C CYS A 9 11.68 4.57 3.41
N ARG A 10 11.52 5.81 2.96
CA ARG A 10 11.06 6.88 3.84
C ARG A 10 9.93 7.68 3.20
N ASN A 11 9.33 8.59 3.96
CA ASN A 11 8.23 9.42 3.47
C ASN A 11 7.15 8.61 2.76
N THR A 12 6.57 7.65 3.47
CA THR A 12 5.51 6.83 2.90
C THR A 12 4.19 7.60 2.93
N GLN A 13 3.47 7.56 1.81
CA GLN A 13 2.19 8.27 1.71
C GLN A 13 1.31 7.66 0.63
N LEU A 14 0.03 8.01 0.66
CA LEU A 14 -0.92 7.49 -0.31
C LEU A 14 -1.17 8.50 -1.43
N ALA A 15 -1.16 8.00 -2.66
CA ALA A 15 -1.40 8.83 -3.83
C ALA A 15 -2.65 8.34 -4.53
N GLY A 16 -3.43 9.25 -5.10
CA GLY A 16 -4.65 8.85 -5.78
C GLY A 16 -5.58 8.10 -4.83
N SER A 17 -6.40 7.22 -5.39
CA SER A 17 -7.37 6.47 -4.57
C SER A 17 -6.77 5.20 -3.98
N SER A 18 -5.91 4.51 -4.72
CA SER A 18 -5.34 3.27 -4.22
C SER A 18 -3.86 3.12 -4.58
N GLU A 19 -3.12 4.23 -4.60
CA GLU A 19 -1.69 4.20 -4.91
C GLU A 19 -0.84 4.65 -3.73
N LEU A 20 0.36 4.08 -3.64
CA LEU A 20 1.29 4.40 -2.57
C LEU A 20 2.60 4.90 -3.17
N ALA A 21 3.03 6.10 -2.79
CA ALA A 21 4.27 6.66 -3.31
C ALA A 21 5.24 6.93 -2.15
N ALA A 22 6.52 6.71 -2.42
CA ALA A 22 7.55 6.89 -1.41
C ALA A 22 8.93 7.02 -2.05
N GLU A 23 9.94 7.35 -1.25
CA GLU A 23 11.30 7.44 -1.76
C GLU A 23 12.12 6.31 -1.13
N CYS A 24 12.90 5.59 -1.94
CA CYS A 24 13.69 4.49 -1.40
C CYS A 24 15.14 4.56 -1.85
N LYS A 25 16.05 4.37 -0.89
CA LYS A 25 17.47 4.42 -1.17
C LYS A 25 17.91 3.27 -2.09
N THR A 26 18.75 3.60 -3.07
CA THR A 26 19.26 2.63 -4.02
C THR A 26 20.49 1.92 -3.47
N ARG A 27 21.10 1.05 -4.26
CA ARG A 27 22.28 0.33 -3.84
C ARG A 27 23.44 1.28 -3.54
N ALA A 28 23.46 2.42 -4.22
CA ALA A 28 24.52 3.40 -4.04
C ALA A 28 24.29 4.31 -2.83
N GLN A 29 23.30 3.99 -2.01
CA GLN A 29 22.97 4.80 -0.84
C GLN A 29 22.46 6.18 -1.24
N GLN A 30 21.68 6.20 -2.32
CA GLN A 30 21.08 7.43 -2.82
C GLN A 30 19.56 7.29 -2.77
N PHE A 31 18.86 8.32 -2.31
CA PHE A 31 17.41 8.25 -2.20
C PHE A 31 16.71 8.79 -3.44
N VAL A 32 15.85 7.95 -4.04
CA VAL A 32 15.11 8.32 -5.24
C VAL A 32 13.62 8.01 -5.08
N SER A 33 12.78 8.79 -5.77
CA SER A 33 11.34 8.61 -5.66
C SER A 33 10.86 7.34 -6.37
N THR A 34 9.96 6.61 -5.72
CA THR A 34 9.40 5.38 -6.26
C THR A 34 7.94 5.23 -5.84
N LYS A 35 7.19 4.38 -6.54
CA LYS A 35 5.79 4.19 -6.22
C LYS A 35 5.35 2.74 -6.40
N ILE A 36 4.27 2.39 -5.70
CA ILE A 36 3.69 1.06 -5.75
C ILE A 36 2.17 1.20 -5.84
N ASN A 37 1.57 0.58 -6.85
CA ASN A 37 0.13 0.71 -7.04
C ASN A 37 -0.62 -0.37 -6.27
N LEU A 38 -1.48 0.05 -5.35
CA LEU A 38 -2.24 -0.88 -4.54
C LEU A 38 -3.56 -1.27 -5.18
N ASP A 39 -3.99 -0.52 -6.20
CA ASP A 39 -5.27 -0.81 -6.86
C ASP A 39 -5.33 -2.23 -7.42
N ASP A 40 -4.27 -2.68 -8.10
CA ASP A 40 -4.24 -4.04 -8.64
C ASP A 40 -3.59 -5.01 -7.67
N HIS A 41 -2.97 -4.48 -6.61
CA HIS A 41 -2.31 -5.32 -5.62
C HIS A 41 -3.27 -5.59 -4.46
N ILE A 42 -3.60 -4.52 -3.74
CA ILE A 42 -4.52 -4.62 -2.61
C ILE A 42 -5.97 -4.62 -3.13
N ALA A 43 -6.85 -5.28 -2.38
CA ALA A 43 -8.26 -5.38 -2.78
C ALA A 43 -9.19 -5.26 -1.57
N ASN A 44 -10.49 -5.16 -1.84
CA ASN A 44 -11.51 -5.03 -0.80
C ASN A 44 -12.40 -6.27 -0.74
N ILE A 45 -12.28 -7.04 0.34
CA ILE A 45 -13.09 -8.24 0.53
C ILE A 45 -14.08 -8.07 1.68
N ASP A 46 -15.28 -7.55 1.36
CA ASP A 46 -16.33 -7.35 2.36
C ASP A 46 -15.95 -6.27 3.38
N GLY A 47 -15.30 -5.21 2.90
CA GLY A 47 -14.92 -4.13 3.79
C GLY A 47 -13.60 -4.37 4.48
N THR A 48 -12.96 -5.50 4.21
CA THR A 48 -11.67 -5.82 4.82
C THR A 48 -10.56 -5.82 3.78
N LEU A 49 -9.43 -5.23 4.15
CA LEU A 49 -8.29 -5.10 3.24
C LEU A 49 -7.51 -6.40 3.10
N LYS A 50 -7.49 -6.90 1.87
CA LYS A 50 -6.79 -8.14 1.53
C LYS A 50 -6.11 -7.97 0.17
N TRP A 51 -5.16 -8.84 -0.14
CA TRP A 51 -4.44 -8.76 -1.41
C TRP A 51 -5.16 -9.53 -2.53
N GLN A 52 -5.40 -8.84 -3.65
CA GLN A 52 -6.09 -9.44 -4.80
C GLN A 52 -6.08 -8.48 -5.99
N PRO A 53 -6.27 -9.01 -7.23
CA PRO A 53 -6.27 -8.17 -8.43
C PRO A 53 -7.58 -7.41 -8.60
N SER A 54 -7.85 -6.56 -7.62
CA SER A 54 -9.05 -5.73 -7.61
C SER A 54 -8.78 -4.52 -6.73
N ASN A 55 -9.18 -3.34 -7.19
CA ASN A 55 -8.93 -2.12 -6.43
C ASN A 55 -9.99 -1.88 -5.36
N PHE A 56 -9.56 -2.04 -4.11
CA PHE A 56 -10.43 -1.82 -2.96
C PHE A 56 -11.24 -0.53 -3.10
N SER A 57 -10.65 0.44 -3.79
CA SER A 57 -11.27 1.75 -4.00
C SER A 57 -12.70 1.66 -4.53
N GLN A 58 -13.09 0.49 -5.06
CA GLN A 58 -14.43 0.33 -5.61
C GLN A 58 -15.49 0.54 -4.52
N THR A 59 -15.12 0.23 -3.28
CA THR A 59 -16.05 0.41 -2.15
C THR A 59 -15.39 1.18 -1.01
N CYS A 60 -14.14 1.58 -1.18
CA CYS A 60 -13.43 2.31 -0.14
C CYS A 60 -13.19 3.77 -0.51
N TYR A 61 -13.18 4.62 0.52
CA TYR A 61 -12.96 6.05 0.35
C TYR A 61 -12.10 6.60 1.49
N ASN A 62 -11.45 7.73 1.25
CA ASN A 62 -10.59 8.33 2.26
C ASN A 62 -9.42 7.43 2.59
N SER A 63 -8.78 6.88 1.55
CA SER A 63 -7.64 6.00 1.73
C SER A 63 -6.43 6.78 2.25
N ALA A 64 -5.73 6.20 3.21
CA ALA A 64 -4.56 6.85 3.81
C ALA A 64 -3.46 5.86 4.15
N ILE A 65 -2.21 6.33 4.14
CA ILE A 65 -1.07 5.47 4.45
C ILE A 65 -0.13 6.09 5.48
N GLN A 66 0.35 5.26 6.38
CA GLN A 66 1.29 5.69 7.42
C GLN A 66 2.38 4.65 7.58
N GLY A 67 3.59 5.02 7.18
CA GLY A 67 4.71 4.08 7.26
C GLY A 67 4.51 2.92 6.30
N SER A 68 4.49 1.71 6.83
CA SER A 68 4.32 0.53 5.99
C SER A 68 2.89 0.00 6.02
N VAL A 69 2.02 0.61 6.82
CA VAL A 69 0.63 0.17 6.93
C VAL A 69 -0.32 1.09 6.16
N LEU A 70 -1.27 0.48 5.47
CA LEU A 70 -2.27 1.21 4.69
C LEU A 70 -3.61 1.26 5.44
N THR A 71 -4.13 2.46 5.66
CA THR A 71 -5.40 2.64 6.36
C THR A 71 -6.43 3.24 5.42
N SER A 72 -7.60 2.60 5.30
CA SER A 72 -8.65 3.09 4.42
C SER A 72 -10.04 2.68 4.91
N THR A 73 -11.05 3.46 4.54
CA THR A 73 -12.43 3.15 4.93
C THR A 73 -13.12 2.38 3.82
N CYS A 74 -13.69 1.22 4.15
CA CYS A 74 -14.35 0.39 3.14
C CYS A 74 -15.77 0.01 3.52
N GLU A 75 -16.62 -0.10 2.50
CA GLU A 75 -18.02 -0.49 2.68
C GLU A 75 -18.12 -2.00 2.93
N ARG A 76 -18.95 -2.38 3.88
CA ARG A 76 -19.13 -3.80 4.20
C ARG A 76 -20.28 -4.40 3.39
N THR A 77 -20.15 -5.67 3.03
CA THR A 77 -21.17 -6.34 2.23
C THR A 77 -22.57 -6.21 2.86
N ASN A 78 -22.62 -6.13 4.19
CA ASN A 78 -23.89 -6.00 4.90
C ASN A 78 -24.38 -4.55 4.91
N GLY A 79 -23.65 -3.67 4.24
CA GLY A 79 -24.03 -2.26 4.20
C GLY A 79 -23.40 -1.46 5.32
N GLY A 80 -22.91 -0.29 4.97
CA GLY A 80 -22.26 0.57 5.94
C GLY A 80 -20.80 0.79 5.58
N TYR A 81 -20.05 1.44 6.46
CA TYR A 81 -18.63 1.70 6.18
C TYR A 81 -17.76 1.32 7.38
N ASN A 82 -16.58 0.79 7.08
CA ASN A 82 -15.63 0.39 8.12
C ASN A 82 -14.21 0.43 7.57
N THR A 83 -13.32 1.07 8.31
CA THR A 83 -11.92 1.17 7.91
C THR A 83 -11.09 0.03 8.49
N SER A 84 -10.25 -0.58 7.65
CA SER A 84 -9.39 -1.67 8.06
C SER A 84 -7.92 -1.31 7.86
N SER A 85 -7.04 -2.00 8.57
CA SER A 85 -5.61 -1.74 8.47
C SER A 85 -4.84 -2.99 8.06
N ILE A 86 -3.78 -2.80 7.26
CA ILE A 86 -2.96 -3.92 6.80
C ILE A 86 -1.50 -3.51 6.63
N ASP A 87 -0.59 -4.44 6.93
CA ASP A 87 0.84 -4.19 6.82
C ASP A 87 1.39 -4.74 5.50
N LEU A 88 1.92 -3.86 4.66
CA LEU A 88 2.45 -4.27 3.35
C LEU A 88 3.97 -4.44 3.34
N ASN A 89 4.63 -4.06 4.44
CA ASN A 89 6.10 -4.15 4.52
C ASN A 89 6.62 -5.48 3.97
N SER A 90 5.81 -6.52 4.07
CA SER A 90 6.20 -7.84 3.58
C SER A 90 6.02 -7.98 2.07
N VAL A 91 4.94 -7.42 1.53
CA VAL A 91 4.66 -7.53 0.10
C VAL A 91 5.58 -6.65 -0.75
N ILE A 92 5.66 -5.36 -0.43
CA ILE A 92 6.50 -4.45 -1.20
C ILE A 92 7.96 -4.53 -0.76
N GLU A 93 8.86 -4.33 -1.71
CA GLU A 93 10.30 -4.39 -1.45
C GLU A 93 11.02 -3.24 -2.15
N ASN A 94 12.27 -2.99 -1.78
CA ASN A 94 13.04 -1.90 -2.39
C ASN A 94 14.10 -2.46 -3.34
N VAL A 95 13.78 -2.43 -4.63
CA VAL A 95 14.70 -2.92 -5.66
C VAL A 95 15.45 -1.76 -6.32
N ASP A 96 16.66 -1.48 -5.85
CA ASP A 96 17.47 -0.41 -6.41
C ASP A 96 16.72 0.93 -6.43
N GLY A 97 15.86 1.14 -5.44
CA GLY A 97 15.11 2.39 -5.36
C GLY A 97 13.75 2.30 -6.03
N SER A 98 13.17 1.10 -6.06
CA SER A 98 11.86 0.91 -6.67
C SER A 98 11.02 -0.08 -5.88
N LEU A 99 9.76 0.26 -5.65
CA LEU A 99 8.85 -0.61 -4.90
C LEU A 99 8.41 -1.80 -5.74
N LYS A 100 8.73 -3.00 -5.25
CA LYS A 100 8.39 -4.23 -5.94
C LYS A 100 7.55 -5.15 -5.05
N TYR A 101 6.54 -5.78 -5.64
CA TYR A 101 5.66 -6.69 -4.91
C TYR A 101 6.30 -8.07 -4.83
N GLU A 102 7.14 -8.28 -3.82
CA GLU A 102 7.81 -9.56 -3.64
C GLU A 102 8.07 -9.83 -2.16
N GLY A 1 12.58 -12.12 6.69
CA GLY A 1 12.83 -11.22 5.52
C GLY A 1 11.64 -11.14 4.59
N LEU A 2 11.90 -11.26 3.29
CA LEU A 2 10.84 -11.20 2.30
C LEU A 2 10.15 -9.84 2.33
N GLY A 3 10.56 -8.95 1.43
CA GLY A 3 9.98 -7.62 1.38
C GLY A 3 10.75 -6.61 2.21
N LYS A 4 10.11 -6.10 3.26
CA LYS A 4 10.74 -5.13 4.14
C LYS A 4 11.16 -3.89 3.36
N PHE A 5 10.17 -3.16 2.85
CA PHE A 5 10.43 -1.94 2.08
C PHE A 5 10.47 -0.71 2.99
N ILE A 6 9.59 -0.67 3.98
CA ILE A 6 9.53 0.47 4.91
C ILE A 6 10.82 0.57 5.73
N GLU A 7 11.60 -0.51 5.75
CA GLU A 7 12.86 -0.52 6.49
C GLU A 7 13.93 0.27 5.75
N THR A 8 13.78 0.37 4.42
CA THR A 8 14.73 1.09 3.60
C THR A 8 14.07 2.28 2.89
N CYS A 9 12.76 2.42 3.04
CA CYS A 9 12.04 3.51 2.40
C CYS A 9 11.58 4.54 3.43
N ARG A 10 11.40 5.76 2.97
CA ARG A 10 10.97 6.86 3.82
C ARG A 10 9.84 7.64 3.16
N ASN A 11 9.25 8.58 3.90
CA ASN A 11 8.15 9.40 3.40
C ASN A 11 7.06 8.57 2.74
N THR A 12 6.50 7.64 3.50
CA THR A 12 5.43 6.80 2.99
C THR A 12 4.10 7.56 3.03
N GLN A 13 3.40 7.54 1.90
CA GLN A 13 2.13 8.24 1.80
C GLN A 13 1.25 7.63 0.71
N LEU A 14 -0.03 7.96 0.76
CA LEU A 14 -0.97 7.45 -0.22
C LEU A 14 -1.21 8.48 -1.31
N ALA A 15 -1.23 8.01 -2.54
CA ALA A 15 -1.46 8.86 -3.70
C ALA A 15 -2.69 8.37 -4.44
N GLY A 16 -3.46 9.29 -5.00
CA GLY A 16 -4.67 8.88 -5.71
C GLY A 16 -5.60 8.11 -4.80
N SER A 17 -6.40 7.23 -5.38
CA SER A 17 -7.37 6.46 -4.59
C SER A 17 -6.77 5.19 -4.00
N SER A 18 -5.89 4.52 -4.73
CA SER A 18 -5.30 3.29 -4.23
C SER A 18 -3.82 3.14 -4.58
N GLU A 19 -3.09 4.26 -4.58
CA GLU A 19 -1.67 4.24 -4.88
C GLU A 19 -0.83 4.65 -3.68
N LEU A 20 0.34 4.04 -3.55
CA LEU A 20 1.25 4.35 -2.47
C LEU A 20 2.56 4.85 -3.06
N ALA A 21 2.99 6.04 -2.66
CA ALA A 21 4.24 6.60 -3.17
C ALA A 21 5.22 6.80 -2.02
N ALA A 22 6.50 6.54 -2.30
CA ALA A 22 7.53 6.67 -1.29
C ALA A 22 8.91 6.78 -1.94
N GLU A 23 9.92 7.06 -1.13
CA GLU A 23 11.29 7.14 -1.61
C GLU A 23 12.10 6.01 -1.00
N CYS A 24 12.88 5.31 -1.80
CA CYS A 24 13.67 4.20 -1.29
C CYS A 24 15.12 4.29 -1.74
N LYS A 25 16.02 4.09 -0.79
CA LYS A 25 17.44 4.17 -1.07
C LYS A 25 17.88 3.02 -1.99
N THR A 26 18.73 3.37 -2.95
CA THR A 26 19.25 2.39 -3.90
C THR A 26 20.47 1.68 -3.33
N ARG A 27 21.06 0.81 -4.14
CA ARG A 27 22.24 0.06 -3.70
C ARG A 27 23.40 0.99 -3.36
N ALA A 28 23.46 2.14 -4.03
CA ALA A 28 24.53 3.11 -3.81
C ALA A 28 24.25 4.01 -2.61
N GLN A 29 23.22 3.68 -1.83
CA GLN A 29 22.86 4.49 -0.66
C GLN A 29 22.34 5.87 -1.07
N GLN A 30 21.59 5.90 -2.17
CA GLN A 30 21.00 7.13 -2.67
C GLN A 30 19.48 6.99 -2.62
N PHE A 31 18.77 8.03 -2.18
CA PHE A 31 17.32 7.97 -2.07
C PHE A 31 16.64 8.52 -3.32
N VAL A 32 15.77 7.71 -3.92
CA VAL A 32 15.04 8.12 -5.12
C VAL A 32 13.54 7.84 -4.97
N SER A 33 12.73 8.64 -5.64
CA SER A 33 11.28 8.48 -5.56
C SER A 33 10.79 7.25 -6.31
N THR A 34 9.91 6.50 -5.67
CA THR A 34 9.34 5.29 -6.24
C THR A 34 7.87 5.17 -5.89
N LYS A 35 7.14 4.35 -6.62
CA LYS A 35 5.72 4.21 -6.37
C LYS A 35 5.27 2.75 -6.52
N ILE A 36 4.18 2.43 -5.83
CA ILE A 36 3.60 1.10 -5.86
C ILE A 36 2.08 1.24 -5.91
N ASN A 37 1.46 0.67 -6.94
CA ASN A 37 0.00 0.78 -7.09
C ASN A 37 -0.70 -0.34 -6.32
N LEU A 38 -1.53 0.06 -5.36
CA LEU A 38 -2.26 -0.91 -4.55
C LEU A 38 -3.59 -1.31 -5.21
N ASP A 39 -4.03 -0.54 -6.20
CA ASP A 39 -5.29 -0.80 -6.88
C ASP A 39 -5.36 -2.21 -7.49
N ASP A 40 -4.30 -2.63 -8.18
CA ASP A 40 -4.29 -3.96 -8.80
C ASP A 40 -3.67 -4.99 -7.87
N HIS A 41 -3.06 -4.53 -6.78
CA HIS A 41 -2.42 -5.43 -5.82
C HIS A 41 -3.37 -5.66 -4.64
N ILE A 42 -3.61 -4.62 -3.87
CA ILE A 42 -4.50 -4.69 -2.74
C ILE A 42 -5.95 -4.56 -3.19
N ALA A 43 -6.85 -5.20 -2.45
CA ALA A 43 -8.28 -5.18 -2.78
C ALA A 43 -9.15 -5.09 -1.54
N ASN A 44 -10.44 -4.92 -1.76
CA ASN A 44 -11.42 -4.81 -0.68
C ASN A 44 -12.35 -6.04 -0.70
N ILE A 45 -12.27 -6.84 0.34
CA ILE A 45 -13.09 -8.04 0.44
C ILE A 45 -14.10 -7.93 1.58
N ASP A 46 -15.28 -7.39 1.28
CA ASP A 46 -16.34 -7.22 2.28
C ASP A 46 -15.99 -6.13 3.28
N GLY A 47 -15.38 -5.06 2.77
CA GLY A 47 -15.00 -3.96 3.65
C GLY A 47 -13.66 -4.17 4.31
N THR A 48 -13.00 -5.30 4.02
CA THR A 48 -11.70 -5.59 4.60
C THR A 48 -10.61 -5.64 3.53
N LEU A 49 -9.47 -5.03 3.82
CA LEU A 49 -8.38 -4.96 2.86
C LEU A 49 -7.62 -6.28 2.78
N LYS A 50 -7.61 -6.85 1.59
CA LYS A 50 -6.94 -8.11 1.33
C LYS A 50 -6.15 -8.02 0.02
N TRP A 51 -5.20 -8.93 -0.17
CA TRP A 51 -4.37 -8.91 -1.38
C TRP A 51 -4.99 -9.72 -2.52
N GLN A 52 -5.31 -9.04 -3.61
CA GLN A 52 -5.89 -9.69 -4.79
C GLN A 52 -6.11 -8.65 -5.90
N PRO A 53 -6.06 -9.07 -7.16
CA PRO A 53 -6.23 -8.15 -8.30
C PRO A 53 -7.61 -7.50 -8.34
N SER A 54 -7.76 -6.46 -7.55
CA SER A 54 -9.00 -5.69 -7.47
C SER A 54 -8.78 -4.46 -6.61
N ASN A 55 -9.21 -3.30 -7.11
CA ASN A 55 -9.00 -2.04 -6.41
C ASN A 55 -10.04 -1.81 -5.32
N PHE A 56 -9.60 -1.91 -4.06
CA PHE A 56 -10.48 -1.68 -2.92
C PHE A 56 -11.28 -0.40 -3.09
N SER A 57 -10.68 0.56 -3.82
CA SER A 57 -11.29 1.86 -4.07
C SER A 57 -12.74 1.76 -4.57
N GLN A 58 -13.15 0.58 -5.01
CA GLN A 58 -14.51 0.40 -5.53
C GLN A 58 -15.56 0.62 -4.44
N THR A 59 -15.21 0.32 -3.20
CA THR A 59 -16.13 0.49 -2.08
C THR A 59 -15.48 1.25 -0.92
N CYS A 60 -14.23 1.69 -1.12
CA CYS A 60 -13.52 2.41 -0.08
C CYS A 60 -13.27 3.86 -0.47
N TYR A 61 -13.26 4.72 0.55
CA TYR A 61 -13.04 6.14 0.35
C TYR A 61 -12.19 6.71 1.49
N ASN A 62 -11.53 7.83 1.24
CA ASN A 62 -10.67 8.46 2.23
C ASN A 62 -9.51 7.55 2.58
N SER A 63 -8.86 7.02 1.56
CA SER A 63 -7.72 6.13 1.74
C SER A 63 -6.52 6.91 2.28
N ALA A 64 -5.85 6.32 3.27
CA ALA A 64 -4.67 6.95 3.86
C ALA A 64 -3.60 5.92 4.20
N ILE A 65 -2.35 6.37 4.19
CA ILE A 65 -1.24 5.49 4.49
C ILE A 65 -0.31 6.10 5.54
N GLN A 66 0.16 5.24 6.43
CA GLN A 66 1.09 5.65 7.49
C GLN A 66 2.18 4.61 7.63
N GLY A 67 3.39 4.97 7.24
CA GLY A 67 4.49 4.03 7.31
C GLY A 67 4.31 2.90 6.31
N SER A 68 4.28 1.67 6.80
CA SER A 68 4.13 0.51 5.92
C SER A 68 2.69 -0.02 5.95
N VAL A 69 1.84 0.54 6.79
CA VAL A 69 0.46 0.10 6.88
C VAL A 69 -0.49 1.04 6.14
N LEU A 70 -1.47 0.46 5.45
CA LEU A 70 -2.44 1.24 4.70
C LEU A 70 -3.76 1.32 5.47
N THR A 71 -4.27 2.53 5.65
CA THR A 71 -5.52 2.74 6.37
C THR A 71 -6.56 3.36 5.44
N SER A 72 -7.70 2.70 5.30
CA SER A 72 -8.75 3.21 4.42
C SER A 72 -10.13 2.77 4.91
N THR A 73 -11.16 3.56 4.57
CA THR A 73 -12.52 3.24 4.96
C THR A 73 -13.20 2.44 3.86
N CYS A 74 -13.73 1.28 4.19
CA CYS A 74 -14.38 0.43 3.20
C CYS A 74 -15.79 0.03 3.60
N GLU A 75 -16.65 -0.05 2.59
CA GLU A 75 -18.04 -0.46 2.80
C GLU A 75 -18.14 -1.96 3.04
N ARG A 76 -18.97 -2.36 4.00
CA ARG A 76 -19.15 -3.77 4.31
C ARG A 76 -20.31 -4.35 3.52
N THR A 77 -20.17 -5.61 3.10
CA THR A 77 -21.21 -6.28 2.32
C THR A 77 -22.58 -6.17 3.00
N ASN A 78 -22.57 -6.02 4.32
CA ASN A 78 -23.81 -5.91 5.09
C ASN A 78 -24.36 -4.48 5.07
N GLY A 79 -23.66 -3.59 4.37
CA GLY A 79 -24.08 -2.21 4.29
C GLY A 79 -23.47 -1.35 5.37
N GLY A 80 -23.01 -0.17 4.97
CA GLY A 80 -22.38 0.74 5.91
C GLY A 80 -20.93 0.98 5.54
N TYR A 81 -20.18 1.61 6.44
CA TYR A 81 -18.77 1.90 6.18
C TYR A 81 -17.89 1.47 7.36
N ASN A 82 -16.71 0.92 7.04
CA ASN A 82 -15.76 0.47 8.06
C ASN A 82 -14.34 0.51 7.51
N THR A 83 -13.44 1.10 8.28
CA THR A 83 -12.03 1.22 7.87
C THR A 83 -11.20 0.06 8.43
N SER A 84 -10.36 -0.51 7.57
CA SER A 84 -9.51 -1.62 7.97
C SER A 84 -8.04 -1.27 7.76
N SER A 85 -7.16 -1.98 8.47
CA SER A 85 -5.72 -1.74 8.36
C SER A 85 -5.00 -2.99 7.90
N ILE A 86 -3.96 -2.80 7.09
CA ILE A 86 -3.18 -3.92 6.57
C ILE A 86 -1.69 -3.55 6.45
N ASP A 87 -0.82 -4.52 6.77
CA ASP A 87 0.62 -4.31 6.68
C ASP A 87 1.19 -4.81 5.36
N LEU A 88 1.74 -3.90 4.55
CA LEU A 88 2.29 -4.25 3.24
C LEU A 88 3.81 -4.47 3.27
N ASN A 89 4.45 -4.19 4.41
CA ASN A 89 5.91 -4.33 4.51
C ASN A 89 6.39 -5.65 3.91
N SER A 90 5.54 -6.67 3.94
CA SER A 90 5.88 -7.98 3.40
C SER A 90 5.72 -8.04 1.88
N VAL A 91 4.64 -7.45 1.37
CA VAL A 91 4.35 -7.49 -0.08
C VAL A 91 5.31 -6.63 -0.90
N ILE A 92 5.46 -5.36 -0.55
CA ILE A 92 6.34 -4.46 -1.30
C ILE A 92 7.79 -4.60 -0.86
N GLU A 93 8.70 -4.40 -1.81
CA GLU A 93 10.13 -4.52 -1.55
C GLU A 93 10.88 -3.38 -2.23
N ASN A 94 12.13 -3.17 -1.86
CA ASN A 94 12.93 -2.09 -2.45
C ASN A 94 13.97 -2.66 -3.40
N VAL A 95 13.66 -2.63 -4.68
CA VAL A 95 14.57 -3.13 -5.71
C VAL A 95 15.35 -2.00 -6.35
N ASP A 96 16.57 -1.77 -5.88
CA ASP A 96 17.42 -0.71 -6.43
C ASP A 96 16.71 0.64 -6.45
N GLY A 97 15.86 0.88 -5.46
CA GLY A 97 15.14 2.14 -5.37
C GLY A 97 13.76 2.10 -6.03
N SER A 98 13.16 0.92 -6.06
CA SER A 98 11.83 0.77 -6.66
C SER A 98 10.96 -0.20 -5.87
N LEU A 99 9.71 0.18 -5.64
CA LEU A 99 8.78 -0.67 -4.91
C LEU A 99 8.34 -1.86 -5.75
N LYS A 100 8.64 -3.06 -5.28
CA LYS A 100 8.30 -4.28 -6.01
C LYS A 100 7.48 -5.23 -5.15
N TYR A 101 6.61 -5.99 -5.80
CA TYR A 101 5.75 -6.95 -5.11
C TYR A 101 6.37 -8.35 -5.12
N GLU A 102 7.30 -8.58 -4.22
CA GLU A 102 7.98 -9.88 -4.13
C GLU A 102 8.19 -10.30 -2.68
N GLY A 1 9.74 -11.68 6.87
CA GLY A 1 8.93 -12.53 5.95
C GLY A 1 9.00 -12.08 4.51
N LEU A 2 10.22 -11.88 4.02
CA LEU A 2 10.42 -11.44 2.63
C LEU A 2 9.86 -10.04 2.42
N GLY A 3 10.59 -9.23 1.66
CA GLY A 3 10.15 -7.87 1.38
C GLY A 3 10.93 -6.85 2.18
N LYS A 4 10.28 -6.27 3.18
CA LYS A 4 10.91 -5.27 4.03
C LYS A 4 11.32 -4.03 3.24
N PHE A 5 10.33 -3.27 2.78
CA PHE A 5 10.60 -2.05 2.02
C PHE A 5 10.65 -0.83 2.92
N ILE A 6 9.78 -0.79 3.94
CA ILE A 6 9.75 0.33 4.87
C ILE A 6 11.03 0.40 5.69
N GLU A 7 11.82 -0.68 5.65
CA GLU A 7 13.08 -0.72 6.37
C GLU A 7 14.14 0.08 5.62
N THR A 8 13.97 0.17 4.29
CA THR A 8 14.89 0.91 3.45
C THR A 8 14.17 2.06 2.72
N CYS A 9 12.94 2.34 3.14
CA CYS A 9 12.15 3.40 2.50
C CYS A 9 11.66 4.42 3.52
N ARG A 10 11.52 5.66 3.06
CA ARG A 10 11.05 6.74 3.91
C ARG A 10 9.97 7.56 3.22
N ASN A 11 9.36 8.49 3.96
CA ASN A 11 8.30 9.35 3.43
C ASN A 11 7.21 8.55 2.71
N THR A 12 6.62 7.61 3.44
CA THR A 12 5.54 6.79 2.89
C THR A 12 4.23 7.57 2.92
N GLN A 13 3.50 7.54 1.81
CA GLN A 13 2.24 8.26 1.70
C GLN A 13 1.34 7.67 0.63
N LEU A 14 0.05 8.02 0.69
CA LEU A 14 -0.91 7.52 -0.28
C LEU A 14 -1.14 8.52 -1.39
N ALA A 15 -1.17 8.03 -2.62
CA ALA A 15 -1.39 8.86 -3.79
C ALA A 15 -2.64 8.36 -4.51
N GLY A 16 -3.41 9.28 -5.09
CA GLY A 16 -4.62 8.86 -5.77
C GLY A 16 -5.57 8.15 -4.83
N SER A 17 -6.41 7.27 -5.36
CA SER A 17 -7.38 6.55 -4.53
C SER A 17 -6.79 5.29 -3.90
N SER A 18 -5.94 4.58 -4.62
CA SER A 18 -5.36 3.36 -4.07
C SER A 18 -3.89 3.17 -4.45
N GLU A 19 -3.15 4.26 -4.54
CA GLU A 19 -1.72 4.20 -4.87
C GLU A 19 -0.85 4.63 -3.70
N LEU A 20 0.32 4.03 -3.59
CA LEU A 20 1.26 4.37 -2.53
C LEU A 20 2.56 4.87 -3.14
N ALA A 21 3.00 6.07 -2.75
CA ALA A 21 4.23 6.63 -3.27
C ALA A 21 5.20 6.90 -2.12
N ALA A 22 6.48 6.68 -2.38
CA ALA A 22 7.52 6.87 -1.36
C ALA A 22 8.89 6.99 -1.99
N GLU A 23 9.89 7.32 -1.18
CA GLU A 23 11.26 7.41 -1.66
C GLU A 23 12.06 6.27 -1.04
N CYS A 24 12.85 5.56 -1.83
CA CYS A 24 13.63 4.45 -1.32
C CYS A 24 15.08 4.53 -1.75
N LYS A 25 15.98 4.31 -0.79
CA LYS A 25 17.40 4.36 -1.06
C LYS A 25 17.84 3.25 -1.99
N THR A 26 18.69 3.58 -2.96
CA THR A 26 19.20 2.62 -3.92
C THR A 26 20.41 1.89 -3.36
N ARG A 27 21.02 1.04 -4.18
CA ARG A 27 22.19 0.27 -3.74
C ARG A 27 23.35 1.20 -3.38
N ALA A 28 23.43 2.36 -4.05
CA ALA A 28 24.50 3.31 -3.79
C ALA A 28 24.21 4.22 -2.61
N GLN A 29 23.16 3.91 -1.84
CA GLN A 29 22.76 4.72 -0.70
C GLN A 29 22.28 6.10 -1.12
N GLN A 30 21.52 6.12 -2.22
CA GLN A 30 20.94 7.35 -2.74
C GLN A 30 19.42 7.20 -2.69
N PHE A 31 18.71 8.23 -2.25
CA PHE A 31 17.25 8.14 -2.16
C PHE A 31 16.58 8.65 -3.43
N VAL A 32 15.76 7.80 -4.02
CA VAL A 32 15.03 8.16 -5.23
C VAL A 32 13.54 7.86 -5.07
N SER A 33 12.71 8.65 -5.73
CA SER A 33 11.26 8.48 -5.63
C SER A 33 10.79 7.23 -6.37
N THR A 34 9.89 6.50 -5.72
CA THR A 34 9.34 5.26 -6.29
C THR A 34 7.85 5.15 -5.93
N LYS A 35 7.12 4.32 -6.67
CA LYS A 35 5.70 4.16 -6.41
C LYS A 35 5.27 2.71 -6.53
N ILE A 36 4.19 2.39 -5.83
CA ILE A 36 3.62 1.04 -5.84
C ILE A 36 2.10 1.15 -5.93
N ASN A 37 1.50 0.48 -6.91
CA ASN A 37 0.07 0.54 -7.12
C ASN A 37 -0.67 -0.50 -6.29
N LEU A 38 -1.49 -0.04 -5.33
CA LEU A 38 -2.25 -0.95 -4.49
C LEU A 38 -3.59 -1.32 -5.15
N ASP A 39 -4.01 -0.55 -6.15
CA ASP A 39 -5.28 -0.81 -6.82
C ASP A 39 -5.34 -2.23 -7.38
N ASP A 40 -4.26 -2.67 -8.04
CA ASP A 40 -4.22 -4.02 -8.60
C ASP A 40 -3.61 -5.02 -7.62
N HIS A 41 -3.04 -4.52 -6.53
CA HIS A 41 -2.43 -5.40 -5.53
C HIS A 41 -3.41 -5.63 -4.39
N ILE A 42 -3.73 -4.56 -3.68
CA ILE A 42 -4.67 -4.63 -2.57
C ILE A 42 -6.11 -4.64 -3.09
N ALA A 43 -6.98 -5.32 -2.36
CA ALA A 43 -8.39 -5.41 -2.74
C ALA A 43 -9.31 -5.31 -1.53
N ASN A 44 -10.61 -5.22 -1.79
CA ASN A 44 -11.60 -5.09 -0.73
C ASN A 44 -12.49 -6.33 -0.66
N ILE A 45 -12.35 -7.11 0.41
CA ILE A 45 -13.15 -8.31 0.61
C ILE A 45 -14.13 -8.13 1.77
N ASP A 46 -15.32 -7.63 1.46
CA ASP A 46 -16.35 -7.41 2.47
C ASP A 46 -15.96 -6.28 3.42
N GLY A 47 -15.32 -5.25 2.88
CA GLY A 47 -14.91 -4.12 3.70
C GLY A 47 -13.57 -4.34 4.39
N THR A 48 -12.93 -5.48 4.12
CA THR A 48 -11.63 -5.78 4.73
C THR A 48 -10.52 -5.77 3.69
N LEU A 49 -9.40 -5.15 4.05
CA LEU A 49 -8.28 -5.03 3.14
C LEU A 49 -7.49 -6.34 3.05
N LYS A 50 -7.48 -6.90 1.84
CA LYS A 50 -6.79 -8.15 1.56
C LYS A 50 -6.07 -8.06 0.23
N TRP A 51 -5.13 -8.97 -0.01
CA TRP A 51 -4.36 -8.98 -1.25
C TRP A 51 -5.08 -9.75 -2.35
N GLN A 52 -5.39 -9.06 -3.44
CA GLN A 52 -6.08 -9.66 -4.57
C GLN A 52 -6.18 -8.67 -5.73
N PRO A 53 -6.06 -9.15 -6.99
CA PRO A 53 -6.13 -8.27 -8.17
C PRO A 53 -7.50 -7.60 -8.34
N SER A 54 -7.77 -6.66 -7.46
CA SER A 54 -9.01 -5.89 -7.48
C SER A 54 -8.83 -4.64 -6.63
N ASN A 55 -9.24 -3.49 -7.13
CA ASN A 55 -9.05 -2.23 -6.41
C ASN A 55 -10.10 -2.02 -5.32
N PHE A 56 -9.66 -2.11 -4.08
CA PHE A 56 -10.53 -1.90 -2.93
C PHE A 56 -11.32 -0.60 -3.07
N SER A 57 -10.72 0.37 -3.76
CA SER A 57 -11.32 1.69 -3.97
C SER A 57 -12.77 1.60 -4.47
N GLN A 58 -13.16 0.46 -5.02
CA GLN A 58 -14.52 0.30 -5.55
C GLN A 58 -15.55 0.50 -4.45
N THR A 59 -15.16 0.24 -3.20
CA THR A 59 -16.07 0.41 -2.07
C THR A 59 -15.42 1.18 -0.94
N CYS A 60 -14.16 1.59 -1.12
CA CYS A 60 -13.44 2.31 -0.08
C CYS A 60 -13.20 3.76 -0.47
N TYR A 61 -13.17 4.63 0.54
CA TYR A 61 -12.96 6.06 0.35
C TYR A 61 -12.12 6.63 1.50
N ASN A 62 -11.47 7.75 1.24
CA ASN A 62 -10.63 8.39 2.25
C ASN A 62 -9.43 7.50 2.61
N SER A 63 -8.79 6.95 1.59
CA SER A 63 -7.63 6.09 1.80
C SER A 63 -6.45 6.90 2.30
N ALA A 64 -5.77 6.34 3.30
CA ALA A 64 -4.60 7.00 3.88
C ALA A 64 -3.51 5.99 4.22
N ILE A 65 -2.26 6.45 4.17
CA ILE A 65 -1.13 5.58 4.47
C ILE A 65 -0.20 6.20 5.50
N GLN A 66 0.27 5.37 6.41
CA GLN A 66 1.18 5.80 7.46
C GLN A 66 2.30 4.77 7.62
N GLY A 67 3.51 5.15 7.22
CA GLY A 67 4.62 4.23 7.30
C GLY A 67 4.45 3.07 6.33
N SER A 68 4.42 1.85 6.84
CA SER A 68 4.27 0.67 5.98
C SER A 68 2.84 0.12 5.99
N VAL A 69 1.97 0.66 6.84
CA VAL A 69 0.59 0.20 6.90
C VAL A 69 -0.37 1.13 6.16
N LEU A 70 -1.34 0.53 5.47
CA LEU A 70 -2.32 1.29 4.72
C LEU A 70 -3.65 1.34 5.46
N THR A 71 -4.18 2.55 5.66
CA THR A 71 -5.44 2.73 6.36
C THR A 71 -6.48 3.33 5.42
N SER A 72 -7.63 2.68 5.30
CA SER A 72 -8.68 3.16 4.41
C SER A 72 -10.06 2.73 4.91
N THR A 73 -11.09 3.51 4.56
CA THR A 73 -12.46 3.19 4.94
C THR A 73 -13.12 2.39 3.82
N CYS A 74 -13.66 1.22 4.14
CA CYS A 74 -14.29 0.38 3.14
C CYS A 74 -15.74 0.03 3.47
N GLU A 75 -16.57 -0.02 2.43
CA GLU A 75 -17.98 -0.37 2.58
C GLU A 75 -18.13 -1.87 2.85
N ARG A 76 -19.00 -2.22 3.78
CA ARG A 76 -19.23 -3.62 4.12
C ARG A 76 -20.39 -4.18 3.30
N THR A 77 -20.26 -5.45 2.90
CA THR A 77 -21.30 -6.10 2.09
C THR A 77 -22.67 -5.97 2.74
N ASN A 78 -22.70 -5.88 4.07
CA ASN A 78 -23.97 -5.75 4.78
C ASN A 78 -24.45 -4.31 4.81
N GLY A 79 -23.70 -3.41 4.18
CA GLY A 79 -24.08 -2.01 4.13
C GLY A 79 -23.45 -1.20 5.24
N GLY A 80 -22.96 -0.03 4.87
CA GLY A 80 -22.31 0.84 5.81
C GLY A 80 -20.84 1.04 5.45
N TYR A 81 -20.07 1.65 6.34
CA TYR A 81 -18.65 1.89 6.08
C TYR A 81 -17.79 1.44 7.27
N ASN A 82 -16.63 0.87 6.96
CA ASN A 82 -15.71 0.40 7.98
C ASN A 82 -14.28 0.42 7.46
N THR A 83 -13.38 1.04 8.21
CA THR A 83 -11.98 1.15 7.82
C THR A 83 -11.14 0.01 8.39
N SER A 84 -10.29 -0.57 7.55
CA SER A 84 -9.43 -1.67 7.96
C SER A 84 -7.95 -1.30 7.74
N SER A 85 -7.05 -1.98 8.46
CA SER A 85 -5.63 -1.72 8.34
C SER A 85 -4.87 -2.98 7.94
N ILE A 86 -3.82 -2.81 7.14
CA ILE A 86 -3.02 -3.94 6.68
C ILE A 86 -1.54 -3.57 6.56
N ASP A 87 -0.66 -4.51 6.90
CA ASP A 87 0.79 -4.30 6.82
C ASP A 87 1.35 -4.84 5.51
N LEU A 88 1.87 -3.94 4.67
CA LEU A 88 2.43 -4.34 3.37
C LEU A 88 3.95 -4.52 3.41
N ASN A 89 4.58 -4.20 4.53
CA ASN A 89 6.04 -4.31 4.65
C ASN A 89 6.57 -5.61 4.06
N SER A 90 5.74 -6.66 4.08
CA SER A 90 6.16 -7.96 3.54
C SER A 90 5.99 -8.04 2.02
N VAL A 91 4.92 -7.45 1.49
CA VAL A 91 4.64 -7.53 0.05
C VAL A 91 5.56 -6.63 -0.78
N ILE A 92 5.64 -5.35 -0.44
CA ILE A 92 6.48 -4.42 -1.20
C ILE A 92 7.94 -4.50 -0.74
N GLU A 93 8.85 -4.31 -1.70
CA GLU A 93 10.28 -4.38 -1.43
C GLU A 93 11.01 -3.24 -2.13
N ASN A 94 12.27 -3.01 -1.79
CA ASN A 94 13.03 -1.93 -2.42
C ASN A 94 14.07 -2.49 -3.38
N VAL A 95 13.74 -2.49 -4.66
CA VAL A 95 14.64 -2.99 -5.69
C VAL A 95 15.39 -1.84 -6.35
N ASP A 96 16.61 -1.57 -5.89
CA ASP A 96 17.43 -0.50 -6.44
C ASP A 96 16.69 0.83 -6.43
N GLY A 97 15.85 1.03 -5.42
CA GLY A 97 15.11 2.28 -5.31
C GLY A 97 13.73 2.20 -5.96
N SER A 98 13.16 1.00 -6.00
CA SER A 98 11.84 0.81 -6.60
C SER A 98 10.98 -0.16 -5.78
N LEU A 99 9.74 0.22 -5.56
CA LEU A 99 8.82 -0.61 -4.78
C LEU A 99 8.38 -1.83 -5.60
N LYS A 100 8.67 -3.01 -5.08
CA LYS A 100 8.34 -4.24 -5.77
C LYS A 100 7.49 -5.17 -4.88
N TYR A 101 6.39 -5.68 -5.44
CA TYR A 101 5.51 -6.57 -4.71
C TYR A 101 6.08 -7.99 -4.71
N GLU A 102 6.74 -8.35 -5.81
CA GLU A 102 7.34 -9.66 -5.95
C GLU A 102 8.85 -9.60 -5.73
#